data_8WPN
#
_entry.id   8WPN
#
_cell.length_a   1.00
_cell.length_b   1.00
_cell.length_c   1.00
_cell.angle_alpha   90.00
_cell.angle_beta   90.00
_cell.angle_gamma   90.00
#
_symmetry.space_group_name_H-M   'P 1'
#
loop_
_entity.id
_entity.type
_entity.pdbx_description
1 polymer 'Short transient receptor potential channel 4'
2 non-polymer 'CHOLESTEROL HEMISUCCINATE'
3 non-polymer 'ZINC ION'
4 non-polymer 'CALCIUM ION'
5 non-polymer '2-(HEXADECANOYLOXY)-1-[(PHOSPHONOOXY)METHYL]ETHYL HEXADECANOATE'
#
_entity_poly.entity_id   1
_entity_poly.type   'polypeptide(L)'
_entity_poly.pdbx_seq_one_letter_code
;MAQFYYKRNVNAPYRDRIPLRIVRAESELSPSEKAYLNAVEKGDYASVKKSLEEAEIYFKININCIDPLGRTALLIAIEN
ENLELIELLLSFNVYVGDALLHAIRKEVVGAVELLLNHKKPSGEKQVPPILLDKQFSEFTPDITPIILAAHTNNYEIIKL
LVQKGVSVPRPHEVRCNCVECVSSSDVDSLRHSRSRLNIYKALASPSLIALSSEDPFLTAFQLSWELQELSKVENEFKSE
YEELSRQCKQFAKDLLDQTRSSRELEIILNYRDDNSLIEEQSGNDLARLKLAIKYRQKEFVAQPNCQQLLASRWYDEFPG
WRRRHWAVKMVTCFIIGLLFPVFSVCYLIAPKSPLGLFIRKPFIKFICHTASYLTFLFLLLLASQHIDRSDLNRQGPPPT
IVEWMILPWVLGFIWGEIKQMWDGGLQDYIHDWWNLMDFVMNSLYLATISLKIVAFVKYSALNPRESWDMWHPTLVAEAL
FAIANIFSSLRLISLFTANSHLGPLQISLGRMLLDILKFLFIYCLVLLAFANGLNQLYFYYEETKGLTCKGIRCEKQNNA
FSTLFETLQSLFWSIFGLINLYVTNVKAQHEFTEFVGATMFGTYNVISLVVLLNMLIAMMNNSYQLIADHADIEWKFART
KLWMSYFEEGGTLPTPFNVIPSPKSLWYLIKWIWTHLCKKKMRRKPESFGTIGRRAADNLRRHHQYQEVMRNLVKRYVAA
MIRDAKTEEGLTEENFKELKQDISSFRFEVLGLLRGSKLSTIQSANASKESSNSADSDEKSDSEEEVARQQAAGPLERNI
QLESRGLASRGDLSIPGLSEQCVLVDHRERNTDTLGLQVGKRVCPFKSEKVVVEDTVPIIPKEKHAKEEDSSIDYDLNLP
DTVTHEDYVTTRLSRASTVPRARDPPVATLEVLFQ
;
_entity_poly.pdbx_strand_id   A,B,C,D
#
# COMPACT_ATOMS: atom_id res chain seq x y z
N ARG A 15 -43.19 2.56 30.23
CA ARG A 15 -41.80 2.95 30.34
C ARG A 15 -41.21 3.36 28.98
N ASP A 16 -40.41 4.42 28.98
CA ASP A 16 -39.79 4.95 27.78
C ASP A 16 -38.33 5.32 27.99
N ARG A 17 -37.80 5.13 29.18
CA ARG A 17 -36.41 5.44 29.48
C ARG A 17 -35.74 4.19 30.04
N ILE A 18 -34.42 4.12 29.87
CA ILE A 18 -33.63 2.99 30.35
C ILE A 18 -33.17 3.32 31.77
N PRO A 19 -33.67 2.60 32.79
CA PRO A 19 -33.26 2.91 34.16
C PRO A 19 -31.93 2.25 34.52
N LEU A 20 -30.83 2.90 34.18
CA LEU A 20 -29.51 2.33 34.45
C LEU A 20 -29.32 2.14 35.95
N ARG A 21 -28.83 0.96 36.33
CA ARG A 21 -28.62 0.60 37.72
C ARG A 21 -27.33 -0.18 37.84
N ILE A 22 -26.81 -0.26 39.06
CA ILE A 22 -25.61 -1.03 39.34
C ILE A 22 -25.98 -2.50 39.34
N VAL A 23 -25.29 -3.29 38.51
CA VAL A 23 -25.56 -4.73 38.37
C VAL A 23 -24.51 -5.55 39.11
N ARG A 24 -23.23 -5.38 38.76
CA ARG A 24 -22.15 -6.09 39.42
C ARG A 24 -21.25 -5.15 40.21
N ALA A 25 -20.62 -4.18 39.55
CA ALA A 25 -19.74 -3.20 40.17
C ALA A 25 -18.82 -3.81 41.22
N GLU A 26 -18.79 -3.21 42.40
CA GLU A 26 -17.99 -3.71 43.51
C GLU A 26 -18.53 -3.10 44.81
N SER A 27 -18.03 -3.61 45.93
CA SER A 27 -18.45 -3.10 47.22
C SER A 27 -18.05 -1.64 47.39
N GLU A 28 -18.93 -0.86 48.01
CA GLU A 28 -18.69 0.56 48.18
C GLU A 28 -17.63 0.80 49.24
N LEU A 29 -17.12 2.03 49.29
CA LEU A 29 -16.08 2.42 50.21
C LEU A 29 -16.60 3.45 51.21
N SER A 30 -16.17 3.31 52.45
CA SER A 30 -16.53 4.26 53.48
C SER A 30 -15.90 5.62 53.17
N PRO A 31 -16.55 6.71 53.58
CA PRO A 31 -15.94 8.04 53.35
C PRO A 31 -14.56 8.19 53.96
N SER A 32 -14.35 7.60 55.14
CA SER A 32 -13.00 7.59 55.72
C SER A 32 -12.05 6.75 54.88
N GLU A 33 -12.52 5.61 54.37
CA GLU A 33 -11.69 4.77 53.51
C GLU A 33 -11.37 5.49 52.20
N LYS A 34 -12.34 6.20 51.64
CA LYS A 34 -12.10 6.94 50.41
C LYS A 34 -11.05 8.02 50.61
N ALA A 35 -11.11 8.72 51.75
CA ALA A 35 -10.09 9.71 52.06
C ALA A 35 -8.72 9.05 52.27
N TYR A 36 -8.72 7.88 52.91
CA TYR A 36 -7.46 7.16 53.14
C TYR A 36 -6.81 6.75 51.83
N LEU A 37 -7.59 6.21 50.89
CA LEU A 37 -7.04 5.86 49.59
C LEU A 37 -6.66 7.09 48.80
N ASN A 38 -7.42 8.19 48.95
CA ASN A 38 -7.08 9.43 48.26
C ASN A 38 -5.76 9.99 48.78
N ALA A 39 -5.51 9.86 50.08
CA ALA A 39 -4.22 10.28 50.63
C ALA A 39 -3.08 9.44 50.08
N VAL A 40 -3.28 8.14 49.91
CA VAL A 40 -2.26 7.29 49.31
C VAL A 40 -1.98 7.73 47.88
N GLU A 41 -3.04 8.02 47.12
CA GLU A 41 -2.86 8.47 45.74
C GLU A 41 -2.17 9.82 45.68
N LYS A 42 -2.47 10.72 46.60
CA LYS A 42 -1.86 12.04 46.64
C LYS A 42 -0.49 12.04 47.32
N GLY A 43 -0.04 10.91 47.85
CA GLY A 43 1.27 10.84 48.45
C GLY A 43 1.41 11.53 49.77
N ASP A 44 0.31 11.78 50.48
CA ASP A 44 0.35 12.45 51.77
C ASP A 44 0.84 11.47 52.82
N TYR A 45 2.16 11.47 53.08
CA TYR A 45 2.72 10.54 54.04
C TYR A 45 2.19 10.77 55.44
N ALA A 46 2.06 12.04 55.85
CA ALA A 46 1.56 12.34 57.19
C ALA A 46 0.11 11.89 57.36
N SER A 47 -0.73 12.13 56.35
CA SER A 47 -2.12 11.72 56.44
C SER A 47 -2.26 10.20 56.41
N VAL A 48 -1.48 9.53 55.56
CA VAL A 48 -1.55 8.07 55.48
C VAL A 48 -1.08 7.44 56.78
N LYS A 49 0.03 7.94 57.34
CA LYS A 49 0.53 7.39 58.60
C LYS A 49 -0.47 7.58 59.73
N LYS A 50 -1.08 8.77 59.80
CA LYS A 50 -2.06 9.02 60.85
C LYS A 50 -3.29 8.14 60.69
N SER A 51 -3.79 7.97 59.47
CA SER A 51 -4.95 7.13 59.24
C SER A 51 -4.65 5.67 59.55
N LEU A 52 -3.46 5.20 59.15
CA LEU A 52 -3.08 3.81 59.45
C LEU A 52 -2.93 3.61 60.95
N GLU A 53 -2.36 4.58 61.65
CA GLU A 53 -2.24 4.49 63.11
C GLU A 53 -3.62 4.48 63.77
N GLU A 54 -4.56 5.28 63.25
CA GLU A 54 -5.91 5.27 63.78
C GLU A 54 -6.61 3.94 63.50
N ALA A 55 -6.32 3.31 62.38
CA ALA A 55 -6.95 2.03 62.05
C ALA A 55 -6.54 0.94 63.03
N GLU A 56 -5.28 0.92 63.46
CA GLU A 56 -4.79 -0.08 64.40
C GLU A 56 -5.19 0.20 65.84
N ILE A 57 -5.74 1.38 66.13
CA ILE A 57 -6.17 1.71 67.47
C ILE A 57 -7.67 1.91 67.58
N TYR A 58 -8.36 2.23 66.48
CA TYR A 58 -9.80 2.43 66.50
C TYR A 58 -10.57 1.37 65.71
N PHE A 59 -9.91 0.67 64.78
CA PHE A 59 -10.55 -0.36 63.96
C PHE A 59 -11.76 0.19 63.22
N LYS A 60 -11.63 1.42 62.69
CA LYS A 60 -12.72 2.07 61.98
C LYS A 60 -12.66 1.79 60.48
N ILE A 61 -11.54 2.13 59.85
CA ILE A 61 -11.37 1.96 58.43
C ILE A 61 -10.68 0.63 58.15
N ASN A 62 -10.84 0.14 56.93
CA ASN A 62 -10.19 -1.09 56.50
C ASN A 62 -8.86 -0.76 55.83
N ILE A 63 -7.78 -1.36 56.31
CA ILE A 63 -6.46 -1.11 55.75
C ILE A 63 -6.40 -1.60 54.31
N ASN A 64 -7.05 -2.72 54.02
CA ASN A 64 -6.99 -3.37 52.70
C ASN A 64 -8.20 -3.04 51.84
N CYS A 65 -8.70 -1.80 51.95
CA CYS A 65 -9.82 -1.38 51.12
C CYS A 65 -9.42 -1.33 49.65
N ILE A 66 -10.41 -1.54 48.78
CA ILE A 66 -10.20 -1.68 47.35
C ILE A 66 -10.97 -0.56 46.64
N ASP A 67 -10.27 0.15 45.74
CA ASP A 67 -10.89 1.17 44.92
C ASP A 67 -11.79 0.53 43.88
N PRO A 68 -12.73 1.31 43.28
CA PRO A 68 -13.67 0.80 42.27
C PRO A 68 -12.93 0.12 41.12
N LEU A 69 -11.77 0.64 40.76
CA LEU A 69 -10.99 0.08 39.67
C LEU A 69 -10.19 -1.15 40.09
N GLY A 70 -10.29 -1.57 41.34
CA GLY A 70 -9.61 -2.76 41.81
C GLY A 70 -8.23 -2.53 42.40
N ARG A 71 -7.90 -1.29 42.75
CA ARG A 71 -6.59 -0.95 43.28
C ARG A 71 -6.67 -0.78 44.79
N THR A 72 -5.83 -1.50 45.52
CA THR A 72 -5.76 -1.36 46.96
C THR A 72 -4.76 -0.27 47.32
N ALA A 73 -4.56 -0.06 48.63
CA ALA A 73 -3.62 0.96 49.08
C ALA A 73 -2.19 0.63 48.64
N LEU A 74 -1.78 -0.63 48.77
CA LEU A 74 -0.45 -1.03 48.35
C LEU A 74 -0.30 -0.91 46.84
N LEU A 75 -1.34 -1.26 46.08
CA LEU A 75 -1.28 -1.17 44.62
C LEU A 75 -1.14 0.27 44.16
N ILE A 76 -1.85 1.20 44.82
CA ILE A 76 -1.76 2.60 44.44
C ILE A 76 -0.36 3.13 44.68
N ALA A 77 0.23 2.80 45.83
CA ALA A 77 1.60 3.22 46.11
C ALA A 77 2.59 2.61 45.13
N ILE A 78 2.40 1.34 44.77
CA ILE A 78 3.27 0.69 43.80
C ILE A 78 3.14 1.37 42.44
N GLU A 79 1.92 1.70 42.02
CA GLU A 79 1.72 2.36 40.73
C GLU A 79 2.40 3.71 40.68
N ASN A 80 2.40 4.44 41.78
CA ASN A 80 3.09 5.72 41.87
C ASN A 80 4.57 5.56 42.20
N GLU A 81 5.04 4.33 42.44
CA GLU A 81 6.43 4.05 42.80
C GLU A 81 6.88 4.90 43.98
N ASN A 82 6.01 5.03 44.98
CA ASN A 82 6.33 5.75 46.22
C ASN A 82 6.93 4.75 47.19
N LEU A 83 8.27 4.63 47.16
CA LEU A 83 8.94 3.65 48.00
C LEU A 83 8.75 3.95 49.48
N GLU A 84 8.69 5.24 49.85
CA GLU A 84 8.41 5.59 51.24
C GLU A 84 7.03 5.14 51.66
N LEU A 85 6.04 5.31 50.79
CA LEU A 85 4.68 4.87 51.10
C LEU A 85 4.60 3.34 51.20
N ILE A 86 5.31 2.64 50.30
CA ILE A 86 5.32 1.18 50.35
C ILE A 86 5.94 0.69 51.65
N GLU A 87 7.05 1.30 52.05
CA GLU A 87 7.70 0.94 53.31
C GLU A 87 6.78 1.21 54.49
N LEU A 88 6.07 2.34 54.47
CA LEU A 88 5.13 2.66 55.53
C LEU A 88 4.00 1.64 55.59
N LEU A 89 3.46 1.26 54.44
CA LEU A 89 2.38 0.27 54.41
C LEU A 89 2.90 -1.10 54.87
N LEU A 90 4.06 -1.51 54.37
CA LEU A 90 4.63 -2.79 54.76
C LEU A 90 5.01 -2.84 56.24
N SER A 91 5.17 -1.69 56.89
CA SER A 91 5.42 -1.68 58.32
C SER A 91 4.24 -2.25 59.08
N PHE A 92 3.03 -1.92 58.67
CA PHE A 92 1.83 -2.49 59.24
C PHE A 92 1.49 -3.81 58.55
N ASN A 93 0.40 -4.45 58.98
CA ASN A 93 0.00 -5.75 58.45
C ASN A 93 -0.94 -5.55 57.27
N VAL A 94 -0.38 -5.07 56.17
CA VAL A 94 -1.12 -4.89 54.93
C VAL A 94 -1.06 -6.18 54.13
N TYR A 95 -2.23 -6.65 53.67
CA TYR A 95 -2.28 -7.88 52.89
C TYR A 95 -1.58 -7.66 51.56
N VAL A 96 -0.40 -8.26 51.40
CA VAL A 96 0.38 -8.07 50.19
C VAL A 96 -0.35 -8.67 48.98
N GLY A 97 -0.79 -9.92 49.11
CA GLY A 97 -1.43 -10.58 47.99
C GLY A 97 -0.49 -10.66 46.80
N ASP A 98 -1.02 -10.34 45.62
CA ASP A 98 -0.21 -10.29 44.41
C ASP A 98 0.35 -8.89 44.13
N ALA A 99 0.93 -8.29 45.16
CA ALA A 99 1.58 -6.99 45.00
C ALA A 99 2.94 -7.12 44.33
N LEU A 100 3.65 -8.22 44.58
CA LEU A 100 4.94 -8.43 43.92
C LEU A 100 4.78 -8.52 42.41
N LEU A 101 3.75 -9.22 41.96
CA LEU A 101 3.47 -9.29 40.53
C LEU A 101 3.14 -7.92 39.96
N HIS A 102 2.37 -7.12 40.71
CA HIS A 102 2.02 -5.78 40.26
C HIS A 102 3.26 -4.89 40.16
N ALA A 103 4.16 -4.98 41.13
CA ALA A 103 5.42 -4.25 41.06
C ALA A 103 6.28 -4.73 39.88
N ILE A 104 6.31 -6.03 39.64
CA ILE A 104 7.06 -6.57 38.52
C ILE A 104 6.47 -6.10 37.20
N ARG A 105 5.14 -6.15 37.08
CA ARG A 105 4.50 -5.71 35.84
C ARG A 105 4.71 -4.23 35.60
N LYS A 106 4.62 -3.42 36.66
CA LYS A 106 4.87 -1.99 36.55
C LYS A 106 6.34 -1.66 36.34
N GLU A 107 7.23 -2.64 36.45
CA GLU A 107 8.66 -2.47 36.24
C GLU A 107 9.24 -1.46 37.23
N VAL A 108 8.87 -1.63 38.50
CA VAL A 108 9.39 -0.80 39.58
C VAL A 108 10.60 -1.50 40.18
N VAL A 109 11.76 -0.86 40.10
CA VAL A 109 12.98 -1.43 40.65
C VAL A 109 12.86 -1.60 42.17
N GLY A 110 12.03 -0.80 42.82
CA GLY A 110 11.82 -0.93 44.25
C GLY A 110 10.90 -2.08 44.61
N ALA A 111 11.10 -3.22 43.95
CA ALA A 111 10.45 -4.47 44.30
C ALA A 111 11.25 -5.25 45.34
N VAL A 112 12.39 -4.71 45.77
CA VAL A 112 13.19 -5.37 46.81
C VAL A 112 12.43 -5.38 48.13
N GLU A 113 11.65 -4.33 48.41
CA GLU A 113 10.91 -4.28 49.67
C GLU A 113 9.90 -5.41 49.78
N LEU A 114 9.22 -5.74 48.69
CA LEU A 114 8.26 -6.85 48.72
C LEU A 114 8.95 -8.20 48.73
N LEU A 115 10.16 -8.29 48.18
CA LEU A 115 10.87 -9.57 48.15
C LEU A 115 11.31 -9.99 49.55
N LEU A 116 11.82 -9.06 50.34
CA LEU A 116 12.30 -9.35 51.69
C LEU A 116 11.35 -8.84 52.76
N ASN A 117 10.03 -8.93 52.52
CA ASN A 117 9.04 -8.60 53.54
C ASN A 117 8.70 -9.88 54.30
N HIS A 118 9.54 -10.17 55.30
CA HIS A 118 9.43 -11.37 56.14
C HIS A 118 9.12 -12.63 55.34
N GLN A 135 -10.06 -15.25 46.15
CA GLN A 135 -9.61 -13.89 45.90
C GLN A 135 -9.56 -13.58 44.41
N PHE A 136 -9.65 -12.31 44.06
CA PHE A 136 -9.58 -11.86 42.68
C PHE A 136 -8.17 -11.42 42.35
N SER A 137 -7.63 -11.91 41.24
CA SER A 137 -6.28 -11.59 40.81
C SER A 137 -6.30 -11.14 39.36
N GLU A 138 -5.43 -10.19 39.03
CA GLU A 138 -5.29 -9.72 37.66
C GLU A 138 -4.34 -10.58 36.84
N PHE A 139 -3.76 -11.61 37.44
CA PHE A 139 -2.86 -12.52 36.75
C PHE A 139 -3.37 -13.95 36.89
N THR A 140 -3.10 -14.76 35.88
CA THR A 140 -3.53 -16.15 35.90
C THR A 140 -2.78 -16.91 36.99
N PRO A 141 -3.38 -17.98 37.53
CA PRO A 141 -2.71 -18.72 38.61
C PRO A 141 -1.37 -19.32 38.23
N ASP A 142 -1.13 -19.54 36.94
CA ASP A 142 0.15 -20.09 36.50
C ASP A 142 1.26 -19.05 36.42
N ILE A 143 0.94 -17.77 36.59
CA ILE A 143 1.95 -16.72 36.51
C ILE A 143 2.74 -16.68 37.81
N THR A 144 4.05 -16.79 37.70
CA THR A 144 4.99 -16.68 38.81
C THR A 144 5.79 -15.38 38.68
N PRO A 145 6.39 -14.91 39.78
CA PRO A 145 7.19 -13.68 39.67
C PRO A 145 8.29 -13.74 38.62
N ILE A 146 8.94 -14.89 38.47
CA ILE A 146 9.99 -15.00 37.46
C ILE A 146 9.40 -14.98 36.05
N ILE A 147 8.28 -15.67 35.85
CA ILE A 147 7.65 -15.69 34.54
C ILE A 147 7.19 -14.29 34.14
N LEU A 148 6.56 -13.57 35.06
CA LEU A 148 6.12 -12.21 34.77
C LEU A 148 7.31 -11.28 34.55
N ALA A 149 8.38 -11.46 35.32
CA ALA A 149 9.56 -10.63 35.15
C ALA A 149 10.18 -10.83 33.77
N ALA A 150 10.22 -12.07 33.29
CA ALA A 150 10.74 -12.32 31.95
C ALA A 150 9.81 -11.74 30.88
N HIS A 151 8.50 -11.76 31.12
CA HIS A 151 7.57 -11.15 30.17
C HIS A 151 7.83 -9.65 30.04
N THR A 152 8.10 -8.97 31.16
CA THR A 152 8.37 -7.54 31.15
C THR A 152 9.72 -7.21 30.54
N ASN A 153 10.61 -8.19 30.39
CA ASN A 153 11.93 -8.00 29.77
C ASN A 153 12.74 -6.95 30.53
N ASN A 154 12.64 -6.94 31.85
CA ASN A 154 13.39 -6.03 32.70
C ASN A 154 14.61 -6.74 33.24
N TYR A 155 15.80 -6.26 32.86
CA TYR A 155 17.03 -6.92 33.27
C TYR A 155 17.24 -6.86 34.78
N GLU A 156 16.95 -5.69 35.39
CA GLU A 156 17.18 -5.54 36.81
C GLU A 156 16.25 -6.45 37.62
N ILE A 157 14.97 -6.53 37.24
CA ILE A 157 14.03 -7.36 37.98
C ILE A 157 14.33 -8.83 37.78
N ILE A 158 14.66 -9.24 36.56
CA ILE A 158 14.97 -10.64 36.29
C ILE A 158 16.22 -11.05 37.06
N LYS A 159 17.25 -10.20 37.06
CA LYS A 159 18.47 -10.51 37.79
C LYS A 159 18.22 -10.61 39.29
N LEU A 160 17.34 -9.74 39.82
CA LEU A 160 17.02 -9.79 41.24
C LEU A 160 16.36 -11.10 41.62
N LEU A 161 15.44 -11.59 40.79
CA LEU A 161 14.74 -12.83 41.10
C LEU A 161 15.63 -14.05 40.90
N VAL A 162 16.43 -14.04 39.83
CA VAL A 162 17.33 -15.16 39.57
C VAL A 162 18.39 -15.27 40.67
N GLN A 163 18.84 -14.14 41.21
CA GLN A 163 19.80 -14.17 42.31
C GLN A 163 19.25 -14.91 43.52
N LYS A 164 17.94 -14.85 43.74
CA LYS A 164 17.28 -15.61 44.79
C LYS A 164 16.94 -17.00 44.25
N GLY A 165 16.16 -17.76 45.03
CA GLY A 165 15.73 -19.05 44.56
C GLY A 165 14.59 -18.97 43.56
N VAL A 166 14.89 -19.21 42.30
CA VAL A 166 13.88 -19.07 41.24
C VAL A 166 14.07 -20.22 40.25
N SER A 167 12.96 -20.79 39.81
CA SER A 167 12.95 -21.83 38.78
C SER A 167 11.70 -21.67 37.93
N VAL A 168 11.79 -22.15 36.70
CA VAL A 168 10.69 -22.09 35.74
C VAL A 168 10.30 -23.52 35.37
N PRO A 169 9.02 -23.87 35.39
CA PRO A 169 8.63 -25.22 34.95
C PRO A 169 9.06 -25.46 33.51
N ARG A 170 9.60 -26.64 33.26
CA ARG A 170 10.12 -26.97 31.95
C ARG A 170 8.99 -27.49 31.06
N PRO A 171 8.75 -26.88 29.90
CA PRO A 171 7.68 -27.36 29.02
C PRO A 171 8.09 -28.65 28.32
N HIS A 172 7.08 -29.44 27.96
CA HIS A 172 7.34 -30.66 27.23
C HIS A 172 7.65 -30.36 25.77
N GLU A 173 8.19 -31.35 25.09
CA GLU A 173 8.57 -31.19 23.69
C GLU A 173 7.32 -31.05 22.82
N VAL A 174 7.51 -30.51 21.61
CA VAL A 174 6.40 -30.36 20.68
C VAL A 174 5.82 -31.72 20.31
N ARG A 175 6.70 -32.69 20.03
CA ARG A 175 6.27 -34.06 19.73
C ARG A 175 6.38 -34.89 21.00
N CYS A 176 5.38 -34.71 21.87
CA CYS A 176 5.35 -35.38 23.16
C CYS A 176 4.09 -36.23 23.27
N ASN A 177 4.23 -37.37 23.94
CA ASN A 177 3.13 -38.32 24.16
C ASN A 177 3.05 -38.71 25.62
N CYS A 178 3.38 -37.77 26.52
CA CYS A 178 3.32 -38.05 27.94
C CYS A 178 1.88 -38.23 28.39
N VAL A 179 1.67 -39.15 29.33
CA VAL A 179 0.33 -39.38 29.87
C VAL A 179 -0.12 -38.18 30.69
N GLU A 180 0.80 -37.55 31.43
CA GLU A 180 0.45 -36.39 32.22
C GLU A 180 0.09 -35.20 31.35
N CYS A 181 0.76 -35.06 30.19
CA CYS A 181 0.50 -33.93 29.31
C CYS A 181 -0.92 -33.98 28.74
N VAL A 182 -1.33 -35.15 28.25
CA VAL A 182 -2.69 -35.28 27.70
C VAL A 182 -3.72 -35.20 28.82
N SER A 183 -3.42 -35.77 29.98
CA SER A 183 -4.36 -35.71 31.11
C SER A 183 -4.58 -34.28 31.56
N SER A 184 -3.51 -33.48 31.65
CA SER A 184 -3.65 -32.08 32.04
C SER A 184 -4.44 -31.30 31.00
N SER A 185 -4.20 -31.54 29.72
CA SER A 185 -4.96 -30.85 28.68
C SER A 185 -6.43 -31.25 28.71
N ASP A 186 -6.73 -32.52 28.96
CA ASP A 186 -8.12 -32.95 29.05
C ASP A 186 -8.84 -32.29 30.22
N VAL A 187 -8.16 -32.15 31.36
CA VAL A 187 -8.80 -31.52 32.52
C VAL A 187 -9.12 -30.06 32.22
N ASP A 188 -8.15 -29.33 31.65
CA ASP A 188 -8.35 -27.92 31.33
C ASP A 188 -7.46 -27.58 30.14
N SER A 189 -8.05 -27.53 28.95
CA SER A 189 -7.28 -27.22 27.74
C SER A 189 -6.87 -25.76 27.70
N LEU A 190 -7.74 -24.87 28.17
CA LEU A 190 -7.42 -23.44 28.15
C LEU A 190 -6.25 -23.12 29.06
N ARG A 191 -6.23 -23.69 30.27
CA ARG A 191 -5.14 -23.45 31.20
C ARG A 191 -3.82 -24.03 30.68
N HIS A 192 -3.88 -25.23 30.11
CA HIS A 192 -2.67 -25.89 29.62
C HIS A 192 -2.03 -25.09 28.49
N SER A 193 -2.85 -24.61 27.55
CA SER A 193 -2.32 -23.80 26.45
C SER A 193 -1.77 -22.48 26.95
N ARG A 194 -2.47 -21.83 27.88
CA ARG A 194 -2.00 -20.56 28.43
C ARG A 194 -0.72 -20.75 29.24
N SER A 195 -0.65 -21.82 30.03
CA SER A 195 0.55 -22.07 30.81
C SER A 195 1.75 -22.33 29.92
N ARG A 196 1.56 -23.15 28.88
CA ARG A 196 2.66 -23.46 27.96
C ARG A 196 3.12 -22.21 27.22
N LEU A 197 2.18 -21.37 26.78
CA LEU A 197 2.56 -20.13 26.11
C LEU A 197 3.30 -19.18 27.05
N ASN A 198 2.87 -19.12 28.31
CA ASN A 198 3.53 -18.25 29.28
C ASN A 198 4.95 -18.71 29.56
N ILE A 199 5.17 -20.03 29.64
CA ILE A 199 6.51 -20.55 29.89
C ILE A 199 7.44 -20.21 28.72
N TYR A 200 6.96 -20.44 27.49
CA TYR A 200 7.79 -20.16 26.32
C TYR A 200 8.01 -18.67 26.13
N LYS A 201 7.01 -17.85 26.47
CA LYS A 201 7.20 -16.40 26.42
C LYS A 201 8.26 -15.95 27.42
N ALA A 202 8.29 -16.56 28.60
CA ALA A 202 9.33 -16.22 29.58
C ALA A 202 10.70 -16.68 29.10
N LEU A 203 10.78 -17.87 28.52
CA LEU A 203 12.07 -18.40 28.09
C LEU A 203 12.64 -17.64 26.89
N ALA A 204 11.76 -17.08 26.06
CA ALA A 204 12.17 -16.38 24.85
C ALA A 204 12.59 -14.94 25.09
N SER A 205 12.51 -14.47 26.33
CA SER A 205 12.91 -13.09 26.62
C SER A 205 14.41 -12.93 26.48
N PRO A 206 14.89 -11.95 25.71
CA PRO A 206 16.34 -11.78 25.56
C PRO A 206 17.07 -11.51 26.87
N SER A 207 16.43 -10.84 27.82
CA SER A 207 17.09 -10.57 29.10
C SER A 207 17.36 -11.85 29.86
N LEU A 208 16.40 -12.77 29.88
CA LEU A 208 16.61 -14.05 30.57
C LEU A 208 17.65 -14.90 29.85
N ILE A 209 17.63 -14.91 28.52
CA ILE A 209 18.62 -15.66 27.76
C ILE A 209 20.01 -15.09 27.98
N ALA A 210 20.14 -13.77 28.01
CA ALA A 210 21.43 -13.15 28.21
C ALA A 210 21.94 -13.35 29.64
N LEU A 211 21.08 -13.84 30.53
CA LEU A 211 21.45 -13.95 31.93
C LEU A 211 21.72 -15.39 32.35
N SER A 212 20.76 -16.29 32.12
CA SER A 212 20.80 -17.63 32.68
C SER A 212 21.14 -18.71 31.66
N SER A 213 21.41 -18.35 30.41
CA SER A 213 21.69 -19.35 29.38
C SER A 213 23.19 -19.52 29.21
N GLU A 214 23.63 -20.78 29.17
CA GLU A 214 25.05 -21.07 28.99
C GLU A 214 25.56 -20.56 27.64
N ASP A 215 24.82 -20.82 26.58
CA ASP A 215 25.16 -20.36 25.24
C ASP A 215 23.94 -19.68 24.64
N PRO A 216 23.81 -18.36 24.82
CA PRO A 216 22.61 -17.67 24.30
C PRO A 216 22.43 -17.79 22.81
N PHE A 217 23.52 -17.89 22.04
CA PHE A 217 23.40 -18.08 20.60
C PHE A 217 22.72 -19.42 20.28
N LEU A 218 23.13 -20.48 20.96
CA LEU A 218 22.51 -21.78 20.74
C LEU A 218 21.11 -21.84 21.31
N THR A 219 20.89 -21.21 22.47
CA THR A 219 19.56 -21.19 23.06
C THR A 219 18.56 -20.47 22.16
N ALA A 220 18.97 -19.33 21.60
CA ALA A 220 18.07 -18.60 20.69
C ALA A 220 17.78 -19.41 19.43
N PHE A 221 18.79 -20.12 18.91
CA PHE A 221 18.57 -20.95 17.74
C PHE A 221 17.57 -22.06 18.03
N GLN A 222 17.73 -22.73 19.17
CA GLN A 222 16.84 -23.85 19.50
C GLN A 222 15.45 -23.36 19.89
N LEU A 223 15.37 -22.24 20.62
CA LEU A 223 14.07 -21.73 21.02
C LEU A 223 13.24 -21.30 19.83
N SER A 224 13.87 -20.64 18.85
CA SER A 224 13.14 -20.23 17.66
C SER A 224 12.65 -21.45 16.88
N TRP A 225 13.46 -22.51 16.82
CA TRP A 225 13.02 -23.74 16.17
C TRP A 225 11.83 -24.35 16.90
N GLU A 226 11.89 -24.41 18.22
CA GLU A 226 10.80 -25.00 19.00
C GLU A 226 9.54 -24.16 18.88
N LEU A 227 9.67 -22.83 18.92
CA LEU A 227 8.50 -21.97 18.83
C LEU A 227 7.87 -22.05 17.44
N GLN A 228 8.69 -22.16 16.40
CA GLN A 228 8.15 -22.32 15.05
C GLN A 228 7.40 -23.63 14.91
N GLU A 229 7.92 -24.71 15.50
CA GLU A 229 7.22 -25.99 15.46
C GLU A 229 5.91 -25.93 16.22
N LEU A 230 5.88 -25.20 17.35
CA LEU A 230 4.65 -25.07 18.11
C LEU A 230 3.58 -24.34 17.33
N SER A 231 3.95 -23.30 16.57
CA SER A 231 2.98 -22.57 15.77
C SER A 231 2.35 -23.48 14.71
N LYS A 232 3.15 -24.34 14.10
CA LYS A 232 2.60 -25.31 13.15
C LYS A 232 1.66 -26.30 13.84
N VAL A 233 2.05 -26.78 15.01
CA VAL A 233 1.24 -27.76 15.73
C VAL A 233 0.01 -27.12 16.33
N GLU A 234 0.20 -26.03 17.08
CA GLU A 234 -0.91 -25.31 17.69
C GLU A 234 -1.47 -24.34 16.66
N ASN A 235 -2.56 -24.74 16.00
CA ASN A 235 -3.18 -23.87 15.01
C ASN A 235 -3.64 -22.56 15.63
N GLU A 236 -4.27 -22.65 16.81
CA GLU A 236 -4.55 -21.46 17.59
C GLU A 236 -3.26 -20.94 18.22
N PHE A 237 -3.25 -19.63 18.50
CA PHE A 237 -2.06 -18.97 19.03
C PHE A 237 -0.87 -19.12 18.09
N LYS A 238 -1.14 -19.23 16.78
CA LYS A 238 -0.07 -19.33 15.81
C LYS A 238 0.71 -18.02 15.71
N SER A 239 0.00 -16.89 15.71
CA SER A 239 0.67 -15.60 15.63
C SER A 239 1.52 -15.33 16.87
N GLU A 240 1.03 -15.72 18.05
CA GLU A 240 1.81 -15.51 19.26
C GLU A 240 3.11 -16.32 19.25
N TYR A 241 3.03 -17.58 18.80
CA TYR A 241 4.24 -18.40 18.72
C TYR A 241 5.18 -17.91 17.63
N GLU A 242 4.62 -17.46 16.51
CA GLU A 242 5.46 -16.92 15.45
C GLU A 242 6.16 -15.64 15.89
N GLU A 243 5.45 -14.79 16.64
CA GLU A 243 6.08 -13.59 17.18
C GLU A 243 7.20 -13.94 18.15
N LEU A 244 6.99 -14.96 18.98
CA LEU A 244 8.04 -15.37 19.91
C LEU A 244 9.26 -15.90 19.18
N SER A 245 9.05 -16.69 18.13
CA SER A 245 10.18 -17.18 17.34
C SER A 245 10.89 -16.04 16.62
N ARG A 246 10.14 -15.09 16.08
CA ARG A 246 10.75 -13.93 15.44
C ARG A 246 11.56 -13.11 16.44
N GLN A 247 11.04 -12.98 17.66
CA GLN A 247 11.77 -12.27 18.71
C GLN A 247 13.08 -12.98 19.05
N CYS A 248 13.06 -14.31 19.10
CA CYS A 248 14.28 -15.07 19.35
C CYS A 248 15.27 -14.90 18.20
N LYS A 249 14.78 -14.91 16.96
CA LYS A 249 15.65 -14.70 15.82
C LYS A 249 16.23 -13.29 15.83
N GLN A 250 15.44 -12.30 16.21
CA GLN A 250 15.93 -10.92 16.27
C GLN A 250 16.99 -10.77 17.36
N PHE A 251 16.82 -11.46 18.49
CA PHE A 251 17.80 -11.36 19.57
C PHE A 251 19.15 -11.88 19.13
N ALA A 252 19.19 -12.99 18.39
CA ALA A 252 20.45 -13.53 17.91
C ALA A 252 21.12 -12.57 16.94
N LYS A 253 20.34 -11.95 16.05
CA LYS A 253 20.90 -10.96 15.13
C LYS A 253 21.44 -9.75 15.87
N ASP A 254 20.68 -9.26 16.87
CA ASP A 254 21.16 -8.13 17.66
C ASP A 254 22.36 -8.52 18.51
N LEU A 255 22.40 -9.76 19.00
CA LEU A 255 23.55 -10.25 19.73
C LEU A 255 24.80 -10.28 18.85
N LEU A 256 24.66 -10.74 17.61
CA LEU A 256 25.79 -10.76 16.68
C LEU A 256 26.17 -9.35 16.22
N ASP A 257 25.23 -8.40 16.28
CA ASP A 257 25.54 -7.03 15.90
C ASP A 257 26.53 -6.37 16.84
N GLN A 258 26.75 -6.95 18.02
CA GLN A 258 27.63 -6.36 19.01
C GLN A 258 29.10 -6.73 18.81
N THR A 259 29.42 -7.58 17.84
CA THR A 259 30.81 -7.89 17.54
C THR A 259 31.49 -6.68 16.95
N ARG A 260 32.65 -6.32 17.50
CA ARG A 260 33.39 -5.15 17.03
C ARG A 260 34.76 -5.50 16.46
N SER A 261 35.13 -6.78 16.41
CA SER A 261 36.38 -7.21 15.82
C SER A 261 36.15 -8.46 14.98
N SER A 262 36.99 -8.63 13.96
CA SER A 262 36.86 -9.80 13.10
C SER A 262 37.31 -11.07 13.83
N ARG A 263 38.20 -10.94 14.81
CA ARG A 263 38.60 -12.10 15.60
C ARG A 263 37.43 -12.65 16.40
N GLU A 264 36.62 -11.77 16.99
CA GLU A 264 35.44 -12.22 17.72
C GLU A 264 34.44 -12.90 16.81
N LEU A 265 34.22 -12.35 15.62
CA LEU A 265 33.27 -12.95 14.69
C LEU A 265 33.72 -14.33 14.24
N GLU A 266 35.02 -14.50 13.98
CA GLU A 266 35.54 -15.80 13.61
C GLU A 266 35.41 -16.80 14.75
N ILE A 267 35.62 -16.36 15.98
CA ILE A 267 35.48 -17.25 17.13
C ILE A 267 34.05 -17.74 17.27
N ILE A 268 33.09 -16.83 17.14
CA ILE A 268 31.68 -17.19 17.35
C ILE A 268 31.20 -18.10 16.24
N LEU A 269 31.49 -17.75 14.98
CA LEU A 269 30.96 -18.51 13.85
C LEU A 269 31.62 -19.87 13.68
N ASN A 270 32.86 -20.04 14.13
CA ASN A 270 33.56 -21.30 14.01
C ASN A 270 33.44 -22.17 15.25
N TYR A 271 32.67 -21.73 16.25
CA TYR A 271 32.56 -22.47 17.50
C TYR A 271 31.71 -23.72 17.29
N ARG A 272 32.17 -24.84 17.83
CA ARG A 272 31.43 -26.08 17.80
C ARG A 272 31.46 -26.73 19.17
N ASP A 273 30.45 -27.53 19.46
CA ASP A 273 30.33 -28.19 20.76
C ASP A 273 30.89 -29.62 20.70
N ASP A 285 36.17 -24.68 9.75
CA ASP A 285 34.82 -24.64 9.22
C ASP A 285 33.90 -23.84 10.12
N LEU A 286 32.94 -23.15 9.52
CA LEU A 286 32.01 -22.29 10.26
C LEU A 286 30.87 -23.16 10.78
N ALA A 287 31.16 -23.88 11.87
CA ALA A 287 30.19 -24.80 12.43
C ALA A 287 28.96 -24.08 12.96
N ARG A 288 29.16 -22.96 13.66
CA ARG A 288 28.02 -22.21 14.18
C ARG A 288 27.23 -21.54 13.06
N LEU A 289 27.92 -21.07 12.01
CA LEU A 289 27.20 -20.51 10.86
C LEU A 289 26.38 -21.58 10.15
N LYS A 290 26.93 -22.79 10.02
CA LYS A 290 26.16 -23.89 9.45
C LYS A 290 24.96 -24.23 10.31
N LEU A 291 25.14 -24.18 11.64
CA LEU A 291 24.01 -24.44 12.54
C LEU A 291 22.92 -23.39 12.38
N ALA A 292 23.31 -22.13 12.22
CA ALA A 292 22.33 -21.07 12.00
C ALA A 292 21.58 -21.26 10.68
N ILE A 293 22.28 -21.74 9.65
CA ILE A 293 21.62 -22.00 8.37
C ILE A 293 20.57 -23.10 8.52
N LYS A 294 20.92 -24.18 9.22
CA LYS A 294 19.97 -25.27 9.41
C LYS A 294 18.78 -24.87 10.25
N TYR A 295 18.89 -23.80 11.04
CA TYR A 295 17.80 -23.29 11.84
C TYR A 295 17.04 -22.16 11.14
N ARG A 296 17.39 -21.86 9.89
CA ARG A 296 16.75 -20.80 9.11
C ARG A 296 16.83 -19.45 9.83
N GLN A 297 18.01 -19.16 10.38
CA GLN A 297 18.27 -17.86 10.99
C GLN A 297 18.73 -16.90 9.89
N LYS A 298 17.76 -16.47 9.09
CA LYS A 298 18.08 -15.63 7.93
C LYS A 298 18.64 -14.29 8.35
N GLU A 299 18.06 -13.68 9.39
CA GLU A 299 18.58 -12.41 9.88
C GLU A 299 19.99 -12.55 10.44
N PHE A 300 20.25 -13.64 11.17
CA PHE A 300 21.59 -13.89 11.68
C PHE A 300 22.58 -14.11 10.55
N VAL A 301 22.20 -14.87 9.52
CA VAL A 301 23.11 -15.17 8.43
C VAL A 301 23.37 -13.93 7.58
N ALA A 302 22.32 -13.14 7.31
CA ALA A 302 22.43 -11.98 6.44
C ALA A 302 22.96 -10.74 7.16
N GLN A 303 23.59 -10.91 8.31
CA GLN A 303 24.19 -9.77 8.99
C GLN A 303 25.34 -9.22 8.14
N PRO A 304 25.50 -7.89 8.09
CA PRO A 304 26.55 -7.32 7.25
C PRO A 304 27.95 -7.81 7.61
N ASN A 305 28.24 -8.00 8.89
CA ASN A 305 29.56 -8.51 9.28
C ASN A 305 29.70 -9.99 8.92
N CYS A 306 28.64 -10.76 9.12
CA CYS A 306 28.67 -12.17 8.74
C CYS A 306 28.83 -12.35 7.24
N GLN A 307 28.11 -11.53 6.46
CA GLN A 307 28.24 -11.60 5.01
C GLN A 307 29.61 -11.13 4.53
N GLN A 308 30.19 -10.15 5.21
CA GLN A 308 31.51 -9.66 4.82
C GLN A 308 32.58 -10.73 4.99
N LEU A 309 32.50 -11.48 6.09
CA LEU A 309 33.47 -12.57 6.30
C LEU A 309 33.25 -13.69 5.28
N LEU A 310 31.99 -13.99 4.96
CA LEU A 310 31.71 -15.02 3.96
C LEU A 310 32.24 -14.61 2.59
N ALA A 311 32.10 -13.33 2.23
CA ALA A 311 32.62 -12.85 0.96
C ALA A 311 34.14 -12.95 0.90
N SER A 312 34.81 -12.74 2.04
CA SER A 312 36.25 -12.91 2.08
C SER A 312 36.65 -14.37 1.79
N ARG A 313 35.90 -15.32 2.36
CA ARG A 313 36.14 -16.72 2.05
C ARG A 313 35.77 -17.04 0.62
N TRP A 314 34.72 -16.41 0.09
CA TRP A 314 34.32 -16.60 -1.30
C TRP A 314 35.39 -16.12 -2.27
N TYR A 315 36.00 -14.97 -1.97
CA TYR A 315 37.02 -14.38 -2.83
C TYR A 315 38.40 -14.46 -2.20
N ASP A 316 38.72 -15.58 -1.54
CA ASP A 316 39.97 -15.68 -0.81
C ASP A 316 41.16 -15.56 -1.75
N GLU A 317 42.18 -14.81 -1.32
CA GLU A 317 43.38 -14.55 -2.10
C GLU A 317 43.06 -13.93 -3.46
N PHE A 318 41.95 -13.21 -3.53
CA PHE A 318 41.50 -12.56 -4.77
C PHE A 318 41.12 -11.12 -4.45
N PRO A 319 42.10 -10.28 -4.14
CA PRO A 319 41.80 -8.90 -3.72
C PRO A 319 41.40 -8.02 -4.89
N GLY A 320 40.59 -7.02 -4.59
CA GLY A 320 40.19 -6.03 -5.57
C GLY A 320 39.08 -6.45 -6.50
N TRP A 321 38.52 -7.65 -6.32
CA TRP A 321 37.43 -8.08 -7.20
C TRP A 321 36.20 -7.20 -7.04
N ARG A 322 35.87 -6.83 -5.80
CA ARG A 322 34.70 -5.99 -5.55
C ARG A 322 34.90 -4.55 -5.98
N ARG A 323 36.14 -4.15 -6.30
CA ARG A 323 36.43 -2.79 -6.72
C ARG A 323 36.72 -2.67 -8.22
N ARG A 324 36.80 -3.78 -8.94
CA ARG A 324 37.07 -3.73 -10.37
C ARG A 324 35.83 -3.31 -11.15
N HIS A 325 36.06 -2.93 -12.41
CA HIS A 325 34.96 -2.56 -13.29
C HIS A 325 34.17 -3.79 -13.71
N TRP A 326 32.90 -3.57 -14.05
CA TRP A 326 32.04 -4.68 -14.46
C TRP A 326 32.54 -5.32 -15.75
N ALA A 327 33.10 -4.52 -16.66
CA ALA A 327 33.70 -5.09 -17.87
C ALA A 327 34.90 -5.97 -17.54
N VAL A 328 35.72 -5.54 -16.58
CA VAL A 328 36.85 -6.35 -16.16
C VAL A 328 36.38 -7.65 -15.51
N LYS A 329 35.31 -7.57 -14.71
CA LYS A 329 34.78 -8.77 -14.06
C LYS A 329 34.28 -9.77 -15.09
N MET A 330 33.58 -9.30 -16.12
CA MET A 330 33.08 -10.21 -17.15
C MET A 330 34.23 -10.85 -17.92
N VAL A 331 35.26 -10.07 -18.23
CA VAL A 331 36.40 -10.61 -18.98
C VAL A 331 37.15 -11.65 -18.15
N THR A 332 37.39 -11.36 -16.87
CA THR A 332 38.11 -12.29 -16.02
C THR A 332 37.33 -13.57 -15.81
N CYS A 333 36.02 -13.48 -15.60
CA CYS A 333 35.20 -14.67 -15.41
C CYS A 333 35.15 -15.50 -16.69
N PHE A 334 35.07 -14.84 -17.84
CA PHE A 334 34.98 -15.56 -19.11
C PHE A 334 36.24 -16.37 -19.39
N ILE A 335 37.42 -15.74 -19.26
CA ILE A 335 38.66 -16.46 -19.53
C ILE A 335 38.90 -17.54 -18.49
N ILE A 336 38.52 -17.32 -17.24
CA ILE A 336 38.65 -18.35 -16.21
C ILE A 336 37.74 -19.54 -16.54
N GLY A 337 36.50 -19.25 -16.96
CA GLY A 337 35.59 -20.32 -17.30
C GLY A 337 36.01 -21.12 -18.51
N LEU A 338 36.61 -20.47 -19.52
CA LEU A 338 37.10 -21.19 -20.69
C LEU A 338 38.22 -22.16 -20.35
N LEU A 339 38.93 -21.94 -19.24
CA LEU A 339 40.04 -22.79 -18.83
C LEU A 339 39.65 -23.74 -17.70
N PHE A 340 38.36 -24.04 -17.55
CA PHE A 340 37.94 -24.99 -16.53
C PHE A 340 38.53 -26.38 -16.71
N PRO A 341 38.65 -26.96 -17.91
CA PRO A 341 39.25 -28.30 -18.00
C PRO A 341 40.71 -28.33 -17.59
N VAL A 342 41.49 -27.29 -17.90
CA VAL A 342 42.91 -27.30 -17.55
C VAL A 342 43.08 -27.13 -16.05
N PHE A 343 42.19 -26.36 -15.41
CA PHE A 343 42.24 -26.21 -13.96
C PHE A 343 41.91 -27.51 -13.25
N SER A 344 40.91 -28.25 -13.76
CA SER A 344 40.57 -29.54 -13.19
C SER A 344 41.67 -30.56 -13.45
N VAL A 345 42.30 -30.50 -14.63
CA VAL A 345 43.39 -31.40 -14.94
C VAL A 345 44.56 -31.17 -13.99
N CYS A 346 44.91 -29.90 -13.73
CA CYS A 346 45.98 -29.61 -12.79
C CYS A 346 45.61 -30.07 -11.38
N TYR A 347 44.36 -29.91 -10.97
CA TYR A 347 43.94 -30.35 -9.65
C TYR A 347 44.08 -31.87 -9.51
N LEU A 348 43.70 -32.62 -10.54
CA LEU A 348 43.81 -34.07 -10.49
C LEU A 348 45.27 -34.53 -10.59
N ILE A 349 46.05 -33.89 -11.46
CA ILE A 349 47.41 -34.36 -11.72
C ILE A 349 48.37 -33.83 -10.67
N ALA A 350 48.30 -32.53 -10.36
CA ALA A 350 49.25 -31.86 -9.48
C ALA A 350 48.52 -31.28 -8.28
N PRO A 351 48.36 -32.04 -7.20
CA PRO A 351 47.80 -31.46 -5.98
C PRO A 351 48.79 -30.51 -5.32
N LYS A 352 48.26 -29.68 -4.43
CA LYS A 352 48.99 -28.63 -3.70
C LYS A 352 49.99 -27.90 -4.58
N SER A 353 49.59 -27.60 -5.82
CA SER A 353 50.41 -26.89 -6.79
C SER A 353 49.82 -25.50 -7.04
N PRO A 354 50.65 -24.54 -7.48
CA PRO A 354 50.11 -23.20 -7.75
C PRO A 354 48.98 -23.20 -8.77
N LEU A 355 49.06 -24.05 -9.79
CA LEU A 355 47.94 -24.18 -10.73
C LEU A 355 46.80 -24.99 -10.13
N GLY A 356 47.09 -25.95 -9.26
CA GLY A 356 46.06 -26.75 -8.64
C GLY A 356 45.41 -26.12 -7.42
N LEU A 357 45.97 -25.03 -6.91
CA LEU A 357 45.37 -24.31 -5.79
C LEU A 357 44.38 -23.24 -6.23
N PHE A 358 44.39 -22.86 -7.51
CA PHE A 358 43.44 -21.86 -7.99
C PHE A 358 42.01 -22.41 -8.00
N ILE A 359 41.84 -23.68 -8.36
CA ILE A 359 40.50 -24.28 -8.37
C ILE A 359 39.92 -24.39 -6.97
N ARG A 360 40.76 -24.52 -5.94
CA ARG A 360 40.26 -24.70 -4.58
C ARG A 360 39.51 -23.47 -4.07
N LYS A 361 39.68 -22.31 -4.69
CA LYS A 361 38.94 -21.12 -4.28
C LYS A 361 37.46 -21.31 -4.58
N PRO A 362 36.57 -21.04 -3.63
CA PRO A 362 35.13 -21.27 -3.88
C PRO A 362 34.59 -20.49 -5.05
N PHE A 363 35.06 -19.26 -5.27
CA PHE A 363 34.58 -18.49 -6.42
C PHE A 363 35.01 -19.14 -7.73
N ILE A 364 36.23 -19.66 -7.78
CA ILE A 364 36.70 -20.37 -8.97
C ILE A 364 35.93 -21.67 -9.16
N LYS A 365 35.58 -22.36 -8.06
CA LYS A 365 34.76 -23.55 -8.16
C LYS A 365 33.42 -23.24 -8.81
N PHE A 366 32.78 -22.14 -8.39
CA PHE A 366 31.50 -21.77 -8.94
C PHE A 366 31.60 -21.44 -10.42
N ILE A 367 32.65 -20.71 -10.81
CA ILE A 367 32.82 -20.35 -12.22
C ILE A 367 33.11 -21.60 -13.05
N CYS A 368 33.99 -22.47 -12.57
CA CYS A 368 34.31 -23.68 -13.30
C CYS A 368 33.12 -24.62 -13.39
N HIS A 369 32.37 -24.76 -12.29
CA HIS A 369 31.16 -25.58 -12.33
C HIS A 369 30.12 -24.99 -13.27
N THR A 370 29.93 -23.68 -13.24
CA THR A 370 29.00 -23.03 -14.15
C THR A 370 29.45 -23.20 -15.60
N ALA A 371 30.75 -23.03 -15.86
CA ALA A 371 31.26 -23.22 -17.21
C ALA A 371 31.07 -24.66 -17.66
N SER A 372 31.20 -25.62 -16.75
CA SER A 372 30.95 -27.01 -17.08
C SER A 372 29.49 -27.22 -17.46
N TYR A 373 28.56 -26.60 -16.72
CA TYR A 373 27.14 -26.75 -17.04
C TYR A 373 26.80 -26.12 -18.38
N LEU A 374 27.40 -24.96 -18.69
CA LEU A 374 27.11 -24.32 -19.98
C LEU A 374 27.62 -25.16 -21.14
N THR A 375 28.78 -25.79 -20.99
CA THR A 375 29.25 -26.69 -22.03
C THR A 375 28.32 -27.87 -22.21
N PHE A 376 27.79 -28.42 -21.10
CA PHE A 376 26.83 -29.50 -21.19
C PHE A 376 25.55 -29.04 -21.88
N LEU A 377 25.06 -27.84 -21.54
CA LEU A 377 23.89 -27.30 -22.21
C LEU A 377 24.18 -26.98 -23.67
N PHE A 378 25.39 -26.48 -23.96
CA PHE A 378 25.76 -26.22 -25.34
C PHE A 378 25.81 -27.51 -26.15
N LEU A 379 26.30 -28.59 -25.53
CA LEU A 379 26.29 -29.89 -26.21
C LEU A 379 24.88 -30.39 -26.44
N LEU A 380 23.95 -30.09 -25.53
CA LEU A 380 22.56 -30.48 -25.73
C LEU A 380 21.97 -29.78 -26.93
N LEU A 381 22.30 -28.50 -27.14
CA LEU A 381 21.87 -27.79 -28.34
C LEU A 381 22.49 -28.41 -29.59
N LEU A 382 23.76 -28.81 -29.50
CA LEU A 382 24.41 -29.43 -30.65
C LEU A 382 23.76 -30.77 -31.00
N ALA A 383 23.28 -31.50 -30.01
CA ALA A 383 22.63 -32.77 -30.27
C ALA A 383 21.37 -32.59 -31.14
N SER A 384 20.58 -31.56 -30.84
CA SER A 384 19.42 -31.27 -31.66
C SER A 384 19.79 -30.62 -32.98
N GLN A 385 20.99 -30.06 -33.09
CA GLN A 385 21.43 -29.41 -34.32
C GLN A 385 21.90 -30.40 -35.38
N HIS A 386 22.04 -31.68 -35.03
CA HIS A 386 22.45 -32.72 -35.96
C HIS A 386 23.79 -32.38 -36.61
N ILE A 387 24.80 -32.23 -35.76
CA ILE A 387 26.15 -31.94 -36.24
C ILE A 387 26.68 -33.11 -37.07
N ASP A 388 26.50 -34.33 -36.57
CA ASP A 388 26.90 -35.52 -37.27
C ASP A 388 25.67 -36.29 -37.76
N ARG A 389 25.83 -36.99 -38.87
CA ARG A 389 24.71 -37.71 -39.46
C ARG A 389 24.27 -38.85 -38.55
N SER A 390 22.96 -38.94 -38.31
CA SER A 390 22.37 -40.02 -37.53
C SER A 390 21.27 -40.73 -38.28
N ASP A 391 21.09 -40.44 -39.57
CA ASP A 391 20.04 -41.02 -40.41
C ASP A 391 18.65 -40.73 -39.84
N LEU A 392 17.62 -41.30 -40.46
CA LEU A 392 16.26 -41.15 -39.98
C LEU A 392 15.49 -42.45 -39.85
N ASN A 393 15.80 -43.47 -40.65
CA ASN A 393 15.08 -44.73 -40.62
C ASN A 393 15.76 -45.79 -39.76
N ARG A 394 16.86 -45.46 -39.09
CA ARG A 394 17.56 -46.42 -38.24
C ARG A 394 16.74 -46.66 -36.98
N GLN A 395 16.17 -47.87 -36.85
CA GLN A 395 15.35 -48.19 -35.69
C GLN A 395 16.18 -48.14 -34.41
N GLY A 396 17.28 -48.87 -34.38
CA GLY A 396 18.21 -48.78 -33.28
C GLY A 396 19.49 -48.08 -33.69
N PRO A 397 19.62 -46.81 -33.33
CA PRO A 397 20.77 -46.03 -33.79
C PRO A 397 21.89 -46.06 -32.76
N PRO A 398 23.14 -46.17 -33.21
CA PRO A 398 24.26 -45.98 -32.29
C PRO A 398 24.31 -44.54 -31.82
N PRO A 399 24.81 -44.30 -30.61
CA PRO A 399 24.89 -42.91 -30.12
C PRO A 399 25.77 -42.05 -31.01
N THR A 400 25.33 -40.81 -31.20
CA THR A 400 26.07 -39.86 -32.02
C THR A 400 27.37 -39.46 -31.31
N ILE A 401 28.32 -38.95 -32.09
CA ILE A 401 29.58 -38.50 -31.50
C ILE A 401 29.33 -37.42 -30.47
N VAL A 402 28.39 -36.51 -30.75
CA VAL A 402 28.02 -35.47 -29.79
C VAL A 402 27.46 -36.12 -28.52
N GLU A 403 26.59 -37.11 -28.69
CA GLU A 403 26.04 -37.81 -27.53
C GLU A 403 27.11 -38.63 -26.82
N TRP A 404 28.19 -38.99 -27.52
CA TRP A 404 29.23 -39.80 -26.90
C TRP A 404 29.92 -39.06 -25.76
N MET A 405 30.26 -37.79 -25.97
CA MET A 405 30.85 -37.02 -24.89
C MET A 405 29.82 -36.30 -24.04
N ILE A 406 28.54 -36.38 -24.39
CA ILE A 406 27.48 -35.95 -23.48
C ILE A 406 27.36 -36.91 -22.31
N LEU A 407 27.55 -38.20 -22.56
CA LEU A 407 27.40 -39.22 -21.52
C LEU A 407 28.24 -38.99 -20.27
N PRO A 408 29.51 -38.59 -20.34
CA PRO A 408 30.25 -38.33 -19.09
C PRO A 408 29.60 -37.30 -18.18
N TRP A 409 28.96 -36.27 -18.74
CA TRP A 409 28.26 -35.31 -17.89
C TRP A 409 27.09 -35.96 -17.17
N VAL A 410 26.32 -36.80 -17.88
CA VAL A 410 25.21 -37.50 -17.25
C VAL A 410 25.70 -38.40 -16.13
N LEU A 411 26.78 -39.15 -16.39
CA LEU A 411 27.37 -39.97 -15.35
C LEU A 411 27.94 -39.10 -14.23
N GLY A 412 28.57 -37.99 -14.58
CA GLY A 412 29.11 -37.09 -13.57
C GLY A 412 28.03 -36.47 -12.71
N PHE A 413 26.90 -36.10 -13.31
CA PHE A 413 25.80 -35.54 -12.54
C PHE A 413 25.24 -36.56 -11.56
N ILE A 414 25.09 -37.80 -12.00
CA ILE A 414 24.65 -38.88 -11.11
C ILE A 414 25.72 -39.15 -10.05
N TRP A 415 26.99 -39.17 -10.47
CA TRP A 415 28.07 -39.41 -9.52
C TRP A 415 28.12 -38.33 -8.46
N GLY A 416 27.97 -37.07 -8.88
CA GLY A 416 27.97 -35.97 -7.91
C GLY A 416 26.76 -36.00 -7.01
N GLU A 417 25.59 -36.38 -7.55
CA GLU A 417 24.39 -36.47 -6.73
C GLU A 417 24.51 -37.57 -5.69
N ILE A 418 25.18 -38.67 -6.04
CA ILE A 418 25.39 -39.77 -5.09
C ILE A 418 26.24 -39.29 -3.92
N LYS A 419 27.29 -38.54 -4.23
CA LYS A 419 28.21 -38.03 -3.18
C LYS A 419 27.48 -36.96 -2.36
N GLN A 420 26.46 -36.31 -2.91
CA GLN A 420 25.69 -35.34 -2.14
C GLN A 420 24.96 -36.02 -0.99
N MET A 421 24.47 -37.24 -1.21
CA MET A 421 23.86 -38.00 -0.13
C MET A 421 24.90 -38.66 0.76
N TRP A 422 26.15 -38.74 0.31
CA TRP A 422 27.19 -39.39 1.08
C TRP A 422 27.77 -38.45 2.15
N ASP A 423 28.36 -37.34 1.72
CA ASP A 423 28.95 -36.40 2.67
C ASP A 423 27.88 -35.67 3.47
N GLY A 424 26.74 -35.35 2.86
CA GLY A 424 25.66 -34.67 3.54
C GLY A 424 24.57 -35.64 3.98
N GLY A 425 23.78 -35.18 4.94
CA GLY A 425 22.71 -36.01 5.47
C GLY A 425 21.58 -36.19 4.47
N LEU A 426 20.87 -37.31 4.62
CA LEU A 426 19.73 -37.58 3.74
C LEU A 426 18.60 -36.60 3.97
N GLN A 427 18.42 -36.14 5.22
CA GLN A 427 17.39 -35.14 5.50
C GLN A 427 17.68 -33.84 4.77
N ASP A 428 18.94 -33.40 4.76
CA ASP A 428 19.32 -32.19 4.04
C ASP A 428 19.36 -32.40 2.54
N TYR A 429 19.59 -33.63 2.08
CA TYR A 429 19.63 -33.91 0.65
C TYR A 429 18.27 -33.68 0.01
N ILE A 430 17.19 -34.09 0.69
CA ILE A 430 15.85 -33.97 0.13
C ILE A 430 15.18 -32.65 0.48
N HIS A 431 15.81 -31.82 1.30
CA HIS A 431 15.21 -30.54 1.67
C HIS A 431 15.16 -29.57 0.50
N ASP A 432 16.21 -29.54 -0.32
CA ASP A 432 16.30 -28.59 -1.42
C ASP A 432 15.34 -28.98 -2.55
N TRP A 433 14.62 -27.98 -3.05
CA TRP A 433 13.73 -28.21 -4.19
C TRP A 433 14.52 -28.58 -5.43
N TRP A 434 15.66 -27.90 -5.67
CA TRP A 434 16.47 -28.19 -6.85
C TRP A 434 16.99 -29.61 -6.84
N ASN A 435 17.16 -30.20 -5.65
CA ASN A 435 17.59 -31.59 -5.58
C ASN A 435 16.56 -32.53 -6.19
N LEU A 436 15.27 -32.27 -5.93
CA LEU A 436 14.22 -33.05 -6.58
C LEU A 436 14.23 -32.83 -8.09
N MET A 437 14.46 -31.58 -8.52
CA MET A 437 14.53 -31.30 -9.95
C MET A 437 15.72 -32.03 -10.58
N ASP A 438 16.85 -32.07 -9.89
CA ASP A 438 18.00 -32.80 -10.41
C ASP A 438 17.71 -34.29 -10.50
N PHE A 439 17.01 -34.84 -9.52
CA PHE A 439 16.69 -36.27 -9.54
C PHE A 439 15.80 -36.61 -10.73
N VAL A 440 14.82 -35.75 -11.03
CA VAL A 440 13.95 -35.99 -12.18
C VAL A 440 14.76 -35.94 -13.47
N MET A 441 15.65 -34.96 -13.60
CA MET A 441 16.48 -34.84 -14.79
C MET A 441 17.39 -36.06 -14.95
N ASN A 442 18.00 -36.52 -13.86
CA ASN A 442 18.86 -37.69 -13.92
C ASN A 442 18.06 -38.96 -14.24
N SER A 443 16.86 -39.08 -13.68
CA SER A 443 16.03 -40.24 -13.98
C SER A 443 15.63 -40.29 -15.45
N LEU A 444 15.30 -39.14 -16.03
CA LEU A 444 14.94 -39.10 -17.44
C LEU A 444 16.13 -39.46 -18.31
N TYR A 445 17.33 -39.02 -17.93
CA TYR A 445 18.53 -39.36 -18.68
C TYR A 445 18.83 -40.85 -18.62
N LEU A 446 18.65 -41.46 -17.45
CA LEU A 446 18.86 -42.91 -17.33
C LEU A 446 17.87 -43.68 -18.18
N ALA A 447 16.61 -43.26 -18.20
CA ALA A 447 15.62 -43.92 -19.05
C ALA A 447 15.98 -43.76 -20.52
N THR A 448 16.49 -42.59 -20.91
CA THR A 448 16.92 -42.40 -22.29
C THR A 448 18.07 -43.32 -22.65
N ILE A 449 19.05 -43.46 -21.75
CA ILE A 449 20.17 -44.36 -22.00
C ILE A 449 19.70 -45.80 -22.04
N SER A 450 18.82 -46.18 -21.12
CA SER A 450 18.31 -47.55 -21.09
C SER A 450 17.51 -47.88 -22.34
N LEU A 451 16.65 -46.94 -22.77
CA LEU A 451 15.85 -47.18 -23.97
C LEU A 451 16.72 -47.22 -25.21
N LYS A 452 17.75 -46.38 -25.28
CA LYS A 452 18.69 -46.43 -26.39
C LYS A 452 19.42 -47.76 -26.43
N ILE A 453 19.83 -48.27 -25.27
CA ILE A 453 20.48 -49.58 -25.22
C ILE A 453 19.51 -50.68 -25.64
N VAL A 454 18.26 -50.60 -25.17
CA VAL A 454 17.26 -51.60 -25.52
C VAL A 454 17.01 -51.59 -27.02
N ALA A 455 16.83 -50.41 -27.60
CA ALA A 455 16.57 -50.31 -29.04
C ALA A 455 17.77 -50.79 -29.86
N PHE A 456 18.99 -50.58 -29.36
CA PHE A 456 20.17 -51.04 -30.07
C PHE A 456 20.21 -52.56 -30.14
N VAL A 457 19.81 -53.25 -29.07
CA VAL A 457 19.95 -54.70 -28.98
C VAL A 457 18.67 -55.44 -29.31
N LYS A 458 17.60 -54.73 -29.67
CA LYS A 458 16.33 -55.37 -30.02
C LYS A 458 15.82 -55.03 -31.40
N TYR A 459 16.28 -53.94 -32.02
CA TYR A 459 15.84 -53.53 -33.35
C TYR A 459 17.06 -53.27 -34.20
N SER A 460 17.27 -54.09 -35.23
CA SER A 460 18.40 -53.94 -36.14
C SER A 460 17.98 -54.16 -37.59
N ALA A 461 16.74 -53.84 -37.92
CA ALA A 461 16.20 -54.01 -39.26
C ALA A 461 15.84 -52.65 -39.85
N LEU A 462 15.85 -52.58 -41.18
CA LEU A 462 15.53 -51.35 -41.89
C LEU A 462 14.03 -51.11 -41.84
N ASN A 463 13.63 -49.92 -41.40
CA ASN A 463 12.23 -49.56 -41.30
C ASN A 463 12.08 -48.05 -41.31
N PRO A 464 11.32 -47.49 -42.26
CA PRO A 464 11.12 -46.03 -42.27
C PRO A 464 10.43 -45.54 -41.01
N ARG A 465 10.76 -44.30 -40.64
CA ARG A 465 10.27 -43.74 -39.38
C ARG A 465 8.76 -43.58 -39.37
N GLU A 466 8.16 -43.25 -40.51
CA GLU A 466 6.72 -43.00 -40.56
C GLU A 466 5.89 -44.26 -40.37
N SER A 467 6.50 -45.44 -40.38
CA SER A 467 5.78 -46.69 -40.17
C SER A 467 6.28 -47.43 -38.94
N TRP A 468 6.49 -46.70 -37.84
CA TRP A 468 7.00 -47.30 -36.61
C TRP A 468 5.84 -47.66 -35.70
N ASP A 469 6.16 -48.10 -34.47
CA ASP A 469 5.15 -48.63 -33.57
C ASP A 469 4.29 -47.52 -32.98
N MET A 470 4.87 -46.32 -32.81
CA MET A 470 4.39 -45.17 -32.03
C MET A 470 4.67 -45.39 -30.55
N TRP A 471 5.09 -46.59 -30.14
CA TRP A 471 5.62 -46.87 -28.81
C TRP A 471 7.03 -47.42 -28.92
N HIS A 472 7.71 -47.08 -30.00
CA HIS A 472 9.06 -47.58 -30.24
C HIS A 472 9.99 -47.08 -29.15
N PRO A 473 10.94 -47.89 -28.70
CA PRO A 473 11.90 -47.41 -27.69
C PRO A 473 12.71 -46.22 -28.15
N THR A 474 13.00 -46.12 -29.45
CA THR A 474 13.67 -44.95 -29.98
C THR A 474 12.80 -43.70 -29.84
N LEU A 475 11.50 -43.82 -30.12
CA LEU A 475 10.60 -42.68 -29.98
C LEU A 475 10.48 -42.23 -28.53
N VAL A 476 10.38 -43.17 -27.60
CA VAL A 476 10.30 -42.80 -26.19
C VAL A 476 11.62 -42.23 -25.71
N ALA A 477 12.74 -42.78 -26.20
CA ALA A 477 14.05 -42.26 -25.79
C ALA A 477 14.22 -40.82 -26.22
N GLU A 478 13.81 -40.49 -27.45
CA GLU A 478 13.88 -39.11 -27.91
C GLU A 478 12.94 -38.22 -27.12
N ALA A 479 11.76 -38.72 -26.76
CA ALA A 479 10.80 -37.93 -26.00
C ALA A 479 11.34 -37.63 -24.60
N LEU A 480 11.91 -38.63 -23.93
CA LEU A 480 12.45 -38.41 -22.60
C LEU A 480 13.73 -37.59 -22.63
N PHE A 481 14.52 -37.72 -23.69
CA PHE A 481 15.69 -36.87 -23.84
C PHE A 481 15.29 -35.40 -24.00
N ALA A 482 14.24 -35.15 -24.78
CA ALA A 482 13.78 -33.78 -24.97
C ALA A 482 13.26 -33.18 -23.67
N ILE A 483 12.51 -33.96 -22.89
CA ILE A 483 12.01 -33.47 -21.61
C ILE A 483 13.16 -33.19 -20.65
N ALA A 484 14.16 -34.07 -20.62
CA ALA A 484 15.33 -33.85 -19.77
C ALA A 484 16.11 -32.62 -20.22
N ASN A 485 16.09 -32.30 -21.52
CA ASN A 485 16.75 -31.10 -21.99
C ASN A 485 16.10 -29.85 -21.42
N ILE A 486 14.77 -29.85 -21.30
CA ILE A 486 14.07 -28.71 -20.71
C ILE A 486 14.48 -28.54 -19.25
N PHE A 487 14.50 -29.65 -18.50
CA PHE A 487 14.88 -29.57 -17.09
C PHE A 487 16.35 -29.18 -16.93
N SER A 488 17.23 -29.70 -17.79
CA SER A 488 18.63 -29.35 -17.69
C SER A 488 18.86 -27.86 -17.93
N SER A 489 18.18 -27.29 -18.93
CA SER A 489 18.33 -25.87 -19.21
C SER A 489 17.62 -24.99 -18.19
N LEU A 490 16.52 -25.48 -17.60
CA LEU A 490 15.83 -24.72 -16.56
C LEU A 490 16.56 -24.77 -15.22
N ARG A 491 17.56 -25.63 -15.07
CA ARG A 491 18.35 -25.66 -13.85
C ARG A 491 19.21 -24.41 -13.67
N LEU A 492 19.40 -23.63 -14.74
CA LEU A 492 20.19 -22.41 -14.66
C LEU A 492 19.51 -21.32 -13.82
N ILE A 493 18.24 -21.49 -13.46
CA ILE A 493 17.58 -20.52 -12.60
C ILE A 493 18.22 -20.50 -11.23
N SER A 494 18.68 -21.66 -10.74
CA SER A 494 19.31 -21.72 -9.43
C SER A 494 20.61 -20.94 -9.36
N LEU A 495 21.24 -20.66 -10.49
CA LEU A 495 22.46 -19.87 -10.52
C LEU A 495 22.19 -18.38 -10.44
N PHE A 496 20.93 -17.96 -10.51
CA PHE A 496 20.59 -16.54 -10.42
C PHE A 496 20.85 -15.99 -9.02
N THR A 497 20.98 -16.87 -8.02
CA THR A 497 21.16 -16.41 -6.65
C THR A 497 22.49 -15.70 -6.44
N ALA A 498 23.51 -16.07 -7.21
CA ALA A 498 24.82 -15.44 -7.06
C ALA A 498 24.78 -13.97 -7.45
N ASN A 499 24.05 -13.63 -8.51
CA ASN A 499 23.98 -12.25 -8.96
C ASN A 499 23.21 -11.39 -7.96
N SER A 500 23.65 -10.14 -7.81
CA SER A 500 23.02 -9.22 -6.88
C SER A 500 21.71 -8.64 -7.43
N HIS A 501 21.50 -8.69 -8.73
CA HIS A 501 20.29 -8.15 -9.35
C HIS A 501 19.25 -9.23 -9.64
N LEU A 502 19.66 -10.35 -10.22
CA LEU A 502 18.76 -11.46 -10.48
C LEU A 502 18.54 -12.32 -9.23
N GLY A 503 19.33 -12.12 -8.18
CA GLY A 503 19.21 -12.90 -6.97
C GLY A 503 17.90 -12.65 -6.23
N PRO A 504 17.70 -11.43 -5.76
CA PRO A 504 16.44 -11.12 -5.06
C PRO A 504 15.21 -11.36 -5.91
N LEU A 505 15.31 -11.13 -7.22
CA LEU A 505 14.17 -11.37 -8.10
C LEU A 505 13.84 -12.86 -8.17
N GLN A 506 14.86 -13.70 -8.36
CA GLN A 506 14.63 -15.14 -8.47
C GLN A 506 14.04 -15.71 -7.18
N ILE A 507 14.53 -15.25 -6.03
CA ILE A 507 14.03 -15.75 -4.76
C ILE A 507 12.57 -15.35 -4.59
N SER A 508 12.23 -14.11 -4.97
CA SER A 508 10.84 -13.65 -4.84
C SER A 508 9.89 -14.47 -5.70
N LEU A 509 10.29 -14.77 -6.94
CA LEU A 509 9.44 -15.56 -7.82
C LEU A 509 9.22 -16.96 -7.26
N GLY A 510 10.25 -17.56 -6.68
CA GLY A 510 10.08 -18.86 -6.07
C GLY A 510 9.13 -18.83 -4.89
N ARG A 511 9.26 -17.83 -4.02
CA ARG A 511 8.35 -17.67 -2.90
C ARG A 511 6.93 -17.34 -3.35
N MET A 512 6.78 -16.79 -4.55
CA MET A 512 5.46 -16.46 -5.09
C MET A 512 4.85 -17.62 -5.87
N LEU A 513 5.66 -18.59 -6.28
CA LEU A 513 5.14 -19.74 -7.03
C LEU A 513 4.18 -20.57 -6.19
N LEU A 514 4.32 -20.54 -4.86
CA LEU A 514 3.41 -21.28 -4.01
C LEU A 514 1.98 -20.76 -4.11
N ASP A 515 1.83 -19.46 -4.41
CA ASP A 515 0.49 -18.89 -4.59
C ASP A 515 -0.14 -19.39 -5.89
N ILE A 516 0.66 -19.59 -6.93
CA ILE A 516 0.13 -20.17 -8.16
C ILE A 516 -0.35 -21.59 -7.92
N LEU A 517 0.39 -22.36 -7.14
CA LEU A 517 -0.01 -23.73 -6.84
C LEU A 517 -1.37 -23.79 -6.14
N LYS A 518 -1.68 -22.76 -5.34
CA LYS A 518 -2.98 -22.73 -4.68
C LYS A 518 -4.13 -22.55 -5.67
N PHE A 519 -3.92 -21.73 -6.70
CA PHE A 519 -4.93 -21.59 -7.75
C PHE A 519 -4.95 -22.76 -8.71
N LEU A 520 -3.90 -23.59 -8.74
CA LEU A 520 -3.97 -24.79 -9.56
C LEU A 520 -5.05 -25.73 -9.04
N PHE A 521 -5.24 -25.77 -7.73
CA PHE A 521 -6.34 -26.55 -7.16
C PHE A 521 -7.69 -25.97 -7.55
N ILE A 522 -7.82 -24.64 -7.45
CA ILE A 522 -9.11 -24.01 -7.75
C ILE A 522 -9.42 -24.07 -9.23
N TYR A 523 -8.44 -23.76 -10.08
CA TYR A 523 -8.68 -23.78 -11.51
C TYR A 523 -8.99 -25.20 -12.01
N CYS A 524 -8.24 -26.20 -11.52
CA CYS A 524 -8.48 -27.57 -11.94
C CYS A 524 -9.86 -28.05 -11.52
N LEU A 525 -10.32 -27.62 -10.33
CA LEU A 525 -11.67 -27.96 -9.92
C LEU A 525 -12.70 -27.33 -10.84
N VAL A 526 -12.47 -26.07 -11.23
CA VAL A 526 -13.34 -25.42 -12.21
C VAL A 526 -13.17 -26.06 -13.58
N LEU A 527 -11.93 -26.38 -13.96
CA LEU A 527 -11.68 -27.01 -15.25
C LEU A 527 -12.35 -28.38 -15.33
N LEU A 528 -12.25 -29.17 -14.26
CA LEU A 528 -12.86 -30.49 -14.26
C LEU A 528 -14.39 -30.39 -14.22
N ALA A 529 -14.92 -29.34 -13.58
CA ALA A 529 -16.36 -29.17 -13.52
C ALA A 529 -16.94 -28.93 -14.91
N PHE A 530 -16.33 -28.04 -15.69
CA PHE A 530 -16.85 -27.76 -17.02
C PHE A 530 -16.49 -28.85 -18.01
N ALA A 531 -15.36 -29.54 -17.82
CA ALA A 531 -15.03 -30.67 -18.67
C ALA A 531 -16.03 -31.80 -18.50
N ASN A 532 -16.48 -32.03 -17.26
CA ASN A 532 -17.50 -33.04 -17.01
C ASN A 532 -18.80 -32.68 -17.72
N GLY A 533 -19.22 -31.42 -17.63
CA GLY A 533 -20.45 -31.02 -18.28
C GLY A 533 -20.37 -31.06 -19.79
N LEU A 534 -19.27 -30.55 -20.35
CA LEU A 534 -19.14 -30.48 -21.80
C LEU A 534 -19.02 -31.87 -22.41
N ASN A 535 -18.25 -32.76 -21.78
CA ASN A 535 -18.15 -34.13 -22.28
C ASN A 535 -19.48 -34.86 -22.18
N GLN A 536 -20.25 -34.61 -21.11
CA GLN A 536 -21.54 -35.26 -20.96
C GLN A 536 -22.49 -34.86 -22.08
N LEU A 537 -22.48 -33.59 -22.47
CA LEU A 537 -23.40 -33.10 -23.49
C LEU A 537 -22.99 -33.56 -24.88
N TYR A 538 -21.68 -33.54 -25.16
CA TYR A 538 -21.18 -33.69 -26.52
C TYR A 538 -20.70 -35.09 -26.87
N PHE A 539 -20.76 -36.05 -25.95
CA PHE A 539 -20.22 -37.36 -26.26
C PHE A 539 -21.16 -38.22 -27.09
N TYR A 540 -22.41 -37.80 -27.28
CA TYR A 540 -23.30 -38.54 -28.17
C TYR A 540 -22.99 -38.23 -29.63
N TYR A 541 -22.99 -36.96 -30.00
CA TYR A 541 -22.86 -36.52 -31.38
C TYR A 541 -21.44 -36.67 -31.89
N GLU A 542 -20.45 -36.35 -31.08
CA GLU A 542 -19.06 -36.33 -31.54
C GLU A 542 -18.49 -37.74 -31.60
N GLU A 543 -19.08 -38.59 -32.43
CA GLU A 543 -18.61 -39.93 -32.69
C GLU A 543 -18.21 -40.08 -34.16
N THR A 544 -17.85 -38.96 -34.79
CA THR A 544 -17.54 -38.96 -36.22
C THR A 544 -16.26 -39.73 -36.50
N LYS A 545 -16.24 -40.46 -37.61
CA LYS A 545 -15.08 -41.21 -38.05
C LYS A 545 -14.79 -40.91 -39.52
N GLY A 546 -13.68 -41.46 -40.00
CA GLY A 546 -13.28 -41.26 -41.37
C GLY A 546 -12.61 -39.94 -41.68
N LEU A 547 -12.40 -39.10 -40.68
CA LEU A 547 -11.76 -37.81 -40.87
C LEU A 547 -10.24 -37.97 -40.87
N THR A 548 -9.56 -36.94 -41.38
CA THR A 548 -8.10 -36.93 -41.33
C THR A 548 -7.60 -36.87 -39.89
N CYS A 549 -8.31 -36.16 -39.02
CA CYS A 549 -7.94 -35.96 -37.64
C CYS A 549 -8.94 -36.63 -36.70
N LYS A 550 -8.60 -36.66 -35.42
CA LYS A 550 -9.57 -36.95 -34.37
C LYS A 550 -9.09 -36.18 -33.14
N GLY A 551 -9.58 -34.96 -32.98
CA GLY A 551 -9.19 -34.11 -31.88
C GLY A 551 -9.19 -32.65 -32.30
N ILE A 552 -8.32 -31.88 -31.65
CA ILE A 552 -8.29 -30.43 -31.83
C ILE A 552 -6.96 -29.94 -32.40
N ARG A 553 -5.97 -30.80 -32.53
CA ARG A 553 -4.62 -30.36 -32.91
C ARG A 553 -4.41 -30.45 -34.41
N CYS A 554 -5.30 -29.84 -35.20
CA CYS A 554 -5.06 -29.64 -36.62
C CYS A 554 -6.00 -28.55 -37.12
N GLU A 555 -5.98 -28.32 -38.44
CA GLU A 555 -6.74 -27.23 -39.04
C GLU A 555 -8.23 -27.40 -38.80
N LYS A 556 -8.75 -28.59 -39.05
CA LYS A 556 -10.17 -28.89 -38.86
C LYS A 556 -10.34 -29.53 -37.49
N GLN A 557 -10.60 -28.71 -36.48
CA GLN A 557 -10.80 -29.21 -35.11
C GLN A 557 -12.15 -29.92 -35.05
N ASN A 558 -12.12 -31.25 -34.94
CA ASN A 558 -13.32 -32.06 -35.08
C ASN A 558 -13.99 -32.38 -33.75
N ASN A 559 -13.29 -33.11 -32.88
CA ASN A 559 -13.87 -33.68 -31.68
C ASN A 559 -13.23 -33.03 -30.47
N ALA A 560 -13.74 -31.85 -30.10
CA ALA A 560 -13.20 -31.16 -28.94
C ALA A 560 -13.68 -31.75 -27.63
N PHE A 561 -14.91 -32.28 -27.60
CA PHE A 561 -15.50 -32.81 -26.38
C PHE A 561 -16.04 -34.21 -26.59
N SER A 562 -15.38 -35.00 -27.44
CA SER A 562 -15.77 -36.40 -27.60
C SER A 562 -15.54 -37.19 -26.32
N THR A 563 -14.33 -37.09 -25.77
CA THR A 563 -13.93 -37.82 -24.58
C THR A 563 -13.51 -36.84 -23.50
N LEU A 564 -13.33 -37.37 -22.29
CA LEU A 564 -12.89 -36.54 -21.17
C LEU A 564 -11.49 -36.01 -21.41
N PHE A 565 -10.60 -36.82 -21.98
CA PHE A 565 -9.25 -36.36 -22.28
C PHE A 565 -9.27 -35.23 -23.31
N GLU A 566 -10.07 -35.39 -24.36
CA GLU A 566 -10.16 -34.35 -25.39
C GLU A 566 -10.81 -33.09 -24.84
N THR A 567 -11.82 -33.25 -23.97
CA THR A 567 -12.48 -32.10 -23.38
C THR A 567 -11.52 -31.30 -22.51
N LEU A 568 -10.68 -31.99 -21.75
CA LEU A 568 -9.71 -31.29 -20.90
C LEU A 568 -8.68 -30.53 -21.74
N GLN A 569 -8.22 -31.14 -22.84
CA GLN A 569 -7.27 -30.46 -23.71
C GLN A 569 -7.88 -29.24 -24.37
N SER A 570 -9.11 -29.38 -24.89
CA SER A 570 -9.77 -28.25 -25.53
C SER A 570 -10.04 -27.13 -24.55
N LEU A 571 -10.49 -27.47 -23.34
CA LEU A 571 -10.70 -26.44 -22.32
C LEU A 571 -9.39 -25.81 -21.88
N PHE A 572 -8.33 -26.60 -21.75
CA PHE A 572 -7.03 -26.04 -21.38
C PHE A 572 -6.51 -25.08 -22.45
N TRP A 573 -6.63 -25.47 -23.72
CA TRP A 573 -6.11 -24.66 -24.81
C TRP A 573 -6.96 -23.42 -25.09
N SER A 574 -8.17 -23.34 -24.55
CA SER A 574 -9.00 -22.16 -24.72
C SER A 574 -8.52 -20.98 -23.90
N ILE A 575 -7.65 -21.21 -22.91
CA ILE A 575 -7.07 -20.10 -22.15
C ILE A 575 -6.26 -19.19 -23.07
N PHE A 576 -5.49 -19.79 -23.97
CA PHE A 576 -4.64 -19.05 -24.89
C PHE A 576 -5.35 -18.74 -26.21
N GLY A 577 -6.63 -19.09 -26.34
CA GLY A 577 -7.38 -18.78 -27.53
C GLY A 577 -7.05 -19.63 -28.73
N LEU A 578 -6.49 -20.81 -28.53
CA LEU A 578 -6.11 -21.69 -29.62
C LEU A 578 -7.22 -22.65 -30.03
N ILE A 579 -8.40 -22.56 -29.40
CA ILE A 579 -9.55 -23.38 -29.74
C ILE A 579 -10.57 -22.50 -30.44
N ASN A 580 -10.92 -22.87 -31.66
CA ASN A 580 -11.84 -22.07 -32.45
C ASN A 580 -13.28 -22.33 -32.01
N LEU A 581 -14.21 -21.58 -32.61
CA LEU A 581 -15.61 -21.64 -32.20
C LEU A 581 -16.41 -22.72 -32.90
N TYR A 582 -15.88 -23.33 -33.96
CA TYR A 582 -16.63 -24.40 -34.61
C TYR A 582 -16.51 -25.73 -33.89
N VAL A 583 -15.69 -25.80 -32.85
CA VAL A 583 -15.57 -27.03 -32.06
C VAL A 583 -16.84 -27.31 -31.26
N THR A 584 -17.70 -26.33 -31.07
CA THR A 584 -18.96 -26.51 -30.37
C THR A 584 -20.11 -26.84 -31.31
N ASN A 585 -19.84 -26.98 -32.60
CA ASN A 585 -20.87 -27.28 -33.58
C ASN A 585 -21.15 -28.77 -33.62
N VAL A 586 -22.37 -29.11 -34.04
CA VAL A 586 -22.82 -30.49 -34.19
C VAL A 586 -23.24 -30.71 -35.63
N LYS A 587 -22.89 -31.88 -36.17
CA LYS A 587 -23.32 -32.22 -37.52
C LYS A 587 -24.85 -32.23 -37.63
N ALA A 588 -25.51 -32.77 -36.61
CA ALA A 588 -26.96 -32.72 -36.55
C ALA A 588 -27.44 -31.29 -36.34
N GLN A 589 -28.65 -31.02 -36.79
CA GLN A 589 -29.24 -29.67 -36.70
C GLN A 589 -29.89 -29.47 -35.34
N HIS A 590 -29.10 -29.67 -34.29
CA HIS A 590 -29.55 -29.48 -32.91
C HIS A 590 -28.96 -28.16 -32.41
N GLU A 591 -29.67 -27.07 -32.72
CA GLU A 591 -29.17 -25.74 -32.33
C GLU A 591 -29.27 -25.52 -30.84
N PHE A 592 -30.26 -26.12 -30.17
CA PHE A 592 -30.37 -25.96 -28.73
C PHE A 592 -29.18 -26.59 -28.00
N THR A 593 -28.78 -27.79 -28.43
CA THR A 593 -27.60 -28.42 -27.84
C THR A 593 -26.34 -27.63 -28.14
N GLU A 594 -26.22 -27.12 -29.37
CA GLU A 594 -25.06 -26.29 -29.72
C GLU A 594 -25.01 -25.03 -28.87
N PHE A 595 -26.15 -24.39 -28.66
CA PHE A 595 -26.18 -23.17 -27.85
C PHE A 595 -25.79 -23.46 -26.41
N VAL A 596 -26.30 -24.55 -25.84
CA VAL A 596 -25.95 -24.92 -24.47
C VAL A 596 -24.46 -25.22 -24.36
N GLY A 597 -23.92 -25.96 -25.33
CA GLY A 597 -22.51 -26.26 -25.30
C GLY A 597 -21.63 -25.03 -25.42
N ALA A 598 -22.01 -24.10 -26.30
CA ALA A 598 -21.25 -22.86 -26.44
C ALA A 598 -21.41 -21.96 -25.22
N THR A 599 -22.62 -21.92 -24.63
CA THR A 599 -22.80 -21.16 -23.41
C THR A 599 -21.99 -21.75 -22.25
N MET A 600 -21.95 -23.07 -22.16
CA MET A 600 -21.09 -23.72 -21.17
C MET A 600 -19.62 -23.45 -21.48
N PHE A 601 -19.25 -23.48 -22.75
CA PHE A 601 -17.91 -23.09 -23.15
C PHE A 601 -17.65 -21.61 -22.86
N GLY A 602 -18.64 -20.76 -23.12
CA GLY A 602 -18.48 -19.35 -22.85
C GLY A 602 -18.38 -19.04 -21.36
N THR A 603 -19.17 -19.74 -20.55
CA THR A 603 -19.09 -19.53 -19.10
C THR A 603 -17.72 -19.93 -18.56
N TYR A 604 -17.16 -21.03 -19.07
CA TYR A 604 -15.82 -21.43 -18.65
C TYR A 604 -14.79 -20.38 -19.02
N ASN A 605 -14.90 -19.81 -20.21
CA ASN A 605 -13.96 -18.79 -20.65
C ASN A 605 -14.02 -17.56 -19.77
N VAL A 606 -15.22 -17.15 -19.38
CA VAL A 606 -15.36 -15.99 -18.50
C VAL A 606 -14.76 -16.27 -17.14
N ILE A 607 -15.06 -17.46 -16.58
CA ILE A 607 -14.57 -17.79 -15.24
C ILE A 607 -13.06 -17.94 -15.26
N SER A 608 -12.51 -18.64 -16.25
CA SER A 608 -11.09 -18.93 -16.26
C SER A 608 -10.27 -17.68 -16.60
N LEU A 609 -10.69 -16.92 -17.60
CA LEU A 609 -9.91 -15.80 -18.10
C LEU A 609 -10.27 -14.47 -17.43
N VAL A 610 -11.55 -14.08 -17.47
CA VAL A 610 -11.94 -12.81 -16.89
C VAL A 610 -11.86 -12.84 -15.37
N VAL A 611 -12.28 -13.95 -14.76
CA VAL A 611 -12.41 -14.01 -13.31
C VAL A 611 -11.17 -14.63 -12.67
N LEU A 612 -10.87 -15.89 -13.00
CA LEU A 612 -9.80 -16.60 -12.32
C LEU A 612 -8.43 -15.98 -12.63
N LEU A 613 -8.16 -15.70 -13.91
CA LEU A 613 -6.86 -15.14 -14.27
C LEU A 613 -6.65 -13.76 -13.66
N ASN A 614 -7.70 -12.92 -13.69
CA ASN A 614 -7.57 -11.60 -13.07
C ASN A 614 -7.50 -11.69 -11.55
N MET A 615 -8.18 -12.67 -10.95
CA MET A 615 -8.04 -12.90 -9.51
C MET A 615 -6.62 -13.34 -9.18
N LEU A 616 -6.02 -14.19 -10.01
CA LEU A 616 -4.66 -14.64 -9.76
C LEU A 616 -3.69 -13.46 -9.72
N ILE A 617 -3.90 -12.47 -10.60
CA ILE A 617 -3.04 -11.30 -10.61
C ILE A 617 -3.14 -10.54 -9.30
N ALA A 618 -4.35 -10.47 -8.73
CA ALA A 618 -4.55 -9.75 -7.48
C ALA A 618 -3.71 -10.34 -6.35
N MET A 619 -3.57 -11.67 -6.34
CA MET A 619 -2.81 -12.31 -5.28
C MET A 619 -1.32 -11.96 -5.38
N MET A 620 -0.72 -12.22 -6.53
CA MET A 620 0.73 -12.05 -6.69
C MET A 620 1.14 -10.59 -6.56
N ASN A 621 0.28 -9.66 -6.95
CA ASN A 621 0.56 -8.25 -6.69
C ASN A 621 0.57 -7.97 -5.20
N ASN A 622 -0.40 -8.52 -4.47
CA ASN A 622 -0.40 -8.38 -3.01
C ASN A 622 0.70 -9.23 -2.39
N SER A 623 0.96 -10.40 -2.96
CA SER A 623 2.00 -11.28 -2.42
C SER A 623 3.38 -10.63 -2.52
N TYR A 624 3.68 -10.01 -3.65
CA TYR A 624 4.96 -9.32 -3.81
C TYR A 624 5.13 -8.16 -2.83
N GLN A 625 4.07 -7.42 -2.55
CA GLN A 625 4.20 -6.33 -1.58
C GLN A 625 4.65 -6.85 -0.23
N LEU A 626 4.19 -8.04 0.16
CA LEU A 626 4.68 -8.65 1.39
C LEU A 626 6.11 -9.18 1.20
N ILE A 627 6.40 -9.77 0.05
CA ILE A 627 7.73 -10.32 -0.19
C ILE A 627 8.76 -9.25 -0.53
N ALA A 628 8.33 -8.09 -1.06
CA ALA A 628 9.29 -7.07 -1.46
C ALA A 628 10.13 -6.60 -0.28
N ASP A 629 9.51 -6.40 0.88
CA ASP A 629 10.29 -6.13 2.07
C ASP A 629 10.98 -7.42 2.54
N HIS A 630 12.12 -7.23 3.21
CA HIS A 630 12.99 -8.33 3.67
C HIS A 630 13.28 -9.33 2.54
N ALA A 631 13.22 -8.87 1.29
CA ALA A 631 13.63 -9.72 0.18
C ALA A 631 15.15 -9.85 0.11
N ASP A 632 15.88 -8.83 0.58
CA ASP A 632 17.34 -8.90 0.62
C ASP A 632 17.80 -9.96 1.62
N ILE A 633 17.11 -10.09 2.74
CA ILE A 633 17.47 -11.10 3.74
C ILE A 633 17.28 -12.50 3.17
N GLU A 634 16.17 -12.72 2.45
CA GLU A 634 15.92 -14.03 1.87
C GLU A 634 16.94 -14.38 0.80
N TRP A 635 17.28 -13.42 -0.06
CA TRP A 635 18.29 -13.68 -1.08
C TRP A 635 19.66 -13.92 -0.47
N LYS A 636 20.04 -13.12 0.53
CA LYS A 636 21.35 -13.28 1.17
C LYS A 636 21.45 -14.62 1.88
N PHE A 637 20.37 -15.07 2.51
CA PHE A 637 20.36 -16.42 3.09
C PHE A 637 20.52 -17.48 2.01
N ALA A 638 19.83 -17.31 0.89
CA ALA A 638 19.96 -18.27 -0.20
C ALA A 638 21.33 -18.21 -0.86
N ARG A 639 21.88 -17.00 -1.01
CA ARG A 639 23.21 -16.86 -1.57
C ARG A 639 24.27 -17.44 -0.64
N THR A 640 24.07 -17.32 0.68
CA THR A 640 25.01 -17.91 1.62
C THR A 640 25.04 -19.42 1.48
N LYS A 641 23.87 -20.05 1.35
CA LYS A 641 23.82 -21.50 1.16
C LYS A 641 24.53 -21.93 -0.11
N LEU A 642 24.36 -21.16 -1.19
CA LEU A 642 25.11 -21.43 -2.42
C LEU A 642 26.61 -21.26 -2.22
N TRP A 643 27.00 -20.25 -1.45
CA TRP A 643 28.42 -19.98 -1.25
C TRP A 643 29.10 -21.10 -0.46
N MET A 644 28.50 -21.49 0.67
CA MET A 644 29.10 -22.54 1.49
C MET A 644 29.04 -23.91 0.83
N SER A 645 28.25 -24.08 -0.23
CA SER A 645 28.26 -25.34 -0.98
C SER A 645 29.55 -25.54 -1.75
N TYR A 646 30.35 -24.49 -1.93
CA TYR A 646 31.65 -24.58 -2.58
C TYR A 646 32.81 -24.42 -1.61
N PHE A 647 32.55 -24.26 -0.32
CA PHE A 647 33.63 -24.03 0.64
C PHE A 647 34.43 -25.30 0.89
N GLU A 648 33.78 -26.45 1.00
CA GLU A 648 34.47 -27.68 1.32
C GLU A 648 35.09 -28.30 0.07
N GLU A 649 35.80 -29.40 0.26
CA GLU A 649 36.50 -30.09 -0.82
C GLU A 649 35.68 -31.22 -1.43
N GLY A 650 34.41 -31.37 -1.03
CA GLY A 650 33.62 -32.49 -1.52
C GLY A 650 33.37 -32.43 -3.01
N GLY A 651 33.10 -31.24 -3.54
CA GLY A 651 32.80 -31.12 -4.95
C GLY A 651 33.74 -30.19 -5.70
N THR A 652 35.03 -30.26 -5.37
CA THR A 652 36.00 -29.39 -6.01
C THR A 652 36.07 -29.66 -7.51
N LEU A 653 36.09 -30.93 -7.90
CA LEU A 653 36.14 -31.27 -9.31
C LEU A 653 34.78 -31.02 -9.96
N PRO A 654 34.75 -30.56 -11.21
CA PRO A 654 33.45 -30.33 -11.86
C PRO A 654 32.80 -31.63 -12.30
N THR A 655 31.64 -31.53 -12.95
CA THR A 655 30.87 -32.72 -13.31
C THR A 655 31.60 -33.67 -14.25
N PRO A 656 32.18 -33.23 -15.38
CA PRO A 656 32.79 -34.20 -16.29
C PRO A 656 34.02 -34.89 -15.72
N PHE A 657 34.73 -34.27 -14.80
CA PHE A 657 35.99 -34.80 -14.28
C PHE A 657 35.87 -35.36 -12.87
N ASN A 658 34.65 -35.39 -12.30
CA ASN A 658 34.49 -35.96 -10.97
C ASN A 658 34.56 -37.48 -10.97
N VAL A 659 34.25 -38.13 -12.11
CA VAL A 659 34.32 -39.57 -12.20
C VAL A 659 35.73 -40.09 -12.46
N ILE A 660 36.66 -39.22 -12.83
CA ILE A 660 38.04 -39.64 -13.08
C ILE A 660 38.91 -39.32 -11.87
N ARG A 695 43.13 -33.28 22.68
CA ARG A 695 41.77 -32.90 22.34
C ARG A 695 41.11 -32.13 23.47
N ALA A 696 41.26 -32.63 24.69
CA ALA A 696 40.64 -31.99 25.85
C ALA A 696 41.19 -30.59 26.07
N ALA A 697 42.50 -30.41 25.92
CA ALA A 697 43.09 -29.09 26.11
C ALA A 697 42.58 -28.11 25.06
N ASP A 698 42.51 -28.53 23.80
CA ASP A 698 41.99 -27.65 22.75
C ASP A 698 40.51 -27.37 22.94
N ASN A 699 39.73 -28.39 23.32
CA ASN A 699 38.31 -28.17 23.58
C ASN A 699 38.11 -27.23 24.77
N LEU A 700 38.92 -27.39 25.82
CA LEU A 700 38.82 -26.49 26.97
C LEU A 700 39.21 -25.06 26.59
N ARG A 701 40.24 -24.92 25.75
CA ARG A 701 40.67 -23.59 25.34
C ARG A 701 39.59 -22.89 24.51
N ARG A 702 38.96 -23.62 23.59
CA ARG A 702 37.92 -23.01 22.76
C ARG A 702 36.72 -22.59 23.59
N HIS A 703 36.34 -23.40 24.57
CA HIS A 703 35.21 -23.05 25.42
C HIS A 703 35.47 -21.77 26.21
N HIS A 704 36.68 -21.64 26.78
CA HIS A 704 37.02 -20.43 27.51
C HIS A 704 37.07 -19.21 26.59
N GLN A 705 37.67 -19.36 25.40
CA GLN A 705 37.76 -18.22 24.50
C GLN A 705 36.39 -17.86 23.91
N TYR A 706 35.49 -18.84 23.79
CA TYR A 706 34.13 -18.52 23.36
C TYR A 706 33.34 -17.85 24.47
N GLN A 707 33.46 -18.36 25.70
CA GLN A 707 32.77 -17.75 26.83
C GLN A 707 33.28 -16.34 27.10
N GLU A 708 34.60 -16.16 26.97
CA GLU A 708 35.18 -14.82 27.15
C GLU A 708 34.52 -13.89 26.16
N VAL A 709 34.58 -14.25 24.88
CA VAL A 709 34.00 -13.43 23.83
C VAL A 709 32.52 -13.23 24.08
N MET A 710 31.82 -14.30 24.47
CA MET A 710 30.38 -14.21 24.66
C MET A 710 30.03 -13.34 25.86
N ARG A 711 30.90 -13.33 26.88
CA ARG A 711 30.69 -12.44 28.01
C ARG A 711 30.68 -10.97 27.57
N ASN A 712 31.62 -10.60 26.70
CA ASN A 712 31.67 -9.24 26.20
C ASN A 712 30.44 -8.90 25.37
N LEU A 713 30.01 -9.83 24.51
CA LEU A 713 28.86 -9.56 23.65
C LEU A 713 27.59 -9.35 24.47
N VAL A 714 27.35 -10.20 25.46
CA VAL A 714 26.16 -10.08 26.29
C VAL A 714 26.21 -8.79 27.10
N LYS A 715 27.38 -8.46 27.64
CA LYS A 715 27.51 -7.26 28.47
C LYS A 715 27.20 -6.01 27.67
N ARG A 716 27.74 -5.91 26.45
CA ARG A 716 27.49 -4.71 25.65
C ARG A 716 26.10 -4.74 25.02
N TYR A 717 25.54 -5.92 24.77
CA TYR A 717 24.17 -6.01 24.28
C TYR A 717 23.19 -5.48 25.32
N VAL A 718 23.41 -5.82 26.59
CA VAL A 718 22.53 -5.34 27.66
C VAL A 718 22.60 -3.83 27.76
N ALA A 719 23.82 -3.27 27.72
CA ALA A 719 23.99 -1.84 27.85
C ALA A 719 23.43 -1.10 26.64
N ALA A 720 23.62 -1.64 25.43
CA ALA A 720 23.24 -0.92 24.21
C ALA A 720 21.77 -1.11 23.89
N MET A 721 21.25 -2.33 24.04
CA MET A 721 19.89 -2.60 23.61
C MET A 721 18.91 -2.54 24.77
N ILE A 722 19.18 -3.30 25.84
CA ILE A 722 18.24 -3.34 26.97
C ILE A 722 18.15 -1.98 27.65
N ARG A 723 19.27 -1.31 27.87
CA ARG A 723 19.25 -0.06 28.63
C ARG A 723 18.80 1.11 27.76
N ASP A 724 19.46 1.32 26.62
CA ASP A 724 19.20 2.52 25.81
C ASP A 724 17.78 2.53 25.24
N ALA A 725 17.27 1.38 24.81
CA ALA A 725 15.92 1.35 24.25
C ALA A 725 14.88 1.74 25.29
N LYS A 726 15.09 1.35 26.56
CA LYS A 726 14.19 1.78 27.62
C LYS A 726 14.22 3.29 27.81
N THR A 727 15.40 3.90 27.67
CA THR A 727 15.50 5.36 27.81
C THR A 727 14.82 6.08 26.66
N GLU A 728 14.80 5.47 25.47
CA GLU A 728 14.15 6.05 24.31
C GLU A 728 12.68 5.67 24.18
N GLU A 729 12.14 4.96 25.17
CA GLU A 729 10.73 4.61 25.15
C GLU A 729 9.86 5.85 25.30
N GLY A 730 8.65 5.78 24.73
CA GLY A 730 7.74 6.90 24.77
C GLY A 730 7.18 7.13 26.16
N LEU A 731 6.54 8.30 26.31
CA LEU A 731 5.95 8.69 27.57
C LEU A 731 4.46 8.35 27.58
N THR A 732 4.01 7.71 28.65
CA THR A 732 2.63 7.30 28.81
C THR A 732 1.98 8.10 29.94
N GLU A 733 0.70 7.81 30.21
CA GLU A 733 -0.01 8.52 31.26
C GLU A 733 0.52 8.17 32.64
N GLU A 734 1.11 6.98 32.80
CA GLU A 734 1.69 6.61 34.08
C GLU A 734 2.84 7.54 34.48
N ASN A 735 3.68 7.92 33.52
CA ASN A 735 4.77 8.84 33.81
C ASN A 735 4.25 10.20 34.26
N PHE A 736 3.22 10.71 33.58
CA PHE A 736 2.61 11.96 34.02
C PHE A 736 1.97 11.80 35.40
N LYS A 737 1.28 10.69 35.62
CA LYS A 737 0.69 10.42 36.94
C LYS A 737 1.79 10.28 37.99
N GLU A 738 2.93 9.71 37.61
CA GLU A 738 4.06 9.61 38.53
C GLU A 738 4.58 10.99 38.90
N LEU A 739 4.85 11.84 37.89
CA LEU A 739 5.45 13.14 38.14
C LEU A 739 4.59 13.99 39.07
N LYS A 740 3.27 13.84 38.98
CA LYS A 740 2.40 14.55 39.90
C LYS A 740 2.58 14.05 41.33
N GLN A 741 2.88 12.77 41.50
CA GLN A 741 3.00 12.20 42.84
C GLN A 741 4.22 12.75 43.57
N ASP A 742 5.36 12.85 42.88
CA ASP A 742 6.56 13.41 43.51
C ASP A 742 6.33 14.87 43.89
N ILE A 743 5.66 15.62 43.02
CA ILE A 743 5.28 16.99 43.37
C ILE A 743 4.30 16.98 44.54
N SER A 744 3.33 16.06 44.51
CA SER A 744 2.33 16.00 45.57
C SER A 744 2.92 15.50 46.88
N SER A 745 3.92 14.62 46.82
CA SER A 745 4.60 14.21 48.03
C SER A 745 5.43 15.35 48.61
N PHE A 746 6.07 16.13 47.74
CA PHE A 746 6.81 17.31 48.19
C PHE A 746 5.85 18.43 48.56
N ARG A 747 4.61 18.36 48.06
CA ARG A 747 3.55 19.32 48.36
C ARG A 747 3.24 19.40 49.85
N PHE A 748 2.99 18.24 50.48
CA PHE A 748 2.33 18.24 51.79
C PHE A 748 3.33 18.41 52.93
N GLU A 749 4.47 17.73 52.85
CA GLU A 749 5.43 17.79 53.96
C GLU A 749 6.06 19.17 54.10
N VAL A 750 6.30 19.87 52.99
CA VAL A 750 6.75 21.25 53.07
C VAL A 750 5.71 22.10 53.77
N LEU A 751 4.44 21.92 53.40
CA LEU A 751 3.36 22.57 54.15
C LEU A 751 3.31 22.08 55.59
N GLY A 752 3.52 20.78 55.81
CA GLY A 752 3.56 20.26 57.16
C GLY A 752 4.74 20.77 57.95
N LEU A 753 5.90 20.90 57.30
CA LEU A 753 7.10 21.40 57.98
C LEU A 753 6.97 22.89 58.29
N LEU A 754 6.44 23.67 57.35
CA LEU A 754 6.33 25.10 57.57
C LEU A 754 5.25 25.42 58.60
N ARG A 755 4.10 24.76 58.52
CA ARG A 755 3.03 24.98 59.49
C ARG A 755 3.10 23.94 60.61
N ARG B 15 -7.44 52.23 -1.69
CA ARG B 15 -7.06 51.24 -0.68
C ARG B 15 -6.26 50.09 -1.31
N ASP B 16 -5.22 49.65 -0.61
CA ASP B 16 -4.37 48.57 -1.06
C ASP B 16 -4.01 47.58 0.05
N ARG B 17 -4.51 47.80 1.25
CA ARG B 17 -4.27 46.90 2.38
C ARG B 17 -5.61 46.44 2.95
N ILE B 18 -5.58 45.27 3.59
CA ILE B 18 -6.78 44.69 4.20
C ILE B 18 -6.86 45.20 5.63
N PRO B 19 -7.83 46.03 5.98
CA PRO B 19 -7.92 46.53 7.36
C PRO B 19 -8.61 45.54 8.29
N LEU B 20 -7.85 44.58 8.81
CA LEU B 20 -8.43 43.57 9.69
C LEU B 20 -9.03 44.22 10.93
N ARG B 21 -10.25 43.81 11.27
CA ARG B 21 -10.98 44.37 12.40
C ARG B 21 -11.73 43.25 13.09
N ILE B 22 -12.13 43.51 14.33
CA ILE B 22 -12.91 42.55 15.11
C ILE B 22 -14.34 42.56 14.58
N VAL B 23 -14.83 41.39 14.17
CA VAL B 23 -16.18 41.26 13.62
C VAL B 23 -17.15 40.67 14.64
N ARG B 24 -16.84 39.48 15.16
CA ARG B 24 -17.68 38.85 16.16
C ARG B 24 -16.98 38.74 17.51
N ALA B 25 -15.83 38.05 17.57
CA ALA B 25 -15.04 37.88 18.79
C ALA B 25 -15.90 37.62 20.01
N GLU B 26 -15.65 38.38 21.08
CA GLU B 26 -16.43 38.27 22.30
C GLU B 26 -16.21 39.53 23.12
N SER B 27 -17.00 39.68 24.18
CA SER B 27 -16.90 40.84 25.04
C SER B 27 -15.53 40.90 25.71
N GLU B 28 -14.98 42.10 25.83
CA GLU B 28 -13.66 42.27 26.40
C GLU B 28 -13.70 42.07 27.92
N LEU B 29 -12.51 41.92 28.50
CA LEU B 29 -12.36 41.67 29.93
C LEU B 29 -11.68 42.86 30.60
N SER B 30 -12.15 43.19 31.81
CA SER B 30 -11.53 44.24 32.59
C SER B 30 -10.13 43.82 33.01
N PRO B 31 -9.20 44.78 33.16
CA PRO B 31 -7.86 44.41 33.62
C PRO B 31 -7.84 43.68 34.95
N SER B 32 -8.73 44.06 35.87
CA SER B 32 -8.86 43.30 37.10
C SER B 32 -9.40 41.90 36.85
N GLU B 33 -10.37 41.77 35.94
CA GLU B 33 -10.90 40.46 35.60
C GLU B 33 -9.84 39.59 34.91
N LYS B 34 -9.02 40.21 34.05
CA LYS B 34 -7.96 39.46 33.39
C LYS B 34 -6.95 38.93 34.40
N ALA B 35 -6.60 39.75 35.39
CA ALA B 35 -5.71 39.29 36.46
C ALA B 35 -6.36 38.20 37.28
N TYR B 36 -7.67 38.34 37.55
CA TYR B 36 -8.38 37.31 38.32
C TYR B 36 -8.38 35.97 37.60
N LEU B 37 -8.66 35.97 36.29
CA LEU B 37 -8.62 34.73 35.54
C LEU B 37 -7.19 34.20 35.40
N ASN B 38 -6.21 35.11 35.30
CA ASN B 38 -4.82 34.69 35.23
C ASN B 38 -4.38 34.03 36.53
N ALA B 39 -4.87 34.54 37.66
CA ALA B 39 -4.58 33.90 38.95
C ALA B 39 -5.19 32.49 39.02
N VAL B 40 -6.40 32.32 38.49
CA VAL B 40 -7.01 31.00 38.47
C VAL B 40 -6.18 30.05 37.60
N GLU B 41 -5.73 30.52 36.44
CA GLU B 41 -4.90 29.70 35.57
C GLU B 41 -3.56 29.36 36.22
N LYS B 42 -2.97 30.30 36.95
CA LYS B 42 -1.70 30.08 37.61
C LYS B 42 -1.83 29.36 38.95
N GLY B 43 -3.06 29.08 39.40
CA GLY B 43 -3.26 28.35 40.63
C GLY B 43 -2.96 29.12 41.89
N ASP B 44 -2.95 30.44 41.83
CA ASP B 44 -2.67 31.27 43.01
C ASP B 44 -3.90 31.29 43.91
N TYR B 45 -3.93 30.37 44.88
CA TYR B 45 -5.08 30.27 45.77
C TYR B 45 -5.26 31.55 46.59
N ALA B 46 -4.17 32.12 47.10
CA ALA B 46 -4.27 33.33 47.90
C ALA B 46 -4.80 34.51 47.08
N SER B 47 -4.30 34.66 45.85
CA SER B 47 -4.77 35.75 45.00
C SER B 47 -6.23 35.56 44.58
N VAL B 48 -6.60 34.32 44.24
CA VAL B 48 -7.97 34.05 43.84
C VAL B 48 -8.94 34.29 44.99
N LYS B 49 -8.58 33.81 46.19
CA LYS B 49 -9.44 34.00 47.35
C LYS B 49 -9.61 35.48 47.68
N LYS B 50 -8.51 36.24 47.61
CA LYS B 50 -8.60 37.68 47.90
C LYS B 50 -9.44 38.41 46.87
N SER B 51 -9.27 38.07 45.58
CA SER B 51 -10.05 38.73 44.54
C SER B 51 -11.52 38.38 44.65
N LEU B 52 -11.84 37.11 44.94
CA LEU B 52 -13.23 36.71 45.12
C LEU B 52 -13.85 37.40 46.33
N GLU B 53 -13.09 37.52 47.43
CA GLU B 53 -13.59 38.22 48.59
C GLU B 53 -13.83 39.70 48.29
N GLU B 54 -12.95 40.31 47.50
CA GLU B 54 -13.14 41.70 47.11
C GLU B 54 -14.36 41.86 46.20
N ALA B 55 -14.64 40.86 45.35
CA ALA B 55 -15.79 40.94 44.47
C ALA B 55 -17.10 40.96 45.26
N GLU B 56 -17.19 40.18 46.32
CA GLU B 56 -18.41 40.12 47.13
C GLU B 56 -18.56 41.30 48.07
N ILE B 57 -17.52 42.14 48.22
CA ILE B 57 -17.60 43.31 49.08
C ILE B 57 -17.48 44.61 48.30
N TYR B 58 -16.89 44.60 47.11
CA TYR B 58 -16.76 45.82 46.30
C TYR B 58 -17.56 45.79 45.02
N PHE B 59 -17.96 44.60 44.55
CA PHE B 59 -18.73 44.45 43.31
C PHE B 59 -18.02 45.11 42.13
N LYS B 60 -16.70 44.94 42.06
CA LYS B 60 -15.92 45.54 40.99
C LYS B 60 -15.75 44.59 39.81
N ILE B 61 -15.22 43.41 40.05
CA ILE B 61 -14.97 42.44 39.01
C ILE B 61 -16.15 41.48 38.93
N ASN B 62 -16.28 40.81 37.79
CA ASN B 62 -17.32 39.81 37.59
C ASN B 62 -16.77 38.44 37.92
N ILE B 63 -17.46 37.72 38.81
CA ILE B 63 -17.01 36.40 39.21
C ILE B 63 -17.08 35.44 38.02
N ASN B 64 -18.09 35.58 37.18
CA ASN B 64 -18.34 34.67 36.06
C ASN B 64 -17.81 35.21 34.74
N CYS B 65 -16.68 35.92 34.78
CA CYS B 65 -16.07 36.43 33.57
C CYS B 65 -15.59 35.30 32.67
N ILE B 66 -15.59 35.56 31.36
CA ILE B 66 -15.30 34.55 30.35
C ILE B 66 -14.06 34.98 29.57
N ASP B 67 -13.11 34.06 29.43
CA ASP B 67 -11.91 34.28 28.65
C ASP B 67 -12.26 34.31 27.16
N PRO B 68 -11.37 34.87 26.31
CA PRO B 68 -11.61 34.96 24.86
C PRO B 68 -11.91 33.58 24.25
N LEU B 69 -11.28 32.54 24.78
CA LEU B 69 -11.48 31.19 24.28
C LEU B 69 -12.75 30.55 24.82
N GLY B 70 -13.53 31.26 25.65
CA GLY B 70 -14.77 30.74 26.17
C GLY B 70 -14.67 30.02 27.48
N ARG B 71 -13.57 30.18 28.22
CA ARG B 71 -13.36 29.50 29.48
C ARG B 71 -13.62 30.45 30.64
N THR B 72 -14.49 30.04 31.55
CA THR B 72 -14.76 30.83 32.74
C THR B 72 -13.78 30.43 33.86
N ALA B 73 -13.95 31.06 35.02
CA ALA B 73 -13.06 30.75 36.15
C ALA B 73 -13.20 29.29 36.59
N LEU B 74 -14.44 28.80 36.67
CA LEU B 74 -14.66 27.41 37.05
C LEU B 74 -14.12 26.46 35.99
N LEU B 75 -14.28 26.80 34.71
CA LEU B 75 -13.78 25.94 33.64
C LEU B 75 -12.26 25.85 33.66
N ILE B 76 -11.58 26.97 33.94
CA ILE B 76 -10.13 26.96 33.99
C ILE B 76 -9.63 26.06 35.13
N ALA B 77 -10.27 26.17 36.30
CA ALA B 77 -9.89 25.31 37.42
C ALA B 77 -10.17 23.84 37.12
N ILE B 78 -11.30 23.56 36.46
CA ILE B 78 -11.62 22.19 36.08
C ILE B 78 -10.60 21.65 35.09
N GLU B 79 -10.20 22.46 34.11
CA GLU B 79 -9.22 22.02 33.13
C GLU B 79 -7.88 21.70 33.78
N ASN B 80 -7.48 22.47 34.79
CA ASN B 80 -6.26 22.20 35.54
C ASN B 80 -6.46 21.17 36.64
N GLU B 81 -7.69 20.70 36.84
CA GLU B 81 -8.01 19.73 37.89
C GLU B 81 -7.53 20.19 39.25
N ASN B 82 -7.71 21.48 39.54
CA ASN B 82 -7.35 22.05 40.84
C ASN B 82 -8.56 21.93 41.75
N LEU B 83 -8.64 20.82 42.48
CA LEU B 83 -9.79 20.56 43.34
C LEU B 83 -9.92 21.61 44.44
N GLU B 84 -8.80 22.11 44.95
CA GLU B 84 -8.86 23.18 45.95
C GLU B 84 -9.46 24.45 45.35
N LEU B 85 -9.07 24.78 44.12
CA LEU B 85 -9.63 25.96 43.47
C LEU B 85 -11.12 25.79 43.18
N ILE B 86 -11.52 24.58 42.75
CA ILE B 86 -12.93 24.33 42.49
C ILE B 86 -13.74 24.47 43.77
N GLU B 87 -13.24 23.91 44.88
CA GLU B 87 -13.93 24.03 46.16
C GLU B 87 -14.02 25.49 46.58
N LEU B 88 -12.95 26.26 46.38
CA LEU B 88 -12.98 27.68 46.72
C LEU B 88 -14.02 28.42 45.88
N LEU B 89 -14.06 28.14 44.58
CA LEU B 89 -15.04 28.80 43.72
C LEU B 89 -16.45 28.39 44.09
N LEU B 90 -16.68 27.08 44.31
CA LEU B 90 -18.01 26.60 44.68
C LEU B 90 -18.45 27.13 46.04
N SER B 91 -17.52 27.58 46.89
CA SER B 91 -17.91 28.18 48.15
C SER B 91 -18.71 29.46 47.93
N PHE B 92 -18.32 30.26 46.94
CA PHE B 92 -19.06 31.44 46.56
C PHE B 92 -20.15 31.07 45.54
N ASN B 93 -20.90 32.06 45.11
CA ASN B 93 -22.02 31.83 44.17
C ASN B 93 -21.52 31.97 42.74
N VAL B 94 -20.73 30.98 42.33
CA VAL B 94 -20.24 30.92 40.96
C VAL B 94 -21.25 30.17 40.10
N TYR B 95 -21.61 30.76 38.96
CA TYR B 95 -22.56 30.13 38.06
C TYR B 95 -21.96 28.86 37.48
N VAL B 96 -22.46 27.71 37.94
CA VAL B 96 -21.91 26.43 37.50
C VAL B 96 -22.18 26.22 36.01
N GLY B 97 -23.41 26.41 35.59
CA GLY B 97 -23.76 26.17 34.19
C GLY B 97 -23.47 24.74 33.81
N ASP B 98 -22.85 24.54 32.65
CA ASP B 98 -22.43 23.22 32.20
C ASP B 98 -21.00 22.88 32.61
N ALA B 99 -20.69 23.12 33.89
CA ALA B 99 -19.38 22.75 34.41
C ALA B 99 -19.27 21.26 34.67
N LEU B 100 -20.38 20.61 35.05
CA LEU B 100 -20.35 19.17 35.28
C LEU B 100 -20.03 18.42 34.00
N LEU B 101 -20.60 18.87 32.87
CA LEU B 101 -20.27 18.27 31.58
C LEU B 101 -18.80 18.48 31.24
N HIS B 102 -18.27 19.67 31.53
CA HIS B 102 -16.87 19.95 31.25
C HIS B 102 -15.94 19.08 32.10
N ALA B 103 -16.29 18.88 33.36
CA ALA B 103 -15.52 17.97 34.20
C ALA B 103 -15.62 16.54 33.71
N ILE B 104 -16.81 16.12 33.26
CA ILE B 104 -16.99 14.77 32.73
C ILE B 104 -16.18 14.60 31.45
N ARG B 105 -16.23 15.58 30.55
CA ARG B 105 -15.48 15.49 29.31
C ARG B 105 -13.99 15.47 29.56
N LYS B 106 -13.51 16.29 30.48
CA LYS B 106 -12.09 16.30 30.85
C LYS B 106 -11.68 15.06 31.63
N GLU B 107 -12.63 14.23 32.04
CA GLU B 107 -12.36 12.99 32.76
C GLU B 107 -11.66 13.27 34.09
N VAL B 108 -12.19 14.25 34.82
CA VAL B 108 -11.67 14.60 36.14
C VAL B 108 -12.47 13.84 37.18
N VAL B 109 -11.80 12.98 37.95
CA VAL B 109 -12.48 12.21 38.98
C VAL B 109 -13.07 13.11 40.06
N GLY B 110 -12.51 14.31 40.23
CA GLY B 110 -13.04 15.26 41.18
C GLY B 110 -14.28 15.98 40.69
N ALA B 111 -15.16 15.23 40.04
CA ALA B 111 -16.49 15.72 39.68
C ALA B 111 -17.50 15.50 40.78
N VAL B 112 -17.08 14.94 41.92
CA VAL B 112 -17.97 14.76 43.06
C VAL B 112 -18.38 16.11 43.64
N GLU B 113 -17.48 17.09 43.61
CA GLU B 113 -17.81 18.41 44.15
C GLU B 113 -18.95 19.06 43.40
N LEU B 114 -18.98 18.93 42.07
CA LEU B 114 -20.08 19.51 41.31
C LEU B 114 -21.36 18.70 41.44
N LEU B 115 -21.25 17.40 41.72
CA LEU B 115 -22.45 16.57 41.84
C LEU B 115 -23.24 16.92 43.10
N LEU B 116 -22.55 17.13 44.23
CA LEU B 116 -23.20 17.46 45.49
C LEU B 116 -23.03 18.93 45.86
N ASN B 117 -23.09 19.83 44.88
CA ASN B 117 -23.10 21.27 45.14
C ASN B 117 -24.55 21.71 45.26
N HIS B 118 -25.08 21.55 46.48
CA HIS B 118 -26.47 21.88 46.82
C HIS B 118 -27.47 21.43 45.76
N GLN B 135 -27.98 31.17 26.66
CA GLN B 135 -26.59 30.93 27.03
C GLN B 135 -25.89 30.10 25.95
N PHE B 136 -24.56 30.23 25.90
CA PHE B 136 -23.74 29.48 24.96
C PHE B 136 -23.18 28.24 25.64
N SER B 137 -23.32 27.09 25.00
CA SER B 137 -22.85 25.83 25.53
C SER B 137 -22.01 25.11 24.48
N GLU B 138 -20.99 24.41 24.94
CA GLU B 138 -20.14 23.61 24.06
C GLU B 138 -20.70 22.22 23.81
N PHE B 139 -21.86 21.90 24.40
CA PHE B 139 -22.50 20.62 24.21
C PHE B 139 -23.93 20.84 23.72
N THR B 140 -24.41 19.89 22.93
CA THR B 140 -25.76 19.97 22.40
C THR B 140 -26.77 19.84 23.53
N PRO B 141 -27.97 20.42 23.37
CA PRO B 141 -28.97 20.36 24.46
C PRO B 141 -29.38 18.94 24.83
N ASP B 142 -29.23 17.98 23.93
CA ASP B 142 -29.59 16.60 24.22
C ASP B 142 -28.55 15.87 25.04
N ILE B 143 -27.37 16.46 25.25
CA ILE B 143 -26.31 15.81 26.01
C ILE B 143 -26.61 15.91 27.50
N THR B 144 -26.65 14.78 28.17
CA THR B 144 -26.81 14.67 29.61
C THR B 144 -25.52 14.20 30.25
N PRO B 145 -25.35 14.42 31.57
CA PRO B 145 -24.12 13.96 32.22
C PRO B 145 -23.85 12.48 32.04
N ILE B 146 -24.89 11.64 32.07
CA ILE B 146 -24.68 10.20 31.89
C ILE B 146 -24.28 9.89 30.45
N ILE B 147 -24.92 10.54 29.48
CA ILE B 147 -24.58 10.31 28.08
C ILE B 147 -23.15 10.72 27.79
N LEU B 148 -22.74 11.89 28.29
CA LEU B 148 -21.36 12.33 28.08
C LEU B 148 -20.36 11.43 28.81
N ALA B 149 -20.72 10.97 30.01
CA ALA B 149 -19.84 10.08 30.76
C ALA B 149 -19.63 8.77 30.00
N ALA B 150 -20.69 8.23 29.40
CA ALA B 150 -20.53 7.02 28.61
C ALA B 150 -19.71 7.26 27.35
N HIS B 151 -19.83 8.45 26.76
CA HIS B 151 -19.00 8.78 25.60
C HIS B 151 -17.52 8.80 25.96
N THR B 152 -17.18 9.34 27.13
CA THR B 152 -15.80 9.38 27.58
C THR B 152 -15.26 8.01 27.97
N ASN B 153 -16.14 7.04 28.18
CA ASN B 153 -15.73 5.67 28.53
C ASN B 153 -14.91 5.63 29.82
N ASN B 154 -15.29 6.46 30.79
CA ASN B 154 -14.62 6.52 32.08
C ASN B 154 -15.42 5.70 33.08
N TYR B 155 -14.82 4.62 33.59
CA TYR B 155 -15.52 3.73 34.50
C TYR B 155 -15.88 4.43 35.81
N GLU B 156 -14.95 5.22 36.36
CA GLU B 156 -15.20 5.88 37.64
C GLU B 156 -16.33 6.91 37.52
N ILE B 157 -16.34 7.69 36.44
CA ILE B 157 -17.37 8.72 36.28
C ILE B 157 -18.72 8.09 36.00
N ILE B 158 -18.75 7.05 35.16
CA ILE B 158 -20.00 6.38 34.85
C ILE B 158 -20.58 5.74 36.10
N LYS B 159 -19.74 5.07 36.89
CA LYS B 159 -20.20 4.44 38.12
C LYS B 159 -20.72 5.47 39.12
N LEU B 160 -20.07 6.63 39.19
CA LEU B 160 -20.52 7.69 40.09
C LEU B 160 -21.91 8.18 39.72
N LEU B 161 -22.17 8.35 38.43
CA LEU B 161 -23.47 8.86 37.99
C LEU B 161 -24.55 7.80 38.10
N VAL B 162 -24.22 6.55 37.76
CA VAL B 162 -25.20 5.47 37.86
C VAL B 162 -25.58 5.22 39.32
N GLN B 163 -24.63 5.37 40.24
CA GLN B 163 -24.95 5.22 41.66
C GLN B 163 -26.01 6.21 42.11
N LYS B 164 -26.05 7.39 41.52
CA LYS B 164 -27.09 8.36 41.79
C LYS B 164 -28.29 8.08 40.88
N GLY B 165 -29.25 8.99 40.85
CA GLY B 165 -30.39 8.82 39.97
C GLY B 165 -30.05 9.19 38.54
N VAL B 166 -29.92 8.20 37.66
CA VAL B 166 -29.53 8.42 36.28
C VAL B 166 -30.34 7.50 35.38
N SER B 167 -30.80 8.05 34.26
CA SER B 167 -31.51 7.26 33.25
C SER B 167 -31.15 7.82 31.88
N VAL B 168 -31.27 6.97 30.87
CA VAL B 168 -30.96 7.33 29.48
C VAL B 168 -32.24 7.14 28.68
N PRO B 169 -32.63 8.11 27.85
CA PRO B 169 -33.81 7.93 27.00
C PRO B 169 -33.62 6.73 26.08
N ARG B 170 -34.68 5.93 25.96
CA ARG B 170 -34.59 4.71 25.17
C ARG B 170 -34.87 5.01 23.72
N PRO B 171 -33.98 4.67 22.80
CA PRO B 171 -34.24 4.94 21.39
C PRO B 171 -35.26 3.98 20.81
N HIS B 172 -35.94 4.43 19.77
CA HIS B 172 -36.90 3.59 19.09
C HIS B 172 -36.19 2.56 18.21
N GLU B 173 -36.93 1.54 17.80
CA GLU B 173 -36.37 0.50 16.97
C GLU B 173 -36.04 1.04 15.58
N VAL B 174 -35.17 0.30 14.87
CA VAL B 174 -34.80 0.70 13.52
C VAL B 174 -36.02 0.69 12.60
N ARG B 175 -36.85 -0.35 12.70
CA ARG B 175 -38.08 -0.45 11.93
C ARG B 175 -39.23 0.03 12.81
N CYS B 176 -39.34 1.35 12.92
CA CYS B 176 -40.34 1.98 13.76
C CYS B 176 -41.23 2.89 12.93
N ASN B 177 -42.51 2.94 13.29
CA ASN B 177 -43.51 3.76 12.62
C ASN B 177 -44.30 4.58 13.62
N CYS B 178 -43.65 4.99 14.70
CA CYS B 178 -44.32 5.80 15.72
C CYS B 178 -44.66 7.18 15.17
N VAL B 179 -45.82 7.69 15.59
CA VAL B 179 -46.22 9.03 15.16
C VAL B 179 -45.32 10.08 15.78
N GLU B 180 -44.89 9.87 17.04
CA GLU B 180 -44.01 10.83 17.69
C GLU B 180 -42.63 10.85 17.03
N CYS B 181 -42.16 9.69 16.57
CA CYS B 181 -40.83 9.62 15.96
C CYS B 181 -40.77 10.43 14.67
N VAL B 182 -41.76 10.25 13.79
CA VAL B 182 -41.77 11.02 12.55
C VAL B 182 -42.05 12.49 12.80
N SER B 183 -42.91 12.80 13.77
CA SER B 183 -43.20 14.20 14.10
C SER B 183 -41.96 14.91 14.62
N SER B 184 -41.19 14.24 15.49
CA SER B 184 -39.96 14.83 16.00
C SER B 184 -38.94 15.06 14.89
N SER B 185 -38.80 14.08 13.99
CA SER B 185 -37.88 14.24 12.87
C SER B 185 -38.30 15.35 11.93
N ASP B 186 -39.61 15.50 11.69
CA ASP B 186 -40.09 16.58 10.84
C ASP B 186 -39.81 17.95 11.45
N VAL B 187 -39.97 18.08 12.77
CA VAL B 187 -39.71 19.36 13.43
C VAL B 187 -38.24 19.73 13.32
N ASP B 188 -37.35 18.78 13.60
CA ASP B 188 -35.91 19.01 13.53
C ASP B 188 -35.23 17.68 13.20
N SER B 189 -34.86 17.52 11.94
CA SER B 189 -34.20 16.27 11.53
C SER B 189 -32.77 16.20 12.05
N LEU B 190 -32.08 17.33 12.08
CA LEU B 190 -30.69 17.33 12.55
C LEU B 190 -30.59 16.97 14.02
N ARG B 191 -31.49 17.53 14.84
CA ARG B 191 -31.48 17.22 16.27
C ARG B 191 -31.85 15.75 16.52
N HIS B 192 -32.85 15.25 15.80
CA HIS B 192 -33.31 13.88 16.01
C HIS B 192 -32.21 12.88 15.67
N SER B 193 -31.50 13.10 14.56
CA SER B 193 -30.40 12.21 14.18
C SER B 193 -29.25 12.31 15.18
N ARG B 194 -28.92 13.52 15.62
CA ARG B 194 -27.84 13.69 16.59
C ARG B 194 -28.21 13.08 17.93
N SER B 195 -29.45 13.27 18.37
CA SER B 195 -29.89 12.70 19.65
C SER B 195 -29.85 11.18 19.60
N ARG B 196 -30.33 10.58 18.51
CA ARG B 196 -30.34 9.13 18.38
C ARG B 196 -28.93 8.58 18.35
N LEU B 197 -28.02 9.24 17.63
CA LEU B 197 -26.63 8.80 17.58
C LEU B 197 -25.97 8.92 18.95
N ASN B 198 -26.28 9.99 19.69
CA ASN B 198 -25.69 10.17 21.01
C ASN B 198 -26.18 9.10 21.98
N ILE B 199 -27.45 8.71 21.90
CA ILE B 199 -27.97 7.67 22.78
C ILE B 199 -27.30 6.35 22.50
N TYR B 200 -27.18 5.99 21.21
CA TYR B 200 -26.56 4.71 20.85
C TYR B 200 -25.07 4.71 21.13
N LYS B 201 -24.41 5.87 20.98
CA LYS B 201 -23.01 5.97 21.36
C LYS B 201 -22.81 5.76 22.86
N ALA B 202 -23.74 6.29 23.68
CA ALA B 202 -23.66 6.07 25.11
C ALA B 202 -23.92 4.61 25.47
N LEU B 203 -24.89 3.98 24.82
CA LEU B 203 -25.23 2.60 25.14
C LEU B 203 -24.15 1.62 24.70
N ALA B 204 -23.41 1.96 23.65
CA ALA B 204 -22.39 1.08 23.10
C ALA B 204 -21.06 1.16 23.83
N SER B 205 -20.95 2.00 24.86
CA SER B 205 -19.70 2.13 25.60
C SER B 205 -19.47 0.86 26.42
N PRO B 206 -18.30 0.23 26.31
CA PRO B 206 -18.04 -0.99 27.09
C PRO B 206 -18.13 -0.78 28.58
N SER B 207 -17.77 0.39 29.10
CA SER B 207 -17.85 0.63 30.53
C SER B 207 -19.29 0.60 31.03
N LEU B 208 -20.21 1.21 30.27
CA LEU B 208 -21.62 1.19 30.66
C LEU B 208 -22.20 -0.22 30.55
N ILE B 209 -21.83 -0.96 29.50
CA ILE B 209 -22.32 -2.32 29.35
C ILE B 209 -21.78 -3.21 30.46
N ALA B 210 -20.52 -3.04 30.83
CA ALA B 210 -19.94 -3.85 31.89
C ALA B 210 -20.52 -3.49 33.26
N LEU B 211 -21.27 -2.39 33.35
CA LEU B 211 -21.76 -1.91 34.63
C LEU B 211 -23.25 -2.17 34.81
N SER B 212 -24.07 -1.70 33.87
CA SER B 212 -25.52 -1.68 34.05
C SER B 212 -26.26 -2.73 33.23
N SER B 213 -25.55 -3.59 32.50
CA SER B 213 -26.21 -4.58 31.66
C SER B 213 -26.28 -5.91 32.39
N GLU B 214 -27.46 -6.54 32.35
CA GLU B 214 -27.65 -7.83 32.99
C GLU B 214 -26.77 -8.89 32.36
N ASP B 215 -26.74 -8.95 31.03
CA ASP B 215 -25.92 -9.90 30.29
C ASP B 215 -25.12 -9.13 29.25
N PRO B 216 -23.92 -8.66 29.58
CA PRO B 216 -23.15 -7.85 28.61
C PRO B 216 -22.84 -8.58 27.31
N PHE B 217 -22.69 -9.91 27.35
CA PHE B 217 -22.47 -10.66 26.11
C PHE B 217 -23.68 -10.55 25.19
N LEU B 218 -24.88 -10.70 25.75
CA LEU B 218 -26.08 -10.58 24.92
C LEU B 218 -26.36 -9.13 24.53
N THR B 219 -26.07 -8.18 25.43
CA THR B 219 -26.27 -6.78 25.11
C THR B 219 -25.35 -6.35 23.96
N ALA B 220 -24.09 -6.77 24.00
CA ALA B 220 -23.16 -6.43 22.91
C ALA B 220 -23.59 -7.06 21.60
N PHE B 221 -24.10 -8.29 21.64
CA PHE B 221 -24.57 -8.94 20.42
C PHE B 221 -25.75 -8.18 19.83
N GLN B 222 -26.71 -7.80 20.67
CA GLN B 222 -27.89 -7.11 20.17
C GLN B 222 -27.57 -5.68 19.74
N LEU B 223 -26.72 -4.99 20.49
CA LEU B 223 -26.38 -3.62 20.14
C LEU B 223 -25.65 -3.55 18.81
N SER B 224 -24.72 -4.47 18.56
CA SER B 224 -24.02 -4.49 17.28
C SER B 224 -24.98 -4.76 16.14
N TRP B 225 -25.96 -5.64 16.35
CA TRP B 225 -26.98 -5.90 15.33
C TRP B 225 -27.79 -4.65 15.06
N GLU B 226 -28.23 -3.97 16.12
CA GLU B 226 -29.04 -2.76 15.95
C GLU B 226 -28.24 -1.65 15.27
N LEU B 227 -26.97 -1.48 15.67
CA LEU B 227 -26.16 -0.43 15.07
C LEU B 227 -25.87 -0.71 13.61
N GLN B 228 -25.66 -1.99 13.26
CA GLN B 228 -25.45 -2.34 11.86
C GLN B 228 -26.70 -2.06 11.02
N GLU B 229 -27.88 -2.37 11.57
CA GLU B 229 -29.12 -2.07 10.87
C GLU B 229 -29.31 -0.57 10.68
N LEU B 230 -28.93 0.22 11.69
CA LEU B 230 -29.05 1.67 11.59
C LEU B 230 -28.16 2.22 10.48
N SER B 231 -26.95 1.70 10.34
CA SER B 231 -26.05 2.16 9.29
C SER B 231 -26.64 1.91 7.92
N LYS B 232 -27.27 0.75 7.72
CA LYS B 232 -27.94 0.48 6.45
C LYS B 232 -29.12 1.43 6.24
N VAL B 233 -29.90 1.68 7.28
CA VAL B 233 -31.07 2.55 7.14
C VAL B 233 -30.66 4.00 7.02
N GLU B 234 -29.82 4.47 7.94
CA GLU B 234 -29.33 5.85 7.90
C GLU B 234 -28.13 5.91 6.97
N ASN B 235 -28.36 6.33 5.73
CA ASN B 235 -27.27 6.43 4.77
C ASN B 235 -26.21 7.41 5.25
N GLU B 236 -26.64 8.56 5.78
CA GLU B 236 -25.73 9.46 6.46
C GLU B 236 -25.37 8.87 7.83
N PHE B 237 -24.20 9.27 8.33
CA PHE B 237 -23.67 8.74 9.59
C PHE B 237 -23.52 7.23 9.53
N LYS B 238 -23.26 6.70 8.34
CA LYS B 238 -23.05 5.26 8.19
C LYS B 238 -21.74 4.83 8.84
N SER B 239 -20.67 5.62 8.66
CA SER B 239 -19.39 5.28 9.27
C SER B 239 -19.46 5.34 10.79
N GLU B 240 -20.17 6.33 11.34
CA GLU B 240 -20.31 6.42 12.78
C GLU B 240 -21.03 5.22 13.37
N TYR B 241 -22.11 4.79 12.72
CA TYR B 241 -22.84 3.62 13.21
C TYR B 241 -22.04 2.35 13.02
N GLU B 242 -21.31 2.24 11.91
CA GLU B 242 -20.46 1.07 11.69
C GLU B 242 -19.34 1.00 12.72
N GLU B 243 -18.76 2.15 13.07
CA GLU B 243 -17.74 2.19 14.11
C GLU B 243 -18.30 1.77 15.45
N LEU B 244 -19.52 2.21 15.77
CA LEU B 244 -20.16 1.82 17.02
C LEU B 244 -20.42 0.32 17.06
N SER B 245 -20.89 -0.25 15.95
CA SER B 245 -21.10 -1.70 15.91
C SER B 245 -19.79 -2.46 16.02
N ARG B 246 -18.74 -1.97 15.35
CA ARG B 246 -17.43 -2.61 15.46
C ARG B 246 -16.90 -2.54 16.89
N GLN B 247 -17.14 -1.41 17.56
CA GLN B 247 -16.73 -1.27 18.96
C GLN B 247 -17.47 -2.27 19.85
N CYS B 248 -18.76 -2.47 19.60
CA CYS B 248 -19.52 -3.47 20.36
C CYS B 248 -19.00 -4.87 20.09
N LYS B 249 -18.68 -5.18 18.83
CA LYS B 249 -18.12 -6.49 18.51
C LYS B 249 -16.75 -6.68 19.15
N GLN B 250 -15.93 -5.63 19.18
CA GLN B 250 -14.62 -5.72 19.81
C GLN B 250 -14.74 -5.93 21.31
N PHE B 251 -15.74 -5.30 21.95
CA PHE B 251 -15.91 -5.45 23.39
C PHE B 251 -16.24 -6.89 23.75
N ALA B 252 -17.10 -7.54 22.97
CA ALA B 252 -17.44 -8.93 23.23
C ALA B 252 -16.23 -9.84 23.07
N LYS B 253 -15.40 -9.59 22.05
CA LYS B 253 -14.18 -10.37 21.88
C LYS B 253 -13.21 -10.14 23.02
N ASP B 254 -13.05 -8.90 23.44
CA ASP B 254 -12.18 -8.61 24.59
C ASP B 254 -12.75 -9.17 25.87
N LEU B 255 -14.08 -9.17 26.01
CA LEU B 255 -14.71 -9.78 27.18
C LEU B 255 -14.46 -11.28 27.22
N LEU B 256 -14.55 -11.96 26.08
CA LEU B 256 -14.27 -13.37 26.03
C LEU B 256 -12.78 -13.68 26.19
N ASP B 257 -11.92 -12.72 25.87
CA ASP B 257 -10.48 -12.92 26.04
C ASP B 257 -10.09 -13.05 27.51
N GLN B 258 -10.96 -12.68 28.43
CA GLN B 258 -10.66 -12.71 29.85
C GLN B 258 -10.90 -14.08 30.48
N THR B 259 -11.44 -15.04 29.74
CA THR B 259 -11.61 -16.38 30.28
C THR B 259 -10.25 -17.04 30.46
N ARG B 260 -10.02 -17.59 31.66
CA ARG B 260 -8.76 -18.23 31.98
C ARG B 260 -8.89 -19.72 32.28
N SER B 261 -10.10 -20.28 32.19
CA SER B 261 -10.30 -21.70 32.40
C SER B 261 -11.26 -22.23 31.35
N SER B 262 -11.12 -23.50 31.01
CA SER B 262 -12.00 -24.12 30.03
C SER B 262 -13.40 -24.32 30.59
N ARG B 263 -13.53 -24.44 31.91
CA ARG B 263 -14.85 -24.54 32.52
C ARG B 263 -15.65 -23.26 32.33
N GLU B 264 -15.00 -22.10 32.49
CA GLU B 264 -15.67 -20.83 32.27
C GLU B 264 -16.10 -20.67 30.81
N LEU B 265 -15.23 -21.06 29.88
CA LEU B 265 -15.57 -20.94 28.46
C LEU B 265 -16.76 -21.82 28.10
N GLU B 266 -16.80 -23.04 28.63
CA GLU B 266 -17.94 -23.92 28.38
C GLU B 266 -19.23 -23.36 28.97
N ILE B 267 -19.15 -22.75 30.15
CA ILE B 267 -20.33 -22.17 30.78
C ILE B 267 -20.87 -21.03 29.93
N ILE B 268 -20.00 -20.15 29.45
CA ILE B 268 -20.44 -18.98 28.70
C ILE B 268 -21.03 -19.39 27.35
N LEU B 269 -20.32 -20.26 26.64
CA LEU B 269 -20.75 -20.62 25.28
C LEU B 269 -21.99 -21.50 25.26
N ASN B 270 -22.23 -22.28 26.31
CA ASN B 270 -23.39 -23.16 26.37
C ASN B 270 -24.58 -22.52 27.08
N TYR B 271 -24.46 -21.26 27.49
CA TYR B 271 -25.52 -20.61 28.23
C TYR B 271 -26.69 -20.28 27.31
N ARG B 272 -27.90 -20.55 27.78
CA ARG B 272 -29.12 -20.22 27.04
C ARG B 272 -30.12 -19.60 28.00
N ASP B 273 -31.00 -18.78 27.45
CA ASP B 273 -32.00 -18.09 28.25
C ASP B 273 -33.33 -18.83 28.23
N ASP B 285 -25.35 -28.31 23.91
CA ASP B 285 -25.21 -27.51 22.70
C ASP B 285 -24.71 -26.10 23.03
N LEU B 286 -23.91 -25.54 22.13
CA LEU B 286 -23.33 -24.22 22.33
C LEU B 286 -24.35 -23.17 21.88
N ALA B 287 -25.33 -22.93 22.74
CA ALA B 287 -26.41 -22.00 22.41
C ALA B 287 -25.91 -20.58 22.24
N ARG B 288 -25.02 -20.12 23.13
CA ARG B 288 -24.47 -18.78 23.02
C ARG B 288 -23.55 -18.65 21.83
N LEU B 289 -22.78 -19.69 21.51
CA LEU B 289 -21.94 -19.66 20.31
C LEU B 289 -22.80 -19.61 19.05
N LYS B 290 -23.90 -20.36 19.02
CA LYS B 290 -24.82 -20.28 17.89
C LYS B 290 -25.42 -18.89 17.78
N LEU B 291 -25.75 -18.28 18.91
CA LEU B 291 -26.28 -16.92 18.90
C LEU B 291 -25.27 -15.93 18.35
N ALA B 292 -24.00 -16.09 18.72
CA ALA B 292 -22.96 -15.22 18.19
C ALA B 292 -22.79 -15.39 16.68
N ILE B 293 -22.93 -16.62 16.19
CA ILE B 293 -22.84 -16.87 14.75
C ILE B 293 -23.97 -16.16 14.01
N LYS B 294 -25.20 -16.24 14.54
CA LYS B 294 -26.33 -15.60 13.89
C LYS B 294 -26.21 -14.08 13.91
N TYR B 295 -25.41 -13.52 14.82
CA TYR B 295 -25.17 -12.09 14.89
C TYR B 295 -23.92 -11.66 14.14
N ARG B 296 -23.27 -12.59 13.44
CA ARG B 296 -22.05 -12.32 12.68
C ARG B 296 -20.96 -11.71 13.56
N GLN B 297 -20.80 -12.29 14.76
CA GLN B 297 -19.71 -11.92 15.66
C GLN B 297 -18.48 -12.72 15.27
N LYS B 298 -17.86 -12.31 14.16
CA LYS B 298 -16.72 -13.05 13.63
C LYS B 298 -15.54 -13.01 14.57
N GLU B 299 -15.26 -11.85 15.17
CA GLU B 299 -14.16 -11.74 16.11
C GLU B 299 -14.41 -12.60 17.36
N PHE B 300 -15.65 -12.59 17.85
CA PHE B 300 -16.00 -13.43 18.99
C PHE B 300 -15.86 -14.91 18.66
N VAL B 301 -16.30 -15.31 17.48
CA VAL B 301 -16.26 -16.72 17.09
C VAL B 301 -14.83 -17.17 16.86
N ALA B 302 -14.02 -16.34 16.19
CA ALA B 302 -12.66 -16.70 15.82
C ALA B 302 -11.66 -16.47 16.95
N GLN B 303 -12.13 -16.37 18.18
CA GLN B 303 -11.21 -16.25 19.31
C GLN B 303 -10.40 -17.53 19.45
N PRO B 304 -9.11 -17.44 19.78
CA PRO B 304 -8.29 -18.66 19.87
C PRO B 304 -8.83 -19.68 20.87
N ASN B 305 -9.35 -19.22 22.01
CA ASN B 305 -9.91 -20.15 22.99
C ASN B 305 -11.22 -20.75 22.48
N CYS B 306 -12.07 -19.94 21.85
CA CYS B 306 -13.31 -20.44 21.27
C CYS B 306 -13.04 -21.46 20.17
N GLN B 307 -12.05 -21.17 19.32
CA GLN B 307 -11.72 -22.10 18.24
C GLN B 307 -11.09 -23.37 18.77
N GLN B 308 -10.32 -23.27 19.87
CA GLN B 308 -9.69 -24.46 20.44
C GLN B 308 -10.74 -25.42 20.99
N LEU B 309 -11.78 -24.90 21.64
CA LEU B 309 -12.85 -25.75 22.15
C LEU B 309 -13.64 -26.36 20.99
N LEU B 310 -13.88 -25.60 19.94
CA LEU B 310 -14.59 -26.13 18.77
C LEU B 310 -13.80 -27.25 18.11
N ALA B 311 -12.48 -27.09 18.02
CA ALA B 311 -11.65 -28.14 17.44
C ALA B 311 -11.67 -29.41 18.27
N SER B 312 -11.77 -29.27 19.60
CA SER B 312 -11.91 -30.44 20.46
C SER B 312 -13.20 -31.19 20.16
N ARG B 313 -14.30 -30.46 19.97
CA ARG B 313 -15.56 -31.09 19.57
C ARG B 313 -15.48 -31.67 18.16
N TRP B 314 -14.74 -30.99 17.28
CA TRP B 314 -14.56 -31.49 15.91
C TRP B 314 -13.79 -32.81 15.90
N TYR B 315 -12.74 -32.91 16.72
CA TYR B 315 -11.90 -34.10 16.79
C TYR B 315 -12.12 -34.87 18.09
N ASP B 316 -13.36 -34.97 18.55
CA ASP B 316 -13.62 -35.59 19.85
C ASP B 316 -13.21 -37.05 19.85
N GLU B 317 -12.58 -37.48 20.94
CA GLU B 317 -12.07 -38.84 21.11
C GLU B 317 -11.11 -39.22 19.99
N PHE B 318 -10.44 -38.23 19.41
CA PHE B 318 -9.47 -38.44 18.33
C PHE B 318 -8.20 -37.68 18.66
N PRO B 319 -7.44 -38.14 19.65
CA PRO B 319 -6.26 -37.39 20.08
C PRO B 319 -5.09 -37.58 19.12
N GLY B 320 -4.24 -36.55 19.09
CA GLY B 320 -3.03 -36.59 18.29
C GLY B 320 -3.20 -36.31 16.82
N TRP B 321 -4.41 -35.99 16.38
CA TRP B 321 -4.62 -35.69 14.95
C TRP B 321 -3.86 -34.44 14.54
N ARG B 322 -3.86 -33.41 15.37
CA ARG B 322 -3.18 -32.17 15.05
C ARG B 322 -1.66 -32.30 15.15
N ARG B 323 -1.14 -33.39 15.71
CA ARG B 323 0.28 -33.60 15.84
C ARG B 323 0.83 -34.65 14.87
N ARG B 324 -0.03 -35.34 14.12
CA ARG B 324 0.43 -36.35 13.20
C ARG B 324 1.01 -35.72 11.93
N HIS B 325 1.74 -36.54 11.17
CA HIS B 325 2.31 -36.07 9.91
C HIS B 325 1.22 -35.91 8.86
N TRP B 326 1.49 -35.04 7.88
CA TRP B 326 0.51 -34.80 6.83
C TRP B 326 0.27 -36.06 5.99
N ALA B 327 1.32 -36.87 5.79
CA ALA B 327 1.14 -38.13 5.08
C ALA B 327 0.24 -39.08 5.86
N VAL B 328 0.40 -39.11 7.18
CA VAL B 328 -0.46 -39.95 8.02
C VAL B 328 -1.91 -39.44 7.97
N LYS B 329 -2.08 -38.11 7.97
CA LYS B 329 -3.43 -37.55 7.91
C LYS B 329 -4.12 -37.93 6.60
N MET B 330 -3.41 -37.84 5.48
CA MET B 330 -4.00 -38.21 4.20
C MET B 330 -4.37 -39.69 4.15
N VAL B 331 -3.49 -40.55 4.68
CA VAL B 331 -3.76 -41.99 4.67
C VAL B 331 -4.96 -42.31 5.54
N THR B 332 -5.03 -41.73 6.74
CA THR B 332 -6.16 -42.02 7.63
C THR B 332 -7.47 -41.52 7.07
N CYS B 333 -7.47 -40.32 6.47
CA CYS B 333 -8.70 -39.79 5.87
C CYS B 333 -9.14 -40.63 4.69
N PHE B 334 -8.18 -41.09 3.87
CA PHE B 334 -8.51 -41.86 2.69
C PHE B 334 -9.17 -43.19 3.06
N ILE B 335 -8.58 -43.94 3.98
CA ILE B 335 -9.14 -45.23 4.36
C ILE B 335 -10.48 -45.05 5.09
N ILE B 336 -10.62 -43.98 5.88
CA ILE B 336 -11.90 -43.71 6.54
C ILE B 336 -12.97 -43.40 5.49
N GLY B 337 -12.61 -42.58 4.49
CA GLY B 337 -13.57 -42.25 3.45
C GLY B 337 -14.00 -43.43 2.61
N LEU B 338 -13.06 -44.33 2.33
CA LEU B 338 -13.40 -45.53 1.55
C LEU B 338 -14.40 -46.43 2.28
N LEU B 339 -14.48 -46.33 3.61
CA LEU B 339 -15.37 -47.15 4.40
C LEU B 339 -16.61 -46.39 4.85
N PHE B 340 -16.97 -45.33 4.14
CA PHE B 340 -18.19 -44.60 4.49
C PHE B 340 -19.46 -45.43 4.41
N PRO B 341 -19.67 -46.32 3.42
CA PRO B 341 -20.91 -47.10 3.43
C PRO B 341 -21.02 -48.06 4.61
N VAL B 342 -19.90 -48.65 5.05
CA VAL B 342 -19.98 -49.60 6.16
C VAL B 342 -20.22 -48.85 7.47
N PHE B 343 -19.69 -47.63 7.60
CA PHE B 343 -19.96 -46.83 8.79
C PHE B 343 -21.42 -46.42 8.86
N SER B 344 -22.00 -46.04 7.73
CA SER B 344 -23.42 -45.70 7.69
C SER B 344 -24.29 -46.93 7.93
N VAL B 345 -23.88 -48.07 7.40
CA VAL B 345 -24.63 -49.31 7.63
C VAL B 345 -24.64 -49.67 9.10
N CYS B 346 -23.48 -49.56 9.77
CA CYS B 346 -23.43 -49.83 11.21
C CYS B 346 -24.27 -48.82 11.99
N TYR B 347 -24.28 -47.56 11.59
CA TYR B 347 -25.10 -46.56 12.28
C TYR B 347 -26.58 -46.88 12.15
N LEU B 348 -27.01 -47.31 10.96
CA LEU B 348 -28.42 -47.64 10.78
C LEU B 348 -28.78 -48.95 11.47
N ILE B 349 -27.91 -49.96 11.39
CA ILE B 349 -28.24 -51.28 11.90
C ILE B 349 -28.00 -51.36 13.40
N ALA B 350 -26.84 -50.88 13.86
CA ALA B 350 -26.43 -51.03 15.26
C ALA B 350 -26.22 -49.65 15.87
N PRO B 351 -27.26 -49.06 16.46
CA PRO B 351 -27.06 -47.81 17.19
C PRO B 351 -26.31 -48.05 18.49
N LYS B 352 -25.77 -46.96 19.04
CA LYS B 352 -24.96 -46.94 20.25
C LYS B 352 -23.98 -48.10 20.32
N SER B 353 -23.36 -48.42 19.18
CA SER B 353 -22.38 -49.48 19.06
C SER B 353 -20.99 -48.89 18.81
N PRO B 354 -19.92 -49.62 19.16
CA PRO B 354 -18.57 -49.09 18.91
C PRO B 354 -18.31 -48.75 17.45
N LEU B 355 -18.85 -49.55 16.52
CA LEU B 355 -18.74 -49.20 15.11
C LEU B 355 -19.72 -48.10 14.72
N GLY B 356 -20.88 -48.04 15.37
CA GLY B 356 -21.86 -47.01 15.07
C GLY B 356 -21.62 -45.68 15.76
N LEU B 357 -20.69 -45.63 16.72
CA LEU B 357 -20.35 -44.38 17.39
C LEU B 357 -19.23 -43.63 16.68
N PHE B 358 -18.49 -44.29 15.77
CA PHE B 358 -17.44 -43.60 15.03
C PHE B 358 -17.99 -42.56 14.07
N ILE B 359 -19.11 -42.87 13.41
CA ILE B 359 -19.73 -41.92 12.49
C ILE B 359 -20.25 -40.68 13.21
N ARG B 360 -20.64 -40.80 14.49
CA ARG B 360 -21.20 -39.66 15.20
C ARG B 360 -20.20 -38.53 15.41
N LYS B 361 -18.90 -38.81 15.28
CA LYS B 361 -17.90 -37.76 15.40
C LYS B 361 -18.05 -36.77 14.24
N PRO B 362 -18.08 -35.46 14.52
CA PRO B 362 -18.28 -34.50 13.42
C PRO B 362 -17.21 -34.56 12.35
N PHE B 363 -15.96 -34.83 12.72
CA PHE B 363 -14.91 -34.95 11.70
C PHE B 363 -15.15 -36.15 10.80
N ILE B 364 -15.61 -37.27 11.38
CA ILE B 364 -15.93 -38.44 10.57
C ILE B 364 -17.15 -38.19 9.71
N LYS B 365 -18.13 -37.43 10.21
CA LYS B 365 -19.27 -37.04 9.39
C LYS B 365 -18.83 -36.27 8.16
N PHE B 366 -17.92 -35.32 8.35
CA PHE B 366 -17.44 -34.52 7.23
C PHE B 366 -16.71 -35.38 6.20
N ILE B 367 -15.86 -36.30 6.67
CA ILE B 367 -15.12 -37.16 5.76
C ILE B 367 -16.07 -38.10 5.02
N CYS B 368 -17.02 -38.71 5.75
CA CYS B 368 -17.96 -39.61 5.10
C CYS B 368 -18.87 -38.87 4.14
N HIS B 369 -19.34 -37.68 4.51
CA HIS B 369 -20.16 -36.89 3.60
C HIS B 369 -19.37 -36.47 2.36
N THR B 370 -18.11 -36.05 2.56
CA THR B 370 -17.27 -35.70 1.43
C THR B 370 -17.01 -36.90 0.54
N ALA B 371 -16.73 -38.06 1.14
CA ALA B 371 -16.52 -39.27 0.36
C ALA B 371 -17.77 -39.65 -0.41
N SER B 372 -18.94 -39.42 0.19
CA SER B 372 -20.20 -39.66 -0.53
C SER B 372 -20.33 -38.76 -1.73
N TYR B 373 -19.98 -37.47 -1.57
CA TYR B 373 -20.08 -36.54 -2.70
C TYR B 373 -19.10 -36.90 -3.81
N LEU B 374 -17.89 -37.33 -3.46
CA LEU B 374 -16.92 -37.71 -4.48
C LEU B 374 -17.38 -38.93 -5.27
N THR B 375 -18.00 -39.90 -4.59
CA THR B 375 -18.55 -41.04 -5.31
C THR B 375 -19.67 -40.61 -6.25
N PHE B 376 -20.51 -39.68 -5.81
CA PHE B 376 -21.56 -39.15 -6.68
C PHE B 376 -20.96 -38.42 -7.88
N LEU B 377 -19.92 -37.62 -7.65
CA LEU B 377 -19.25 -36.95 -8.76
C LEU B 377 -18.51 -37.94 -9.65
N PHE B 378 -17.93 -38.97 -9.06
CA PHE B 378 -17.27 -40.00 -9.86
C PHE B 378 -18.29 -40.75 -10.72
N LEU B 379 -19.48 -40.99 -10.18
CA LEU B 379 -20.53 -41.61 -10.97
C LEU B 379 -20.99 -40.71 -12.10
N LEU B 380 -21.00 -39.39 -11.88
CA LEU B 380 -21.35 -38.46 -12.95
C LEU B 380 -20.35 -38.53 -14.09
N LEU B 381 -19.06 -38.68 -13.78
CA LEU B 381 -18.07 -38.87 -14.82
C LEU B 381 -18.28 -40.18 -15.55
N LEU B 382 -18.65 -41.24 -14.82
CA LEU B 382 -18.90 -42.53 -15.45
C LEU B 382 -20.10 -42.46 -16.39
N ALA B 383 -21.10 -41.64 -16.06
CA ALA B 383 -22.28 -41.52 -16.92
C ALA B 383 -21.89 -40.96 -18.29
N SER B 384 -21.01 -39.97 -18.32
CA SER B 384 -20.53 -39.43 -19.58
C SER B 384 -19.52 -40.35 -20.26
N GLN B 385 -18.93 -41.28 -19.52
CA GLN B 385 -17.95 -42.20 -20.06
C GLN B 385 -18.58 -43.36 -20.82
N HIS B 386 -19.89 -43.53 -20.73
CA HIS B 386 -20.62 -44.58 -21.43
C HIS B 386 -20.07 -45.96 -21.06
N ILE B 387 -20.13 -46.26 -19.76
CA ILE B 387 -19.68 -47.56 -19.28
C ILE B 387 -20.55 -48.67 -19.85
N ASP B 388 -21.86 -48.48 -19.82
CA ASP B 388 -22.81 -49.43 -20.38
C ASP B 388 -23.44 -48.85 -21.65
N ARG B 389 -23.79 -49.74 -22.58
CA ARG B 389 -24.36 -49.32 -23.84
C ARG B 389 -25.71 -48.67 -23.63
N SER B 390 -25.91 -47.50 -24.26
CA SER B 390 -27.18 -46.79 -24.21
C SER B 390 -27.69 -46.46 -25.61
N ASP B 391 -27.05 -46.99 -26.65
CA ASP B 391 -27.41 -46.73 -28.04
C ASP B 391 -27.33 -45.24 -28.37
N LEU B 392 -27.74 -44.88 -29.58
CA LEU B 392 -27.76 -43.47 -29.98
C LEU B 392 -29.07 -43.04 -30.61
N ASN B 393 -29.82 -43.93 -31.27
CA ASN B 393 -31.06 -43.58 -31.93
C ASN B 393 -32.29 -43.85 -31.09
N ARG B 394 -32.13 -44.28 -29.84
CA ARG B 394 -33.27 -44.55 -28.98
C ARG B 394 -33.89 -43.23 -28.52
N GLN B 395 -35.09 -42.94 -29.01
CA GLN B 395 -35.75 -41.68 -28.66
C GLN B 395 -36.05 -41.61 -27.17
N GLY B 396 -36.72 -42.63 -26.63
CA GLY B 396 -36.91 -42.74 -25.20
C GLY B 396 -36.08 -43.85 -24.63
N PRO B 397 -34.96 -43.52 -24.01
CA PRO B 397 -34.05 -44.54 -23.51
C PRO B 397 -34.33 -44.87 -22.06
N PRO B 398 -34.27 -46.15 -21.68
CA PRO B 398 -34.32 -46.49 -20.26
C PRO B 398 -33.07 -45.99 -19.57
N PRO B 399 -33.15 -45.68 -18.28
CA PRO B 399 -31.96 -45.20 -17.57
C PRO B 399 -30.86 -46.24 -17.55
N THR B 400 -29.63 -45.76 -17.71
CA THR B 400 -28.47 -46.63 -17.70
C THR B 400 -28.25 -47.19 -16.30
N ILE B 401 -27.51 -48.31 -16.22
CA ILE B 401 -27.21 -48.90 -14.93
C ILE B 401 -26.46 -47.91 -14.05
N VAL B 402 -25.54 -47.14 -14.65
CA VAL B 402 -24.83 -46.10 -13.89
C VAL B 402 -25.82 -45.06 -13.38
N GLU B 403 -26.75 -44.64 -14.23
CA GLU B 403 -27.76 -43.68 -13.80
C GLU B 403 -28.72 -44.29 -12.79
N TRP B 404 -28.82 -45.63 -12.77
CA TRP B 404 -29.76 -46.27 -11.84
C TRP B 404 -29.34 -46.04 -10.39
N MET B 405 -28.05 -46.19 -10.09
CA MET B 405 -27.60 -45.91 -8.73
C MET B 405 -27.18 -44.46 -8.54
N ILE B 406 -27.20 -43.64 -9.58
CA ILE B 406 -27.07 -42.20 -9.41
C ILE B 406 -28.33 -41.62 -8.78
N LEU B 407 -29.49 -42.17 -9.13
CA LEU B 407 -30.77 -41.65 -8.63
C LEU B 407 -30.87 -41.58 -7.11
N PRO B 408 -30.42 -42.57 -6.33
CA PRO B 408 -30.51 -42.41 -4.85
C PRO B 408 -29.80 -41.18 -4.33
N TRP B 409 -28.67 -40.78 -4.91
CA TRP B 409 -28.00 -39.55 -4.48
C TRP B 409 -28.87 -38.33 -4.75
N VAL B 410 -29.51 -38.27 -5.93
CA VAL B 410 -30.39 -37.16 -6.25
C VAL B 410 -31.56 -37.10 -5.28
N LEU B 411 -32.17 -38.26 -5.00
CA LEU B 411 -33.23 -38.31 -4.00
C LEU B 411 -32.70 -37.96 -2.61
N GLY B 412 -31.50 -38.46 -2.29
CA GLY B 412 -30.91 -38.14 -0.99
C GLY B 412 -30.59 -36.66 -0.83
N PHE B 413 -30.09 -36.03 -1.90
CA PHE B 413 -29.81 -34.60 -1.84
C PHE B 413 -31.09 -33.80 -1.62
N ILE B 414 -32.16 -34.17 -2.32
CA ILE B 414 -33.45 -33.51 -2.10
C ILE B 414 -33.98 -33.83 -0.71
N TRP B 415 -33.85 -35.09 -0.28
CA TRP B 415 -34.31 -35.47 1.05
C TRP B 415 -33.56 -34.71 2.13
N GLY B 416 -32.24 -34.58 1.98
CA GLY B 416 -31.46 -33.83 2.95
C GLY B 416 -31.78 -32.34 2.94
N GLU B 417 -32.03 -31.78 1.75
CA GLU B 417 -32.38 -30.38 1.65
C GLU B 417 -33.74 -30.10 2.30
N ILE B 418 -34.67 -31.05 2.20
CA ILE B 418 -35.98 -30.88 2.82
C ILE B 418 -35.82 -30.82 4.34
N LYS B 419 -34.99 -31.71 4.88
CA LYS B 419 -34.77 -31.75 6.35
C LYS B 419 -33.99 -30.49 6.78
N GLN B 420 -33.24 -29.87 5.87
CA GLN B 420 -32.55 -28.62 6.21
C GLN B 420 -33.56 -27.53 6.54
N MET B 421 -34.68 -27.48 5.82
CA MET B 421 -35.72 -26.52 6.14
C MET B 421 -36.58 -26.98 7.31
N TRP B 422 -36.49 -28.26 7.68
CA TRP B 422 -37.30 -28.78 8.78
C TRP B 422 -36.68 -28.46 10.13
N ASP B 423 -35.47 -28.97 10.39
CA ASP B 423 -34.82 -28.73 11.67
C ASP B 423 -34.37 -27.28 11.82
N GLY B 424 -33.93 -26.65 10.72
CA GLY B 424 -33.51 -25.27 10.74
C GLY B 424 -34.60 -24.33 10.24
N GLY B 425 -34.45 -23.07 10.62
CA GLY B 425 -35.43 -22.06 10.22
C GLY B 425 -35.36 -21.75 8.74
N LEU B 426 -36.49 -21.32 8.19
CA LEU B 426 -36.54 -20.95 6.78
C LEU B 426 -35.70 -19.71 6.49
N GLN B 427 -35.61 -18.78 7.45
CA GLN B 427 -34.77 -17.60 7.26
C GLN B 427 -33.30 -18.00 7.14
N ASP B 428 -32.84 -18.93 7.98
CA ASP B 428 -31.47 -19.41 7.89
C ASP B 428 -31.25 -20.33 6.71
N TYR B 429 -32.29 -21.01 6.24
CA TYR B 429 -32.15 -21.90 5.08
C TYR B 429 -31.79 -21.13 3.82
N ILE B 430 -32.41 -19.96 3.63
CA ILE B 430 -32.18 -19.17 2.42
C ILE B 430 -31.03 -18.18 2.56
N HIS B 431 -30.45 -18.06 3.75
CA HIS B 431 -29.35 -17.12 3.95
C HIS B 431 -28.09 -17.57 3.21
N ASP B 432 -27.81 -18.87 3.21
CA ASP B 432 -26.58 -19.38 2.61
C ASP B 432 -26.66 -19.31 1.08
N TRP B 433 -25.58 -18.82 0.47
CA TRP B 433 -25.50 -18.80 -0.99
C TRP B 433 -25.49 -20.21 -1.56
N TRP B 434 -24.73 -21.12 -0.93
CA TRP B 434 -24.65 -22.49 -1.43
C TRP B 434 -26.01 -23.18 -1.40
N ASN B 435 -26.90 -22.76 -0.50
CA ASN B 435 -28.24 -23.34 -0.48
C ASN B 435 -29.00 -23.03 -1.76
N LEU B 436 -28.86 -21.80 -2.28
CA LEU B 436 -29.46 -21.47 -3.57
C LEU B 436 -28.82 -22.28 -4.70
N MET B 437 -27.50 -22.47 -4.63
CA MET B 437 -26.83 -23.28 -5.63
C MET B 437 -27.31 -24.73 -5.58
N ASP B 438 -27.51 -25.27 -4.38
CA ASP B 438 -28.03 -26.62 -4.24
C ASP B 438 -29.44 -26.72 -4.80
N PHE B 439 -30.27 -25.70 -4.58
CA PHE B 439 -31.63 -25.73 -5.07
C PHE B 439 -31.66 -25.75 -6.60
N VAL B 440 -30.79 -24.98 -7.23
CA VAL B 440 -30.71 -24.97 -8.69
C VAL B 440 -30.28 -26.33 -9.21
N MET B 441 -29.27 -26.94 -8.56
CA MET B 441 -28.80 -28.26 -8.97
C MET B 441 -29.90 -29.31 -8.82
N ASN B 442 -30.63 -29.26 -7.70
CA ASN B 442 -31.71 -30.22 -7.49
C ASN B 442 -32.85 -30.01 -8.47
N SER B 443 -33.17 -28.74 -8.78
CA SER B 443 -34.23 -28.47 -9.73
C SER B 443 -33.86 -28.98 -11.13
N LEU B 444 -32.61 -28.81 -11.53
CA LEU B 444 -32.18 -29.32 -12.83
C LEU B 444 -32.25 -30.85 -12.87
N TYR B 445 -31.90 -31.51 -11.77
CA TYR B 445 -31.97 -32.97 -11.73
C TYR B 445 -33.41 -33.45 -11.81
N LEU B 446 -34.34 -32.76 -11.13
CA LEU B 446 -35.75 -33.14 -11.21
C LEU B 446 -36.29 -32.97 -12.63
N ALA B 447 -35.91 -31.89 -13.31
CA ALA B 447 -36.33 -31.70 -14.69
C ALA B 447 -35.76 -32.79 -15.59
N THR B 448 -34.51 -33.19 -15.35
CA THR B 448 -33.92 -34.28 -16.12
C THR B 448 -34.67 -35.58 -15.90
N ILE B 449 -35.03 -35.89 -14.66
CA ILE B 449 -35.78 -37.10 -14.36
C ILE B 449 -37.17 -37.02 -14.98
N SER B 450 -37.82 -35.87 -14.86
CA SER B 450 -39.16 -35.71 -15.43
C SER B 450 -39.14 -35.83 -16.95
N LEU B 451 -38.16 -35.19 -17.60
CA LEU B 451 -38.07 -35.28 -19.05
C LEU B 451 -37.73 -36.69 -19.52
N LYS B 452 -36.87 -37.39 -18.77
CA LYS B 452 -36.58 -38.79 -19.10
C LYS B 452 -37.83 -39.65 -18.97
N ILE B 453 -38.63 -39.42 -17.92
CA ILE B 453 -39.88 -40.16 -17.77
C ILE B 453 -40.84 -39.83 -18.91
N VAL B 454 -40.94 -38.55 -19.26
CA VAL B 454 -41.83 -38.14 -20.35
C VAL B 454 -41.41 -38.77 -21.66
N ALA B 455 -40.11 -38.74 -21.96
CA ALA B 455 -39.62 -39.32 -23.21
C ALA B 455 -39.82 -40.82 -23.24
N PHE B 456 -39.71 -41.48 -22.08
CA PHE B 456 -39.93 -42.93 -22.03
C PHE B 456 -41.36 -43.30 -22.37
N VAL B 457 -42.34 -42.50 -21.92
CA VAL B 457 -43.74 -42.85 -22.07
C VAL B 457 -44.40 -42.13 -23.25
N LYS B 458 -43.65 -41.35 -24.02
CA LYS B 458 -44.21 -40.65 -25.17
C LYS B 458 -43.51 -40.95 -26.48
N TYR B 459 -42.27 -41.45 -26.45
CA TYR B 459 -41.53 -41.78 -27.67
C TYR B 459 -40.99 -43.19 -27.55
N SER B 460 -41.49 -44.09 -28.40
CA SER B 460 -41.06 -45.48 -28.40
C SER B 460 -40.87 -46.01 -29.82
N ALA B 461 -40.50 -45.13 -30.74
CA ALA B 461 -40.30 -45.49 -32.14
C ALA B 461 -38.85 -45.27 -32.54
N LEU B 462 -38.41 -46.01 -33.54
CA LEU B 462 -37.04 -45.92 -34.04
C LEU B 462 -36.87 -44.64 -34.84
N ASN B 463 -35.87 -43.85 -34.48
CA ASN B 463 -35.59 -42.59 -35.16
C ASN B 463 -34.14 -42.19 -34.94
N PRO B 464 -33.36 -42.01 -36.01
CA PRO B 464 -31.96 -41.58 -35.83
C PRO B 464 -31.87 -40.22 -35.17
N ARG B 465 -30.77 -40.04 -34.43
CA ARG B 465 -30.61 -38.83 -33.62
C ARG B 465 -30.50 -37.57 -34.47
N GLU B 466 -29.89 -37.67 -35.65
CA GLU B 466 -29.68 -36.50 -36.48
C GLU B 466 -30.97 -35.96 -37.10
N SER B 467 -32.08 -36.68 -37.00
CA SER B 467 -33.35 -36.23 -37.52
C SER B 467 -34.39 -36.08 -36.42
N TRP B 468 -34.01 -35.49 -35.29
CA TRP B 468 -34.89 -35.31 -34.16
C TRP B 468 -35.54 -33.93 -34.22
N ASP B 469 -36.30 -33.58 -33.17
CA ASP B 469 -37.09 -32.37 -33.18
C ASP B 469 -36.22 -31.14 -32.99
N MET B 470 -35.10 -31.27 -32.27
CA MET B 470 -34.24 -30.24 -31.71
C MET B 470 -34.85 -29.67 -30.43
N TRP B 471 -36.11 -30.00 -30.12
CA TRP B 471 -36.72 -29.72 -28.83
C TRP B 471 -37.19 -31.02 -28.18
N HIS B 472 -36.54 -32.12 -28.56
CA HIS B 472 -36.89 -33.43 -28.05
C HIS B 472 -36.69 -33.48 -26.53
N PRO B 473 -37.57 -34.14 -25.79
CA PRO B 473 -37.37 -34.24 -24.34
C PRO B 473 -36.07 -34.93 -23.97
N THR B 474 -35.60 -35.88 -24.79
CA THR B 474 -34.30 -36.49 -24.55
C THR B 474 -33.17 -35.47 -24.70
N LEU B 475 -33.25 -34.61 -25.71
CA LEU B 475 -32.22 -33.59 -25.91
C LEU B 475 -32.20 -32.60 -24.76
N VAL B 476 -33.38 -32.17 -24.29
CA VAL B 476 -33.43 -31.23 -23.17
C VAL B 476 -32.97 -31.91 -21.89
N ALA B 477 -33.31 -33.19 -21.71
CA ALA B 477 -32.90 -33.91 -20.52
C ALA B 477 -31.38 -34.03 -20.44
N GLU B 478 -30.74 -34.32 -21.56
CA GLU B 478 -29.28 -34.37 -21.60
C GLU B 478 -28.68 -33.00 -21.36
N ALA B 479 -29.30 -31.95 -21.89
CA ALA B 479 -28.78 -30.60 -21.70
C ALA B 479 -28.87 -30.19 -20.23
N LEU B 480 -30.01 -30.46 -19.59
CA LEU B 480 -30.15 -30.09 -18.18
C LEU B 480 -29.32 -30.98 -17.27
N PHE B 481 -29.12 -32.24 -17.65
CA PHE B 481 -28.22 -33.11 -16.89
C PHE B 481 -26.79 -32.60 -16.95
N ALA B 482 -26.35 -32.14 -18.12
CA ALA B 482 -24.99 -31.61 -18.27
C ALA B 482 -24.81 -30.34 -17.44
N ILE B 483 -25.80 -29.46 -17.44
CA ILE B 483 -25.71 -28.24 -16.64
C ILE B 483 -25.67 -28.58 -15.16
N ALA B 484 -26.49 -29.52 -14.72
CA ALA B 484 -26.48 -29.94 -13.33
C ALA B 484 -25.16 -30.59 -12.95
N ASN B 485 -24.48 -31.24 -13.90
CA ASN B 485 -23.18 -31.81 -13.63
C ASN B 485 -22.15 -30.73 -13.31
N ILE B 486 -22.23 -29.60 -14.00
CA ILE B 486 -21.33 -28.49 -13.72
C ILE B 486 -21.56 -27.95 -12.32
N PHE B 487 -22.84 -27.76 -11.95
CA PHE B 487 -23.15 -27.26 -10.61
C PHE B 487 -22.78 -28.27 -9.54
N SER B 488 -23.00 -29.55 -9.79
CA SER B 488 -22.64 -30.57 -8.80
C SER B 488 -21.15 -30.59 -8.55
N SER B 489 -20.34 -30.50 -9.60
CA SER B 489 -18.90 -30.51 -9.43
C SER B 489 -18.37 -29.19 -8.89
N LEU B 490 -19.02 -28.08 -9.17
CA LEU B 490 -18.62 -26.80 -8.62
C LEU B 490 -19.02 -26.63 -7.16
N ARG B 491 -19.85 -27.52 -6.63
CA ARG B 491 -20.20 -27.47 -5.22
C ARG B 491 -19.03 -27.81 -4.31
N LEU B 492 -17.97 -28.42 -4.86
CA LEU B 492 -16.80 -28.77 -4.08
C LEU B 492 -16.01 -27.56 -3.59
N ILE B 493 -16.31 -26.36 -4.12
CA ILE B 493 -15.64 -25.16 -3.64
C ILE B 493 -15.99 -24.90 -2.18
N SER B 494 -17.23 -25.21 -1.77
CA SER B 494 -17.64 -24.99 -0.39
C SER B 494 -16.87 -25.85 0.60
N LEU B 495 -16.27 -26.95 0.15
CA LEU B 495 -15.45 -27.78 1.02
C LEU B 495 -14.06 -27.24 1.24
N PHE B 496 -13.68 -26.19 0.51
CA PHE B 496 -12.35 -25.59 0.68
C PHE B 496 -12.21 -24.90 2.04
N THR B 497 -13.32 -24.62 2.71
CA THR B 497 -13.27 -23.89 3.97
C THR B 497 -12.60 -24.71 5.07
N ALA B 498 -12.71 -26.04 5.01
CA ALA B 498 -12.11 -26.88 6.04
C ALA B 498 -10.59 -26.79 6.01
N ASN B 499 -9.99 -26.73 4.83
CA ASN B 499 -8.54 -26.67 4.72
C ASN B 499 -8.03 -25.32 5.22
N SER B 500 -6.86 -25.35 5.87
CA SER B 500 -6.24 -24.15 6.40
C SER B 500 -5.58 -23.29 5.33
N HIS B 501 -5.27 -23.87 4.17
CA HIS B 501 -4.61 -23.13 3.08
C HIS B 501 -5.60 -22.68 2.02
N LEU B 502 -6.50 -23.55 1.57
CA LEU B 502 -7.52 -23.18 0.62
C LEU B 502 -8.70 -22.47 1.27
N GLY B 503 -8.78 -22.47 2.59
CA GLY B 503 -9.87 -21.84 3.29
C GLY B 503 -9.89 -20.33 3.14
N PRO B 504 -8.84 -19.66 3.66
CA PRO B 504 -8.79 -18.20 3.51
C PRO B 504 -8.81 -17.73 2.06
N LEU B 505 -8.22 -18.50 1.16
CA LEU B 505 -8.25 -18.14 -0.26
C LEU B 505 -9.66 -18.19 -0.81
N GLN B 506 -10.39 -19.28 -0.53
CA GLN B 506 -11.74 -19.44 -1.06
C GLN B 506 -12.67 -18.34 -0.53
N ILE B 507 -12.54 -18.01 0.75
CA ILE B 507 -13.39 -16.98 1.34
C ILE B 507 -13.10 -15.63 0.70
N SER B 508 -11.82 -15.33 0.45
CA SER B 508 -11.45 -14.06 -0.17
C SER B 508 -12.02 -13.94 -1.58
N LEU B 509 -11.96 -15.01 -2.36
CA LEU B 509 -12.49 -14.97 -3.72
C LEU B 509 -13.99 -14.74 -3.72
N GLY B 510 -14.70 -15.37 -2.78
CA GLY B 510 -16.13 -15.14 -2.67
C GLY B 510 -16.46 -13.70 -2.32
N ARG B 511 -15.73 -13.13 -1.36
CA ARG B 511 -15.93 -11.73 -1.00
C ARG B 511 -15.53 -10.78 -2.12
N MET B 512 -14.67 -11.23 -3.02
CA MET B 512 -14.24 -10.41 -4.15
C MET B 512 -15.15 -10.57 -5.37
N LEU B 513 -15.95 -11.65 -5.42
CA LEU B 513 -16.85 -11.87 -6.54
C LEU B 513 -17.91 -10.79 -6.63
N LEU B 514 -18.25 -10.15 -5.50
CA LEU B 514 -19.23 -9.07 -5.55
C LEU B 514 -18.74 -7.88 -6.36
N ASP B 515 -17.42 -7.69 -6.41
CA ASP B 515 -16.88 -6.61 -7.23
C ASP B 515 -17.00 -6.91 -8.71
N ILE B 516 -16.88 -8.19 -9.09
CA ILE B 516 -17.10 -8.58 -10.49
C ILE B 516 -18.55 -8.32 -10.89
N LEU B 517 -19.49 -8.63 -9.99
CA LEU B 517 -20.90 -8.39 -10.29
C LEU B 517 -21.18 -6.92 -10.55
N LYS B 518 -20.43 -6.02 -9.92
CA LYS B 518 -20.63 -4.59 -10.16
C LYS B 518 -20.21 -4.20 -11.57
N PHE B 519 -19.13 -4.80 -12.09
CA PHE B 519 -18.74 -4.55 -13.46
C PHE B 519 -19.59 -5.30 -14.47
N LEU B 520 -20.33 -6.31 -14.04
CA LEU B 520 -21.27 -6.95 -14.96
C LEU B 520 -22.34 -5.97 -15.41
N PHE B 521 -22.77 -5.07 -14.51
CA PHE B 521 -23.71 -4.03 -14.88
C PHE B 521 -23.07 -3.05 -15.87
N ILE B 522 -21.83 -2.64 -15.60
CA ILE B 522 -21.19 -1.65 -16.45
C ILE B 522 -20.83 -2.25 -17.80
N TYR B 523 -20.27 -3.46 -17.82
CA TYR B 523 -19.90 -4.08 -19.08
C TYR B 523 -21.12 -4.37 -19.94
N CYS B 524 -22.19 -4.89 -19.33
CA CYS B 524 -23.40 -5.19 -20.08
C CYS B 524 -24.02 -3.94 -20.67
N LEU B 525 -23.96 -2.83 -19.94
CA LEU B 525 -24.44 -1.56 -20.48
C LEU B 525 -23.61 -1.14 -21.68
N VAL B 526 -22.29 -1.31 -21.59
CA VAL B 526 -21.41 -1.04 -22.73
C VAL B 526 -21.64 -2.06 -23.83
N LEU B 527 -21.79 -3.34 -23.44
CA LEU B 527 -22.03 -4.38 -24.43
C LEU B 527 -23.34 -4.15 -25.18
N LEU B 528 -24.40 -3.79 -24.45
CA LEU B 528 -25.68 -3.54 -25.10
C LEU B 528 -25.65 -2.27 -25.95
N ALA B 529 -24.84 -1.29 -25.55
CA ALA B 529 -24.73 -0.06 -26.33
C ALA B 529 -24.14 -0.33 -27.70
N PHE B 530 -23.05 -1.10 -27.75
CA PHE B 530 -22.41 -1.37 -29.04
C PHE B 530 -23.17 -2.43 -29.83
N ALA B 531 -23.84 -3.36 -29.14
CA ALA B 531 -24.69 -4.32 -29.84
C ALA B 531 -25.85 -3.64 -30.54
N ASN B 532 -26.43 -2.62 -29.89
CA ASN B 532 -27.50 -1.85 -30.53
C ASN B 532 -27.00 -1.14 -31.77
N GLY B 533 -25.82 -0.51 -31.69
CA GLY B 533 -25.29 0.19 -32.84
C GLY B 533 -24.90 -0.74 -33.97
N LEU B 534 -24.23 -1.84 -33.64
CA LEU B 534 -23.75 -2.75 -34.68
C LEU B 534 -24.90 -3.46 -35.37
N ASN B 535 -25.91 -3.89 -34.62
CA ASN B 535 -27.07 -4.50 -35.23
C ASN B 535 -27.85 -3.52 -36.10
N GLN B 536 -27.94 -2.26 -35.67
CA GLN B 536 -28.64 -1.25 -36.46
C GLN B 536 -27.98 -1.05 -37.81
N LEU B 537 -26.65 -1.03 -37.84
CA LEU B 537 -25.92 -0.77 -39.07
C LEU B 537 -25.95 -1.98 -40.00
N TYR B 538 -25.82 -3.19 -39.45
CA TYR B 538 -25.56 -4.38 -40.23
C TYR B 538 -26.79 -5.24 -40.50
N PHE B 539 -27.97 -4.85 -40.02
CA PHE B 539 -29.12 -5.71 -40.22
C PHE B 539 -29.75 -5.59 -41.61
N TYR B 540 -29.33 -4.60 -42.42
CA TYR B 540 -29.82 -4.54 -43.78
C TYR B 540 -29.10 -5.55 -44.67
N TYR B 541 -27.77 -5.51 -44.69
CA TYR B 541 -26.96 -6.31 -45.59
C TYR B 541 -26.92 -7.78 -45.18
N GLU B 542 -26.81 -8.05 -43.89
CA GLU B 542 -26.61 -9.41 -43.42
C GLU B 542 -27.94 -10.17 -43.41
N GLU B 543 -28.53 -10.33 -44.59
CA GLU B 543 -29.74 -11.12 -44.79
C GLU B 543 -29.45 -12.30 -45.73
N THR B 544 -28.19 -12.73 -45.78
CA THR B 544 -27.77 -13.78 -46.70
C THR B 544 -28.39 -15.12 -46.31
N LYS B 545 -28.77 -15.90 -47.32
CA LYS B 545 -29.35 -17.22 -47.12
C LYS B 545 -28.64 -18.22 -48.02
N GLY B 546 -28.98 -19.49 -47.86
CA GLY B 546 -28.40 -20.56 -48.66
C GLY B 546 -27.02 -21.00 -48.22
N LEU B 547 -26.49 -20.45 -47.13
CA LEU B 547 -25.19 -20.83 -46.63
C LEU B 547 -25.29 -22.08 -45.77
N THR B 548 -24.14 -22.72 -45.54
CA THR B 548 -24.09 -23.85 -44.63
C THR B 548 -24.43 -23.43 -43.21
N CYS B 549 -24.01 -22.24 -42.81
CA CYS B 549 -24.20 -21.72 -41.46
C CYS B 549 -25.14 -20.52 -41.48
N LYS B 550 -25.52 -20.07 -40.29
CA LYS B 550 -26.11 -18.76 -40.10
C LYS B 550 -25.71 -18.30 -38.71
N GLY B 551 -24.59 -17.58 -38.62
CA GLY B 551 -24.08 -17.12 -37.35
C GLY B 551 -22.57 -17.07 -37.37
N ILE B 552 -21.98 -17.26 -36.19
CA ILE B 552 -20.54 -17.12 -36.01
C ILE B 552 -19.87 -18.40 -35.56
N ARG B 553 -20.63 -19.44 -35.24
CA ARG B 553 -20.06 -20.65 -34.67
C ARG B 553 -19.71 -21.69 -35.71
N CYS B 554 -18.94 -21.29 -36.73
CA CYS B 554 -18.34 -22.25 -37.65
C CYS B 554 -17.18 -21.56 -38.37
N GLU B 555 -16.59 -22.28 -39.33
CA GLU B 555 -15.40 -21.80 -40.02
C GLU B 555 -15.67 -20.49 -40.76
N LYS B 556 -16.76 -20.45 -41.51
CA LYS B 556 -17.14 -19.26 -42.26
C LYS B 556 -18.16 -18.48 -41.44
N GLN B 557 -17.66 -17.54 -40.64
CA GLN B 557 -18.53 -16.71 -39.80
C GLN B 557 -19.26 -15.72 -40.70
N ASN B 558 -20.57 -15.94 -40.88
CA ASN B 558 -21.34 -15.21 -41.87
C ASN B 558 -22.05 -13.99 -41.29
N ASN B 559 -22.97 -14.20 -40.36
CA ASN B 559 -23.88 -13.16 -39.89
C ASN B 559 -23.57 -12.87 -38.43
N ALA B 560 -22.57 -12.03 -38.20
CA ALA B 560 -22.20 -11.67 -36.84
C ALA B 560 -23.16 -10.66 -36.23
N PHE B 561 -23.71 -9.76 -37.05
CA PHE B 561 -24.58 -8.70 -36.56
C PHE B 561 -25.88 -8.65 -37.34
N SER B 562 -26.39 -9.81 -37.76
CA SER B 562 -27.69 -9.85 -38.42
C SER B 562 -28.79 -9.47 -37.46
N THR B 563 -28.83 -10.12 -36.29
CA THR B 563 -29.84 -9.90 -35.28
C THR B 563 -29.20 -9.45 -33.98
N LEU B 564 -30.04 -9.02 -33.05
CA LEU B 564 -29.54 -8.57 -31.75
C LEU B 564 -28.92 -9.73 -30.98
N PHE B 565 -29.52 -10.92 -31.07
CA PHE B 565 -28.95 -12.09 -30.41
C PHE B 565 -27.58 -12.43 -30.99
N GLU B 566 -27.45 -12.42 -32.31
CA GLU B 566 -26.17 -12.73 -32.93
C GLU B 566 -25.14 -11.64 -32.64
N THR B 567 -25.56 -10.38 -32.60
CA THR B 567 -24.64 -9.30 -32.29
C THR B 567 -24.09 -9.43 -30.87
N LEU B 568 -24.94 -9.80 -29.93
CA LEU B 568 -24.49 -9.98 -28.54
C LEU B 568 -23.49 -11.12 -28.44
N GLN B 569 -23.76 -12.23 -29.14
CA GLN B 569 -22.83 -13.36 -29.10
C GLN B 569 -21.49 -13.00 -29.73
N SER B 570 -21.51 -12.34 -30.89
CA SER B 570 -20.27 -11.96 -31.55
C SER B 570 -19.48 -10.96 -30.71
N LEU B 571 -20.16 -9.98 -30.11
CA LEU B 571 -19.47 -9.05 -29.22
C LEU B 571 -18.95 -9.73 -27.97
N PHE B 572 -19.71 -10.66 -27.41
CA PHE B 572 -19.23 -11.39 -26.24
C PHE B 572 -17.99 -12.22 -26.55
N TRP B 573 -18.01 -12.92 -27.68
CA TRP B 573 -16.91 -13.79 -28.06
C TRP B 573 -15.67 -13.04 -28.53
N SER B 574 -15.79 -11.75 -28.81
CA SER B 574 -14.63 -10.95 -29.19
C SER B 574 -13.72 -10.63 -28.01
N ILE B 575 -14.18 -10.83 -26.79
CA ILE B 575 -13.33 -10.65 -25.62
C ILE B 575 -12.17 -11.65 -25.66
N PHE B 576 -12.46 -12.89 -26.01
CA PHE B 576 -11.46 -13.95 -26.08
C PHE B 576 -10.82 -14.07 -27.46
N GLY B 577 -11.16 -13.18 -28.39
CA GLY B 577 -10.55 -13.18 -29.70
C GLY B 577 -11.02 -14.29 -30.62
N LEU B 578 -12.20 -14.85 -30.37
CA LEU B 578 -12.72 -15.94 -31.18
C LEU B 578 -13.56 -15.46 -32.35
N ILE B 579 -13.68 -14.14 -32.55
CA ILE B 579 -14.41 -13.56 -33.66
C ILE B 579 -13.40 -12.97 -34.62
N ASN B 580 -13.43 -13.45 -35.87
CA ASN B 580 -12.46 -13.01 -36.86
C ASN B 580 -12.87 -11.64 -37.42
N LEU B 581 -12.02 -11.10 -38.29
CA LEU B 581 -12.23 -9.75 -38.80
C LEU B 581 -13.09 -9.71 -40.06
N TYR B 582 -13.38 -10.85 -40.69
CA TYR B 582 -14.23 -10.82 -41.88
C TYR B 582 -15.71 -10.76 -41.52
N VAL B 583 -16.05 -10.85 -40.23
CA VAL B 583 -17.44 -10.73 -39.81
C VAL B 583 -17.99 -9.32 -40.00
N THR B 584 -17.11 -8.33 -40.16
CA THR B 584 -17.52 -6.96 -40.40
C THR B 584 -17.61 -6.64 -41.88
N ASN B 585 -17.37 -7.60 -42.76
CA ASN B 585 -17.42 -7.38 -44.19
C ASN B 585 -18.85 -7.47 -44.71
N VAL B 586 -19.09 -6.79 -45.82
CA VAL B 586 -20.39 -6.77 -46.49
C VAL B 586 -20.20 -7.29 -47.91
N LYS B 587 -21.16 -8.10 -48.36
CA LYS B 587 -21.12 -8.59 -49.74
C LYS B 587 -21.16 -7.42 -50.73
N ALA B 588 -21.98 -6.42 -50.45
CA ALA B 588 -21.99 -5.21 -51.26
C ALA B 588 -20.69 -4.43 -51.08
N GLN B 589 -20.34 -3.65 -52.10
CA GLN B 589 -19.10 -2.88 -52.08
C GLN B 589 -19.30 -1.53 -51.37
N HIS B 590 -19.77 -1.62 -50.13
CA HIS B 590 -19.98 -0.45 -49.29
C HIS B 590 -18.85 -0.39 -48.28
N GLU B 591 -17.73 0.22 -48.70
CA GLU B 591 -16.56 0.28 -47.84
C GLU B 591 -16.76 1.26 -46.68
N PHE B 592 -17.55 2.32 -46.88
CA PHE B 592 -17.81 3.24 -45.79
C PHE B 592 -18.58 2.56 -44.66
N THR B 593 -19.60 1.78 -44.99
CA THR B 593 -20.34 1.05 -43.98
C THR B 593 -19.45 0.01 -43.29
N GLU B 594 -18.62 -0.68 -44.07
CA GLU B 594 -17.69 -1.65 -43.48
C GLU B 594 -16.71 -0.97 -42.53
N PHE B 595 -16.19 0.19 -42.91
CA PHE B 595 -15.25 0.89 -42.04
C PHE B 595 -15.92 1.34 -40.75
N VAL B 596 -17.15 1.86 -40.85
CA VAL B 596 -17.86 2.28 -39.64
C VAL B 596 -18.15 1.09 -38.74
N GLY B 597 -18.57 -0.03 -39.32
CA GLY B 597 -18.82 -1.21 -38.52
C GLY B 597 -17.58 -1.75 -37.84
N ALA B 598 -16.45 -1.75 -38.55
CA ALA B 598 -15.21 -2.21 -37.94
C ALA B 598 -14.68 -1.22 -36.92
N THR B 599 -14.85 0.09 -37.16
CA THR B 599 -14.48 1.08 -36.16
C THR B 599 -15.33 0.96 -34.90
N MET B 600 -16.63 0.73 -35.08
CA MET B 600 -17.50 0.47 -33.94
C MET B 600 -17.11 -0.83 -33.24
N PHE B 601 -16.76 -1.85 -34.03
CA PHE B 601 -16.24 -3.08 -33.45
C PHE B 601 -14.90 -2.84 -32.77
N GLY B 602 -14.04 -2.03 -33.38
CA GLY B 602 -12.75 -1.74 -32.77
C GLY B 602 -12.87 -0.92 -31.50
N THR B 603 -13.80 0.04 -31.47
CA THR B 603 -14.00 0.83 -30.27
C THR B 603 -14.50 -0.04 -29.12
N TYR B 604 -15.39 -0.99 -29.41
CA TYR B 604 -15.86 -1.90 -28.37
C TYR B 604 -14.71 -2.73 -27.83
N ASN B 605 -13.82 -3.22 -28.71
CA ASN B 605 -12.70 -4.03 -28.28
C ASN B 605 -11.78 -3.25 -27.36
N VAL B 606 -11.52 -1.98 -27.69
CA VAL B 606 -10.66 -1.15 -26.84
C VAL B 606 -11.31 -0.92 -25.49
N ILE B 607 -12.60 -0.59 -25.48
CA ILE B 607 -13.29 -0.29 -24.23
C ILE B 607 -13.37 -1.55 -23.37
N SER B 608 -13.75 -2.68 -23.97
CA SER B 608 -13.98 -3.89 -23.18
C SER B 608 -12.66 -4.50 -22.70
N LEU B 609 -11.67 -4.57 -23.57
CA LEU B 609 -10.42 -5.27 -23.26
C LEU B 609 -9.36 -4.35 -22.68
N VAL B 610 -9.01 -3.27 -23.38
CA VAL B 610 -7.95 -2.38 -22.91
C VAL B 610 -8.42 -1.60 -21.68
N VAL B 611 -9.67 -1.13 -21.69
CA VAL B 611 -10.14 -0.22 -20.66
C VAL B 611 -10.88 -0.97 -19.54
N LEU B 612 -11.98 -1.64 -19.89
CA LEU B 612 -12.82 -2.26 -18.87
C LEU B 612 -12.10 -3.41 -18.18
N LEU B 613 -11.45 -4.29 -18.94
CA LEU B 613 -10.77 -5.43 -18.34
C LEU B 613 -9.62 -4.99 -17.45
N ASN B 614 -8.84 -4.01 -17.90
CA ASN B 614 -7.75 -3.50 -17.08
C ASN B 614 -8.25 -2.72 -15.88
N MET B 615 -9.39 -2.04 -16.03
CA MET B 615 -10.00 -1.39 -14.88
C MET B 615 -10.47 -2.41 -13.86
N LEU B 616 -11.04 -3.53 -14.34
CA LEU B 616 -11.50 -4.56 -13.41
C LEU B 616 -10.35 -5.09 -12.57
N ILE B 617 -9.16 -5.23 -13.16
CA ILE B 617 -8.00 -5.71 -12.42
C ILE B 617 -7.64 -4.73 -11.31
N ALA B 618 -7.79 -3.44 -11.56
CA ALA B 618 -7.44 -2.43 -10.56
C ALA B 618 -8.30 -2.58 -9.32
N MET B 619 -9.58 -2.94 -9.50
CA MET B 619 -10.46 -3.08 -8.35
C MET B 619 -10.06 -4.27 -7.47
N MET B 620 -9.96 -5.46 -8.06
CA MET B 620 -9.71 -6.66 -7.29
C MET B 620 -8.33 -6.66 -6.64
N ASN B 621 -7.35 -6.00 -7.26
CA ASN B 621 -6.07 -5.81 -6.60
C ASN B 621 -6.22 -4.91 -5.37
N ASN B 622 -6.99 -3.83 -5.50
CA ASN B 622 -7.26 -2.98 -4.34
C ASN B 622 -8.22 -3.67 -3.38
N SER B 623 -9.17 -4.44 -3.91
CA SER B 623 -10.13 -5.13 -3.06
C SER B 623 -9.45 -6.17 -2.19
N TYR B 624 -8.51 -6.93 -2.75
CA TYR B 624 -7.77 -7.92 -1.97
C TYR B 624 -6.93 -7.29 -0.87
N GLN B 625 -6.33 -6.14 -1.13
CA GLN B 625 -5.55 -5.48 -0.08
C GLN B 625 -6.43 -5.19 1.14
N LEU B 626 -7.68 -4.82 0.92
CA LEU B 626 -8.60 -4.64 2.04
C LEU B 626 -9.01 -5.99 2.63
N ILE B 627 -9.25 -6.99 1.78
CA ILE B 627 -9.66 -8.30 2.27
C ILE B 627 -8.50 -9.11 2.85
N ALA B 628 -7.26 -8.84 2.42
CA ALA B 628 -6.13 -9.64 2.89
C ALA B 628 -6.00 -9.58 4.41
N ASP B 629 -6.15 -8.38 4.99
CA ASP B 629 -6.21 -8.28 6.44
C ASP B 629 -7.54 -8.81 6.94
N HIS B 630 -7.52 -9.32 8.18
CA HIS B 630 -8.67 -9.97 8.81
C HIS B 630 -9.31 -11.02 7.91
N ALA B 631 -8.52 -11.60 7.00
CA ALA B 631 -9.01 -12.73 6.20
C ALA B 631 -9.06 -14.01 7.02
N ASP B 632 -8.19 -14.12 8.03
CA ASP B 632 -8.23 -15.29 8.92
C ASP B 632 -9.52 -15.31 9.74
N ILE B 633 -9.97 -14.14 10.18
CA ILE B 633 -11.22 -14.06 10.95
C ILE B 633 -12.40 -14.50 10.10
N GLU B 634 -12.44 -14.06 8.86
CA GLU B 634 -13.55 -14.43 7.97
C GLU B 634 -13.56 -15.92 7.67
N TRP B 635 -12.38 -16.49 7.41
CA TRP B 635 -12.31 -17.93 7.17
C TRP B 635 -12.67 -18.73 8.41
N LYS B 636 -12.16 -18.32 9.57
CA LYS B 636 -12.46 -19.04 10.80
C LYS B 636 -13.94 -18.98 11.15
N PHE B 637 -14.60 -17.84 10.90
CA PHE B 637 -16.04 -17.77 11.07
C PHE B 637 -16.75 -18.71 10.10
N ALA B 638 -16.30 -18.76 8.85
CA ALA B 638 -16.90 -19.65 7.87
C ALA B 638 -16.62 -21.11 8.19
N ARG B 639 -15.40 -21.41 8.65
CA ARG B 639 -15.08 -22.77 9.05
C ARG B 639 -15.86 -23.20 10.28
N THR B 640 -16.11 -22.28 11.21
CA THR B 640 -16.91 -22.61 12.37
C THR B 640 -18.33 -23.01 11.96
N LYS B 641 -18.93 -22.27 11.03
CA LYS B 641 -20.28 -22.60 10.56
C LYS B 641 -20.29 -23.98 9.90
N LEU B 642 -19.25 -24.30 9.13
CA LEU B 642 -19.15 -25.65 8.56
C LEU B 642 -19.00 -26.70 9.65
N TRP B 643 -18.22 -26.40 10.69
CA TRP B 643 -17.98 -27.37 11.74
C TRP B 643 -19.26 -27.68 12.52
N MET B 644 -19.97 -26.65 12.96
CA MET B 644 -21.20 -26.87 13.73
C MET B 644 -22.33 -27.45 12.90
N SER B 645 -22.21 -27.44 11.58
CA SER B 645 -23.20 -28.11 10.73
C SER B 645 -23.15 -29.63 10.87
N TYR B 646 -22.06 -30.17 11.42
CA TYR B 646 -21.94 -31.60 11.67
C TYR B 646 -22.01 -31.95 13.14
N PHE B 647 -22.23 -30.98 14.03
CA PHE B 647 -22.24 -31.27 15.46
C PHE B 647 -23.51 -32.02 15.86
N GLU B 648 -24.66 -31.64 15.32
CA GLU B 648 -25.91 -32.25 15.73
C GLU B 648 -26.13 -33.58 14.99
N GLU B 649 -27.21 -34.25 15.33
CA GLU B 649 -27.55 -35.55 14.76
C GLU B 649 -28.49 -35.46 13.57
N GLY B 650 -28.79 -34.24 13.10
CA GLY B 650 -29.75 -34.09 12.01
C GLY B 650 -29.29 -34.72 10.71
N GLY B 651 -28.00 -34.58 10.39
CA GLY B 651 -27.49 -35.10 9.14
C GLY B 651 -26.37 -36.10 9.31
N THR B 652 -26.49 -36.97 10.33
CA THR B 652 -25.43 -37.95 10.58
C THR B 652 -25.27 -38.90 9.41
N LEU B 653 -26.38 -39.38 8.85
CA LEU B 653 -26.30 -40.28 7.72
C LEU B 653 -25.93 -39.50 6.45
N PRO B 654 -25.13 -40.08 5.56
CA PRO B 654 -24.77 -39.38 4.32
C PRO B 654 -25.92 -39.34 3.33
N THR B 655 -25.67 -38.76 2.15
CA THR B 655 -26.74 -38.58 1.17
C THR B 655 -27.35 -39.87 0.67
N PRO B 656 -26.60 -40.89 0.23
CA PRO B 656 -27.26 -42.09 -0.32
C PRO B 656 -28.05 -42.88 0.71
N PHE B 657 -27.68 -42.81 1.99
CA PHE B 657 -28.30 -43.63 3.02
C PHE B 657 -29.24 -42.84 3.92
N ASN B 658 -29.47 -41.56 3.65
CA ASN B 658 -30.39 -40.78 4.46
C ASN B 658 -31.85 -41.13 4.18
N VAL B 659 -32.15 -41.65 2.99
CA VAL B 659 -33.51 -42.04 2.65
C VAL B 659 -33.89 -43.41 3.18
N ILE B 660 -32.93 -44.20 3.63
CA ILE B 660 -33.21 -45.53 4.16
C ILE B 660 -33.22 -45.49 5.68
N ARG B 695 -37.02 -28.24 36.29
CA ARG B 695 -36.60 -27.27 35.29
C ARG B 695 -36.20 -25.95 35.94
N ALA B 696 -37.02 -25.48 36.88
CA ALA B 696 -36.75 -24.21 37.54
C ALA B 696 -35.46 -24.26 38.34
N ALA B 697 -35.21 -25.37 39.03
CA ALA B 697 -33.97 -25.49 39.81
C ALA B 697 -32.74 -25.48 38.90
N ASP B 698 -32.81 -26.21 37.77
CA ASP B 698 -31.69 -26.23 36.84
C ASP B 698 -31.51 -24.87 36.17
N ASN B 699 -32.61 -24.22 35.79
CA ASN B 699 -32.51 -22.88 35.19
C ASN B 699 -31.96 -21.87 36.19
N LEU B 700 -32.38 -21.96 37.45
CA LEU B 700 -31.85 -21.07 38.47
C LEU B 700 -30.36 -21.33 38.71
N ARG B 701 -29.95 -22.60 38.70
CA ARG B 701 -28.55 -22.92 38.91
C ARG B 701 -27.68 -22.40 37.78
N ARG B 702 -28.14 -22.54 36.53
CA ARG B 702 -27.37 -22.05 35.39
C ARG B 702 -27.22 -20.54 35.43
N HIS B 703 -28.29 -19.83 35.79
CA HIS B 703 -28.23 -18.38 35.85
C HIS B 703 -27.22 -17.90 36.88
N HIS B 704 -27.21 -18.53 38.07
CA HIS B 704 -26.24 -18.16 39.10
C HIS B 704 -24.82 -18.48 38.66
N GLN B 705 -24.61 -19.66 38.06
CA GLN B 705 -23.26 -20.03 37.65
C GLN B 705 -22.79 -19.19 36.47
N TYR B 706 -23.72 -18.72 35.63
CA TYR B 706 -23.33 -17.81 34.55
C TYR B 706 -23.04 -16.43 35.08
N GLN B 707 -23.86 -15.93 36.00
CA GLN B 707 -23.61 -14.62 36.59
C GLN B 707 -22.33 -14.60 37.40
N GLU B 708 -22.07 -15.70 38.12
CA GLU B 708 -20.82 -15.81 38.90
C GLU B 708 -19.66 -15.67 37.92
N VAL B 709 -19.66 -16.51 36.89
CA VAL B 709 -18.58 -16.47 35.91
C VAL B 709 -18.52 -15.09 35.25
N MET B 710 -19.67 -14.53 34.92
CA MET B 710 -19.68 -13.24 34.23
C MET B 710 -19.21 -12.12 35.13
N ARG B 711 -19.44 -12.24 36.44
CA ARG B 711 -18.92 -11.26 37.39
C ARG B 711 -17.39 -11.22 37.35
N ASN B 712 -16.77 -12.40 37.30
CA ASN B 712 -15.30 -12.46 37.23
C ASN B 712 -14.79 -11.87 35.92
N LEU B 713 -15.45 -12.18 34.80
CA LEU B 713 -14.99 -11.69 33.51
C LEU B 713 -15.06 -10.17 33.42
N VAL B 714 -16.17 -9.59 33.89
CA VAL B 714 -16.31 -8.13 33.84
C VAL B 714 -15.30 -7.47 34.78
N LYS B 715 -15.10 -8.05 35.96
CA LYS B 715 -14.18 -7.46 36.94
C LYS B 715 -12.76 -7.42 36.39
N ARG B 716 -12.30 -8.52 35.79
CA ARG B 716 -10.94 -8.54 35.26
C ARG B 716 -10.83 -7.78 33.94
N TYR B 717 -11.92 -7.71 33.18
CA TYR B 717 -11.90 -6.89 31.96
C TYR B 717 -11.72 -5.41 32.29
N VAL B 718 -12.39 -4.94 33.34
CA VAL B 718 -12.27 -3.54 33.74
C VAL B 718 -10.84 -3.26 34.19
N ALA B 719 -10.27 -4.15 34.99
CA ALA B 719 -8.91 -3.94 35.49
C ALA B 719 -7.87 -4.04 34.37
N ALA B 720 -8.06 -4.96 33.43
CA ALA B 720 -7.04 -5.21 32.41
C ALA B 720 -7.16 -4.24 31.24
N MET B 721 -8.40 -3.98 30.80
CA MET B 721 -8.58 -3.18 29.60
C MET B 721 -8.88 -1.72 29.94
N ILE B 722 -9.90 -1.48 30.77
CA ILE B 722 -10.28 -0.11 31.07
C ILE B 722 -9.17 0.62 31.83
N ARG B 723 -8.56 -0.04 32.82
CA ARG B 723 -7.58 0.64 33.64
C ARG B 723 -6.22 0.75 32.95
N ASP B 724 -5.68 -0.39 32.50
CA ASP B 724 -4.32 -0.40 31.97
C ASP B 724 -4.19 0.41 30.69
N ALA B 725 -5.18 0.35 29.80
CA ALA B 725 -5.10 1.13 28.57
C ALA B 725 -5.05 2.63 28.84
N LYS B 726 -5.76 3.09 29.86
CA LYS B 726 -5.68 4.50 30.23
C LYS B 726 -4.29 4.87 30.73
N THR B 727 -3.62 3.96 31.45
CA THR B 727 -2.27 4.24 31.91
C THR B 727 -1.27 4.27 30.76
N GLU B 728 -1.52 3.51 29.70
CA GLU B 728 -0.64 3.48 28.54
C GLU B 728 -1.03 4.52 27.49
N GLU B 729 -2.01 5.37 27.78
CA GLU B 729 -2.39 6.43 26.86
C GLU B 729 -1.27 7.44 26.71
N GLY B 730 -1.21 8.08 25.55
CA GLY B 730 -0.18 9.05 25.27
C GLY B 730 -0.36 10.34 26.05
N LEU B 731 0.70 11.16 26.04
CA LEU B 731 0.71 12.42 26.74
C LEU B 731 0.33 13.55 25.79
N THR B 732 -0.60 14.39 26.23
CA THR B 732 -1.08 15.52 25.45
C THR B 732 -0.65 16.82 26.11
N GLU B 733 -1.04 17.94 25.49
CA GLU B 733 -0.69 19.25 26.04
C GLU B 733 -1.39 19.54 27.35
N GLU B 734 -2.55 18.92 27.58
CA GLU B 734 -3.26 19.11 28.84
C GLU B 734 -2.44 18.59 30.02
N ASN B 735 -1.78 17.44 29.85
CA ASN B 735 -0.94 16.91 30.93
C ASN B 735 0.21 17.83 31.24
N PHE B 736 0.87 18.38 30.21
CA PHE B 736 1.92 19.36 30.45
C PHE B 736 1.37 20.62 31.11
N LYS B 737 0.20 21.08 30.64
CA LYS B 737 -0.43 22.24 31.26
C LYS B 737 -0.84 21.94 32.70
N GLU B 738 -1.25 20.70 32.96
CA GLU B 738 -1.55 20.29 34.32
C GLU B 738 -0.32 20.34 35.21
N LEU B 739 0.78 19.72 34.76
CA LEU B 739 1.98 19.63 35.59
C LEU B 739 2.51 20.99 35.97
N LYS B 740 2.34 21.98 35.09
CA LYS B 740 2.74 23.35 35.44
C LYS B 740 1.86 23.91 36.55
N GLN B 741 0.59 23.51 36.59
CA GLN B 741 -0.32 24.06 37.59
C GLN B 741 0.04 23.60 39.00
N ASP B 742 0.37 22.31 39.15
CA ASP B 742 0.76 21.81 40.48
C ASP B 742 2.04 22.49 40.94
N ILE B 743 3.00 22.69 40.02
CA ILE B 743 4.19 23.44 40.36
C ILE B 743 3.82 24.90 40.67
N SER B 744 2.92 25.47 39.89
CA SER B 744 2.53 26.87 40.10
C SER B 744 1.71 27.03 41.36
N SER B 745 0.91 26.02 41.72
CA SER B 745 0.19 26.09 42.99
C SER B 745 1.15 25.97 44.17
N PHE B 746 2.17 25.11 44.04
CA PHE B 746 3.19 24.99 45.06
C PHE B 746 4.14 26.19 45.02
N ARG B 747 4.17 26.89 43.88
CA ARG B 747 4.97 28.10 43.69
C ARG B 747 4.61 29.20 44.68
N PHE B 748 3.33 29.54 44.77
CA PHE B 748 2.94 30.80 45.40
C PHE B 748 2.81 30.67 46.91
N GLU B 749 2.21 29.58 47.40
CA GLU B 749 1.99 29.46 48.83
C GLU B 749 3.29 29.29 49.59
N VAL B 750 4.28 28.59 49.03
CA VAL B 750 5.59 28.54 49.65
C VAL B 750 6.18 29.94 49.75
N LEU B 751 6.07 30.73 48.68
CA LEU B 751 6.45 32.13 48.75
C LEU B 751 5.58 32.89 49.73
N GLY B 752 4.27 32.60 49.75
CA GLY B 752 3.40 33.24 50.72
C GLY B 752 3.71 32.81 52.15
N LEU B 753 4.05 31.54 52.35
CA LEU B 753 4.36 31.07 53.69
C LEU B 753 5.70 31.62 54.18
N LEU B 754 6.70 31.67 53.29
CA LEU B 754 8.01 32.16 53.69
C LEU B 754 8.00 33.67 53.93
N ARG B 755 7.36 34.42 53.03
CA ARG B 755 7.24 35.87 53.20
C ARG B 755 5.94 36.24 53.89
N ARG C 15 50.38 15.13 5.03
CA ARG C 15 49.16 15.18 5.83
C ARG C 15 48.26 13.98 5.58
N ASP C 16 47.68 13.46 6.65
CA ASP C 16 46.80 12.30 6.59
C ASP C 16 45.55 12.45 7.45
N ARG C 17 45.39 13.58 8.13
CA ARG C 17 44.23 13.85 8.97
C ARG C 17 43.58 15.15 8.52
N ILE C 18 42.28 15.26 8.78
CA ILE C 18 41.51 16.45 8.41
C ILE C 18 41.58 17.43 9.59
N PRO C 19 42.25 18.57 9.45
CA PRO C 19 42.35 19.51 10.57
C PRO C 19 41.12 20.39 10.67
N LEU C 20 40.07 19.90 11.33
CA LEU C 20 38.84 20.67 11.46
C LEU C 20 39.09 21.98 12.20
N ARG C 21 38.56 23.06 11.64
CA ARG C 21 38.75 24.40 12.19
C ARG C 21 37.45 25.17 12.06
N ILE C 22 37.34 26.25 12.83
CA ILE C 22 36.18 27.13 12.77
C ILE C 22 36.30 27.97 11.51
N VAL C 23 35.28 27.91 10.65
CA VAL C 23 35.26 28.64 9.39
C VAL C 23 34.37 29.88 9.49
N ARG C 24 33.09 29.71 9.82
CA ARG C 24 32.17 30.82 9.98
C ARG C 24 31.72 31.00 11.42
N ALA C 25 31.08 29.99 12.00
CA ALA C 25 30.60 30.01 13.38
C ALA C 25 29.98 31.34 13.77
N GLU C 26 30.41 31.89 14.90
CA GLU C 26 29.93 33.19 15.37
C GLU C 26 30.92 33.71 16.38
N SER C 27 30.74 34.99 16.76
CA SER C 27 31.61 35.61 17.74
C SER C 27 31.52 34.90 19.09
N GLU C 28 32.66 34.76 19.76
CA GLU C 28 32.71 34.06 21.02
C GLU C 28 32.08 34.91 22.13
N LEU C 29 31.82 34.27 23.26
CA LEU C 29 31.18 34.90 24.41
C LEU C 29 32.15 34.96 25.58
N SER C 30 32.11 36.09 26.30
CA SER C 30 32.92 36.24 27.49
C SER C 30 32.45 35.26 28.57
N PRO C 31 33.35 34.80 29.44
CA PRO C 31 32.92 33.90 30.53
C PRO C 31 31.84 34.51 31.41
N SER C 32 31.92 35.81 31.67
CA SER C 32 30.84 36.47 32.39
C SER C 32 29.55 36.48 31.58
N GLU C 33 29.65 36.72 30.27
CA GLU C 33 28.47 36.70 29.42
C GLU C 33 27.88 35.30 29.34
N LYS C 34 28.73 34.27 29.28
CA LYS C 34 28.23 32.90 29.25
C LYS C 34 27.47 32.56 30.53
N ALA C 35 27.99 33.00 31.68
CA ALA C 35 27.29 32.80 32.94
C ALA C 35 25.98 33.59 32.97
N TYR C 36 25.99 34.79 32.42
CA TYR C 36 24.77 35.61 32.38
C TYR C 36 23.69 34.94 31.55
N LEU C 37 24.04 34.43 30.37
CA LEU C 37 23.07 33.72 29.56
C LEU C 37 22.65 32.41 30.19
N ASN C 38 23.58 31.74 30.88
CA ASN C 38 23.24 30.50 31.57
C ASN C 38 22.26 30.76 32.71
N ALA C 39 22.41 31.89 33.40
CA ALA C 39 21.44 32.25 34.42
C ALA C 39 20.06 32.52 33.83
N VAL C 40 20.00 33.15 32.67
CA VAL C 40 18.72 33.37 32.00
C VAL C 40 18.08 32.03 31.63
N GLU C 41 18.87 31.10 31.11
CA GLU C 41 18.36 29.79 30.76
C GLU C 41 17.89 29.02 31.99
N LYS C 42 18.61 29.14 33.10
CA LYS C 42 18.25 28.45 34.33
C LYS C 42 17.18 29.19 35.13
N GLY C 43 16.75 30.35 34.69
CA GLY C 43 15.69 31.07 35.37
C GLY C 43 16.09 31.70 36.69
N ASP C 44 17.37 31.92 36.92
CA ASP C 44 17.85 32.51 38.17
C ASP C 44 17.57 34.01 38.13
N TYR C 45 16.41 34.40 38.69
CA TYR C 45 16.03 35.82 38.68
C TYR C 45 17.02 36.67 39.46
N ALA C 46 17.46 36.19 40.62
CA ALA C 46 18.39 36.96 41.44
C ALA C 46 19.73 37.14 40.73
N SER C 47 20.23 36.09 40.10
CA SER C 47 21.51 36.20 39.39
C SER C 47 21.40 37.08 38.16
N VAL C 48 20.30 36.96 37.42
CA VAL C 48 20.11 37.77 36.22
C VAL C 48 19.97 39.24 36.59
N LYS C 49 19.19 39.54 37.64
CA LYS C 49 19.02 40.92 38.06
C LYS C 49 20.34 41.53 38.52
N LYS C 50 21.13 40.77 39.29
CA LYS C 50 22.41 41.27 39.75
C LYS C 50 23.38 41.50 38.59
N SER C 51 23.42 40.57 37.64
CA SER C 51 24.32 40.74 36.50
C SER C 51 23.90 41.92 35.63
N LEU C 52 22.59 42.09 35.41
CA LEU C 52 22.11 43.22 34.64
C LEU C 52 22.41 44.54 35.34
N GLU C 53 22.24 44.57 36.67
CA GLU C 53 22.58 45.77 37.43
C GLU C 53 24.06 46.08 37.35
N GLU C 54 24.90 45.04 37.39
CA GLU C 54 26.35 45.25 37.26
C GLU C 54 26.71 45.74 35.86
N ALA C 55 25.98 45.30 34.83
CA ALA C 55 26.27 45.73 33.47
C ALA C 55 26.02 47.23 33.30
N GLU C 56 24.97 47.76 33.92
CA GLU C 56 24.64 49.17 33.80
C GLU C 56 25.51 50.06 34.69
N ILE C 57 26.30 49.48 35.59
CA ILE C 57 27.18 50.25 36.45
C ILE C 57 28.65 49.97 36.19
N TYR C 58 29.00 48.82 35.63
CA TYR C 58 30.40 48.48 35.33
C TYR C 58 30.70 48.41 33.85
N PHE C 59 29.69 48.22 33.00
CA PHE C 59 29.87 48.11 31.55
C PHE C 59 30.86 47.01 31.19
N LYS C 60 30.76 45.88 31.89
CA LYS C 60 31.66 44.75 31.66
C LYS C 60 31.09 43.77 30.64
N ILE C 61 29.89 43.25 30.91
CA ILE C 61 29.27 42.27 30.04
C ILE C 61 28.33 42.99 29.08
N ASN C 62 28.01 42.32 27.98
CA ASN C 62 27.07 42.84 27.00
C ASN C 62 25.68 42.32 27.29
N ILE C 63 24.72 43.25 27.43
CA ILE C 63 23.36 42.86 27.73
C ILE C 63 22.77 42.04 26.57
N ASN C 64 23.11 42.41 25.34
CA ASN C 64 22.54 41.80 24.14
C ASN C 64 23.45 40.74 23.54
N CYS C 65 24.16 40.00 24.40
CA CYS C 65 25.01 38.92 23.92
C CYS C 65 24.20 37.81 23.28
N ILE C 66 24.81 37.12 22.32
CA ILE C 66 24.14 36.11 21.50
C ILE C 66 24.81 34.76 21.73
N ASP C 67 23.99 33.74 22.00
CA ASP C 67 24.47 32.38 22.15
C ASP C 67 24.91 31.83 20.79
N PRO C 68 25.71 30.73 20.78
CA PRO C 68 26.19 30.13 19.53
C PRO C 68 25.05 29.76 18.60
N LEU C 69 23.91 29.36 19.17
CA LEU C 69 22.76 28.97 18.38
C LEU C 69 21.94 30.17 17.90
N GLY C 70 22.37 31.39 18.24
CA GLY C 70 21.68 32.59 17.79
C GLY C 70 20.62 33.11 18.73
N ARG C 71 20.61 32.68 19.98
CA ARG C 71 19.60 33.09 20.94
C ARG C 71 20.18 34.14 21.88
N THR C 72 19.50 35.28 21.98
CA THR C 72 19.92 36.31 22.92
C THR C 72 19.25 36.08 24.27
N ALA C 73 19.51 36.99 25.21
CA ALA C 73 18.93 36.86 26.54
C ALA C 73 17.40 36.95 26.50
N LEU C 74 16.87 37.89 25.72
CA LEU C 74 15.42 38.01 25.60
C LEU C 74 14.82 36.79 24.90
N LEU C 75 15.51 36.26 23.89
CA LEU C 75 15.01 35.09 23.18
C LEU C 75 14.97 33.87 24.08
N ILE C 76 15.98 33.70 24.93
CA ILE C 76 16.00 32.55 25.84
C ILE C 76 14.84 32.63 26.82
N ALA C 77 14.58 33.82 27.38
CA ALA C 77 13.46 33.98 28.30
C ALA C 77 12.14 33.76 27.59
N ILE C 78 12.01 34.22 26.35
CA ILE C 78 10.79 34.01 25.58
C ILE C 78 10.58 32.52 25.31
N GLU C 79 11.65 31.80 24.96
CA GLU C 79 11.53 30.38 24.70
C GLU C 79 11.10 29.61 25.93
N ASN C 80 11.56 30.01 27.11
CA ASN C 80 11.13 29.40 28.36
C ASN C 80 9.83 29.99 28.88
N GLU C 81 9.28 31.00 28.21
CA GLU C 81 8.04 31.67 28.62
C GLU C 81 8.11 32.13 30.07
N ASN C 82 9.26 32.69 30.45
CA ASN C 82 9.45 33.25 31.79
C ASN C 82 9.05 34.71 31.75
N LEU C 83 7.77 34.97 32.04
CA LEU C 83 7.24 36.33 31.97
C LEU C 83 7.93 37.27 32.95
N GLU C 84 8.31 36.75 34.12
CA GLU C 84 9.06 37.57 35.08
C GLU C 84 10.41 37.95 34.53
N LEU C 85 11.09 37.02 33.87
CA LEU C 85 12.40 37.33 33.28
C LEU C 85 12.26 38.31 32.13
N ILE C 86 11.21 38.17 31.31
CA ILE C 86 11.00 39.10 30.21
C ILE C 86 10.73 40.51 30.74
N GLU C 87 9.91 40.61 31.79
CA GLU C 87 9.64 41.92 32.39
C GLU C 87 10.92 42.51 32.97
N LEU C 88 11.74 41.69 33.61
CA LEU C 88 13.01 42.18 34.15
C LEU C 88 13.92 42.68 33.03
N LEU C 89 14.02 41.92 31.94
CA LEU C 89 14.87 42.35 30.82
C LEU C 89 14.31 43.61 30.18
N LEU C 90 13.01 43.67 29.95
CA LEU C 90 12.39 44.84 29.35
C LEU C 90 12.49 46.07 30.24
N SER C 91 12.71 45.89 31.55
CA SER C 91 12.93 47.04 32.42
C SER C 91 14.19 47.81 32.03
N PHE C 92 15.24 47.08 31.67
CA PHE C 92 16.47 47.70 31.17
C PHE C 92 16.35 47.92 29.66
N ASN C 93 17.41 48.47 29.07
CA ASN C 93 17.41 48.79 27.65
C ASN C 93 17.97 47.61 26.86
N VAL C 94 17.16 46.55 26.80
CA VAL C 94 17.50 45.37 26.03
C VAL C 94 17.00 45.55 24.60
N TYR C 95 17.87 45.31 23.63
CA TYR C 95 17.49 45.43 22.22
C TYR C 95 16.45 44.39 21.88
N VAL C 96 15.20 44.82 21.70
CA VAL C 96 14.11 43.89 21.42
C VAL C 96 14.33 43.21 20.07
N GLY C 97 14.59 44.00 19.03
CA GLY C 97 14.74 43.44 17.70
C GLY C 97 13.47 42.71 17.27
N ASP C 98 13.64 41.52 16.71
CA ASP C 98 12.51 40.68 16.34
C ASP C 98 12.12 39.70 17.44
N ALA C 99 11.99 40.22 18.66
CA ALA C 99 11.54 39.39 19.77
C ALA C 99 10.04 39.16 19.73
N LEU C 100 9.28 40.15 19.23
CA LEU C 100 7.83 39.97 19.11
C LEU C 100 7.50 38.83 18.16
N LEU C 101 8.21 38.74 17.04
CA LEU C 101 8.01 37.63 16.12
C LEU C 101 8.36 36.30 16.77
N HIS C 102 9.43 36.27 17.56
CA HIS C 102 9.83 35.04 18.24
C HIS C 102 8.79 34.62 19.26
N ALA C 103 8.23 35.57 20.01
CA ALA C 103 7.14 35.26 20.92
C ALA C 103 5.90 34.77 20.18
N ILE C 104 5.59 35.40 19.04
CA ILE C 104 4.44 34.98 18.25
C ILE C 104 4.66 33.57 17.69
N ARG C 105 5.86 33.30 17.18
CA ARG C 105 6.15 31.97 16.63
C ARG C 105 6.11 30.91 17.72
N LYS C 106 6.64 31.21 18.90
CA LYS C 106 6.60 30.29 20.02
C LYS C 106 5.21 30.15 20.62
N GLU C 107 4.26 30.98 20.19
CA GLU C 107 2.88 30.94 20.66
C GLU C 107 2.80 31.18 22.17
N VAL C 108 3.52 32.21 22.62
CA VAL C 108 3.50 32.62 24.03
C VAL C 108 2.45 33.70 24.19
N VAL C 109 1.43 33.41 25.01
CA VAL C 109 0.37 34.40 25.25
C VAL C 109 0.93 35.65 25.92
N GLY C 110 2.04 35.53 26.64
CA GLY C 110 2.66 36.68 27.25
C GLY C 110 3.45 37.54 26.28
N ALA C 111 2.88 37.74 25.09
CA ALA C 111 3.41 38.69 24.11
C ALA C 111 2.86 40.09 24.33
N VAL C 112 2.01 40.28 25.34
CA VAL C 112 1.49 41.60 25.66
C VAL C 112 2.61 42.52 26.14
N GLU C 113 3.59 41.97 26.87
CA GLU C 113 4.68 42.79 27.36
C GLU C 113 5.48 43.42 26.22
N LEU C 114 5.74 42.67 25.15
CA LEU C 114 6.47 43.22 24.03
C LEU C 114 5.61 44.17 23.20
N LEU C 115 4.29 43.99 23.21
CA LEU C 115 3.42 44.86 22.42
C LEU C 115 3.38 46.27 22.99
N LEU C 116 3.28 46.39 24.32
CA LEU C 116 3.22 47.69 24.98
C LEU C 116 4.52 48.05 25.67
N ASN C 117 5.67 47.71 25.06
CA ASN C 117 6.97 48.14 25.55
C ASN C 117 7.32 49.48 24.89
N HIS C 118 6.80 50.55 25.47
CA HIS C 118 6.97 51.92 24.97
C HIS C 118 6.82 52.04 23.46
N GLN C 135 21.51 43.54 10.37
CA GLN C 135 21.23 42.58 11.43
C GLN C 135 20.76 41.24 10.85
N PHE C 136 20.94 40.17 11.62
CA PHE C 136 20.51 38.84 11.23
C PHE C 136 19.15 38.55 11.84
N SER C 137 18.23 38.07 11.02
CA SER C 137 16.88 37.75 11.45
C SER C 137 16.52 36.35 10.99
N GLU C 138 15.75 35.64 11.82
CA GLU C 138 15.26 34.31 11.48
C GLU C 138 13.98 34.36 10.65
N PHE C 139 13.46 35.54 10.36
CA PHE C 139 12.26 35.71 9.56
C PHE C 139 12.57 36.61 8.37
N THR C 140 11.86 36.37 7.27
CA THR C 140 12.05 37.18 6.08
C THR C 140 11.57 38.61 6.33
N PRO C 141 12.13 39.58 5.60
CA PRO C 141 11.73 40.98 5.83
C PRO C 141 10.26 41.25 5.58
N ASP C 142 9.59 40.42 4.77
CA ASP C 142 8.17 40.62 4.50
C ASP C 142 7.28 40.10 5.61
N ILE C 143 7.82 39.40 6.60
CA ILE C 143 7.02 38.84 7.69
C ILE C 143 6.69 39.96 8.67
N THR C 144 5.41 40.14 8.94
CA THR C 144 4.90 41.07 9.93
C THR C 144 4.32 40.31 11.11
N PRO C 145 4.15 40.96 12.27
CA PRO C 145 3.58 40.24 13.42
C PRO C 145 2.21 39.64 13.13
N ILE C 146 1.36 40.33 12.36
CA ILE C 146 0.05 39.78 12.05
C ILE C 146 0.17 38.58 11.11
N ILE C 147 1.04 38.68 10.11
CA ILE C 147 1.22 37.57 9.18
C ILE C 147 1.75 36.33 9.89
N LEU C 148 2.74 36.51 10.77
CA LEU C 148 3.27 35.37 11.52
C LEU C 148 2.24 34.82 12.49
N ALA C 149 1.44 35.70 13.11
CA ALA C 149 0.41 35.24 14.03
C ALA C 149 -0.62 34.39 13.31
N ALA C 150 -1.02 34.79 12.10
CA ALA C 150 -1.95 33.99 11.32
C ALA C 150 -1.32 32.66 10.89
N HIS C 151 -0.02 32.65 10.60
CA HIS C 151 0.64 31.40 10.27
C HIS C 151 0.60 30.42 11.44
N THR C 152 0.80 30.91 12.66
CA THR C 152 0.77 30.07 13.84
C THR C 152 -0.64 29.60 14.19
N ASN C 153 -1.67 30.22 13.63
CA ASN C 153 -3.07 29.83 13.85
C ASN C 153 -3.43 29.90 15.32
N ASN C 154 -2.92 30.90 16.02
CA ASN C 154 -3.21 31.11 17.43
C ASN C 154 -4.30 32.17 17.57
N TYR C 155 -5.46 31.75 18.10
CA TYR C 155 -6.59 32.67 18.20
C TYR C 155 -6.29 33.82 19.15
N GLU C 156 -5.67 33.54 20.29
CA GLU C 156 -5.40 34.59 21.27
C GLU C 156 -4.43 35.63 20.73
N ILE C 157 -3.37 35.18 20.04
CA ILE C 157 -2.37 36.11 19.52
C ILE C 157 -2.95 36.92 18.36
N ILE C 158 -3.70 36.26 17.47
CA ILE C 158 -4.30 36.96 16.34
C ILE C 158 -5.29 38.02 16.84
N LYS C 159 -6.12 37.66 17.82
CA LYS C 159 -7.09 38.60 18.36
C LYS C 159 -6.40 39.78 19.03
N LEU C 160 -5.29 39.52 19.72
CA LEU C 160 -4.54 40.60 20.37
C LEU C 160 -4.01 41.60 19.36
N LEU C 161 -3.49 41.11 18.23
CA LEU C 161 -2.92 42.00 17.23
C LEU C 161 -4.00 42.72 16.44
N VAL C 162 -5.10 42.03 16.11
CA VAL C 162 -6.20 42.66 15.39
C VAL C 162 -6.86 43.74 16.24
N GLN C 163 -6.94 43.53 17.55
CA GLN C 163 -7.50 44.55 18.43
C GLN C 163 -6.71 45.85 18.36
N LYS C 164 -5.41 45.78 18.12
CA LYS C 164 -4.59 46.96 17.90
C LYS C 164 -4.64 47.34 16.42
N GLY C 165 -3.80 48.28 16.01
CA GLY C 165 -3.74 48.65 14.61
C GLY C 165 -2.98 47.66 13.78
N VAL C 166 -3.68 46.86 12.98
CA VAL C 166 -3.06 45.81 12.19
C VAL C 166 -3.72 45.77 10.82
N SER C 167 -2.90 45.61 9.79
CA SER C 167 -3.38 45.44 8.42
C SER C 167 -2.45 44.50 7.69
N VAL C 168 -2.98 43.86 6.66
CA VAL C 168 -2.24 42.91 5.84
C VAL C 168 -2.24 43.43 4.41
N PRO C 169 -1.08 43.47 3.75
CA PRO C 169 -1.06 43.89 2.34
C PRO C 169 -1.95 42.99 1.49
N ARG C 170 -2.71 43.61 0.61
CA ARG C 170 -3.66 42.87 -0.21
C ARG C 170 -2.97 42.33 -1.45
N PRO C 171 -3.01 41.02 -1.70
CA PRO C 171 -2.36 40.48 -2.89
C PRO C 171 -3.15 40.78 -4.14
N HIS C 172 -2.45 40.83 -5.26
CA HIS C 172 -3.10 41.06 -6.54
C HIS C 172 -3.80 39.79 -7.01
N GLU C 173 -4.70 39.96 -7.98
CA GLU C 173 -5.45 38.82 -8.50
C GLU C 173 -4.53 37.88 -9.27
N VAL C 174 -5.00 36.65 -9.46
CA VAL C 174 -4.23 35.66 -10.20
C VAL C 174 -4.02 36.12 -11.63
N ARG C 175 -5.07 36.62 -12.27
CA ARG C 175 -4.99 37.17 -13.63
C ARG C 175 -4.81 38.68 -13.53
N CYS C 176 -3.59 39.08 -13.23
CA CYS C 176 -3.25 40.49 -13.05
C CYS C 176 -2.18 40.90 -14.04
N ASN C 177 -2.27 42.15 -14.51
CA ASN C 177 -1.33 42.71 -15.46
C ASN C 177 -0.85 44.08 -14.99
N CYS C 178 -0.75 44.25 -13.67
CA CYS C 178 -0.28 45.52 -13.12
C CYS C 178 1.19 45.74 -13.46
N VAL C 179 1.54 47.01 -13.72
CA VAL C 179 2.92 47.34 -14.02
C VAL C 179 3.79 47.19 -12.77
N GLU C 180 3.25 47.51 -11.60
CA GLU C 180 4.01 47.36 -10.37
C GLU C 180 4.26 45.89 -10.04
N CYS C 181 3.29 45.03 -10.36
CA CYS C 181 3.44 43.61 -10.05
C CYS C 181 4.58 42.98 -10.85
N VAL C 182 4.63 43.25 -12.16
CA VAL C 182 5.70 42.70 -12.98
C VAL C 182 7.04 43.35 -12.63
N SER C 183 7.03 44.65 -12.33
CA SER C 183 8.27 45.33 -11.97
C SER C 183 8.85 44.77 -10.67
N SER C 184 7.99 44.52 -9.68
CA SER C 184 8.47 43.93 -8.43
C SER C 184 9.01 42.53 -8.63
N SER C 185 8.34 41.72 -9.45
CA SER C 185 8.83 40.38 -9.73
C SER C 185 10.16 40.41 -10.48
N ASP C 186 10.32 41.35 -11.42
CA ASP C 186 11.58 41.46 -12.14
C ASP C 186 12.73 41.85 -11.21
N VAL C 187 12.48 42.75 -10.26
CA VAL C 187 13.53 43.16 -9.34
C VAL C 187 13.96 41.99 -8.45
N ASP C 188 13.00 41.25 -7.91
CA ASP C 188 13.30 40.10 -7.06
C ASP C 188 12.14 39.12 -7.17
N SER C 189 12.34 38.07 -7.97
CA SER C 189 11.29 37.07 -8.16
C SER C 189 11.12 36.20 -6.92
N LEU C 190 12.22 35.88 -6.23
CA LEU C 190 12.13 35.04 -5.06
C LEU C 190 11.38 35.73 -3.93
N ARG C 191 11.64 37.02 -3.71
CA ARG C 191 10.95 37.76 -2.66
C ARG C 191 9.46 37.91 -3.00
N HIS C 192 9.15 38.21 -4.25
CA HIS C 192 7.76 38.42 -4.65
C HIS C 192 6.93 37.15 -4.45
N SER C 193 7.48 36.01 -4.85
CA SER C 193 6.76 34.75 -4.67
C SER C 193 6.62 34.40 -3.19
N ARG C 194 7.67 34.61 -2.41
CA ARG C 194 7.60 34.33 -0.98
C ARG C 194 6.62 35.27 -0.27
N SER C 195 6.63 36.56 -0.64
CA SER C 195 5.71 37.51 -0.04
C SER C 195 4.27 37.16 -0.36
N ARG C 196 4.00 36.81 -1.62
CA ARG C 196 2.64 36.47 -2.02
C ARG C 196 2.15 35.20 -1.31
N LEU C 197 3.03 34.21 -1.20
CA LEU C 197 2.67 32.98 -0.49
C LEU C 197 2.42 33.25 0.98
N ASN C 198 3.22 34.12 1.60
CA ASN C 198 3.04 34.43 3.01
C ASN C 198 1.73 35.16 3.25
N ILE C 199 1.34 36.06 2.34
CA ILE C 199 0.08 36.78 2.50
C ILE C 199 -1.09 35.81 2.41
N TYR C 200 -1.08 34.92 1.41
CA TYR C 200 -2.17 33.98 1.24
C TYR C 200 -2.20 32.95 2.35
N LYS C 201 -1.03 32.56 2.87
CA LYS C 201 -0.99 31.67 4.02
C LYS C 201 -1.60 32.32 5.25
N ALA C 202 -1.36 33.61 5.44
CA ALA C 202 -1.97 34.33 6.56
C ALA C 202 -3.49 34.45 6.37
N LEU C 203 -3.93 34.74 5.16
CA LEU C 203 -5.36 34.93 4.91
C LEU C 203 -6.14 33.62 5.02
N ALA C 204 -5.50 32.50 4.72
CA ALA C 204 -6.16 31.20 4.72
C ALA C 204 -6.24 30.58 6.10
N SER C 205 -5.71 31.23 7.12
CA SER C 205 -5.76 30.67 8.47
C SER C 205 -7.20 30.70 8.99
N PRO C 206 -7.73 29.57 9.47
CA PRO C 206 -9.12 29.58 9.98
C PRO C 206 -9.34 30.54 11.13
N SER C 207 -8.34 30.76 11.98
CA SER C 207 -8.52 31.68 13.10
C SER C 207 -8.73 33.11 12.61
N LEU C 208 -7.98 33.54 11.61
CA LEU C 208 -8.16 34.88 11.07
C LEU C 208 -9.49 35.02 10.34
N ILE C 209 -9.89 33.98 9.59
CA ILE C 209 -11.17 34.02 8.90
C ILE C 209 -12.32 34.05 9.89
N ALA C 210 -12.21 33.27 10.97
CA ALA C 210 -13.27 33.26 11.98
C ALA C 210 -13.33 34.56 12.76
N LEU C 211 -12.33 35.43 12.61
CA LEU C 211 -12.24 36.64 13.41
C LEU C 211 -12.59 37.89 12.61
N SER C 212 -11.91 38.11 11.49
CA SER C 212 -11.99 39.37 10.77
C SER C 212 -12.79 39.30 9.48
N SER C 213 -13.38 38.15 9.15
CA SER C 213 -14.11 38.01 7.90
C SER C 213 -15.60 38.22 8.14
N GLU C 214 -16.22 39.02 7.28
CA GLU C 214 -17.66 39.29 7.41
C GLU C 214 -18.47 38.02 7.21
N ASP C 215 -18.15 37.23 6.19
CA ASP C 215 -18.81 35.97 5.92
C ASP C 215 -17.76 34.89 5.73
N PRO C 216 -17.36 34.20 6.81
CA PRO C 216 -16.30 33.20 6.68
C PRO C 216 -16.61 32.08 5.71
N PHE C 217 -17.89 31.72 5.56
CA PHE C 217 -18.26 30.70 4.57
C PHE C 217 -17.94 31.16 3.16
N LEU C 218 -18.27 32.42 2.84
CA LEU C 218 -17.97 32.94 1.51
C LEU C 218 -16.49 33.21 1.34
N THR C 219 -15.81 33.67 2.41
CA THR C 219 -14.38 33.92 2.33
C THR C 219 -13.61 32.62 2.08
N ALA C 220 -13.99 31.55 2.77
CA ALA C 220 -13.32 30.26 2.56
C ALA C 220 -13.57 29.74 1.15
N PHE C 221 -14.78 29.93 0.63
CA PHE C 221 -15.09 29.49 -0.73
C PHE C 221 -14.23 30.25 -1.75
N GLN C 222 -14.12 31.57 -1.58
CA GLN C 222 -13.36 32.37 -2.54
C GLN C 222 -11.87 32.15 -2.38
N LEU C 223 -11.39 32.02 -1.14
CA LEU C 223 -9.95 31.82 -0.92
C LEU C 223 -9.48 30.49 -1.51
N SER C 224 -10.27 29.43 -1.35
CA SER C 224 -9.91 28.14 -1.91
C SER C 224 -9.87 28.21 -3.44
N TRP C 225 -10.82 28.94 -4.04
CA TRP C 225 -10.80 29.13 -5.48
C TRP C 225 -9.55 29.88 -5.93
N GLU C 226 -9.22 30.96 -5.22
CA GLU C 226 -8.04 31.74 -5.60
C GLU C 226 -6.76 30.94 -5.40
N LEU C 227 -6.66 30.19 -4.32
CA LEU C 227 -5.47 29.39 -4.06
C LEU C 227 -5.32 28.27 -5.09
N GLN C 228 -6.43 27.67 -5.49
CA GLN C 228 -6.37 26.64 -6.52
C GLN C 228 -5.91 27.21 -7.86
N GLU C 229 -6.39 28.41 -8.20
CA GLU C 229 -5.94 29.06 -9.43
C GLU C 229 -4.47 29.41 -9.37
N LEU C 230 -3.97 29.83 -8.20
CA LEU C 230 -2.56 30.15 -8.06
C LEU C 230 -1.69 28.92 -8.27
N SER C 231 -2.12 27.77 -7.76
CA SER C 231 -1.34 26.54 -7.95
C SER C 231 -1.22 26.18 -9.42
N LYS C 232 -2.29 26.36 -10.18
CA LYS C 232 -2.23 26.12 -11.63
C LYS C 232 -1.29 27.12 -12.30
N VAL C 233 -1.37 28.39 -11.90
CA VAL C 233 -0.54 29.42 -12.53
C VAL C 233 0.91 29.30 -12.08
N GLU C 234 1.14 29.25 -10.77
CA GLU C 234 2.48 29.10 -10.22
C GLU C 234 2.83 27.62 -10.22
N ASN C 235 3.59 27.18 -11.23
CA ASN C 235 3.99 25.78 -11.29
C ASN C 235 4.82 25.41 -10.08
N GLU C 236 5.75 26.26 -9.70
CA GLU C 236 6.45 26.10 -8.44
C GLU C 236 5.53 26.46 -7.28
N PHE C 237 5.80 25.89 -6.12
CA PHE C 237 4.97 26.07 -4.93
C PHE C 237 3.52 25.62 -5.20
N LYS C 238 3.37 24.63 -6.08
CA LYS C 238 2.04 24.11 -6.36
C LYS C 238 1.48 23.35 -5.16
N SER C 239 2.32 22.54 -4.51
CA SER C 239 1.87 21.79 -3.34
C SER C 239 1.50 22.71 -2.19
N GLU C 240 2.27 23.79 -1.99
CA GLU C 240 1.95 24.73 -0.92
C GLU C 240 0.61 25.42 -1.16
N TYR C 241 0.33 25.83 -2.39
CA TYR C 241 -0.94 26.47 -2.69
C TYR C 241 -2.09 25.46 -2.62
N GLU C 242 -1.85 24.23 -3.07
CA GLU C 242 -2.88 23.20 -2.97
C GLU C 242 -3.20 22.88 -1.52
N GLU C 243 -2.17 22.83 -0.67
CA GLU C 243 -2.39 22.60 0.75
C GLU C 243 -3.20 23.74 1.37
N LEU C 244 -2.91 24.98 0.98
CA LEU C 244 -3.65 26.12 1.49
C LEU C 244 -5.12 26.07 1.06
N SER C 245 -5.38 25.69 -0.20
CA SER C 245 -6.75 25.57 -0.66
C SER C 245 -7.47 24.43 0.06
N ARG C 246 -6.78 23.30 0.26
CA ARG C 246 -7.37 22.18 0.99
C ARG C 246 -7.68 22.59 2.43
N GLN C 247 -6.80 23.37 3.04
CA GLN C 247 -7.05 23.86 4.39
C GLN C 247 -8.28 24.76 4.44
N CYS C 248 -8.45 25.63 3.43
CA CYS C 248 -9.64 26.47 3.37
C CYS C 248 -10.90 25.64 3.17
N LYS C 249 -10.83 24.60 2.33
CA LYS C 249 -11.97 23.71 2.15
C LYS C 249 -12.30 22.95 3.42
N GLN C 250 -11.26 22.51 4.15
CA GLN C 250 -11.49 21.80 5.40
C GLN C 250 -12.12 22.71 6.45
N PHE C 251 -11.73 23.98 6.48
CA PHE C 251 -12.27 24.91 7.46
C PHE C 251 -13.77 25.10 7.25
N ALA C 252 -14.20 25.22 5.99
CA ALA C 252 -15.63 25.37 5.71
C ALA C 252 -16.41 24.13 6.12
N LYS C 253 -15.85 22.94 5.86
CA LYS C 253 -16.52 21.71 6.29
C LYS C 253 -16.59 21.63 7.81
N ASP C 254 -15.51 21.98 8.50
CA ASP C 254 -15.53 21.98 9.96
C ASP C 254 -16.45 23.06 10.50
N LEU C 255 -16.52 24.20 9.82
CA LEU C 255 -17.45 25.25 10.21
C LEU C 255 -18.90 24.79 10.09
N LEU C 256 -19.23 24.08 9.01
CA LEU C 256 -20.57 23.55 8.83
C LEU C 256 -20.85 22.39 9.78
N ASP C 257 -19.82 21.71 10.27
CA ASP C 257 -20.01 20.61 11.21
C ASP C 257 -20.53 21.10 12.56
N GLN C 258 -20.46 22.39 12.83
CA GLN C 258 -20.89 22.95 14.10
C GLN C 258 -22.39 23.23 14.16
N THR C 259 -23.12 23.06 13.06
CA THR C 259 -24.56 23.25 13.09
C THR C 259 -25.20 22.14 13.93
N ARG C 260 -26.06 22.52 14.86
CA ARG C 260 -26.72 21.56 15.73
C ARG C 260 -28.24 21.55 15.58
N SER C 261 -28.79 22.35 14.68
CA SER C 261 -30.22 22.36 14.42
C SER C 261 -30.46 22.44 12.93
N SER C 262 -31.59 21.88 12.50
CA SER C 262 -31.92 21.91 11.07
C SER C 262 -32.32 23.32 10.63
N ARG C 263 -32.82 24.14 11.55
CA ARG C 263 -33.13 25.52 11.22
C ARG C 263 -31.87 26.30 10.85
N GLU C 264 -30.79 26.09 11.61
CA GLU C 264 -29.52 26.76 11.30
C GLU C 264 -28.97 26.31 9.94
N LEU C 265 -29.05 25.01 9.66
CA LEU C 265 -28.55 24.51 8.39
C LEU C 265 -29.33 25.09 7.21
N GLU C 266 -30.65 25.19 7.35
CA GLU C 266 -31.46 25.78 6.29
C GLU C 266 -31.14 27.25 6.10
N ILE C 267 -30.88 27.97 7.19
CA ILE C 267 -30.54 29.39 7.08
C ILE C 267 -29.23 29.58 6.35
N ILE C 268 -28.22 28.76 6.67
CA ILE C 268 -26.90 28.92 6.07
C ILE C 268 -26.93 28.54 4.60
N LEU C 269 -27.55 27.41 4.27
CA LEU C 269 -27.52 26.92 2.90
C LEU C 269 -28.40 27.73 1.96
N ASN C 270 -29.45 28.36 2.47
CA ASN C 270 -30.35 29.16 1.64
C ASN C 270 -29.98 30.63 1.61
N TYR C 271 -28.89 31.01 2.26
CA TYR C 271 -28.50 32.42 2.34
C TYR C 271 -27.96 32.89 0.99
N ARG C 272 -28.39 34.07 0.57
CA ARG C 272 -27.91 34.70 -0.65
C ARG C 272 -27.62 36.16 -0.38
N ASP C 273 -26.69 36.72 -1.16
CA ASP C 273 -26.29 38.10 -0.99
C ASP C 273 -27.05 39.02 -1.96
N ASP C 285 -34.66 28.34 -2.50
CA ASP C 285 -33.55 27.70 -3.19
C ASP C 285 -32.28 27.76 -2.35
N LEU C 286 -31.45 26.71 -2.45
CA LEU C 286 -30.22 26.62 -1.68
C LEU C 286 -29.13 27.38 -2.41
N ALA C 287 -29.17 28.70 -2.28
CA ALA C 287 -28.23 29.56 -3.00
C ALA C 287 -26.79 29.33 -2.52
N ARG C 288 -26.59 29.22 -1.22
CA ARG C 288 -25.24 28.99 -0.71
C ARG C 288 -24.75 27.59 -1.04
N LEU C 289 -25.63 26.59 -1.05
CA LEU C 289 -25.24 25.25 -1.47
C LEU C 289 -24.87 25.22 -2.95
N LYS C 290 -25.61 25.95 -3.78
CA LYS C 290 -25.24 26.07 -5.19
C LYS C 290 -23.90 26.75 -5.35
N LEU C 291 -23.64 27.77 -4.54
CA LEU C 291 -22.35 28.46 -4.59
C LEU C 291 -21.21 27.53 -4.20
N ALA C 292 -21.42 26.68 -3.19
CA ALA C 292 -20.41 25.72 -2.80
C ALA C 292 -20.15 24.70 -3.90
N ILE C 293 -21.20 24.30 -4.63
CA ILE C 293 -21.02 23.36 -5.74
C ILE C 293 -20.18 23.99 -6.84
N LYS C 294 -20.45 25.25 -7.19
CA LYS C 294 -19.68 25.92 -8.22
C LYS C 294 -18.22 26.13 -7.82
N TYR C 295 -17.92 26.12 -6.53
CA TYR C 295 -16.56 26.24 -6.04
C TYR C 295 -15.90 24.90 -5.77
N ARG C 296 -16.57 23.79 -6.13
CA ARG C 296 -16.05 22.44 -5.93
C ARG C 296 -15.69 22.19 -4.46
N GLN C 297 -16.57 22.62 -3.57
CA GLN C 297 -16.43 22.33 -2.14
C GLN C 297 -17.05 20.96 -1.87
N LYS C 298 -16.32 19.92 -2.28
CA LYS C 298 -16.85 18.57 -2.17
C LYS C 298 -17.03 18.16 -0.71
N GLU C 299 -16.08 18.50 0.15
CA GLU C 299 -16.21 18.17 1.57
C GLU C 299 -17.38 18.91 2.20
N PHE C 300 -17.57 20.18 1.84
CA PHE C 300 -18.70 20.95 2.34
C PHE C 300 -20.02 20.36 1.87
N VAL C 301 -20.09 19.97 0.59
CA VAL C 301 -21.33 19.45 0.04
C VAL C 301 -21.64 18.07 0.62
N ALA C 302 -20.64 17.22 0.75
CA ALA C 302 -20.82 15.84 1.20
C ALA C 302 -20.89 15.72 2.72
N GLN C 303 -21.16 16.82 3.43
CA GLN C 303 -21.33 16.74 4.87
C GLN C 303 -22.58 15.92 5.19
N PRO C 304 -22.54 15.09 6.24
CA PRO C 304 -23.71 14.25 6.54
C PRO C 304 -24.98 15.04 6.80
N ASN C 305 -24.88 16.20 7.45
CA ASN C 305 -26.07 17.02 7.68
C ASN C 305 -26.54 17.67 6.39
N CYS C 306 -25.60 18.14 5.56
CA CYS C 306 -25.97 18.72 4.27
C CYS C 306 -26.62 17.69 3.36
N GLN C 307 -26.07 16.47 3.34
CA GLN C 307 -26.65 15.41 2.52
C GLN C 307 -28.01 14.96 3.05
N GLN C 308 -28.19 14.98 4.37
CA GLN C 308 -29.47 14.58 4.95
C GLN C 308 -30.58 15.54 4.55
N LEU C 309 -30.30 16.84 4.55
CA LEU C 309 -31.30 17.81 4.12
C LEU C 309 -31.59 17.68 2.63
N LEU C 310 -30.55 17.42 1.82
CA LEU C 310 -30.77 17.23 0.40
C LEU C 310 -31.63 16.01 0.12
N ALA C 311 -31.40 14.92 0.87
CA ALA C 311 -32.21 13.72 0.69
C ALA C 311 -33.67 13.97 1.06
N SER C 312 -33.91 14.83 2.06
CA SER C 312 -35.28 15.20 2.40
C SER C 312 -35.96 15.92 1.25
N ARG C 313 -35.24 16.84 0.59
CA ARG C 313 -35.79 17.49 -0.59
C ARG C 313 -35.94 16.52 -1.76
N TRP C 314 -35.01 15.56 -1.88
CA TRP C 314 -35.10 14.54 -2.92
C TRP C 314 -36.34 13.67 -2.74
N TYR C 315 -36.63 13.28 -1.51
CA TYR C 315 -37.77 12.41 -1.20
C TYR C 315 -38.87 13.17 -0.47
N ASP C 316 -39.14 14.40 -0.88
CA ASP C 316 -40.11 15.23 -0.16
C ASP C 316 -41.50 14.61 -0.22
N GLU C 317 -42.19 14.64 0.92
CA GLU C 317 -43.53 14.07 1.07
C GLU C 317 -43.55 12.59 0.70
N PHE C 318 -42.41 11.92 0.86
CA PHE C 318 -42.29 10.49 0.55
C PHE C 318 -41.60 9.80 1.72
N PRO C 319 -42.29 9.67 2.85
CA PRO C 319 -41.66 9.11 4.04
C PRO C 319 -41.52 7.59 3.96
N GLY C 320 -40.50 7.09 4.66
CA GLY C 320 -40.28 5.66 4.75
C GLY C 320 -39.60 5.02 3.56
N TRP C 321 -39.21 5.80 2.56
CA TRP C 321 -38.53 5.23 1.40
C TRP C 321 -37.19 4.62 1.79
N ARG C 322 -36.43 5.30 2.65
CA ARG C 322 -35.13 4.80 3.07
C ARG C 322 -35.23 3.61 4.02
N ARG C 323 -36.42 3.31 4.54
CA ARG C 323 -36.61 2.19 5.45
C ARG C 323 -37.32 1.01 4.81
N ARG C 324 -37.80 1.14 3.57
CA ARG C 324 -38.51 0.06 2.91
C ARG C 324 -37.53 -1.01 2.42
N HIS C 325 -38.06 -2.18 2.09
CA HIS C 325 -37.25 -3.26 1.55
C HIS C 325 -36.83 -2.95 0.12
N TRP C 326 -35.71 -3.55 -0.29
CA TRP C 326 -35.22 -3.32 -1.65
C TRP C 326 -36.19 -3.84 -2.70
N ALA C 327 -36.87 -4.94 -2.41
CA ALA C 327 -37.89 -5.46 -3.32
C ALA C 327 -39.05 -4.47 -3.45
N VAL C 328 -39.45 -3.86 -2.34
CA VAL C 328 -40.52 -2.85 -2.38
C VAL C 328 -40.06 -1.63 -3.17
N LYS C 329 -38.80 -1.23 -3.00
CA LYS C 329 -38.29 -0.07 -3.73
C LYS C 329 -38.31 -0.33 -5.24
N MET C 330 -37.89 -1.52 -5.67
CA MET C 330 -37.89 -1.84 -7.09
C MET C 330 -39.31 -1.86 -7.64
N VAL C 331 -40.25 -2.44 -6.89
CA VAL C 331 -41.64 -2.50 -7.36
C VAL C 331 -42.24 -1.10 -7.47
N THR C 332 -42.01 -0.26 -6.47
CA THR C 332 -42.58 1.09 -6.50
C THR C 332 -41.99 1.92 -7.62
N CYS C 333 -40.67 1.81 -7.84
CA CYS C 333 -40.04 2.57 -8.91
C CYS C 333 -40.51 2.08 -10.27
N PHE C 334 -40.69 0.77 -10.43
CA PHE C 334 -41.12 0.21 -11.71
C PHE C 334 -42.51 0.69 -12.10
N ILE C 335 -43.48 0.60 -11.17
CA ILE C 335 -44.84 1.02 -11.48
C ILE C 335 -44.92 2.52 -11.67
N ILE C 336 -44.13 3.29 -10.93
CA ILE C 336 -44.09 4.74 -11.13
C ILE C 336 -43.53 5.07 -12.51
N GLY C 337 -42.45 4.38 -12.91
CA GLY C 337 -41.87 4.62 -14.21
C GLY C 337 -42.77 4.25 -15.37
N LEU C 338 -43.55 3.17 -15.22
CA LEU C 338 -44.48 2.78 -16.28
C LEU C 338 -45.57 3.81 -16.49
N LEU C 339 -45.86 4.64 -15.48
CA LEU C 339 -46.91 5.65 -15.57
C LEU C 339 -46.34 7.05 -15.80
N PHE C 340 -45.13 7.14 -16.36
CA PHE C 340 -44.57 8.46 -16.65
C PHE C 340 -45.39 9.26 -17.65
N PRO C 341 -45.97 8.70 -18.73
CA PRO C 341 -46.77 9.55 -19.63
C PRO C 341 -48.01 10.12 -18.96
N VAL C 342 -48.67 9.36 -18.09
CA VAL C 342 -49.89 9.86 -17.46
C VAL C 342 -49.56 10.95 -16.44
N PHE C 343 -48.40 10.83 -15.77
CA PHE C 343 -47.98 11.87 -14.84
C PHE C 343 -47.66 13.16 -15.57
N SER C 344 -46.99 13.06 -16.72
CA SER C 344 -46.70 14.25 -17.52
C SER C 344 -47.97 14.84 -18.12
N VAL C 345 -48.91 13.98 -18.52
CA VAL C 345 -50.19 14.47 -19.05
C VAL C 345 -50.94 15.25 -17.98
N CYS C 346 -50.99 14.72 -16.75
CA CYS C 346 -51.64 15.44 -15.66
C CYS C 346 -50.94 16.75 -15.36
N TYR C 347 -49.61 16.77 -15.41
CA TYR C 347 -48.87 18.01 -15.15
C TYR C 347 -49.19 19.07 -16.20
N LEU C 348 -49.29 18.66 -17.46
CA LEU C 348 -49.60 19.62 -18.53
C LEU C 348 -51.07 20.05 -18.48
N ILE C 349 -51.97 19.10 -18.22
CA ILE C 349 -53.39 19.41 -18.30
C ILE C 349 -53.89 20.05 -17.01
N ALA C 350 -53.52 19.47 -15.86
CA ALA C 350 -54.04 19.91 -14.57
C ALA C 350 -52.89 20.35 -13.68
N PRO C 351 -52.52 21.62 -13.72
CA PRO C 351 -51.52 22.14 -12.77
C PRO C 351 -52.10 22.22 -11.37
N LYS C 352 -51.18 22.31 -10.39
CA LYS C 352 -51.48 22.34 -8.96
C LYS C 352 -52.58 21.37 -8.57
N SER C 353 -52.55 20.16 -9.15
CA SER C 353 -53.50 19.10 -8.87
C SER C 353 -52.82 17.96 -8.12
N PRO C 354 -53.58 17.17 -7.36
CA PRO C 354 -52.95 16.05 -6.65
C PRO C 354 -52.20 15.08 -7.55
N LEU C 355 -52.73 14.83 -8.75
CA LEU C 355 -52.00 14.01 -9.72
C LEU C 355 -50.86 14.78 -10.37
N GLY C 356 -51.02 16.10 -10.54
CA GLY C 356 -49.98 16.92 -11.14
C GLY C 356 -48.89 17.36 -10.19
N LEU C 357 -49.09 17.19 -8.88
CA LEU C 357 -48.07 17.52 -7.90
C LEU C 357 -47.11 16.37 -7.64
N PHE C 358 -47.45 15.14 -8.04
CA PHE C 358 -46.57 14.01 -7.83
C PHE C 358 -45.31 14.12 -8.69
N ILE C 359 -45.46 14.58 -9.93
CA ILE C 359 -44.31 14.73 -10.81
C ILE C 359 -43.33 15.80 -10.32
N ARG C 360 -43.83 16.80 -9.58
CA ARG C 360 -42.96 17.88 -9.13
C ARG C 360 -41.90 17.42 -8.14
N LYS C 361 -42.07 16.26 -7.53
CA LYS C 361 -41.07 15.73 -6.62
C LYS C 361 -39.81 15.38 -7.38
N PRO C 362 -38.63 15.81 -6.94
CA PRO C 362 -37.40 15.54 -7.70
C PRO C 362 -37.12 14.06 -7.90
N PHE C 363 -37.44 13.22 -6.93
CA PHE C 363 -37.25 11.78 -7.11
C PHE C 363 -38.15 11.23 -8.20
N ILE C 364 -39.40 11.70 -8.25
CA ILE C 364 -40.31 11.28 -9.31
C ILE C 364 -39.86 11.82 -10.66
N LYS C 365 -39.30 13.03 -10.70
CA LYS C 365 -38.75 13.56 -11.93
C LYS C 365 -37.64 12.65 -12.47
N PHE C 366 -36.75 12.22 -11.58
CA PHE C 366 -35.65 11.35 -12.01
C PHE C 366 -36.16 10.02 -12.53
N ILE C 367 -37.15 9.43 -11.85
CA ILE C 367 -37.70 8.15 -12.30
C ILE C 367 -38.41 8.32 -13.63
N CYS C 368 -39.23 9.36 -13.76
CA CYS C 368 -39.96 9.59 -15.01
C CYS C 368 -39.01 9.91 -16.15
N HIS C 369 -37.98 10.73 -15.89
CA HIS C 369 -37.00 11.02 -16.93
C HIS C 369 -36.21 9.77 -17.32
N THR C 370 -35.83 8.96 -16.33
CA THR C 370 -35.14 7.71 -16.63
C THR C 370 -36.04 6.76 -17.42
N ALA C 371 -37.31 6.66 -17.03
CA ALA C 371 -38.24 5.81 -17.76
C ALA C 371 -38.43 6.31 -19.18
N SER C 372 -38.43 7.63 -19.38
CA SER C 372 -38.50 8.19 -20.72
C SER C 372 -37.28 7.79 -21.55
N TYR C 373 -36.09 7.84 -20.95
CA TYR C 373 -34.89 7.47 -21.69
C TYR C 373 -34.88 5.99 -22.04
N LEU C 374 -35.36 5.13 -21.13
CA LEU C 374 -35.39 3.70 -21.42
C LEU C 374 -36.35 3.39 -22.56
N THR C 375 -37.50 4.08 -22.61
CA THR C 375 -38.41 3.89 -23.73
C THR C 375 -37.77 4.34 -25.03
N PHE C 376 -37.03 5.45 -25.01
CA PHE C 376 -36.31 5.89 -26.20
C PHE C 376 -35.26 4.87 -26.61
N LEU C 377 -34.52 4.33 -25.65
CA LEU C 377 -33.54 3.30 -25.97
C LEU C 377 -34.21 2.01 -26.43
N PHE C 378 -35.36 1.67 -25.84
CA PHE C 378 -36.09 0.49 -26.28
C PHE C 378 -36.60 0.68 -27.70
N LEU C 379 -37.02 1.88 -28.05
CA LEU C 379 -37.44 2.16 -29.42
C LEU C 379 -36.26 2.06 -30.38
N LEU C 380 -35.06 2.45 -29.94
CA LEU C 380 -33.88 2.32 -30.79
C LEU C 380 -33.59 0.85 -31.09
N LEU C 381 -33.77 -0.03 -30.11
CA LEU C 381 -33.63 -1.46 -30.36
C LEU C 381 -34.70 -1.96 -31.32
N LEU C 382 -35.92 -1.44 -31.20
CA LEU C 382 -37.00 -1.84 -32.11
C LEU C 382 -36.70 -1.41 -33.54
N ALA C 383 -36.05 -0.26 -33.71
CA ALA C 383 -35.73 0.21 -35.05
C ALA C 383 -34.79 -0.76 -35.77
N SER C 384 -33.80 -1.29 -35.05
CA SER C 384 -32.91 -2.28 -35.64
C SER C 384 -33.57 -3.64 -35.76
N GLN C 385 -34.65 -3.89 -35.01
CA GLN C 385 -35.34 -5.17 -35.05
C GLN C 385 -36.27 -5.32 -36.24
N HIS C 386 -36.49 -4.24 -37.00
CA HIS C 386 -37.33 -4.26 -38.20
C HIS C 386 -38.74 -4.75 -37.87
N ILE C 387 -39.40 -4.04 -36.96
CA ILE C 387 -40.76 -4.37 -36.58
C ILE C 387 -41.70 -4.22 -37.78
N ASP C 388 -41.56 -3.11 -38.50
CA ASP C 388 -42.35 -2.85 -39.69
C ASP C 388 -41.47 -2.96 -40.93
N ARG C 389 -42.07 -3.37 -42.03
CA ARG C 389 -41.32 -3.55 -43.28
C ARG C 389 -40.80 -2.22 -43.79
N SER C 390 -39.52 -2.19 -44.14
CA SER C 390 -38.89 -1.01 -44.72
C SER C 390 -38.20 -1.31 -46.04
N ASP C 391 -38.39 -2.52 -46.58
CA ASP C 391 -37.76 -2.98 -47.82
C ASP C 391 -36.23 -2.93 -47.72
N LEU C 392 -35.56 -3.21 -48.82
CA LEU C 392 -34.09 -3.15 -48.85
C LEU C 392 -33.54 -2.38 -50.04
N ASN C 393 -34.24 -2.33 -51.17
CA ASN C 393 -33.76 -1.63 -52.36
C ASN C 393 -34.29 -0.22 -52.50
N ARG C 394 -35.06 0.27 -51.52
CA ARG C 394 -35.60 1.62 -51.58
C ARG C 394 -34.48 2.62 -51.33
N GLN C 395 -34.09 3.37 -52.37
CA GLN C 395 -33.02 4.35 -52.23
C GLN C 395 -33.37 5.43 -51.23
N GLY C 396 -34.52 6.08 -51.44
CA GLY C 396 -35.03 7.03 -50.47
C GLY C 396 -36.25 6.46 -49.75
N PRO C 397 -36.07 5.98 -48.53
CA PRO C 397 -37.15 5.34 -47.82
C PRO C 397 -37.88 6.33 -46.93
N PRO C 398 -39.22 6.25 -46.87
CA PRO C 398 -39.95 7.02 -45.86
C PRO C 398 -39.63 6.50 -44.48
N PRO C 399 -39.68 7.36 -43.46
CA PRO C 399 -39.38 6.90 -42.11
C PRO C 399 -40.35 5.82 -41.64
N THR C 400 -39.81 4.84 -40.92
CA THR C 400 -40.61 3.75 -40.41
C THR C 400 -41.54 4.26 -39.31
N ILE C 401 -42.59 3.49 -39.03
CA ILE C 401 -43.53 3.86 -37.97
C ILE C 401 -42.79 3.95 -36.65
N VAL C 402 -41.86 3.03 -36.40
CA VAL C 402 -41.05 3.09 -35.18
C VAL C 402 -40.23 4.37 -35.16
N GLU C 403 -39.62 4.72 -36.29
CA GLU C 403 -38.86 5.95 -36.36
C GLU C 403 -39.76 7.18 -36.27
N TRP C 404 -41.05 7.02 -36.59
CA TRP C 404 -41.96 8.16 -36.56
C TRP C 404 -42.12 8.69 -35.14
N MET C 405 -42.31 7.80 -34.17
CA MET C 405 -42.41 8.27 -32.79
C MET C 405 -41.07 8.32 -32.09
N ILE C 406 -39.99 7.90 -32.75
CA ILE C 406 -38.65 8.18 -32.24
C ILE C 406 -38.32 9.66 -32.37
N LEU C 407 -38.77 10.28 -33.46
CA LEU C 407 -38.48 11.68 -33.73
C LEU C 407 -38.82 12.65 -32.59
N PRO C 408 -39.98 12.54 -31.92
CA PRO C 408 -40.25 13.47 -30.81
C PRO C 408 -39.18 13.44 -29.71
N TRP C 409 -38.61 12.27 -29.42
CA TRP C 409 -37.52 12.23 -28.43
C TRP C 409 -36.31 13.01 -28.91
N VAL C 410 -35.95 12.86 -30.18
CA VAL C 410 -34.81 13.60 -30.72
C VAL C 410 -35.07 15.09 -30.66
N LEU C 411 -36.28 15.52 -31.04
CA LEU C 411 -36.64 16.93 -30.91
C LEU C 411 -36.69 17.35 -29.44
N GLY C 412 -37.21 16.48 -28.58
CA GLY C 412 -37.25 16.81 -27.16
C GLY C 412 -35.88 16.93 -26.54
N PHE C 413 -34.95 16.04 -26.94
CA PHE C 413 -33.58 16.12 -26.43
C PHE C 413 -32.93 17.43 -26.86
N ILE C 414 -33.12 17.83 -28.11
CA ILE C 414 -32.59 19.10 -28.58
C ILE C 414 -33.31 20.26 -27.88
N TRP C 415 -34.63 20.16 -27.73
CA TRP C 415 -35.38 21.20 -27.05
C TRP C 415 -34.93 21.36 -25.61
N GLY C 416 -34.72 20.24 -24.91
CA GLY C 416 -34.24 20.31 -23.54
C GLY C 416 -32.83 20.84 -23.44
N GLU C 417 -31.97 20.48 -24.39
CA GLU C 417 -30.60 20.98 -24.39
C GLU C 417 -30.57 22.49 -24.64
N ILE C 418 -31.47 22.99 -25.47
CA ILE C 418 -31.54 24.43 -25.73
C ILE C 418 -31.90 25.17 -24.45
N LYS C 419 -32.87 24.64 -23.71
CA LYS C 419 -33.32 25.29 -22.46
C LYS C 419 -32.21 25.15 -21.40
N GLN C 420 -31.33 24.16 -21.51
CA GLN C 420 -30.21 24.04 -20.59
C GLN C 420 -29.28 25.24 -20.71
N MET C 421 -29.07 25.74 -21.92
CA MET C 421 -28.28 26.95 -22.10
C MET C 421 -29.09 28.21 -21.80
N TRP C 422 -30.41 28.09 -21.72
CA TRP C 422 -31.24 29.26 -21.46
C TRP C 422 -31.30 29.59 -19.98
N ASP C 423 -31.82 28.67 -19.17
CA ASP C 423 -31.92 28.92 -17.74
C ASP C 423 -30.56 28.93 -17.05
N GLY C 424 -29.64 28.08 -17.51
CA GLY C 424 -28.31 28.02 -16.95
C GLY C 424 -27.30 28.78 -17.80
N GLY C 425 -26.18 29.13 -17.15
CA GLY C 425 -25.15 29.88 -17.84
C GLY C 425 -24.43 29.04 -18.88
N LEU C 426 -23.89 29.73 -19.89
CA LEU C 426 -23.14 29.05 -20.94
C LEU C 426 -21.85 28.44 -20.40
N GLN C 427 -21.23 29.09 -19.42
CA GLN C 427 -20.02 28.55 -18.81
C GLN C 427 -20.31 27.23 -18.12
N ASP C 428 -21.43 27.15 -17.39
CA ASP C 428 -21.81 25.91 -16.73
C ASP C 428 -22.36 24.87 -17.71
N TYR C 429 -22.91 25.32 -18.84
CA TYR C 429 -23.44 24.38 -19.83
C TYR C 429 -22.33 23.54 -20.44
N ILE C 430 -21.17 24.14 -20.72
CA ILE C 430 -20.07 23.43 -21.35
C ILE C 430 -19.12 22.78 -20.35
N HIS C 431 -19.32 23.01 -19.05
CA HIS C 431 -18.44 22.42 -18.05
C HIS C 431 -18.62 20.90 -17.96
N ASP C 432 -19.85 20.42 -18.06
CA ASP C 432 -20.14 19.00 -17.91
C ASP C 432 -19.65 18.22 -19.11
N TRP C 433 -18.97 17.09 -18.85
CA TRP C 433 -18.53 16.22 -19.93
C TRP C 433 -19.72 15.61 -20.65
N TRP C 434 -20.75 15.18 -19.91
CA TRP C 434 -21.92 14.57 -20.53
C TRP C 434 -22.64 15.54 -21.46
N ASN C 435 -22.51 16.84 -21.21
CA ASN C 435 -23.12 17.82 -22.11
C ASN C 435 -22.48 17.76 -23.49
N LEU C 436 -21.15 17.60 -23.56
CA LEU C 436 -20.49 17.42 -24.84
C LEU C 436 -20.93 16.11 -25.49
N MET C 437 -21.09 15.05 -24.70
CA MET C 437 -21.57 13.78 -25.24
C MET C 437 -22.98 13.92 -25.79
N ASP C 438 -23.84 14.66 -25.09
CA ASP C 438 -25.19 14.89 -25.57
C ASP C 438 -25.19 15.69 -26.87
N PHE C 439 -24.30 16.67 -26.98
CA PHE C 439 -24.23 17.48 -28.19
C PHE C 439 -23.82 16.64 -29.39
N VAL C 440 -22.86 15.72 -29.20
CA VAL C 440 -22.45 14.84 -30.29
C VAL C 440 -23.60 13.93 -30.70
N MET C 441 -24.33 13.38 -29.74
CA MET C 441 -25.45 12.51 -30.04
C MET C 441 -26.55 13.28 -30.79
N ASN C 442 -26.85 14.50 -30.35
CA ASN C 442 -27.85 15.30 -31.03
C ASN C 442 -27.41 15.70 -32.43
N SER C 443 -26.13 16.03 -32.59
CA SER C 443 -25.62 16.39 -33.92
C SER C 443 -25.72 15.22 -34.88
N LEU C 444 -25.40 14.01 -34.42
CA LEU C 444 -25.51 12.83 -35.27
C LEU C 444 -26.95 12.56 -35.66
N TYR C 445 -27.89 12.78 -34.73
CA TYR C 445 -29.30 12.59 -35.05
C TYR C 445 -29.79 13.60 -36.06
N LEU C 446 -29.35 14.86 -35.95
CA LEU C 446 -29.74 15.86 -36.93
C LEU C 446 -29.20 15.53 -38.32
N ALA C 447 -27.96 15.05 -38.40
CA ALA C 447 -27.40 14.64 -39.68
C ALA C 447 -28.17 13.46 -40.26
N THR C 448 -28.58 12.52 -39.41
CA THR C 448 -29.39 11.41 -39.88
C THR C 448 -30.72 11.88 -40.44
N ILE C 449 -31.38 12.80 -39.74
CA ILE C 449 -32.65 13.34 -40.22
C ILE C 449 -32.45 14.12 -41.51
N SER C 450 -31.39 14.94 -41.57
CA SER C 450 -31.13 15.72 -42.77
C SER C 450 -30.82 14.82 -43.96
N LEU C 451 -30.00 13.79 -43.75
CA LEU C 451 -29.66 12.87 -44.84
C LEU C 451 -30.87 12.08 -45.29
N LYS C 452 -31.73 11.67 -44.34
CA LYS C 452 -32.96 10.98 -44.71
C LYS C 452 -33.87 11.88 -45.54
N ILE C 453 -33.97 13.16 -45.16
CA ILE C 453 -34.76 14.11 -45.93
C ILE C 453 -34.16 14.29 -47.32
N VAL C 454 -32.83 14.42 -47.39
CA VAL C 454 -32.17 14.61 -48.68
C VAL C 454 -32.38 13.40 -49.58
N ALA C 455 -32.22 12.20 -49.03
CA ALA C 455 -32.41 10.99 -49.83
C ALA C 455 -33.86 10.84 -50.28
N PHE C 456 -34.81 11.28 -49.46
CA PHE C 456 -36.22 11.20 -49.84
C PHE C 456 -36.52 12.08 -51.04
N VAL C 457 -35.91 13.28 -51.10
CA VAL C 457 -36.25 14.24 -52.14
C VAL C 457 -35.26 14.25 -53.30
N LYS C 458 -34.26 13.36 -53.29
CA LYS C 458 -33.29 13.29 -54.35
C LYS C 458 -33.19 11.93 -55.02
N TYR C 459 -33.63 10.86 -54.37
CA TYR C 459 -33.58 9.51 -54.93
C TYR C 459 -34.95 8.88 -54.80
N SER C 460 -35.59 8.62 -55.95
CA SER C 460 -36.91 8.00 -55.98
C SER C 460 -37.00 6.95 -57.08
N ALA C 461 -35.89 6.30 -57.39
CA ALA C 461 -35.84 5.28 -58.43
C ALA C 461 -35.47 3.94 -57.83
N LEU C 462 -35.88 2.87 -58.50
CA LEU C 462 -35.61 1.52 -58.05
C LEU C 462 -34.15 1.18 -58.30
N ASN C 463 -33.46 0.73 -57.26
CA ASN C 463 -32.05 0.36 -57.36
C ASN C 463 -31.67 -0.61 -56.24
N PRO C 464 -31.17 -1.79 -56.57
CA PRO C 464 -30.78 -2.73 -55.51
C PRO C 464 -29.65 -2.18 -54.65
N ARG C 465 -29.65 -2.59 -53.39
CA ARG C 465 -28.71 -2.03 -52.41
C ARG C 465 -27.26 -2.36 -52.75
N GLU C 466 -27.00 -3.53 -53.32
CA GLU C 466 -25.63 -3.95 -53.59
C GLU C 466 -24.99 -3.16 -54.73
N SER C 467 -25.76 -2.35 -55.45
CA SER C 467 -25.20 -1.54 -56.54
C SER C 467 -25.41 -0.04 -56.26
N TRP C 468 -25.15 0.39 -55.04
CA TRP C 468 -25.33 1.78 -54.66
C TRP C 468 -24.01 2.54 -54.80
N ASP C 469 -24.00 3.80 -54.37
CA ASP C 469 -22.86 4.66 -54.60
C ASP C 469 -21.69 4.31 -53.68
N MET C 470 -21.99 3.80 -52.48
CA MET C 470 -21.13 3.62 -51.32
C MET C 470 -20.96 4.96 -50.57
N TRP C 471 -21.41 6.07 -51.15
CA TRP C 471 -21.54 7.34 -50.47
C TRP C 471 -22.98 7.83 -50.51
N HIS C 472 -23.90 6.89 -50.64
CA HIS C 472 -25.31 7.20 -50.73
C HIS C 472 -25.78 7.89 -49.44
N PRO C 473 -26.66 8.89 -49.53
CA PRO C 473 -27.15 9.52 -48.31
C PRO C 473 -27.87 8.56 -47.39
N THR C 474 -28.53 7.54 -47.94
CA THR C 474 -29.15 6.51 -47.10
C THR C 474 -28.09 5.72 -46.33
N LEU C 475 -26.98 5.38 -46.99
CA LEU C 475 -25.92 4.65 -46.32
C LEU C 475 -25.29 5.47 -45.21
N VAL C 476 -25.04 6.75 -45.46
CA VAL C 476 -24.47 7.61 -44.42
C VAL C 476 -25.46 7.83 -43.29
N ALA C 477 -26.75 7.97 -43.63
CA ALA C 477 -27.76 8.17 -42.60
C ALA C 477 -27.85 6.97 -41.67
N GLU C 478 -27.79 5.76 -42.22
CA GLU C 478 -27.78 4.57 -41.38
C GLU C 478 -26.52 4.49 -40.55
N ALA C 479 -25.38 4.89 -41.12
CA ALA C 479 -24.12 4.85 -40.38
C ALA C 479 -24.13 5.83 -39.21
N LEU C 480 -24.62 7.05 -39.44
CA LEU C 480 -24.67 8.03 -38.36
C LEU C 480 -25.76 7.70 -37.34
N PHE C 481 -26.85 7.09 -37.78
CA PHE C 481 -27.86 6.62 -36.83
C PHE C 481 -27.30 5.54 -35.92
N ALA C 482 -26.52 4.62 -36.48
CA ALA C 482 -25.94 3.56 -35.67
C ALA C 482 -24.94 4.11 -34.65
N ILE C 483 -24.12 5.08 -35.06
CA ILE C 483 -23.18 5.69 -34.12
C ILE C 483 -23.91 6.43 -33.03
N ALA C 484 -24.98 7.16 -33.38
CA ALA C 484 -25.77 7.86 -32.38
C ALA C 484 -26.46 6.89 -31.43
N ASN C 485 -26.79 5.69 -31.90
CA ASN C 485 -27.38 4.68 -31.02
C ASN C 485 -26.39 4.25 -29.94
N ILE C 486 -25.10 4.15 -30.30
CA ILE C 486 -24.09 3.79 -29.31
C ILE C 486 -23.98 4.87 -28.25
N PHE C 487 -23.95 6.14 -28.68
CA PHE C 487 -23.85 7.25 -27.73
C PHE C 487 -25.11 7.36 -26.88
N SER C 488 -26.28 7.15 -27.48
CA SER C 488 -27.52 7.23 -26.72
C SER C 488 -27.57 6.16 -25.62
N SER C 489 -27.16 4.95 -25.94
CA SER C 489 -27.16 3.87 -24.95
C SER C 489 -26.04 4.01 -23.94
N LEU C 490 -24.91 4.60 -24.32
CA LEU C 490 -23.81 4.84 -23.39
C LEU C 490 -24.08 6.01 -22.46
N ARG C 491 -25.11 6.80 -22.73
CA ARG C 491 -25.49 7.90 -21.83
C ARG C 491 -26.02 7.40 -20.50
N LEU C 492 -26.42 6.13 -20.42
CA LEU C 492 -26.93 5.56 -19.18
C LEU C 492 -25.87 5.44 -18.09
N ILE C 493 -24.60 5.62 -18.43
CA ILE C 493 -23.56 5.59 -17.41
C ILE C 493 -23.73 6.74 -16.43
N SER C 494 -24.19 7.90 -16.92
CA SER C 494 -24.38 9.06 -16.05
C SER C 494 -25.45 8.83 -15.00
N LEU C 495 -26.36 7.87 -15.21
CA LEU C 495 -27.39 7.56 -14.24
C LEU C 495 -26.87 6.66 -13.12
N PHE C 496 -25.64 6.16 -13.23
CA PHE C 496 -25.08 5.31 -12.18
C PHE C 496 -24.79 6.09 -10.91
N THR C 497 -24.74 7.43 -10.99
CA THR C 497 -24.41 8.24 -9.83
C THR C 497 -25.49 8.16 -8.75
N ALA C 498 -26.74 7.96 -9.14
CA ALA C 498 -27.82 7.89 -8.16
C ALA C 498 -27.68 6.69 -7.24
N ASN C 499 -27.26 5.54 -7.80
CA ASN C 499 -27.12 4.33 -7.01
C ASN C 499 -25.95 4.45 -6.02
N SER C 500 -26.13 3.88 -4.84
CA SER C 500 -25.10 3.92 -3.81
C SER C 500 -23.96 2.96 -4.07
N HIS C 501 -24.17 1.93 -4.90
CA HIS C 501 -23.14 0.93 -5.20
C HIS C 501 -22.44 1.21 -6.51
N LEU C 502 -23.18 1.51 -7.57
CA LEU C 502 -22.59 1.86 -8.85
C LEU C 502 -22.12 3.31 -8.91
N GLY C 503 -22.50 4.13 -7.93
CA GLY C 503 -22.13 5.52 -7.90
C GLY C 503 -20.65 5.74 -7.72
N PRO C 504 -20.12 5.33 -6.56
CA PRO C 504 -18.66 5.49 -6.34
C PRO C 504 -17.82 4.78 -7.38
N LEU C 505 -18.28 3.64 -7.89
CA LEU C 505 -17.53 2.93 -8.92
C LEU C 505 -17.47 3.75 -10.20
N GLN C 506 -18.62 4.27 -10.64
CA GLN C 506 -18.66 5.02 -11.90
C GLN C 506 -17.80 6.28 -11.81
N ILE C 507 -17.84 6.97 -10.67
CA ILE C 507 -17.04 8.18 -10.51
C ILE C 507 -15.55 7.85 -10.56
N SER C 508 -15.16 6.74 -9.92
CA SER C 508 -13.75 6.34 -9.92
C SER C 508 -13.26 6.02 -11.33
N LEU C 509 -14.06 5.31 -12.12
CA LEU C 509 -13.65 4.99 -13.48
C LEU C 509 -13.50 6.23 -14.33
N GLY C 510 -14.39 7.22 -14.15
CA GLY C 510 -14.23 8.47 -14.88
C GLY C 510 -12.97 9.21 -14.50
N ARG C 511 -12.66 9.28 -13.20
CA ARG C 511 -11.43 9.91 -12.75
C ARG C 511 -10.20 9.14 -13.18
N MET C 512 -10.33 7.85 -13.47
CA MET C 512 -9.22 7.03 -13.92
C MET C 512 -9.07 7.04 -15.44
N LEU C 513 -10.12 7.44 -16.17
CA LEU C 513 -10.04 7.49 -17.62
C LEU C 513 -9.01 8.50 -18.11
N LEU C 514 -8.72 9.53 -17.31
CA LEU C 514 -7.71 10.50 -17.70
C LEU C 514 -6.33 9.87 -17.79
N ASP C 515 -6.07 8.83 -17.00
CA ASP C 515 -4.79 8.13 -17.08
C ASP C 515 -4.68 7.33 -18.38
N ILE C 516 -5.79 6.78 -18.86
CA ILE C 516 -5.77 6.09 -20.15
C ILE C 516 -5.46 7.07 -21.27
N LEU C 517 -6.04 8.28 -21.20
CA LEU C 517 -5.78 9.28 -22.23
C LEU C 517 -4.30 9.64 -22.30
N LYS C 518 -3.59 9.58 -21.17
CA LYS C 518 -2.17 9.88 -21.18
C LYS C 518 -1.38 8.82 -21.95
N PHE C 519 -1.76 7.55 -21.82
CA PHE C 519 -1.12 6.50 -22.61
C PHE C 519 -1.59 6.47 -24.05
N LEU C 520 -2.71 7.11 -24.38
CA LEU C 520 -3.09 7.22 -25.77
C LEU C 520 -2.05 8.02 -26.55
N PHE C 521 -1.47 9.03 -25.93
CA PHE C 521 -0.39 9.78 -26.57
C PHE C 521 0.84 8.91 -26.74
N ILE C 522 1.20 8.15 -25.71
CA ILE C 522 2.41 7.34 -25.78
C ILE C 522 2.24 6.17 -26.74
N TYR C 523 1.09 5.48 -26.66
CA TYR C 523 0.87 4.35 -27.55
C TYR C 523 0.79 4.80 -29.01
N CYS C 524 0.09 5.89 -29.27
CA CYS C 524 -0.04 6.38 -30.65
C CYS C 524 1.31 6.77 -31.21
N LEU C 525 2.17 7.37 -30.39
CA LEU C 525 3.53 7.69 -30.83
C LEU C 525 4.30 6.42 -31.18
N VAL C 526 4.16 5.37 -30.34
CA VAL C 526 4.77 4.09 -30.65
C VAL C 526 4.08 3.45 -31.85
N LEU C 527 2.75 3.54 -31.91
CA LEU C 527 2.02 2.97 -33.04
C LEU C 527 2.40 3.64 -34.36
N LEU C 528 2.52 4.96 -34.35
CA LEU C 528 2.90 5.68 -35.57
C LEU C 528 4.35 5.42 -35.93
N ALA C 529 5.21 5.19 -34.93
CA ALA C 529 6.60 4.90 -35.22
C ALA C 529 6.75 3.60 -35.99
N PHE C 530 6.07 2.54 -35.54
CA PHE C 530 6.18 1.25 -36.21
C PHE C 530 5.37 1.21 -37.49
N ALA C 531 4.27 1.96 -37.56
CA ALA C 531 3.51 2.04 -38.80
C ALA C 531 4.33 2.72 -39.90
N ASN C 532 5.09 3.75 -39.53
CA ASN C 532 5.97 4.39 -40.50
C ASN C 532 7.03 3.43 -41.03
N GLY C 533 7.65 2.66 -40.12
CA GLY C 533 8.66 1.72 -40.55
C GLY C 533 8.10 0.58 -41.39
N LEU C 534 6.97 0.01 -40.95
CA LEU C 534 6.41 -1.14 -41.67
C LEU C 534 5.89 -0.74 -43.04
N ASN C 535 5.23 0.42 -43.14
CA ASN C 535 4.77 0.88 -44.44
C ASN C 535 5.94 1.20 -45.37
N GLN C 536 7.03 1.76 -44.83
CA GLN C 536 8.18 2.07 -45.65
C GLN C 536 8.79 0.82 -46.26
N LEU C 537 8.85 -0.26 -45.48
CA LEU C 537 9.47 -1.49 -45.95
C LEU C 537 8.57 -2.23 -46.94
N TYR C 538 7.26 -2.25 -46.69
CA TYR C 538 6.35 -3.14 -47.39
C TYR C 538 5.57 -2.47 -48.51
N PHE C 539 5.77 -1.18 -48.77
CA PHE C 539 4.95 -0.53 -49.79
C PHE C 539 5.45 -0.80 -51.20
N TYR C 540 6.62 -1.39 -51.37
CA TYR C 540 7.06 -1.77 -52.72
C TYR C 540 6.36 -3.04 -53.18
N TYR C 541 6.46 -4.10 -52.39
CA TYR C 541 5.96 -5.42 -52.78
C TYR C 541 4.44 -5.51 -52.74
N GLU C 542 3.82 -4.92 -51.72
CA GLU C 542 2.39 -5.07 -51.53
C GLU C 542 1.61 -4.16 -52.47
N GLU C 543 1.78 -4.39 -53.77
CA GLU C 543 1.03 -3.68 -54.81
C GLU C 543 0.18 -4.67 -55.61
N THR C 544 -0.18 -5.79 -54.99
CA THR C 544 -0.92 -6.84 -55.67
C THR C 544 -2.32 -6.39 -56.01
N LYS C 545 -2.81 -6.81 -57.18
CA LYS C 545 -4.15 -6.50 -57.65
C LYS C 545 -4.82 -7.77 -58.13
N GLY C 546 -6.10 -7.65 -58.46
CA GLY C 546 -6.88 -8.76 -58.96
C GLY C 546 -7.39 -9.70 -57.89
N LEU C 547 -7.14 -9.41 -56.62
CA LEU C 547 -7.61 -10.26 -55.53
C LEU C 547 -9.06 -9.93 -55.18
N THR C 548 -9.68 -10.83 -54.44
CA THR C 548 -11.03 -10.58 -53.95
C THR C 548 -11.04 -9.41 -52.96
N CYS C 549 -10.00 -9.31 -52.16
CA CYS C 549 -9.89 -8.29 -51.12
C CYS C 549 -8.76 -7.32 -51.45
N LYS C 550 -8.68 -6.25 -50.65
CA LYS C 550 -7.49 -5.41 -50.60
C LYS C 550 -7.43 -4.86 -49.17
N GLY C 551 -6.74 -5.56 -48.29
CA GLY C 551 -6.63 -5.16 -46.91
C GLY C 551 -6.52 -6.38 -46.02
N ILE C 552 -7.02 -6.22 -44.78
CA ILE C 552 -6.88 -7.25 -43.76
C ILE C 552 -8.22 -7.78 -43.27
N ARG C 553 -9.32 -7.19 -43.69
CA ARG C 553 -10.64 -7.55 -43.16
C ARG C 553 -11.33 -8.62 -43.98
N CYS C 554 -10.64 -9.74 -44.22
CA CYS C 554 -11.27 -10.93 -44.77
C CYS C 554 -10.38 -12.14 -44.50
N GLU C 555 -10.77 -13.29 -45.05
CA GLU C 555 -10.07 -14.54 -44.76
C GLU C 555 -8.62 -14.48 -45.23
N LYS C 556 -8.41 -14.02 -46.45
CA LYS C 556 -7.07 -13.93 -47.02
C LYS C 556 -6.58 -12.49 -46.83
N GLN C 557 -5.89 -12.25 -45.71
CA GLN C 557 -5.37 -10.93 -45.41
C GLN C 557 -4.19 -10.64 -46.34
N ASN C 558 -4.38 -9.75 -47.29
CA ASN C 558 -3.43 -9.55 -48.38
C ASN C 558 -2.45 -8.41 -48.11
N ASN C 559 -2.95 -7.19 -47.97
CA ASN C 559 -2.10 -6.00 -47.94
C ASN C 559 -2.23 -5.36 -46.57
N ALA C 560 -1.46 -5.87 -45.61
CA ALA C 560 -1.49 -5.32 -44.26
C ALA C 560 -0.72 -4.02 -44.16
N PHE C 561 0.36 -3.87 -44.93
CA PHE C 561 1.21 -2.69 -44.85
C PHE C 561 1.43 -2.07 -46.22
N SER C 562 0.42 -2.13 -47.09
CA SER C 562 0.52 -1.47 -48.39
C SER C 562 0.58 0.04 -48.22
N THR C 563 -0.36 0.59 -47.47
CA THR C 563 -0.48 2.02 -47.26
C THR C 563 -0.38 2.33 -45.77
N LEU C 564 -0.26 3.63 -45.45
CA LEU C 564 -0.20 4.04 -44.06
C LEU C 564 -1.50 3.75 -43.33
N PHE C 565 -2.63 3.94 -44.01
CA PHE C 565 -3.92 3.64 -43.39
C PHE C 565 -4.04 2.15 -43.09
N GLU C 566 -3.66 1.30 -44.04
CA GLU C 566 -3.73 -0.14 -43.82
C GLU C 566 -2.74 -0.59 -42.76
N THR C 567 -1.55 0.02 -42.72
CA THR C 567 -0.57 -0.33 -41.71
C THR C 567 -1.08 0.00 -40.31
N LEU C 568 -1.74 1.15 -40.16
CA LEU C 568 -2.27 1.53 -38.85
C LEU C 568 -3.37 0.57 -38.41
N GLN C 569 -4.24 0.17 -39.33
CA GLN C 569 -5.30 -0.77 -38.99
C GLN C 569 -4.73 -2.13 -38.61
N SER C 570 -3.78 -2.63 -39.38
CA SER C 570 -3.19 -3.93 -39.07
C SER C 570 -2.44 -3.90 -37.74
N LEU C 571 -1.69 -2.83 -37.48
CA LEU C 571 -1.02 -2.70 -36.19
C LEU C 571 -2.01 -2.54 -35.05
N PHE C 572 -3.09 -1.80 -35.26
CA PHE C 572 -4.10 -1.65 -34.21
C PHE C 572 -4.77 -2.98 -33.89
N TRP C 573 -5.12 -3.75 -34.93
CA TRP C 573 -5.82 -5.02 -34.73
C TRP C 573 -4.92 -6.12 -34.21
N SER C 574 -3.60 -5.94 -34.22
CA SER C 574 -2.69 -6.93 -33.66
C SER C 574 -2.70 -6.93 -32.14
N ILE C 575 -3.25 -5.90 -31.50
CA ILE C 575 -3.38 -5.90 -30.06
C ILE C 575 -4.28 -7.04 -29.60
N PHE C 576 -5.38 -7.24 -30.31
CA PHE C 576 -6.35 -8.29 -29.99
C PHE C 576 -6.05 -9.60 -30.70
N GLY C 577 -4.94 -9.68 -31.43
CA GLY C 577 -4.56 -10.93 -32.08
C GLY C 577 -5.37 -11.28 -33.31
N LEU C 578 -6.02 -10.31 -33.94
CA LEU C 578 -6.86 -10.55 -35.10
C LEU C 578 -6.10 -10.45 -36.40
N ILE C 579 -4.79 -10.21 -36.36
CA ILE C 579 -3.94 -10.13 -37.54
C ILE C 579 -3.06 -11.38 -37.57
N ASN C 580 -3.17 -12.15 -38.63
CA ASN C 580 -2.44 -13.41 -38.73
C ASN C 580 -0.99 -13.13 -39.14
N LEU C 581 -0.19 -14.19 -39.19
CA LEU C 581 1.24 -14.06 -39.44
C LEU C 581 1.61 -14.07 -40.91
N TYR C 582 0.68 -14.42 -41.81
CA TYR C 582 1.01 -14.40 -43.23
C TYR C 582 0.92 -12.99 -43.82
N VAL C 583 0.46 -12.01 -43.05
CA VAL C 583 0.41 -10.64 -43.52
C VAL C 583 1.79 -10.04 -43.71
N THR C 584 2.82 -10.64 -43.10
CA THR C 584 4.19 -10.18 -43.26
C THR C 584 4.92 -10.88 -44.39
N ASN C 585 4.25 -11.76 -45.11
CA ASN C 585 4.86 -12.48 -46.21
C ASN C 585 4.88 -11.65 -47.49
N VAL C 586 5.82 -11.95 -48.36
CA VAL C 586 5.99 -11.29 -49.64
C VAL C 586 5.90 -12.34 -50.74
N LYS C 587 5.22 -11.99 -51.84
CA LYS C 587 5.15 -12.89 -52.98
C LYS C 587 6.54 -13.19 -53.53
N ALA C 588 7.40 -12.19 -53.59
CA ALA C 588 8.79 -12.40 -53.97
C ALA C 588 9.52 -13.19 -52.90
N GLN C 589 10.57 -13.90 -53.31
CA GLN C 589 11.35 -14.74 -52.40
C GLN C 589 12.42 -13.91 -51.70
N HIS C 590 11.97 -12.84 -51.03
CA HIS C 590 12.86 -11.97 -50.26
C HIS C 590 12.67 -12.30 -48.79
N GLU C 591 13.40 -13.31 -48.32
CA GLU C 591 13.26 -13.75 -46.94
C GLU C 591 13.87 -12.75 -45.96
N PHE C 592 14.91 -12.03 -46.38
CA PHE C 592 15.48 -11.02 -45.48
C PHE C 592 14.49 -9.89 -45.21
N THR C 593 13.80 -9.42 -46.25
CA THR C 593 12.78 -8.39 -46.04
C THR C 593 11.63 -8.91 -45.20
N GLU C 594 11.21 -10.16 -45.45
CA GLU C 594 10.14 -10.76 -44.65
C GLU C 594 10.56 -10.87 -43.19
N PHE C 595 11.80 -11.27 -42.92
CA PHE C 595 12.26 -11.40 -41.54
C PHE C 595 12.31 -10.05 -40.85
N VAL C 596 12.78 -9.01 -41.54
CA VAL C 596 12.83 -7.68 -40.96
C VAL C 596 11.43 -7.17 -40.67
N GLY C 597 10.50 -7.39 -41.61
CA GLY C 597 9.13 -6.95 -41.39
C GLY C 597 8.47 -7.67 -40.23
N ALA C 598 8.70 -8.98 -40.10
CA ALA C 598 8.13 -9.72 -38.98
C ALA C 598 8.81 -9.37 -37.67
N THR C 599 10.12 -9.12 -37.68
CA THR C 599 10.80 -8.66 -36.48
C THR C 599 10.30 -7.29 -36.05
N MET C 600 10.09 -6.39 -37.01
CA MET C 600 9.49 -5.10 -36.69
C MET C 600 8.06 -5.27 -36.20
N PHE C 601 7.32 -6.19 -36.80
CA PHE C 601 5.99 -6.52 -36.30
C PHE C 601 6.08 -7.16 -34.92
N GLY C 602 7.06 -8.05 -34.71
CA GLY C 602 7.21 -8.68 -33.42
C GLY C 602 7.63 -7.70 -32.33
N THR C 603 8.52 -6.76 -32.66
CA THR C 603 8.92 -5.75 -31.69
C THR C 603 7.75 -4.88 -31.28
N TYR C 604 6.89 -4.52 -32.23
CA TYR C 604 5.71 -3.73 -31.89
C TYR C 604 4.79 -4.50 -30.96
N ASN C 605 4.61 -5.80 -31.22
CA ASN C 605 3.75 -6.62 -30.37
C ASN C 605 4.28 -6.69 -28.94
N VAL C 606 5.59 -6.83 -28.79
CA VAL C 606 6.18 -6.88 -27.45
C VAL C 606 5.99 -5.56 -26.73
N ILE C 607 6.27 -4.45 -27.43
CA ILE C 607 6.17 -3.13 -26.81
C ILE C 607 4.72 -2.82 -26.45
N SER C 608 3.79 -3.07 -27.38
CA SER C 608 2.40 -2.69 -27.15
C SER C 608 1.73 -3.58 -26.13
N LEU C 609 1.94 -4.89 -26.22
CA LEU C 609 1.22 -5.84 -25.38
C LEU C 609 1.98 -6.20 -24.10
N VAL C 610 3.22 -6.66 -24.22
CA VAL C 610 3.97 -7.07 -23.03
C VAL C 610 4.36 -5.84 -22.20
N VAL C 611 4.77 -4.76 -22.85
CA VAL C 611 5.34 -3.62 -22.15
C VAL C 611 4.28 -2.55 -21.88
N LEU C 612 3.70 -1.99 -22.95
CA LEU C 612 2.79 -0.86 -22.78
C LEU C 612 1.51 -1.26 -22.05
N LEU C 613 0.90 -2.39 -22.44
CA LEU C 613 -0.34 -2.81 -21.81
C LEU C 613 -0.13 -3.15 -20.34
N ASN C 614 0.97 -3.84 -20.03
CA ASN C 614 1.25 -4.16 -18.63
C ASN C 614 1.65 -2.91 -17.85
N MET C 615 2.32 -1.96 -18.48
CA MET C 615 2.60 -0.69 -17.82
C MET C 615 1.31 0.07 -17.54
N LEU C 616 0.35 0.04 -18.47
CA LEU C 616 -0.91 0.72 -18.25
C LEU C 616 -1.62 0.18 -17.01
N ILE C 617 -1.55 -1.14 -16.79
CA ILE C 617 -2.18 -1.74 -15.62
C ILE C 617 -1.55 -1.20 -14.35
N ALA C 618 -0.23 -0.99 -14.36
CA ALA C 618 0.46 -0.50 -13.17
C ALA C 618 -0.06 0.87 -12.75
N MET C 619 -0.39 1.71 -13.72
CA MET C 619 -0.89 3.05 -13.39
C MET C 619 -2.25 2.99 -12.73
N MET C 620 -3.23 2.35 -13.37
CA MET C 620 -4.60 2.34 -12.87
C MET C 620 -4.73 1.61 -11.54
N ASN C 621 -3.89 0.60 -11.30
CA ASN C 621 -3.85 -0.02 -9.98
C ASN C 621 -3.35 0.97 -8.94
N ASN C 622 -2.30 1.73 -9.27
CA ASN C 622 -1.81 2.76 -8.36
C ASN C 622 -2.79 3.94 -8.33
N SER C 623 -3.39 4.26 -9.47
CA SER C 623 -4.34 5.37 -9.53
C SER C 623 -5.56 5.12 -8.66
N TYR C 624 -6.10 3.90 -8.69
CA TYR C 624 -7.24 3.57 -7.84
C TYR C 624 -6.91 3.63 -6.36
N GLN C 625 -5.71 3.22 -5.96
CA GLN C 625 -5.36 3.32 -4.55
C GLN C 625 -5.45 4.77 -4.06
N LEU C 626 -5.07 5.73 -4.91
CA LEU C 626 -5.24 7.13 -4.57
C LEU C 626 -6.72 7.53 -4.61
N ILE C 627 -7.44 7.05 -5.63
CA ILE C 627 -8.86 7.40 -5.76
C ILE C 627 -9.75 6.64 -4.80
N ALA C 628 -9.34 5.46 -4.33
CA ALA C 628 -10.20 4.67 -3.46
C ALA C 628 -10.56 5.43 -2.19
N ASP C 629 -9.59 6.11 -1.58
CA ASP C 629 -9.89 6.99 -0.48
C ASP C 629 -10.60 8.24 -0.98
N HIS C 630 -11.42 8.83 -0.12
CA HIS C 630 -12.28 9.98 -0.44
C HIS C 630 -13.05 9.78 -1.75
N ALA C 631 -13.32 8.52 -2.10
CA ALA C 631 -14.19 8.25 -3.25
C ALA C 631 -15.64 8.51 -2.91
N ASP C 632 -16.02 8.36 -1.64
CA ASP C 632 -17.38 8.66 -1.22
C ASP C 632 -17.67 10.15 -1.34
N ILE C 633 -16.69 11.00 -1.03
CA ILE C 633 -16.88 12.44 -1.16
C ILE C 633 -17.10 12.82 -2.61
N GLU C 634 -16.32 12.24 -3.52
CA GLU C 634 -16.46 12.56 -4.94
C GLU C 634 -17.81 12.10 -5.48
N TRP C 635 -18.26 10.90 -5.10
CA TRP C 635 -19.56 10.42 -5.55
C TRP C 635 -20.69 11.26 -4.97
N LYS C 636 -20.60 11.59 -3.67
CA LYS C 636 -21.65 12.39 -3.05
C LYS C 636 -21.74 13.78 -3.65
N PHE C 637 -20.60 14.37 -4.01
CA PHE C 637 -20.63 15.65 -4.72
C PHE C 637 -21.28 15.49 -6.09
N ALA C 638 -20.95 14.42 -6.80
CA ALA C 638 -21.57 14.18 -8.11
C ALA C 638 -23.04 13.85 -7.98
N ARG C 639 -23.41 13.08 -6.96
CA ARG C 639 -24.83 12.77 -6.75
C ARG C 639 -25.61 14.01 -6.35
N THR C 640 -25.00 14.91 -5.59
CA THR C 640 -25.67 16.16 -5.24
C THR C 640 -25.99 16.98 -6.48
N LYS C 641 -25.03 17.08 -7.40
CA LYS C 641 -25.26 17.82 -8.63
C LYS C 641 -26.40 17.20 -9.45
N LEU C 642 -26.45 15.86 -9.50
CA LEU C 642 -27.58 15.20 -10.15
C LEU C 642 -28.88 15.48 -9.44
N TRP C 643 -28.86 15.52 -8.11
CA TRP C 643 -30.09 15.74 -7.35
C TRP C 643 -30.65 17.13 -7.57
N MET C 644 -29.80 18.16 -7.43
CA MET C 644 -30.27 19.53 -7.61
C MET C 644 -30.63 19.85 -9.06
N SER C 645 -30.25 19.02 -10.02
CA SER C 645 -30.69 19.20 -11.40
C SER C 645 -32.18 18.94 -11.56
N TYR C 646 -32.82 18.28 -10.61
CA TYR C 646 -34.25 18.03 -10.64
C TYR C 646 -35.02 18.87 -9.61
N PHE C 647 -34.33 19.72 -8.86
CA PHE C 647 -35.01 20.49 -7.82
C PHE C 647 -35.89 21.58 -8.41
N GLU C 648 -35.41 22.27 -9.44
CA GLU C 648 -36.15 23.39 -10.01
C GLU C 648 -37.22 22.89 -10.97
N GLU C 649 -38.00 23.83 -11.50
CA GLU C 649 -39.10 23.53 -12.41
C GLU C 649 -38.70 23.62 -13.88
N GLY C 650 -37.41 23.83 -14.16
CA GLY C 650 -37.00 24.01 -15.54
C GLY C 650 -37.23 22.78 -16.41
N GLY C 651 -36.95 21.60 -15.87
CA GLY C 651 -37.08 20.38 -16.64
C GLY C 651 -38.06 19.38 -16.04
N THR C 652 -39.17 19.88 -15.51
CA THR C 652 -40.15 19.00 -14.89
C THR C 652 -40.72 18.01 -15.89
N LEU C 653 -41.06 18.49 -17.09
CA LEU C 653 -41.60 17.62 -18.11
C LEU C 653 -40.50 16.76 -18.70
N PRO C 654 -40.78 15.50 -19.04
CA PRO C 654 -39.74 14.65 -19.63
C PRO C 654 -39.45 15.01 -21.08
N THR C 655 -38.57 14.25 -21.72
CA THR C 655 -38.14 14.59 -23.08
C THR C 655 -39.27 14.55 -24.11
N PRO C 656 -40.09 13.51 -24.21
CA PRO C 656 -41.11 13.49 -25.27
C PRO C 656 -42.18 14.56 -25.12
N PHE C 657 -42.47 14.99 -23.89
CA PHE C 657 -43.56 15.91 -23.63
C PHE C 657 -43.09 17.33 -23.32
N ASN C 658 -41.79 17.60 -23.41
CA ASN C 658 -41.30 18.96 -23.17
C ASN C 658 -41.61 19.90 -24.32
N VAL C 659 -41.79 19.37 -25.55
CA VAL C 659 -42.11 20.19 -26.70
C VAL C 659 -43.58 20.53 -26.80
N ILE C 660 -44.44 19.86 -26.04
CA ILE C 660 -45.87 20.13 -26.08
C ILE C 660 -46.26 21.00 -24.89
N ARG C 695 -38.47 44.71 0.13
CA ARG C 695 -37.24 44.00 -0.19
C ARG C 695 -36.15 44.30 0.83
N ALA C 696 -35.99 45.58 1.15
CA ALA C 696 -34.95 45.98 2.09
C ALA C 696 -35.17 45.38 3.47
N ALA C 697 -36.43 45.36 3.94
CA ALA C 697 -36.72 44.78 5.25
C ALA C 697 -36.41 43.29 5.28
N ASP C 698 -36.79 42.57 4.22
CA ASP C 698 -36.51 41.14 4.17
C ASP C 698 -35.02 40.88 4.03
N ASN C 699 -34.32 41.67 3.21
CA ASN C 699 -32.88 41.52 3.09
C ASN C 699 -32.17 41.82 4.39
N LEU C 700 -32.62 42.87 5.10
CA LEU C 700 -32.04 43.19 6.40
C LEU C 700 -32.29 42.08 7.41
N ARG C 701 -33.50 41.51 7.39
CA ARG C 701 -33.83 40.43 8.33
C ARG C 701 -32.97 39.19 8.07
N ARG C 702 -32.77 38.83 6.80
CA ARG C 702 -31.96 37.66 6.49
C ARG C 702 -30.51 37.85 6.91
N HIS C 703 -29.97 39.05 6.70
CA HIS C 703 -28.59 39.32 7.09
C HIS C 703 -28.40 39.19 8.59
N HIS C 704 -29.34 39.73 9.37
CA HIS C 704 -29.23 39.61 10.82
C HIS C 704 -29.38 38.16 11.28
N GLN C 705 -30.33 37.43 10.70
CA GLN C 705 -30.51 36.04 11.10
C GLN C 705 -29.37 35.15 10.64
N TYR C 706 -28.72 35.52 9.53
CA TYR C 706 -27.52 34.77 9.11
C TYR C 706 -26.34 35.10 10.00
N GLN C 707 -26.14 36.38 10.32
CA GLN C 707 -25.05 36.77 11.19
C GLN C 707 -25.22 36.21 12.59
N GLU C 708 -26.46 36.20 13.08
CA GLU C 708 -26.75 35.61 14.39
C GLU C 708 -26.29 34.15 14.36
N VAL C 709 -26.81 33.40 13.39
CA VAL C 709 -26.46 32.00 13.28
C VAL C 709 -24.96 31.84 13.10
N MET C 710 -24.35 32.69 12.27
CA MET C 710 -22.93 32.55 11.99
C MET C 710 -22.09 32.90 13.21
N ARG C 711 -22.58 33.81 14.06
CA ARG C 711 -21.89 34.11 15.32
C ARG C 711 -21.79 32.88 16.20
N ASN C 712 -22.89 32.11 16.29
CA ASN C 712 -22.88 30.90 17.09
C ASN C 712 -21.93 29.86 16.52
N LEU C 713 -21.93 29.69 15.19
CA LEU C 713 -21.08 28.68 14.56
C LEU C 713 -19.61 28.99 14.77
N VAL C 714 -19.21 30.24 14.58
CA VAL C 714 -17.82 30.62 14.77
C VAL C 714 -17.40 30.46 16.23
N LYS C 715 -18.29 30.87 17.15
CA LYS C 715 -17.96 30.80 18.57
C LYS C 715 -17.73 29.36 19.01
N ARG C 716 -18.59 28.44 18.58
CA ARG C 716 -18.43 27.04 18.99
C ARG C 716 -17.33 26.36 18.19
N TYR C 717 -17.06 26.81 16.95
CA TYR C 717 -15.95 26.26 16.20
C TYR C 717 -14.62 26.59 16.86
N VAL C 718 -14.48 27.81 17.37
CA VAL C 718 -13.25 28.21 18.05
C VAL C 718 -13.05 27.37 19.31
N ALA C 719 -14.11 27.20 20.09
CA ALA C 719 -14.01 26.43 21.33
C ALA C 719 -13.75 24.96 21.06
N ALA C 720 -14.38 24.39 20.03
CA ALA C 720 -14.30 22.95 19.80
C ALA C 720 -13.04 22.58 19.02
N MET C 721 -12.71 23.36 17.99
CA MET C 721 -11.61 22.99 17.11
C MET C 721 -10.32 23.70 17.50
N ILE C 722 -10.36 25.03 17.59
CA ILE C 722 -9.14 25.77 17.88
C ILE C 722 -8.62 25.46 19.28
N ARG C 723 -9.50 25.40 20.27
CA ARG C 723 -9.05 25.21 21.65
C ARG C 723 -8.71 23.76 21.94
N ASP C 724 -9.65 22.84 21.68
CA ASP C 724 -9.47 21.45 22.08
C ASP C 724 -8.33 20.78 21.33
N ALA C 725 -8.17 21.07 20.04
CA ALA C 725 -7.08 20.45 19.29
C ALA C 725 -5.72 20.85 19.84
N LYS C 726 -5.57 22.10 20.30
CA LYS C 726 -4.33 22.51 20.93
C LYS C 726 -4.06 21.75 22.22
N THR C 727 -5.11 21.44 22.99
CA THR C 727 -4.94 20.68 24.22
C THR C 727 -4.55 19.23 23.93
N GLU C 728 -5.00 18.68 22.80
CA GLU C 728 -4.67 17.32 22.41
C GLU C 728 -3.39 17.24 21.58
N GLU C 729 -2.68 18.35 21.40
CA GLU C 729 -1.42 18.35 20.68
C GLU C 729 -0.36 17.55 21.45
N GLY C 730 0.57 16.97 20.71
CA GLY C 730 1.62 16.17 21.32
C GLY C 730 2.63 17.01 22.08
N LEU C 731 3.44 16.31 22.87
CA LEU C 731 4.47 16.95 23.69
C LEU C 731 5.80 16.94 22.96
N THR C 732 6.46 18.09 22.91
CA THR C 732 7.74 18.26 22.25
C THR C 732 8.82 18.54 23.29
N GLU C 733 10.05 18.72 22.81
CA GLU C 733 11.17 18.99 23.71
C GLU C 733 11.04 20.36 24.37
N GLU C 734 10.35 21.30 23.72
CA GLU C 734 10.16 22.61 24.33
C GLU C 734 9.35 22.52 25.62
N ASN C 735 8.32 21.68 25.65
CA ASN C 735 7.54 21.51 26.86
C ASN C 735 8.38 20.94 28.00
N PHE C 736 9.21 19.94 27.70
CA PHE C 736 10.12 19.42 28.72
C PHE C 736 11.12 20.48 29.15
N LYS C 737 11.65 21.23 28.20
CA LYS C 737 12.57 22.33 28.53
C LYS C 737 11.86 23.40 29.34
N GLU C 738 10.59 23.64 29.05
CA GLU C 738 9.80 24.58 29.84
C GLU C 738 9.64 24.10 31.27
N LEU C 739 9.21 22.84 31.45
CA LEU C 739 8.92 22.34 32.79
C LEU C 739 10.14 22.39 33.68
N LYS C 740 11.33 22.22 33.11
CA LYS C 740 12.56 22.36 33.89
C LYS C 740 12.75 23.79 34.35
N GLN C 741 12.32 24.77 33.54
CA GLN C 741 12.54 26.17 33.88
C GLN C 741 11.70 26.57 35.09
N ASP C 742 10.44 26.17 35.14
CA ASP C 742 9.60 26.50 36.30
C ASP C 742 10.15 25.86 37.57
N ILE C 743 10.64 24.62 37.46
CA ILE C 743 11.32 23.99 38.60
C ILE C 743 12.60 24.75 38.92
N SER C 744 13.35 25.13 37.89
CA SER C 744 14.61 25.84 38.11
C SER C 744 14.38 27.26 38.63
N SER C 745 13.29 27.90 38.23
CA SER C 745 12.97 29.21 38.79
C SER C 745 12.55 29.08 40.26
N PHE C 746 11.80 28.02 40.58
CA PHE C 746 11.44 27.75 41.96
C PHE C 746 12.63 27.21 42.74
N ARG C 747 13.62 26.68 42.03
CA ARG C 747 14.86 26.17 42.60
C ARG C 747 15.63 27.22 43.39
N PHE C 748 15.88 28.38 42.75
CA PHE C 748 16.90 29.28 43.28
C PHE C 748 16.35 30.21 44.34
N GLU C 749 15.15 30.76 44.13
CA GLU C 749 14.62 31.72 45.09
C GLU C 749 14.28 31.08 46.43
N VAL C 750 13.82 29.83 46.43
CA VAL C 750 13.62 29.12 47.69
C VAL C 750 14.96 28.97 48.41
N LEU C 751 16.01 28.61 47.68
CA LEU C 751 17.34 28.61 48.25
C LEU C 751 17.77 30.02 48.64
N GLY C 752 17.44 31.02 47.82
CA GLY C 752 17.75 32.40 48.18
C GLY C 752 16.97 32.87 49.39
N LEU C 753 15.69 32.47 49.48
CA LEU C 753 14.87 32.89 50.61
C LEU C 753 15.30 32.19 51.90
N LEU C 754 15.64 30.91 51.82
CA LEU C 754 16.04 30.17 53.01
C LEU C 754 17.42 30.61 53.49
N ARG C 755 18.37 30.76 52.58
CA ARG C 755 19.71 31.22 52.94
C ARG C 755 19.83 32.73 52.78
N ARG D 15 14.45 -34.60 37.12
CA ARG D 15 14.25 -33.16 37.03
C ARG D 15 13.13 -32.81 36.05
N ASP D 16 12.32 -31.83 36.42
CA ASP D 16 11.20 -31.38 35.60
C ASP D 16 11.07 -29.87 35.56
N ARG D 17 11.95 -29.14 36.23
CA ARG D 17 11.94 -27.69 36.24
C ARG D 17 13.29 -27.17 35.78
N ILE D 18 13.29 -25.96 35.22
CA ILE D 18 14.51 -25.32 34.73
C ILE D 18 15.11 -24.53 35.90
N PRO D 19 16.27 -24.93 36.42
CA PRO D 19 16.86 -24.19 37.54
C PRO D 19 17.65 -22.98 37.07
N LEU D 20 16.97 -21.86 36.86
CA LEU D 20 17.63 -20.65 36.38
C LEU D 20 18.69 -20.20 37.38
N ARG D 21 19.87 -19.88 36.86
CA ARG D 21 20.99 -19.45 37.68
C ARG D 21 21.74 -18.35 36.96
N ILE D 22 22.55 -17.61 37.72
CA ILE D 22 23.37 -16.55 37.16
C ILE D 22 24.55 -17.20 36.43
N VAL D 23 24.70 -16.87 35.16
CA VAL D 23 25.76 -17.43 34.31
C VAL D 23 26.90 -16.44 34.12
N ARG D 24 26.59 -15.26 33.58
CA ARG D 24 27.60 -14.22 33.38
C ARG D 24 27.35 -13.00 34.26
N ALA D 25 26.19 -12.35 34.12
CA ALA D 25 25.80 -11.18 34.91
C ALA D 25 26.96 -10.21 35.12
N GLU D 26 27.18 -9.81 36.36
CA GLU D 26 28.27 -8.91 36.72
C GLU D 26 28.53 -9.04 38.21
N SER D 27 29.63 -8.43 38.66
CA SER D 27 29.99 -8.46 40.06
C SER D 27 28.93 -7.75 40.90
N GLU D 28 28.63 -8.32 42.07
CA GLU D 28 27.60 -7.77 42.94
C GLU D 28 28.09 -6.48 43.59
N LEU D 29 27.14 -5.76 44.18
CA LEU D 29 27.41 -4.47 44.82
C LEU D 29 27.17 -4.57 46.32
N SER D 30 28.05 -3.93 47.09
CA SER D 30 27.88 -3.87 48.53
C SER D 30 26.63 -3.06 48.88
N PRO D 31 25.97 -3.38 49.99
CA PRO D 31 24.79 -2.60 50.39
C PRO D 31 25.08 -1.12 50.56
N SER D 32 26.26 -0.77 51.07
CA SER D 32 26.67 0.63 51.13
C SER D 32 26.86 1.20 49.73
N GLU D 33 27.47 0.43 48.83
CA GLU D 33 27.65 0.88 47.46
C GLU D 33 26.32 1.05 46.75
N LYS D 34 25.37 0.14 47.01
CA LYS D 34 24.05 0.26 46.40
C LYS D 34 23.34 1.52 46.86
N ALA D 35 23.45 1.84 48.16
CA ALA D 35 22.88 3.08 48.66
C ALA D 35 23.59 4.30 48.07
N TYR D 36 24.91 4.21 47.91
CA TYR D 36 25.66 5.32 47.32
C TYR D 36 25.23 5.59 45.89
N LEU D 37 25.08 4.54 45.08
CA LEU D 37 24.61 4.72 43.71
C LEU D 37 23.15 5.17 43.69
N ASN D 38 22.34 4.69 44.63
CA ASN D 38 20.95 5.12 44.71
C ASN D 38 20.84 6.60 45.06
N ALA D 39 21.75 7.08 45.92
CA ALA D 39 21.78 8.51 46.22
C ALA D 39 22.15 9.33 44.99
N VAL D 40 23.09 8.84 44.18
CA VAL D 40 23.45 9.53 42.94
C VAL D 40 22.26 9.58 42.00
N GLU D 41 21.54 8.46 41.87
CA GLU D 41 20.36 8.44 41.01
C GLU D 41 19.26 9.36 41.52
N LYS D 42 19.09 9.44 42.84
CA LYS D 42 18.07 10.29 43.44
C LYS D 42 18.51 11.74 43.58
N GLY D 43 19.75 12.06 43.23
CA GLY D 43 20.21 13.43 43.28
C GLY D 43 20.45 13.98 44.66
N ASP D 44 20.63 13.12 45.65
CA ASP D 44 20.87 13.56 47.02
C ASP D 44 22.31 14.05 47.14
N TYR D 45 22.50 15.36 46.97
CA TYR D 45 23.84 15.93 47.03
C TYR D 45 24.47 15.75 48.40
N ALA D 46 23.69 15.96 49.46
CA ALA D 46 24.24 15.82 50.81
C ALA D 46 24.64 14.38 51.10
N SER D 47 23.82 13.42 50.70
CA SER D 47 24.16 12.02 50.93
C SER D 47 25.36 11.58 50.10
N VAL D 48 25.41 12.02 48.83
CA VAL D 48 26.53 11.64 47.97
C VAL D 48 27.82 12.25 48.48
N LYS D 49 27.80 13.52 48.89
CA LYS D 49 29.01 14.15 49.40
C LYS D 49 29.49 13.47 50.68
N LYS D 50 28.57 13.13 51.57
CA LYS D 50 28.95 12.46 52.82
C LYS D 50 29.53 11.08 52.53
N SER D 51 28.90 10.32 51.64
CA SER D 51 29.41 8.99 51.31
C SER D 51 30.77 9.06 50.64
N LEU D 52 30.96 10.02 49.72
CA LEU D 52 32.26 10.17 49.08
C LEU D 52 33.32 10.59 50.07
N GLU D 53 32.98 11.48 51.00
CA GLU D 53 33.93 11.87 52.05
C GLU D 53 34.29 10.68 52.94
N GLU D 54 33.30 9.84 53.26
CA GLU D 54 33.59 8.65 54.05
C GLU D 54 34.46 7.66 53.29
N ALA D 55 34.30 7.57 51.97
CA ALA D 55 35.11 6.67 51.18
C ALA D 55 36.58 7.05 51.21
N GLU D 56 36.89 8.34 51.18
CA GLU D 56 38.27 8.80 51.19
C GLU D 56 38.90 8.78 52.58
N ILE D 57 38.10 8.54 53.63
CA ILE D 57 38.63 8.48 54.98
C ILE D 57 38.48 7.10 55.60
N TYR D 58 37.54 6.27 55.13
CA TYR D 58 37.35 4.93 55.66
C TYR D 58 37.69 3.82 54.68
N PHE D 59 37.72 4.13 53.38
CA PHE D 59 38.04 3.14 52.34
C PHE D 59 37.11 1.93 52.42
N LYS D 60 35.83 2.20 52.67
CA LYS D 60 34.84 1.13 52.79
C LYS D 60 34.17 0.82 51.45
N ILE D 61 33.56 1.83 50.84
CA ILE D 61 32.84 1.66 49.59
C ILE D 61 33.78 2.00 48.43
N ASN D 62 33.44 1.50 47.25
CA ASN D 62 34.19 1.79 46.04
C ASN D 62 33.57 2.98 45.33
N ILE D 63 34.38 4.01 45.06
CA ILE D 63 33.88 5.20 44.39
C ILE D 63 33.42 4.86 42.97
N ASN D 64 34.12 3.95 42.30
CA ASN D 64 33.86 3.61 40.91
C ASN D 64 33.03 2.34 40.77
N CYS D 65 32.10 2.13 41.69
CA CYS D 65 31.23 0.96 41.61
C CYS D 65 30.32 1.04 40.38
N ILE D 66 29.94 -0.13 39.87
CA ILE D 66 29.20 -0.25 38.62
C ILE D 66 27.85 -0.91 38.92
N ASP D 67 26.78 -0.29 38.43
CA ASP D 67 25.44 -0.86 38.54
C ASP D 67 25.30 -2.06 37.63
N PRO D 68 24.29 -2.93 37.88
CA PRO D 68 24.07 -4.14 37.07
C PRO D 68 23.94 -3.81 35.58
N LEU D 69 23.35 -2.67 35.26
CA LEU D 69 23.18 -2.25 33.89
C LEU D 69 24.44 -1.65 33.28
N GLY D 70 25.53 -1.57 34.05
CA GLY D 70 26.78 -1.05 33.55
C GLY D 70 26.99 0.44 33.75
N ARG D 71 26.23 1.08 34.62
CA ARG D 71 26.31 2.51 34.85
C ARG D 71 27.08 2.78 36.14
N THR D 72 28.12 3.60 36.06
CA THR D 72 28.86 3.99 37.23
C THR D 72 28.24 5.24 37.85
N ALA D 73 28.86 5.74 38.91
CA ALA D 73 28.35 6.94 39.58
C ALA D 73 28.39 8.14 38.66
N LEU D 74 29.50 8.32 37.92
CA LEU D 74 29.60 9.43 36.99
C LEU D 74 28.62 9.29 35.84
N LEU D 75 28.42 8.06 35.36
CA LEU D 75 27.47 7.83 34.25
C LEU D 75 26.05 8.14 34.67
N ILE D 76 25.67 7.80 35.91
CA ILE D 76 24.33 8.07 36.38
C ILE D 76 24.09 9.57 36.47
N ALA D 77 25.06 10.32 37.00
CA ALA D 77 24.93 11.76 37.06
C ALA D 77 24.88 12.39 35.68
N ILE D 78 25.67 11.87 34.74
CA ILE D 78 25.64 12.38 33.38
C ILE D 78 24.29 12.11 32.73
N GLU D 79 23.73 10.92 32.95
CA GLU D 79 22.43 10.59 32.38
C GLU D 79 21.34 11.49 32.91
N ASN D 80 21.40 11.86 34.18
CA ASN D 80 20.46 12.80 34.77
C ASN D 80 20.83 14.25 34.52
N GLU D 81 21.97 14.50 33.88
CA GLU D 81 22.47 15.86 33.60
C GLU D 81 22.50 16.71 34.87
N ASN D 82 22.97 16.11 35.96
CA ASN D 82 23.13 16.82 37.23
C ASN D 82 24.54 17.41 37.26
N LEU D 83 24.66 18.64 36.78
CA LEU D 83 25.97 19.27 36.70
C LEU D 83 26.61 19.46 38.06
N GLU D 84 25.80 19.72 39.09
CA GLU D 84 26.33 19.83 40.44
C GLU D 84 26.90 18.49 40.92
N LEU D 85 26.21 17.39 40.61
CA LEU D 85 26.71 16.08 40.99
C LEU D 85 27.98 15.72 40.22
N ILE D 86 28.03 16.07 38.93
CA ILE D 86 29.23 15.81 38.15
C ILE D 86 30.42 16.58 38.70
N GLU D 87 30.20 17.85 39.05
CA GLU D 87 31.27 18.65 39.62
C GLU D 87 31.72 18.08 40.97
N LEU D 88 30.78 17.62 41.77
CA LEU D 88 31.14 17.00 43.04
C LEU D 88 31.95 15.73 42.84
N LEU D 89 31.55 14.89 41.89
CA LEU D 89 32.29 13.67 41.61
C LEU D 89 33.67 13.98 41.05
N LEU D 90 33.74 14.91 40.11
CA LEU D 90 35.02 15.29 39.52
C LEU D 90 35.95 15.94 40.53
N SER D 91 35.42 16.47 41.64
CA SER D 91 36.28 17.02 42.69
C SER D 91 37.16 15.93 43.29
N PHE D 92 36.60 14.74 43.49
CA PHE D 92 37.36 13.59 43.95
C PHE D 92 38.00 12.88 42.77
N ASN D 93 38.72 11.80 43.06
CA ASN D 93 39.43 11.04 42.02
C ASN D 93 38.54 9.92 41.49
N VAL D 94 37.52 10.34 40.75
CA VAL D 94 36.60 9.41 40.10
C VAL D 94 37.17 9.03 38.74
N TYR D 95 37.23 7.74 38.45
CA TYR D 95 37.74 7.28 37.17
C TYR D 95 36.80 7.71 36.05
N VAL D 96 37.24 8.69 35.27
CA VAL D 96 36.39 9.23 34.20
C VAL D 96 36.13 8.16 33.15
N GLY D 97 37.18 7.52 32.66
CA GLY D 97 37.02 6.53 31.60
C GLY D 97 36.41 7.17 30.37
N ASP D 98 35.43 6.49 29.78
CA ASP D 98 34.69 7.03 28.64
C ASP D 98 33.43 7.77 29.06
N ALA D 99 33.58 8.67 30.03
CA ALA D 99 32.46 9.51 30.45
C ALA D 99 32.21 10.64 29.47
N LEU D 100 33.27 11.16 28.84
CA LEU D 100 33.09 12.22 27.85
C LEU D 100 32.26 11.73 26.67
N LEU D 101 32.51 10.51 26.22
CA LEU D 101 31.70 9.93 25.15
C LEU D 101 30.25 9.77 25.59
N HIS D 102 30.04 9.35 26.83
CA HIS D 102 28.68 9.18 27.34
C HIS D 102 27.95 10.51 27.41
N ALA D 103 28.65 11.57 27.86
CA ALA D 103 28.04 12.90 27.85
C ALA D 103 27.76 13.38 26.44
N ILE D 104 28.67 13.10 25.50
CA ILE D 104 28.46 13.49 24.11
C ILE D 104 27.27 12.73 23.52
N ARG D 105 27.19 11.43 23.77
CA ARG D 105 26.08 10.64 23.25
C ARG D 105 24.75 11.09 23.84
N LYS D 106 24.72 11.38 25.14
CA LYS D 106 23.52 11.88 25.79
C LYS D 106 23.18 13.31 25.39
N GLU D 107 24.07 13.98 24.67
CA GLU D 107 23.85 15.35 24.20
C GLU D 107 23.67 16.31 25.37
N VAL D 108 24.55 16.19 26.37
CA VAL D 108 24.53 17.07 27.53
C VAL D 108 25.50 18.22 27.25
N VAL D 109 24.97 19.44 27.22
CA VAL D 109 25.81 20.61 26.98
C VAL D 109 26.84 20.79 28.09
N GLY D 110 26.56 20.28 29.29
CA GLY D 110 27.51 20.35 30.38
C GLY D 110 28.62 19.33 30.27
N ALA D 111 29.14 19.15 29.05
CA ALA D 111 30.33 18.35 28.82
C ALA D 111 31.61 19.18 28.94
N VAL D 112 31.47 20.48 29.27
CA VAL D 112 32.64 21.33 29.48
C VAL D 112 33.41 20.88 30.71
N GLU D 113 32.71 20.39 31.74
CA GLU D 113 33.40 19.95 32.95
C GLU D 113 34.34 18.79 32.68
N LEU D 114 33.93 17.83 31.84
CA LEU D 114 34.79 16.71 31.52
C LEU D 114 35.92 17.11 30.57
N LEU D 115 35.70 18.14 29.75
CA LEU D 115 36.73 18.56 28.80
C LEU D 115 37.92 19.19 29.51
N LEU D 116 37.66 20.03 30.51
CA LEU D 116 38.72 20.71 31.26
C LEU D 116 38.92 20.12 32.65
N ASN D 117 38.79 18.80 32.78
CA ASN D 117 39.10 18.11 34.04
C ASN D 117 40.57 17.70 34.00
N HIS D 118 41.43 18.65 34.38
CA HIS D 118 42.89 18.50 34.38
C HIS D 118 43.42 17.78 33.14
N GLN D 135 39.38 -3.02 30.00
CA GLN D 135 38.15 -2.38 30.43
C GLN D 135 37.02 -2.59 29.44
N PHE D 136 35.78 -2.50 29.92
CA PHE D 136 34.60 -2.63 29.07
C PHE D 136 34.10 -1.25 28.67
N SER D 137 33.85 -1.07 27.38
CA SER D 137 33.38 0.20 26.85
C SER D 137 32.15 -0.04 25.98
N GLU D 138 31.22 0.91 26.01
CA GLU D 138 30.04 0.86 25.17
C GLU D 138 30.27 1.43 23.79
N PHE D 139 31.47 1.90 23.50
CA PHE D 139 31.83 2.44 22.19
C PHE D 139 33.03 1.70 21.65
N THR D 140 33.10 1.59 20.33
CA THR D 140 34.20 0.92 19.68
C THR D 140 35.49 1.71 19.89
N PRO D 141 36.65 1.05 19.87
CA PRO D 141 37.92 1.76 20.10
C PRO D 141 38.21 2.85 19.09
N ASP D 142 37.62 2.77 17.89
CA ASP D 142 37.84 3.79 16.87
C ASP D 142 37.01 5.04 17.09
N ILE D 143 36.08 5.03 18.03
CA ILE D 143 35.22 6.18 18.28
C ILE D 143 35.99 7.21 19.08
N THR D 144 36.06 8.43 18.57
CA THR D 144 36.66 9.58 19.22
C THR D 144 35.57 10.56 19.62
N PRO D 145 35.86 11.47 20.56
CA PRO D 145 34.84 12.46 20.96
C PRO D 145 34.31 13.28 19.79
N ILE D 146 35.16 13.64 18.84
CA ILE D 146 34.68 14.43 17.69
C ILE D 146 33.80 13.57 16.79
N ILE D 147 34.20 12.32 16.56
CA ILE D 147 33.41 11.43 15.71
C ILE D 147 32.03 11.19 16.31
N LEU D 148 31.98 10.91 17.63
CA LEU D 148 30.70 10.71 18.29
C LEU D 148 29.87 11.98 18.31
N ALA D 149 30.50 13.13 18.49
CA ALA D 149 29.77 14.40 18.49
C ALA D 149 29.13 14.65 17.13
N ALA D 150 29.85 14.35 16.06
CA ALA D 150 29.27 14.51 14.72
C ALA D 150 28.14 13.52 14.48
N HIS D 151 28.24 12.30 15.04
CA HIS D 151 27.16 11.34 14.91
C HIS D 151 25.89 11.85 15.59
N THR D 152 26.02 12.47 16.76
CA THR D 152 24.88 13.01 17.47
C THR D 152 24.29 14.25 16.81
N ASN D 153 25.02 14.88 15.89
CA ASN D 153 24.54 16.05 15.15
C ASN D 153 24.18 17.19 16.08
N ASN D 154 24.97 17.37 17.14
CA ASN D 154 24.75 18.44 18.10
C ASN D 154 25.70 19.59 17.78
N TYR D 155 25.12 20.74 17.41
CA TYR D 155 25.94 21.88 17.01
C TYR D 155 26.79 22.40 18.16
N GLU D 156 26.22 22.49 19.36
CA GLU D 156 26.96 23.02 20.49
C GLU D 156 28.13 22.14 20.87
N ILE D 157 27.93 20.81 20.89
CA ILE D 157 29.00 19.90 21.26
C ILE D 157 30.07 19.85 20.19
N ILE D 158 29.68 19.83 18.92
CA ILE D 158 30.65 19.81 17.84
C ILE D 158 31.49 21.08 17.85
N LYS D 159 30.84 22.23 18.03
CA LYS D 159 31.57 23.49 18.07
C LYS D 159 32.53 23.55 19.25
N LEU D 160 32.12 22.99 20.40
CA LEU D 160 32.99 22.97 21.57
C LEU D 160 34.26 22.16 21.31
N LEU D 161 34.11 21.01 20.65
CA LEU D 161 35.27 20.16 20.40
C LEU D 161 36.15 20.73 19.29
N VAL D 162 35.55 21.28 18.25
CA VAL D 162 36.32 21.87 17.15
C VAL D 162 37.10 23.09 17.65
N GLN D 163 36.53 23.85 18.57
CA GLN D 163 37.25 24.99 19.13
C GLN D 163 38.54 24.57 19.82
N LYS D 164 38.57 23.38 20.39
CA LYS D 164 39.79 22.82 20.96
C LYS D 164 40.57 22.10 19.87
N GLY D 165 41.61 21.36 20.25
CA GLY D 165 42.37 20.61 19.27
C GLY D 165 41.66 19.33 18.89
N VAL D 166 41.11 19.29 17.67
CA VAL D 166 40.34 18.14 17.21
C VAL D 166 40.67 17.89 15.75
N SER D 167 40.82 16.61 15.40
CA SER D 167 41.04 16.20 14.03
C SER D 167 40.37 14.85 13.82
N VAL D 168 40.02 14.58 12.57
CA VAL D 168 39.37 13.34 12.16
C VAL D 168 40.27 12.62 11.18
N PRO D 169 40.53 11.32 11.36
CA PRO D 169 41.32 10.59 10.37
C PRO D 169 40.67 10.66 9.00
N ARG D 170 41.50 10.88 7.98
CA ARG D 170 40.98 11.05 6.63
C ARG D 170 40.83 9.68 5.97
N PRO D 171 39.65 9.33 5.48
CA PRO D 171 39.49 8.03 4.84
C PRO D 171 40.10 8.01 3.45
N HIS D 172 40.48 6.82 3.01
CA HIS D 172 41.04 6.66 1.68
C HIS D 172 39.94 6.73 0.64
N GLU D 173 40.35 6.91 -0.62
CA GLU D 173 39.39 7.00 -1.71
C GLU D 173 38.73 5.65 -1.94
N VAL D 174 37.58 5.70 -2.63
CA VAL D 174 36.87 4.47 -2.95
C VAL D 174 37.71 3.58 -3.85
N ARG D 175 38.35 4.16 -4.86
CA ARG D 175 39.25 3.42 -5.75
C ARG D 175 40.68 3.62 -5.26
N CYS D 176 41.03 2.89 -4.21
CA CYS D 176 42.33 2.99 -3.57
C CYS D 176 43.04 1.63 -3.60
N ASN D 177 44.36 1.69 -3.76
CA ASN D 177 45.20 0.50 -3.83
C ASN D 177 46.39 0.65 -2.88
N CYS D 178 46.19 1.33 -1.76
CA CYS D 178 47.26 1.51 -0.80
C CYS D 178 47.62 0.19 -0.13
N VAL D 179 48.91 0.01 0.13
CA VAL D 179 49.36 -1.20 0.81
C VAL D 179 48.87 -1.23 2.25
N GLU D 180 48.84 -0.07 2.90
CA GLU D 180 48.37 -0.01 4.28
C GLU D 180 46.88 -0.30 4.37
N CYS D 181 46.11 0.13 3.37
CA CYS D 181 44.66 -0.08 3.40
C CYS D 181 44.33 -1.57 3.34
N VAL D 182 44.95 -2.30 2.41
CA VAL D 182 44.68 -3.73 2.30
C VAL D 182 45.25 -4.48 3.49
N SER D 183 46.42 -4.07 3.99
CA SER D 183 47.00 -4.72 5.16
C SER D 183 46.12 -4.55 6.39
N SER D 184 45.57 -3.35 6.60
CA SER D 184 44.68 -3.13 7.72
C SER D 184 43.40 -3.95 7.60
N SER D 185 42.83 -4.04 6.39
CA SER D 185 41.64 -4.85 6.19
C SER D 185 41.92 -6.33 6.42
N ASP D 186 43.09 -6.81 5.98
CA ASP D 186 43.43 -8.21 6.20
C ASP D 186 43.57 -8.52 7.68
N VAL D 187 44.16 -7.62 8.46
CA VAL D 187 44.33 -7.85 9.88
C VAL D 187 42.97 -7.93 10.57
N ASP D 188 42.09 -6.99 10.26
CA ASP D 188 40.74 -6.97 10.87
C ASP D 188 39.81 -6.29 9.88
N SER D 189 39.02 -7.10 9.16
CA SER D 189 38.09 -6.55 8.19
C SER D 189 36.91 -5.87 8.86
N LEU D 190 36.44 -6.43 9.97
CA LEU D 190 35.29 -5.86 10.67
C LEU D 190 35.62 -4.48 11.23
N ARG D 191 36.80 -4.33 11.83
CA ARG D 191 37.19 -3.03 12.37
C ARG D 191 37.39 -2.00 11.27
N HIS D 192 38.02 -2.41 10.16
CA HIS D 192 38.30 -1.47 9.07
C HIS D 192 37.01 -0.94 8.46
N SER D 193 36.03 -1.83 8.24
CA SER D 193 34.75 -1.39 7.70
C SER D 193 34.01 -0.51 8.68
N ARG D 194 34.01 -0.86 9.97
CA ARG D 194 33.33 -0.05 10.97
C ARG D 194 34.02 1.31 11.13
N SER D 195 35.35 1.33 11.12
CA SER D 195 36.07 2.61 11.24
C SER D 195 35.78 3.51 10.05
N ARG D 196 35.80 2.95 8.84
CA ARG D 196 35.54 3.75 7.65
C ARG D 196 34.11 4.29 7.64
N LEU D 197 33.15 3.47 8.05
CA LEU D 197 31.77 3.92 8.12
C LEU D 197 31.59 5.01 9.17
N ASN D 198 32.28 4.88 10.30
CA ASN D 198 32.18 5.89 11.36
C ASN D 198 32.77 7.21 10.91
N ILE D 199 33.88 7.18 10.16
CA ILE D 199 34.49 8.42 9.69
C ILE D 199 33.55 9.13 8.72
N TYR D 200 32.98 8.38 7.76
CA TYR D 200 32.10 8.97 6.78
C TYR D 200 30.79 9.43 7.41
N LYS D 201 30.31 8.71 8.42
CA LYS D 201 29.13 9.16 9.15
C LYS D 201 29.39 10.48 9.87
N ALA D 202 30.59 10.63 10.44
CA ALA D 202 30.94 11.90 11.09
C ALA D 202 31.07 13.03 10.07
N LEU D 203 31.67 12.75 8.92
CA LEU D 203 31.88 13.80 7.92
C LEU D 203 30.58 14.22 7.26
N ALA D 204 29.60 13.34 7.19
CA ALA D 204 28.34 13.62 6.52
C ALA D 204 27.34 14.35 7.40
N SER D 205 27.70 14.62 8.65
CA SER D 205 26.78 15.33 9.55
C SER D 205 26.62 16.78 9.09
N PRO D 206 25.40 17.26 8.92
CA PRO D 206 25.21 18.66 8.48
C PRO D 206 25.81 19.67 9.44
N SER D 207 25.80 19.40 10.74
CA SER D 207 26.37 20.36 11.70
C SER D 207 27.88 20.52 11.49
N LEU D 208 28.59 19.41 11.25
CA LEU D 208 30.03 19.51 11.00
C LEU D 208 30.32 20.20 9.68
N ILE D 209 29.53 19.89 8.64
CA ILE D 209 29.73 20.54 7.35
C ILE D 209 29.44 22.02 7.45
N ALA D 210 28.39 22.41 8.18
CA ALA D 210 28.07 23.82 8.32
C ALA D 210 29.09 24.56 9.17
N LEU D 211 29.99 23.84 9.83
CA LEU D 211 30.94 24.45 10.75
C LEU D 211 32.35 24.52 10.18
N SER D 212 32.90 23.38 9.76
CA SER D 212 34.30 23.26 9.44
C SER D 212 34.58 23.16 7.94
N SER D 213 33.55 23.23 7.09
CA SER D 213 33.75 23.09 5.66
C SER D 213 33.83 24.46 5.00
N GLU D 214 34.83 24.63 4.13
CA GLU D 214 35.01 25.89 3.43
C GLU D 214 33.82 26.20 2.53
N ASP D 215 33.37 25.21 1.77
CA ASP D 215 32.22 25.36 0.88
C ASP D 215 31.26 24.20 1.15
N PRO D 216 30.30 24.36 2.07
CA PRO D 216 29.41 23.24 2.40
C PRO D 216 28.60 22.73 1.22
N PHE D 217 28.27 23.60 0.26
CA PHE D 217 27.55 23.14 -0.92
C PHE D 217 28.40 22.17 -1.73
N LEU D 218 29.69 22.49 -1.91
CA LEU D 218 30.57 21.60 -2.66
C LEU D 218 30.92 20.37 -1.84
N THR D 219 31.09 20.52 -0.53
CA THR D 219 31.38 19.37 0.32
C THR D 219 30.23 18.37 0.32
N ALA D 220 28.99 18.86 0.41
CA ALA D 220 27.84 17.96 0.37
C ALA D 220 27.73 17.27 -0.97
N PHE D 221 28.02 17.97 -2.07
CA PHE D 221 27.99 17.36 -3.39
C PHE D 221 29.01 16.25 -3.51
N GLN D 222 30.24 16.50 -3.04
CA GLN D 222 31.30 15.51 -3.16
C GLN D 222 31.09 14.35 -2.20
N LEU D 223 30.63 14.64 -0.98
CA LEU D 223 30.41 13.58 0.01
C LEU D 223 29.32 12.62 -0.45
N SER D 224 28.23 13.15 -1.01
CA SER D 224 27.17 12.28 -1.51
C SER D 224 27.66 11.41 -2.65
N TRP D 225 28.51 11.96 -3.52
CA TRP D 225 29.09 11.16 -4.60
C TRP D 225 29.97 10.06 -4.04
N GLU D 226 30.82 10.39 -3.06
CA GLU D 226 31.70 9.39 -2.49
C GLU D 226 30.92 8.31 -1.74
N LEU D 227 29.89 8.71 -1.00
CA LEU D 227 29.09 7.74 -0.25
C LEU D 227 28.32 6.83 -1.20
N GLN D 228 27.81 7.37 -2.30
CA GLN D 228 27.12 6.54 -3.28
C GLN D 228 28.06 5.54 -3.92
N GLU D 229 29.29 5.95 -4.21
CA GLU D 229 30.28 5.03 -4.77
C GLU D 229 30.64 3.94 -3.77
N LEU D 230 30.72 4.28 -2.48
CA LEU D 230 31.02 3.30 -1.46
C LEU D 230 29.93 2.24 -1.36
N SER D 231 28.67 2.65 -1.47
CA SER D 231 27.57 1.69 -1.40
C SER D 231 27.65 0.69 -2.54
N LYS D 232 28.00 1.16 -3.74
CA LYS D 232 28.18 0.24 -4.87
C LYS D 232 29.36 -0.70 -4.62
N VAL D 233 30.46 -0.17 -4.09
CA VAL D 233 31.65 -1.00 -3.87
C VAL D 233 31.44 -1.92 -2.67
N GLU D 234 31.03 -1.37 -1.54
CA GLU D 234 30.77 -2.17 -0.35
C GLU D 234 29.37 -2.73 -0.44
N ASN D 235 29.25 -3.99 -0.87
CA ASN D 235 27.94 -4.62 -0.97
C ASN D 235 27.25 -4.68 0.39
N GLU D 236 28.00 -5.04 1.42
CA GLU D 236 27.51 -4.92 2.78
C GLU D 236 27.50 -3.45 3.19
N PHE D 237 26.64 -3.13 4.15
CA PHE D 237 26.46 -1.74 4.60
C PHE D 237 26.06 -0.83 3.45
N LYS D 238 25.35 -1.39 2.46
CA LYS D 238 24.88 -0.58 1.34
C LYS D 238 23.81 0.40 1.77
N SER D 239 22.87 -0.06 2.62
CA SER D 239 21.81 0.82 3.09
C SER D 239 22.37 1.95 3.96
N GLU D 240 23.37 1.65 4.79
CA GLU D 240 23.96 2.69 5.63
C GLU D 240 24.64 3.76 4.79
N TYR D 241 25.37 3.35 3.76
CA TYR D 241 26.03 4.34 2.90
C TYR D 241 25.02 5.11 2.06
N GLU D 242 23.97 4.43 1.59
CA GLU D 242 22.93 5.11 0.83
C GLU D 242 22.20 6.12 1.70
N GLU D 243 21.95 5.78 2.97
CA GLU D 243 21.32 6.72 3.88
C GLU D 243 22.21 7.93 4.12
N LEU D 244 23.52 7.70 4.26
CA LEU D 244 24.44 8.82 4.44
C LEU D 244 24.47 9.72 3.22
N SER D 245 24.46 9.15 2.02
CA SER D 245 24.43 9.97 0.82
C SER D 245 23.12 10.73 0.70
N ARG D 246 22.00 10.09 1.03
CA ARG D 246 20.71 10.76 1.01
C ARG D 246 20.68 11.90 2.03
N GLN D 247 21.29 11.69 3.19
CA GLN D 247 21.37 12.75 4.19
C GLN D 247 22.19 13.94 3.68
N CYS D 248 23.29 13.66 2.99
CA CYS D 248 24.08 14.74 2.40
C CYS D 248 23.30 15.48 1.33
N LYS D 249 22.54 14.75 0.50
CA LYS D 249 21.72 15.39 -0.51
C LYS D 249 20.61 16.23 0.12
N GLN D 250 20.02 15.74 1.20
CA GLN D 250 18.98 16.49 1.89
C GLN D 250 19.54 17.76 2.52
N PHE D 251 20.76 17.70 3.04
CA PHE D 251 21.36 18.88 3.67
C PHE D 251 21.56 20.00 2.65
N ALA D 252 22.01 19.65 1.45
CA ALA D 252 22.20 20.66 0.40
C ALA D 252 20.86 21.29 0.00
N LYS D 253 19.82 20.47 -0.12
CA LYS D 253 18.50 21.00 -0.44
C LYS D 253 17.99 21.91 0.68
N ASP D 254 18.15 21.50 1.94
CA ASP D 254 17.75 22.34 3.06
C ASP D 254 18.61 23.60 3.15
N LEU D 255 19.89 23.48 2.81
CA LEU D 255 20.76 24.66 2.79
C LEU D 255 20.31 25.66 1.73
N LEU D 256 19.93 25.17 0.54
CA LEU D 256 19.43 26.06 -0.50
C LEU D 256 18.04 26.60 -0.17
N ASP D 257 17.28 25.90 0.67
CA ASP D 257 15.96 26.39 1.05
C ASP D 257 16.03 27.66 1.88
N GLN D 258 17.20 28.00 2.41
CA GLN D 258 17.36 29.17 3.25
C GLN D 258 17.57 30.47 2.48
N THR D 259 17.69 30.39 1.15
CA THR D 259 17.82 31.61 0.35
C THR D 259 16.51 32.37 0.38
N ARG D 260 16.59 33.67 0.68
CA ARG D 260 15.40 34.52 0.76
C ARG D 260 15.39 35.63 -0.27
N SER D 261 16.40 35.73 -1.13
CA SER D 261 16.43 36.72 -2.18
C SER D 261 16.93 36.09 -3.46
N SER D 262 16.48 36.64 -4.60
CA SER D 262 16.90 36.12 -5.89
C SER D 262 18.37 36.44 -6.17
N ARG D 263 18.88 37.52 -5.58
CA ARG D 263 20.29 37.85 -5.74
C ARG D 263 21.18 36.78 -5.10
N GLU D 264 20.80 36.29 -3.93
CA GLU D 264 21.56 35.24 -3.27
C GLU D 264 21.52 33.95 -4.07
N LEU D 265 20.36 33.60 -4.63
CA LEU D 265 20.25 32.38 -5.41
C LEU D 265 21.11 32.44 -6.67
N GLU D 266 21.12 33.61 -7.33
CA GLU D 266 21.96 33.77 -8.50
C GLU D 266 23.45 33.68 -8.15
N ILE D 267 23.84 34.23 -7.01
CA ILE D 267 25.24 34.16 -6.59
C ILE D 267 25.67 32.72 -6.33
N ILE D 268 24.81 31.95 -5.65
CA ILE D 268 25.18 30.58 -5.29
C ILE D 268 25.24 29.70 -6.53
N LEU D 269 24.22 29.80 -7.39
CA LEU D 269 24.14 28.90 -8.54
C LEU D 269 25.14 29.23 -9.63
N ASN D 270 25.58 30.48 -9.73
CA ASN D 270 26.55 30.88 -10.74
C ASN D 270 27.99 30.85 -10.23
N TYR D 271 28.20 30.41 -9.00
CA TYR D 271 29.53 30.42 -8.42
C TYR D 271 30.38 29.31 -9.03
N ARG D 272 31.63 29.65 -9.36
CA ARG D 272 32.58 28.68 -9.89
C ARG D 272 33.91 28.88 -9.20
N ASP D 273 34.69 27.81 -9.14
CA ASP D 273 35.99 27.84 -8.48
C ASP D 273 37.12 28.08 -9.49
N ASP D 285 26.81 31.83 -16.69
CA ASP D 285 26.42 30.43 -16.70
C ASP D 285 26.28 29.90 -15.27
N LEU D 286 25.33 28.99 -15.08
CA LEU D 286 25.05 28.42 -13.76
C LEU D 286 26.03 27.27 -13.52
N ALA D 287 27.26 27.63 -13.17
CA ALA D 287 28.31 26.64 -12.98
C ALA D 287 28.00 25.71 -11.81
N ARG D 288 27.53 26.26 -10.69
CA ARG D 288 27.19 25.42 -9.54
C ARG D 288 25.96 24.57 -9.80
N LEU D 289 24.98 25.10 -10.54
CA LEU D 289 23.82 24.28 -10.92
C LEU D 289 24.23 23.14 -11.84
N LYS D 290 25.14 23.40 -12.78
CA LYS D 290 25.65 22.34 -13.62
C LYS D 290 26.40 21.28 -12.81
N LEU D 291 27.17 21.74 -11.81
CA LEU D 291 27.87 20.81 -10.93
C LEU D 291 26.90 19.94 -10.16
N ALA D 292 25.80 20.52 -9.67
CA ALA D 292 24.78 19.74 -8.96
C ALA D 292 24.13 18.72 -9.88
N ILE D 293 23.92 19.07 -11.16
CA ILE D 293 23.34 18.13 -12.10
C ILE D 293 24.27 16.94 -12.31
N LYS D 294 25.57 17.20 -12.47
CA LYS D 294 26.53 16.12 -12.69
C LYS D 294 26.67 15.22 -11.46
N TYR D 295 26.29 15.71 -10.29
CA TYR D 295 26.31 14.92 -9.06
C TYR D 295 24.96 14.29 -8.75
N ARG D 296 23.99 14.41 -9.65
CA ARG D 296 22.65 13.85 -9.47
C ARG D 296 22.01 14.33 -8.18
N GLN D 297 22.14 15.64 -7.91
CA GLN D 297 21.47 16.28 -6.79
C GLN D 297 20.06 16.67 -7.23
N LYS D 298 19.20 15.66 -7.34
CA LYS D 298 17.85 15.88 -7.85
C LYS D 298 17.04 16.78 -6.92
N GLU D 299 17.16 16.56 -5.61
CA GLU D 299 16.43 17.41 -4.65
C GLU D 299 16.93 18.85 -4.72
N PHE D 300 18.25 19.04 -4.83
CA PHE D 300 18.81 20.37 -4.96
C PHE D 300 18.34 21.05 -6.23
N VAL D 301 18.33 20.31 -7.34
CA VAL D 301 17.95 20.90 -8.62
C VAL D 301 16.45 21.21 -8.66
N ALA D 302 15.63 20.32 -8.14
CA ALA D 302 14.18 20.47 -8.18
C ALA D 302 13.64 21.36 -7.07
N GLN D 303 14.48 22.18 -6.45
CA GLN D 303 14.00 23.12 -5.46
C GLN D 303 13.09 24.15 -6.12
N PRO D 304 11.99 24.55 -5.46
CA PRO D 304 11.07 25.50 -6.09
C PRO D 304 11.72 26.81 -6.49
N ASN D 305 12.65 27.32 -5.68
CA ASN D 305 13.34 28.56 -6.04
C ASN D 305 14.31 28.33 -7.19
N CYS D 306 15.02 27.20 -7.18
CA CYS D 306 15.93 26.88 -8.27
C CYS D 306 15.16 26.69 -9.58
N GLN D 307 14.02 26.01 -9.53
CA GLN D 307 13.22 25.80 -10.73
C GLN D 307 12.61 27.10 -11.22
N GLN D 308 12.25 28.01 -10.30
CA GLN D 308 11.66 29.28 -10.70
C GLN D 308 12.66 30.13 -11.47
N LEU D 309 13.92 30.14 -11.03
CA LEU D 309 14.95 30.89 -11.75
C LEU D 309 15.24 30.26 -13.11
N LEU D 310 15.24 28.92 -13.17
CA LEU D 310 15.45 28.24 -14.46
C LEU D 310 14.33 28.54 -15.44
N ALA D 311 13.09 28.58 -14.94
CA ALA D 311 11.96 28.91 -15.82
C ALA D 311 12.06 30.33 -16.33
N SER D 312 12.59 31.25 -15.54
CA SER D 312 12.81 32.62 -16.01
C SER D 312 13.81 32.64 -17.16
N ARG D 313 14.89 31.87 -17.05
CA ARG D 313 15.84 31.76 -18.15
C ARG D 313 15.22 31.04 -19.35
N TRP D 314 14.37 30.04 -19.09
CA TRP D 314 13.69 29.33 -20.16
C TRP D 314 12.76 30.25 -20.94
N TYR D 315 12.03 31.12 -20.25
CA TYR D 315 11.07 32.04 -20.87
C TYR D 315 11.57 33.49 -20.81
N ASP D 316 12.86 33.70 -21.03
CA ASP D 316 13.43 35.03 -20.87
C ASP D 316 12.81 36.01 -21.87
N GLU D 317 12.49 37.21 -21.40
CA GLU D 317 11.86 38.26 -22.20
C GLU D 317 10.55 37.78 -22.81
N PHE D 318 9.89 36.84 -22.15
CA PHE D 318 8.62 36.29 -22.61
C PHE D 318 7.64 36.27 -21.44
N PRO D 319 7.18 37.44 -21.01
CA PRO D 319 6.32 37.50 -19.82
C PRO D 319 4.89 37.06 -20.12
N GLY D 320 4.25 36.54 -19.09
CA GLY D 320 2.86 36.14 -19.18
C GLY D 320 2.60 34.80 -19.82
N TRP D 321 3.64 34.06 -20.19
CA TRP D 321 3.44 32.76 -20.81
C TRP D 321 2.78 31.78 -19.84
N ARG D 322 3.21 31.80 -18.58
CA ARG D 322 2.65 30.89 -17.58
C ARG D 322 1.24 31.29 -17.16
N ARG D 323 0.77 32.47 -17.53
CA ARG D 323 -0.55 32.93 -17.17
C ARG D 323 -1.53 32.92 -18.34
N ARG D 324 -1.08 32.62 -19.56
CA ARG D 324 -1.96 32.61 -20.71
C ARG D 324 -2.80 31.34 -20.73
N HIS D 325 -3.85 31.36 -21.55
CA HIS D 325 -4.71 30.20 -21.70
C HIS D 325 -3.99 29.12 -22.51
N TRP D 326 -4.42 27.87 -22.29
CA TRP D 326 -3.80 26.74 -22.99
C TRP D 326 -4.04 26.83 -24.49
N ALA D 327 -5.21 27.34 -24.91
CA ALA D 327 -5.47 27.54 -26.33
C ALA D 327 -4.51 28.59 -26.91
N VAL D 328 -4.26 29.66 -26.17
CA VAL D 328 -3.31 30.67 -26.63
C VAL D 328 -1.90 30.09 -26.70
N LYS D 329 -1.53 29.26 -25.74
CA LYS D 329 -0.21 28.64 -25.77
C LYS D 329 -0.02 27.76 -26.99
N MET D 330 -1.03 26.96 -27.32
CA MET D 330 -0.94 26.09 -28.49
C MET D 330 -0.85 26.91 -29.77
N VAL D 331 -1.63 27.98 -29.87
CA VAL D 331 -1.60 28.82 -31.08
C VAL D 331 -0.25 29.50 -31.23
N THR D 332 0.28 30.06 -30.15
CA THR D 332 1.57 30.75 -30.22
C THR D 332 2.70 29.78 -30.56
N CYS D 333 2.70 28.60 -29.97
CA CYS D 333 3.75 27.62 -30.27
C CYS D 333 3.64 27.13 -31.71
N PHE D 334 2.43 26.95 -32.21
CA PHE D 334 2.24 26.45 -33.56
C PHE D 334 2.77 27.45 -34.60
N ILE D 335 2.38 28.72 -34.47
CA ILE D 335 2.84 29.72 -35.44
C ILE D 335 4.34 29.95 -35.32
N ILE D 336 4.89 29.90 -34.11
CA ILE D 336 6.33 30.02 -33.94
C ILE D 336 7.06 28.86 -34.60
N GLY D 337 6.54 27.64 -34.42
CA GLY D 337 7.16 26.48 -35.02
C GLY D 337 7.10 26.48 -36.54
N LEU D 338 6.00 26.97 -37.11
CA LEU D 338 5.89 27.06 -38.56
C LEU D 338 6.90 28.00 -39.17
N LEU D 339 7.41 28.96 -38.39
CA LEU D 339 8.38 29.94 -38.87
C LEU D 339 9.80 29.62 -38.42
N PHE D 340 10.08 28.35 -38.11
CA PHE D 340 11.44 27.98 -37.73
C PHE D 340 12.47 28.23 -38.83
N PRO D 341 12.22 27.98 -40.12
CA PRO D 341 13.27 28.27 -41.11
C PRO D 341 13.59 29.76 -41.23
N VAL D 342 12.60 30.64 -41.11
CA VAL D 342 12.86 32.07 -41.24
C VAL D 342 13.62 32.58 -40.02
N PHE D 343 13.36 32.01 -38.83
CA PHE D 343 14.10 32.40 -37.65
C PHE D 343 15.56 31.97 -37.75
N SER D 344 15.81 30.77 -38.27
CA SER D 344 17.17 30.31 -38.46
C SER D 344 17.88 31.10 -39.55
N VAL D 345 17.13 31.47 -40.60
CA VAL D 345 17.72 32.28 -41.67
C VAL D 345 18.15 33.64 -41.13
N CYS D 346 17.30 34.28 -40.32
CA CYS D 346 17.65 35.55 -39.72
C CYS D 346 18.86 35.41 -38.78
N TYR D 347 18.92 34.32 -38.02
CA TYR D 347 20.06 34.12 -37.13
C TYR D 347 21.36 33.98 -37.91
N LEU D 348 21.33 33.26 -39.04
CA LEU D 348 22.53 33.09 -39.84
C LEU D 348 22.89 34.37 -40.59
N ILE D 349 21.88 35.06 -41.13
CA ILE D 349 22.15 36.22 -41.98
C ILE D 349 22.39 37.47 -41.14
N ALA D 350 21.52 37.71 -40.15
CA ALA D 350 21.56 38.94 -39.37
C ALA D 350 21.77 38.60 -37.90
N PRO D 351 23.02 38.53 -37.43
CA PRO D 351 23.26 38.37 -36.01
C PRO D 351 22.93 39.64 -35.24
N LYS D 352 22.78 39.47 -33.93
CA LYS D 352 22.40 40.53 -32.98
C LYS D 352 21.32 41.44 -33.55
N SER D 353 20.33 40.87 -34.22
CA SER D 353 19.21 41.58 -34.80
C SER D 353 17.92 41.25 -34.05
N PRO D 354 16.92 42.13 -34.08
CA PRO D 354 15.66 41.82 -33.39
C PRO D 354 15.02 40.53 -33.85
N LEU D 355 15.09 40.22 -35.14
CA LEU D 355 14.60 38.93 -35.62
C LEU D 355 15.56 37.80 -35.29
N GLY D 356 16.86 38.07 -35.25
CA GLY D 356 17.84 37.06 -34.91
C GLY D 356 18.05 36.82 -33.44
N LEU D 357 17.49 37.67 -32.58
CA LEU D 357 17.56 37.47 -31.13
C LEU D 357 16.41 36.63 -30.60
N PHE D 358 15.35 36.45 -31.37
CA PHE D 358 14.22 35.64 -30.92
C PHE D 358 14.61 34.17 -30.82
N ILE D 359 15.39 33.67 -31.77
CA ILE D 359 15.83 32.28 -31.73
C ILE D 359 16.73 31.99 -30.55
N ARG D 360 17.48 32.98 -30.06
CA ARG D 360 18.41 32.74 -28.96
C ARG D 360 17.71 32.38 -27.66
N LYS D 361 16.42 32.64 -27.54
CA LYS D 361 15.69 32.25 -26.34
C LYS D 361 15.61 30.74 -26.26
N PRO D 362 15.93 30.13 -25.11
CA PRO D 362 15.92 28.65 -25.03
C PRO D 362 14.57 28.04 -25.33
N PHE D 363 13.47 28.68 -24.95
CA PHE D 363 12.15 28.15 -25.27
C PHE D 363 11.91 28.15 -26.77
N ILE D 364 12.34 29.21 -27.45
CA ILE D 364 12.21 29.26 -28.91
C ILE D 364 13.11 28.24 -29.58
N LYS D 365 14.30 28.00 -29.01
CA LYS D 365 15.17 26.96 -29.54
C LYS D 365 14.49 25.61 -29.47
N PHE D 366 13.84 25.30 -28.35
CA PHE D 366 13.16 24.02 -28.20
C PHE D 366 12.02 23.88 -29.19
N ILE D 367 11.24 24.94 -29.38
CA ILE D 367 10.12 24.89 -30.32
C ILE D 367 10.64 24.74 -31.75
N CYS D 368 11.65 25.52 -32.11
CA CYS D 368 12.19 25.44 -33.46
C CYS D 368 12.85 24.09 -33.71
N HIS D 369 13.59 23.57 -32.73
CA HIS D 369 14.20 22.25 -32.88
C HIS D 369 13.13 21.17 -32.99
N THR D 370 12.08 21.26 -32.16
CA THR D 370 10.98 20.30 -32.25
C THR D 370 10.28 20.39 -33.58
N ALA D 371 10.03 21.62 -34.06
CA ALA D 371 9.39 21.79 -35.36
C ALA D 371 10.27 21.23 -36.47
N SER D 372 11.59 21.36 -36.34
CA SER D 372 12.50 20.76 -37.31
C SER D 372 12.39 19.24 -37.31
N TYR D 373 12.30 18.64 -36.13
CA TYR D 373 12.18 17.19 -36.06
C TYR D 373 10.86 16.69 -36.63
N LEU D 374 9.77 17.43 -36.40
CA LEU D 374 8.48 17.02 -36.94
C LEU D 374 8.47 17.10 -38.46
N THR D 375 9.12 18.11 -39.03
CA THR D 375 9.23 18.18 -40.49
C THR D 375 10.04 17.01 -41.02
N PHE D 376 11.12 16.64 -40.33
CA PHE D 376 11.90 15.47 -40.72
C PHE D 376 11.08 14.20 -40.63
N LEU D 377 10.30 14.05 -39.56
CA LEU D 377 9.42 12.88 -39.44
C LEU D 377 8.30 12.92 -40.47
N PHE D 378 7.78 14.11 -40.76
CA PHE D 378 6.75 14.23 -41.80
C PHE D 378 7.31 13.86 -43.16
N LEU D 379 8.56 14.23 -43.42
CA LEU D 379 9.21 13.84 -44.67
C LEU D 379 9.40 12.33 -44.75
N LEU D 380 9.69 11.70 -43.60
CA LEU D 380 9.83 10.25 -43.58
C LEU D 380 8.52 9.56 -43.96
N LEU D 381 7.40 10.10 -43.49
CA LEU D 381 6.10 9.57 -43.89
C LEU D 381 5.86 9.78 -45.38
N LEU D 382 6.29 10.93 -45.92
CA LEU D 382 6.12 11.20 -47.34
C LEU D 382 6.95 10.24 -48.18
N ALA D 383 8.13 9.84 -47.68
CA ALA D 383 8.97 8.91 -48.42
C ALA D 383 8.26 7.58 -48.63
N SER D 384 7.58 7.08 -47.59
CA SER D 384 6.81 5.85 -47.73
C SER D 384 5.52 6.05 -48.49
N GLN D 385 5.05 7.29 -48.62
CA GLN D 385 3.81 7.59 -49.32
C GLN D 385 3.98 7.62 -50.83
N HIS D 386 5.22 7.57 -51.33
CA HIS D 386 5.52 7.56 -52.76
C HIS D 386 4.91 8.78 -53.45
N ILE D 387 5.33 9.96 -52.99
CA ILE D 387 4.85 11.21 -53.58
C ILE D 387 5.31 11.31 -55.03
N ASP D 388 6.58 11.00 -55.28
CA ASP D 388 7.14 11.01 -56.62
C ASP D 388 7.42 9.58 -57.07
N ARG D 389 7.32 9.36 -58.38
CA ARG D 389 7.51 8.02 -58.92
C ARG D 389 8.94 7.57 -58.73
N SER D 390 9.11 6.34 -58.22
CA SER D 390 10.43 5.74 -58.06
C SER D 390 10.52 4.38 -58.73
N ASP D 391 9.51 3.99 -59.52
CA ASP D 391 9.44 2.70 -60.19
C ASP D 391 9.50 1.55 -59.19
N LEU D 392 9.55 0.33 -59.71
CA LEU D 392 9.66 -0.86 -58.85
C LEU D 392 10.76 -1.82 -59.27
N ASN D 393 11.11 -1.89 -60.56
CA ASN D 393 12.12 -2.82 -61.05
C ASN D 393 13.50 -2.19 -61.18
N ARG D 394 13.67 -0.94 -60.77
CA ARG D 394 14.98 -0.29 -60.86
C ARG D 394 15.89 -0.85 -59.79
N GLN D 395 16.92 -1.60 -60.21
CA GLN D 395 17.83 -2.21 -59.25
C GLN D 395 18.59 -1.14 -58.47
N GLY D 396 19.23 -0.22 -59.17
CA GLY D 396 19.85 0.92 -58.53
C GLY D 396 19.09 2.19 -58.82
N PRO D 397 18.29 2.64 -57.86
CA PRO D 397 17.43 3.80 -58.09
C PRO D 397 18.11 5.08 -57.63
N PRO D 398 17.97 6.16 -58.41
CA PRO D 398 18.41 7.46 -57.90
C PRO D 398 17.54 7.89 -56.74
N PRO D 399 18.07 8.67 -55.81
CA PRO D 399 17.26 9.13 -54.68
C PRO D 399 16.06 9.96 -55.12
N THR D 400 14.94 9.73 -54.44
CA THR D 400 13.72 10.46 -54.75
C THR D 400 13.87 11.92 -54.34
N ILE D 401 13.03 12.78 -54.93
CA ILE D 401 13.07 14.20 -54.59
C ILE D 401 12.79 14.39 -53.10
N VAL D 402 11.87 13.60 -52.55
CA VAL D 402 11.60 13.65 -51.11
C VAL D 402 12.84 13.25 -50.32
N GLU D 403 13.52 12.19 -50.77
CA GLU D 403 14.76 11.76 -50.11
C GLU D 403 15.87 12.78 -50.32
N TRP D 404 15.78 13.60 -51.37
CA TRP D 404 16.84 14.56 -51.65
C TRP D 404 16.95 15.61 -50.54
N MET D 405 15.81 16.13 -50.09
CA MET D 405 15.86 17.09 -48.98
C MET D 405 15.76 16.41 -47.62
N ILE D 406 15.58 15.09 -47.58
CA ILE D 406 15.73 14.36 -46.33
C ILE D 406 17.19 14.30 -45.92
N LEU D 407 18.09 14.17 -46.90
CA LEU D 407 19.51 14.04 -46.64
C LEU D 407 20.10 15.15 -45.76
N PRO D 408 19.78 16.44 -45.96
CA PRO D 408 20.35 17.46 -45.06
C PRO D 408 20.05 17.22 -43.58
N TRP D 409 18.87 16.71 -43.26
CA TRP D 409 18.57 16.39 -41.86
C TRP D 409 19.49 15.29 -41.34
N VAL D 410 19.72 14.25 -42.14
CA VAL D 410 20.61 13.18 -41.72
C VAL D 410 22.02 13.70 -41.51
N LEU D 411 22.50 14.54 -42.44
CA LEU D 411 23.81 15.17 -42.26
C LEU D 411 23.80 16.11 -41.07
N GLY D 412 22.70 16.86 -40.89
CA GLY D 412 22.61 17.76 -39.76
C GLY D 412 22.59 17.02 -38.42
N PHE D 413 21.89 15.89 -38.36
CA PHE D 413 21.86 15.10 -37.13
C PHE D 413 23.25 14.58 -36.80
N ILE D 414 23.98 14.09 -37.81
CA ILE D 414 25.35 13.66 -37.59
C ILE D 414 26.24 14.84 -37.23
N TRP D 415 26.06 15.96 -37.92
CA TRP D 415 26.86 17.16 -37.64
C TRP D 415 26.61 17.64 -36.21
N GLY D 416 25.34 17.65 -35.78
CA GLY D 416 25.04 18.06 -34.41
C GLY D 416 25.57 17.09 -33.38
N GLU D 417 25.52 15.79 -33.68
CA GLU D 417 26.03 14.79 -32.76
C GLU D 417 27.55 14.91 -32.61
N ILE D 418 28.24 15.26 -33.69
CA ILE D 418 29.68 15.44 -33.63
C ILE D 418 30.03 16.59 -32.69
N LYS D 419 29.28 17.69 -32.83
CA LYS D 419 29.54 18.88 -31.98
C LYS D 419 29.14 18.57 -30.52
N GLN D 420 28.25 17.60 -30.30
CA GLN D 420 27.91 17.21 -28.95
C GLN D 420 29.12 16.63 -28.22
N MET D 421 29.95 15.87 -28.94
CA MET D 421 31.18 15.35 -28.35
C MET D 421 32.28 16.41 -28.33
N TRP D 422 32.11 17.50 -29.09
CA TRP D 422 33.13 18.53 -29.15
C TRP D 422 33.03 19.48 -27.96
N ASP D 423 31.90 20.18 -27.83
CA ASP D 423 31.74 21.12 -26.74
C ASP D 423 31.59 20.42 -25.39
N GLY D 424 30.93 19.27 -25.37
CA GLY D 424 30.76 18.49 -24.16
C GLY D 424 31.75 17.36 -24.05
N GLY D 425 31.94 16.89 -22.81
CA GLY D 425 32.88 15.82 -22.57
C GLY D 425 32.39 14.49 -23.12
N LEU D 426 33.34 13.62 -23.44
CA LEU D 426 33.00 12.30 -23.95
C LEU D 426 32.32 11.45 -22.88
N GLN D 427 32.69 11.62 -21.62
CA GLN D 427 32.02 10.89 -20.55
C GLN D 427 30.54 11.28 -20.45
N ASP D 428 30.23 12.57 -20.57
CA ASP D 428 28.85 13.01 -20.56
C ASP D 428 28.12 12.70 -21.86
N TYR D 429 28.84 12.59 -22.97
CA TYR D 429 28.21 12.27 -24.25
C TYR D 429 27.61 10.88 -24.22
N ILE D 430 28.29 9.90 -23.62
CA ILE D 430 27.83 8.53 -23.61
C ILE D 430 26.95 8.21 -22.41
N HIS D 431 26.79 9.15 -21.47
CA HIS D 431 25.97 8.90 -20.29
C HIS D 431 24.49 8.81 -20.64
N ASP D 432 24.02 9.66 -21.56
CA ASP D 432 22.61 9.70 -21.91
C ASP D 432 22.21 8.46 -22.72
N TRP D 433 21.08 7.85 -22.34
CA TRP D 433 20.55 6.72 -23.10
C TRP D 433 20.14 7.16 -24.49
N TRP D 434 19.49 8.32 -24.62
CA TRP D 434 19.05 8.80 -25.93
C TRP D 434 20.21 9.03 -26.87
N ASN D 435 21.40 9.32 -26.34
CA ASN D 435 22.57 9.47 -27.19
C ASN D 435 22.92 8.17 -27.89
N LEU D 436 22.82 7.05 -27.18
CA LEU D 436 23.02 5.75 -27.82
C LEU D 436 21.94 5.48 -28.87
N MET D 437 20.70 5.86 -28.57
CA MET D 437 19.62 5.69 -29.54
C MET D 437 19.86 6.54 -30.77
N ASP D 438 20.36 7.77 -30.59
CA ASP D 438 20.67 8.62 -31.74
C ASP D 438 21.80 8.03 -32.57
N PHE D 439 22.80 7.45 -31.90
CA PHE D 439 23.92 6.86 -32.64
C PHE D 439 23.46 5.69 -33.50
N VAL D 440 22.56 4.86 -32.97
CA VAL D 440 22.03 3.74 -33.75
C VAL D 440 21.24 4.25 -34.95
N MET D 441 20.42 5.28 -34.74
CA MET D 441 19.65 5.85 -35.84
C MET D 441 20.56 6.44 -36.92
N ASN D 442 21.60 7.17 -36.49
CA ASN D 442 22.52 7.75 -37.46
C ASN D 442 23.32 6.67 -38.19
N SER D 443 23.72 5.61 -37.48
CA SER D 443 24.45 4.52 -38.13
C SER D 443 23.59 3.83 -39.18
N LEU D 444 22.31 3.61 -38.88
CA LEU D 444 21.42 2.99 -39.86
C LEU D 444 21.23 3.88 -41.08
N TYR D 445 21.15 5.19 -40.87
CA TYR D 445 21.01 6.11 -41.99
C TYR D 445 22.26 6.11 -42.87
N LEU D 446 23.44 6.07 -42.26
CA LEU D 446 24.68 6.02 -43.04
C LEU D 446 24.76 4.74 -43.86
N ALA D 447 24.36 3.61 -43.27
CA ALA D 447 24.35 2.36 -44.02
C ALA D 447 23.36 2.42 -45.18
N THR D 448 22.21 3.06 -44.97
CA THR D 448 21.24 3.22 -46.05
C THR D 448 21.81 4.07 -47.17
N ILE D 449 22.49 5.17 -46.83
CA ILE D 449 23.10 6.01 -47.85
C ILE D 449 24.22 5.26 -48.56
N SER D 450 25.05 4.55 -47.81
CA SER D 450 26.14 3.80 -48.42
C SER D 450 25.62 2.70 -49.34
N LEU D 451 24.60 1.97 -48.91
CA LEU D 451 24.04 0.90 -49.74
C LEU D 451 23.36 1.47 -50.97
N LYS D 452 22.68 2.62 -50.84
CA LYS D 452 22.09 3.26 -52.01
C LYS D 452 23.16 3.70 -53.00
N ILE D 453 24.27 4.24 -52.50
CA ILE D 453 25.38 4.62 -53.37
C ILE D 453 25.97 3.39 -54.05
N VAL D 454 26.15 2.30 -53.28
CA VAL D 454 26.71 1.08 -53.84
C VAL D 454 25.80 0.51 -54.93
N ALA D 455 24.49 0.46 -54.65
CA ALA D 455 23.55 -0.07 -55.64
C ALA D 455 23.49 0.81 -56.88
N PHE D 456 23.66 2.12 -56.72
CA PHE D 456 23.66 3.02 -57.87
C PHE D 456 24.82 2.75 -58.80
N VAL D 457 26.00 2.46 -58.24
CA VAL D 457 27.21 2.32 -59.04
C VAL D 457 27.58 0.88 -59.35
N LYS D 458 26.75 -0.09 -58.92
CA LYS D 458 27.01 -1.49 -59.19
C LYS D 458 25.89 -2.21 -59.93
N TYR D 459 24.67 -1.69 -59.91
CA TYR D 459 23.55 -2.30 -60.59
C TYR D 459 22.86 -1.25 -61.45
N SER D 460 22.92 -1.44 -62.78
CA SER D 460 22.29 -0.52 -63.71
C SER D 460 21.59 -1.26 -64.84
N ALA D 461 21.08 -2.46 -64.56
CA ALA D 461 20.40 -3.28 -65.54
C ALA D 461 18.95 -3.49 -65.13
N LEU D 462 18.11 -3.74 -66.13
CA LEU D 462 16.68 -3.95 -65.89
C LEU D 462 16.47 -5.34 -65.30
N ASN D 463 15.77 -5.39 -64.16
CA ASN D 463 15.49 -6.64 -63.48
C ASN D 463 14.26 -6.49 -62.59
N PRO D 464 13.23 -7.30 -62.80
CA PRO D 464 12.04 -7.21 -61.93
C PRO D 464 12.37 -7.52 -60.48
N ARG D 465 11.61 -6.88 -59.59
CA ARG D 465 11.90 -6.97 -58.16
C ARG D 465 11.72 -8.39 -57.62
N GLU D 466 10.75 -9.14 -58.15
CA GLU D 466 10.48 -10.47 -57.64
C GLU D 466 11.58 -11.48 -57.97
N SER D 467 12.53 -11.13 -58.82
CA SER D 467 13.63 -12.03 -59.16
C SER D 467 14.98 -11.43 -58.76
N TRP D 468 15.06 -10.86 -57.57
CA TRP D 468 16.28 -10.23 -57.09
C TRP D 468 17.09 -11.22 -56.25
N ASP D 469 18.17 -10.76 -55.64
CA ASP D 469 19.11 -11.64 -54.96
C ASP D 469 18.54 -12.11 -53.62
N MET D 470 17.70 -11.29 -52.98
CA MET D 470 17.23 -11.36 -51.61
C MET D 470 18.30 -10.82 -50.65
N TRP D 471 19.51 -10.58 -51.13
CA TRP D 471 20.55 -9.84 -50.40
C TRP D 471 20.98 -8.62 -51.20
N HIS D 472 20.09 -8.13 -52.05
CA HIS D 472 20.38 -6.98 -52.90
C HIS D 472 20.66 -5.76 -52.03
N PRO D 473 21.63 -4.91 -52.41
CA PRO D 473 21.87 -3.70 -51.63
C PRO D 473 20.66 -2.79 -51.55
N THR D 474 19.82 -2.76 -52.59
CA THR D 474 18.59 -1.99 -52.52
C THR D 474 17.64 -2.55 -51.47
N LEU D 475 17.54 -3.88 -51.37
CA LEU D 475 16.67 -4.49 -50.37
C LEU D 475 17.16 -4.21 -48.96
N VAL D 476 18.47 -4.31 -48.74
CA VAL D 476 19.02 -4.01 -47.41
C VAL D 476 18.89 -2.53 -47.09
N ALA D 477 19.08 -1.67 -48.10
CA ALA D 477 18.96 -0.23 -47.86
C ALA D 477 17.54 0.13 -47.43
N GLU D 478 16.53 -0.46 -48.08
CA GLU D 478 15.15 -0.21 -47.68
C GLU D 478 14.88 -0.78 -46.29
N ALA D 479 15.45 -1.93 -45.97
CA ALA D 479 15.24 -2.53 -44.65
C ALA D 479 15.85 -1.67 -43.56
N LEU D 480 17.07 -1.18 -43.77
CA LEU D 480 17.71 -0.34 -42.76
C LEU D 480 17.07 1.04 -42.68
N PHE D 481 16.57 1.55 -43.80
CA PHE D 481 15.84 2.81 -43.77
C PHE D 481 14.56 2.68 -42.96
N ALA D 482 13.85 1.56 -43.12
CA ALA D 482 12.62 1.34 -42.36
C ALA D 482 12.90 1.23 -40.87
N ILE D 483 13.97 0.52 -40.49
CA ILE D 483 14.32 0.41 -39.08
C ILE D 483 14.71 1.76 -38.51
N ALA D 484 15.48 2.56 -39.27
CA ALA D 484 15.83 3.89 -38.81
C ALA D 484 14.62 4.80 -38.69
N ASN D 485 13.58 4.57 -39.51
CA ASN D 485 12.35 5.34 -39.39
C ASN D 485 11.67 5.08 -38.05
N ILE D 486 11.70 3.83 -37.58
CA ILE D 486 11.12 3.51 -36.28
C ILE D 486 11.86 4.24 -35.17
N PHE D 487 13.20 4.19 -35.23
CA PHE D 487 13.99 4.86 -34.20
C PHE D 487 13.82 6.39 -34.27
N SER D 488 13.75 6.94 -35.47
CA SER D 488 13.58 8.38 -35.60
C SER D 488 12.25 8.85 -35.01
N SER D 489 11.18 8.10 -35.27
CA SER D 489 9.88 8.46 -34.73
C SER D 489 9.76 8.16 -33.24
N LEU D 490 10.46 7.14 -32.74
CA LEU D 490 10.46 6.84 -31.31
C LEU D 490 11.31 7.81 -30.51
N ARG D 491 12.12 8.64 -31.16
CA ARG D 491 12.91 9.64 -30.46
C ARG D 491 12.04 10.74 -29.86
N LEU D 492 10.78 10.85 -30.29
CA LEU D 492 9.88 11.87 -29.77
C LEU D 492 9.48 11.61 -28.32
N ILE D 493 9.78 10.43 -27.78
CA ILE D 493 9.50 10.17 -26.38
C ILE D 493 10.33 11.08 -25.48
N SER D 494 11.57 11.39 -25.88
CA SER D 494 12.42 12.25 -25.09
C SER D 494 11.87 13.67 -24.96
N LEU D 495 11.00 14.09 -25.87
CA LEU D 495 10.39 15.41 -25.79
C LEU D 495 9.23 15.45 -24.80
N PHE D 496 8.81 14.31 -24.26
CA PHE D 496 7.72 14.30 -23.29
C PHE D 496 8.13 14.94 -21.97
N THR D 497 9.42 15.10 -21.72
CA THR D 497 9.88 15.65 -20.45
C THR D 497 9.47 17.10 -20.28
N ALA D 498 9.35 17.85 -21.37
CA ALA D 498 8.99 19.26 -21.27
C ALA D 498 7.57 19.43 -20.73
N ASN D 499 6.65 18.57 -21.16
CA ASN D 499 5.26 18.68 -20.70
C ASN D 499 5.15 18.32 -19.23
N SER D 500 4.25 19.03 -18.53
CA SER D 500 4.03 18.79 -17.10
C SER D 500 3.21 17.54 -16.83
N HIS D 501 2.45 17.05 -17.81
CA HIS D 501 1.61 15.87 -17.64
C HIS D 501 2.27 14.60 -18.18
N LEU D 502 2.83 14.66 -19.39
CA LEU D 502 3.55 13.53 -19.94
C LEU D 502 4.96 13.40 -19.41
N GLY D 503 5.47 14.41 -18.70
CA GLY D 503 6.81 14.39 -18.17
C GLY D 503 7.00 13.35 -17.10
N PRO D 504 6.30 13.50 -15.97
CA PRO D 504 6.43 12.50 -14.90
C PRO D 504 6.06 11.10 -15.34
N LEU D 505 5.10 10.96 -16.26
CA LEU D 505 4.74 9.64 -16.75
C LEU D 505 5.88 9.02 -17.55
N GLN D 506 6.47 9.79 -18.46
CA GLN D 506 7.54 9.26 -19.30
C GLN D 506 8.75 8.85 -18.46
N ILE D 507 9.10 9.66 -17.45
CA ILE D 507 10.23 9.33 -16.59
C ILE D 507 9.97 8.05 -15.82
N SER D 508 8.74 7.89 -15.32
CA SER D 508 8.39 6.69 -14.56
C SER D 508 8.51 5.44 -15.43
N LEU D 509 8.02 5.50 -16.67
CA LEU D 509 8.10 4.34 -17.55
C LEU D 509 9.54 3.96 -17.85
N GLY D 510 10.41 4.97 -18.03
CA GLY D 510 11.82 4.67 -18.25
C GLY D 510 12.46 4.01 -17.04
N ARG D 511 12.17 4.52 -15.85
CA ARG D 511 12.69 3.90 -14.62
C ARG D 511 12.10 2.52 -14.38
N MET D 512 10.94 2.23 -14.96
CA MET D 512 10.31 0.93 -14.81
C MET D 512 10.75 -0.06 -15.90
N LEU D 513 11.31 0.45 -17.00
CA LEU D 513 11.77 -0.44 -18.07
C LEU D 513 12.90 -1.34 -17.62
N LEU D 514 13.68 -0.92 -16.62
CA LEU D 514 14.75 -1.77 -16.12
C LEU D 514 14.22 -3.04 -15.49
N ASP D 515 12.99 -3.01 -14.95
CA ASP D 515 12.39 -4.22 -14.39
C ASP D 515 11.99 -5.19 -15.50
N ILE D 516 11.56 -4.68 -16.65
CA ILE D 516 11.26 -5.55 -17.78
C ILE D 516 12.53 -6.25 -18.26
N LEU D 517 13.65 -5.52 -18.29
CA LEU D 517 14.91 -6.12 -18.73
C LEU D 517 15.32 -7.27 -17.82
N LYS D 518 14.97 -7.21 -16.54
CA LYS D 518 15.29 -8.31 -15.63
C LYS D 518 14.51 -9.58 -15.97
N PHE D 519 13.25 -9.43 -16.37
CA PHE D 519 12.48 -10.59 -16.83
C PHE D 519 12.84 -11.04 -18.22
N LEU D 520 13.52 -10.21 -19.01
CA LEU D 520 14.00 -10.68 -20.30
C LEU D 520 15.02 -11.79 -20.13
N PHE D 521 15.84 -11.72 -19.07
CA PHE D 521 16.77 -12.79 -18.77
C PHE D 521 16.01 -14.05 -18.35
N ILE D 522 15.01 -13.91 -17.49
CA ILE D 522 14.28 -15.07 -16.99
C ILE D 522 13.43 -15.69 -18.08
N TYR D 523 12.71 -14.86 -18.85
CA TYR D 523 11.86 -15.40 -19.91
C TYR D 523 12.70 -16.08 -20.99
N CYS D 524 13.81 -15.46 -21.39
CA CYS D 524 14.65 -16.05 -22.44
C CYS D 524 15.24 -17.37 -21.99
N LEU D 525 15.59 -17.48 -20.70
CA LEU D 525 16.07 -18.75 -20.17
C LEU D 525 14.97 -19.81 -20.24
N VAL D 526 13.73 -19.43 -19.91
CA VAL D 526 12.60 -20.33 -20.05
C VAL D 526 12.31 -20.59 -21.51
N LEU D 527 12.37 -19.53 -22.34
CA LEU D 527 12.13 -19.69 -23.76
C LEU D 527 13.14 -20.62 -24.42
N LEU D 528 14.42 -20.46 -24.06
CA LEU D 528 15.46 -21.31 -24.63
C LEU D 528 15.35 -22.74 -24.11
N ALA D 529 14.87 -22.90 -22.88
CA ALA D 529 14.72 -24.24 -22.31
C ALA D 529 13.68 -25.04 -23.09
N PHE D 530 12.53 -24.44 -23.37
CA PHE D 530 11.49 -25.15 -24.10
C PHE D 530 11.78 -25.24 -25.59
N ALA D 531 12.48 -24.25 -26.14
CA ALA D 531 12.90 -24.33 -27.54
C ALA D 531 13.88 -25.47 -27.75
N ASN D 532 14.78 -25.69 -26.80
CA ASN D 532 15.70 -26.81 -26.88
C ASN D 532 14.95 -28.14 -26.86
N GLY D 533 13.98 -28.28 -25.96
CA GLY D 533 13.22 -29.52 -25.89
C GLY D 533 12.36 -29.75 -27.10
N LEU D 534 11.65 -28.72 -27.57
CA LEU D 534 10.74 -28.88 -28.69
C LEU D 534 11.49 -29.16 -29.98
N ASN D 535 12.60 -28.48 -30.21
CA ASN D 535 13.41 -28.75 -31.39
C ASN D 535 14.01 -30.15 -31.35
N GLN D 536 14.43 -30.61 -30.17
CA GLN D 536 14.99 -31.95 -30.05
C GLN D 536 13.97 -33.02 -30.42
N LEU D 537 12.72 -32.83 -30.00
CA LEU D 537 11.69 -33.83 -30.26
C LEU D 537 11.23 -33.81 -31.72
N TYR D 538 11.10 -32.62 -32.30
CA TYR D 538 10.42 -32.46 -33.57
C TYR D 538 11.36 -32.34 -34.78
N PHE D 539 12.67 -32.40 -34.58
CA PHE D 539 13.55 -32.20 -35.72
C PHE D 539 13.71 -33.44 -36.59
N TYR D 540 13.23 -34.61 -36.14
CA TYR D 540 13.26 -35.79 -36.99
C TYR D 540 12.16 -35.73 -38.04
N TYR D 541 10.92 -35.56 -37.59
CA TYR D 541 9.75 -35.63 -38.46
C TYR D 541 9.61 -34.40 -39.35
N GLU D 542 9.86 -33.22 -38.81
CA GLU D 542 9.62 -31.99 -39.55
C GLU D 542 10.74 -31.73 -40.56
N GLU D 543 10.90 -32.64 -41.51
CA GLU D 543 11.84 -32.50 -42.62
C GLU D 543 11.10 -32.46 -43.94
N THR D 544 9.83 -32.03 -43.91
CA THR D 544 8.99 -32.02 -45.10
C THR D 544 9.48 -31.00 -46.12
N LYS D 545 9.40 -31.36 -47.39
CA LYS D 545 9.79 -30.49 -48.49
C LYS D 545 8.69 -30.46 -49.54
N GLY D 546 8.87 -29.60 -50.54
CA GLY D 546 7.91 -29.47 -51.61
C GLY D 546 6.69 -28.63 -51.29
N LEU D 547 6.62 -28.06 -50.09
CA LEU D 547 5.49 -27.22 -49.71
C LEU D 547 5.67 -25.81 -50.23
N THR D 548 4.57 -25.06 -50.23
CA THR D 548 4.64 -23.65 -50.59
C THR D 548 5.47 -22.86 -49.59
N CYS D 549 5.38 -23.22 -48.31
CA CYS D 549 6.07 -22.53 -47.24
C CYS D 549 7.13 -23.43 -46.61
N LYS D 550 7.93 -22.84 -45.73
CA LYS D 550 8.75 -23.60 -44.80
C LYS D 550 8.88 -22.74 -43.54
N GLY D 551 7.99 -22.94 -42.59
CA GLY D 551 7.98 -22.16 -41.38
C GLY D 551 6.56 -21.97 -40.88
N ILE D 552 6.36 -20.85 -40.18
CA ILE D 552 5.08 -20.57 -39.53
C ILE D 552 4.40 -19.33 -40.06
N ARG D 553 5.05 -18.56 -40.92
CA ARG D 553 4.52 -17.27 -41.36
C ARG D 553 3.69 -17.40 -42.64
N CYS D 554 2.71 -18.29 -42.64
CA CYS D 554 1.70 -18.33 -43.70
C CYS D 554 0.50 -19.12 -43.21
N GLU D 555 -0.46 -19.33 -44.11
CA GLU D 555 -1.72 -19.96 -43.73
C GLU D 555 -1.49 -21.37 -43.22
N LYS D 556 -0.70 -22.16 -43.94
CA LYS D 556 -0.41 -23.54 -43.56
C LYS D 556 0.93 -23.54 -42.82
N GLN D 557 0.87 -23.42 -41.49
CA GLN D 557 2.06 -23.41 -40.67
C GLN D 557 2.63 -24.84 -40.62
N ASN D 558 3.75 -25.05 -41.29
CA ASN D 558 4.28 -26.39 -41.53
C ASN D 558 5.32 -26.81 -40.48
N ASN D 559 6.44 -26.11 -40.43
CA ASN D 559 7.59 -26.54 -39.65
C ASN D 559 7.81 -25.53 -38.53
N ALA D 560 7.08 -25.71 -37.43
CA ALA D 560 7.23 -24.81 -36.29
C ALA D 560 8.47 -25.12 -35.48
N PHE D 561 8.87 -26.39 -35.40
CA PHE D 561 10.00 -26.81 -34.58
C PHE D 561 10.98 -27.65 -35.38
N SER D 562 11.13 -27.34 -36.68
CA SER D 562 12.14 -28.02 -37.49
C SER D 562 13.55 -27.70 -37.00
N THR D 563 13.84 -26.41 -36.86
CA THR D 563 15.14 -25.92 -36.46
C THR D 563 15.03 -25.09 -35.19
N LEU D 564 16.18 -24.77 -34.61
CA LEU D 564 16.19 -23.96 -33.39
C LEU D 564 15.67 -22.55 -33.67
N PHE D 565 16.01 -21.98 -34.83
CA PHE D 565 15.50 -20.67 -35.18
C PHE D 565 13.99 -20.68 -35.35
N GLU D 566 13.46 -21.70 -36.03
CA GLU D 566 12.01 -21.78 -36.20
C GLU D 566 11.31 -22.06 -34.88
N THR D 567 11.91 -22.87 -34.01
CA THR D 567 11.32 -23.15 -32.72
C THR D 567 11.23 -21.89 -31.87
N LEU D 568 12.27 -21.06 -31.90
CA LEU D 568 12.25 -19.82 -31.13
C LEU D 568 11.18 -18.88 -31.65
N GLN D 569 11.03 -18.77 -32.97
CA GLN D 569 10.00 -17.90 -33.53
C GLN D 569 8.61 -18.39 -33.17
N SER D 570 8.36 -19.70 -33.31
CA SER D 570 7.05 -20.25 -32.99
C SER D 570 6.73 -20.09 -31.50
N LEU D 571 7.70 -20.33 -30.64
CA LEU D 571 7.48 -20.11 -29.21
C LEU D 571 7.28 -18.65 -28.88
N PHE D 572 8.02 -17.75 -29.54
CA PHE D 572 7.84 -16.32 -29.29
C PHE D 572 6.46 -15.87 -29.73
N TRP D 573 6.01 -16.32 -30.89
CA TRP D 573 4.71 -15.89 -31.43
C TRP D 573 3.53 -16.52 -30.72
N SER D 574 3.75 -17.56 -29.91
CA SER D 574 2.67 -18.15 -29.14
C SER D 574 2.23 -17.29 -27.96
N ILE D 575 3.03 -16.29 -27.59
CA ILE D 575 2.63 -15.36 -26.54
C ILE D 575 1.38 -14.60 -26.96
N PHE D 576 1.34 -14.16 -28.21
CA PHE D 576 0.23 -13.40 -28.76
C PHE D 576 -0.83 -14.29 -29.41
N GLY D 577 -0.67 -15.60 -29.33
CA GLY D 577 -1.66 -16.52 -29.86
C GLY D 577 -1.69 -16.63 -31.37
N LEU D 578 -0.58 -16.28 -32.04
CA LEU D 578 -0.52 -16.31 -33.49
C LEU D 578 -0.03 -17.65 -34.03
N ILE D 579 0.22 -18.62 -33.16
CA ILE D 579 0.65 -19.96 -33.55
C ILE D 579 -0.51 -20.91 -33.31
N ASN D 580 -0.97 -21.57 -34.38
CA ASN D 580 -2.11 -22.46 -34.27
C ASN D 580 -1.69 -23.80 -33.66
N LEU D 581 -2.68 -24.67 -33.45
CA LEU D 581 -2.43 -25.93 -32.75
C LEU D 581 -2.02 -27.06 -33.68
N TYR D 582 -2.13 -26.90 -35.00
CA TYR D 582 -1.70 -27.96 -35.90
C TYR D 582 -0.19 -27.96 -36.12
N VAL D 583 0.52 -26.96 -35.60
CA VAL D 583 1.97 -26.93 -35.70
C VAL D 583 2.64 -28.03 -34.89
N THR D 584 1.93 -28.62 -33.94
CA THR D 584 2.45 -29.72 -33.14
C THR D 584 2.12 -31.08 -33.73
N ASN D 585 1.46 -31.12 -34.88
CA ASN D 585 1.09 -32.38 -35.52
C ASN D 585 2.25 -32.94 -36.32
N VAL D 586 2.22 -34.26 -36.49
CA VAL D 586 3.23 -35.00 -37.24
C VAL D 586 2.53 -35.74 -38.37
N LYS D 587 3.16 -35.75 -39.55
CA LYS D 587 2.61 -36.52 -40.67
C LYS D 587 2.51 -38.00 -40.33
N ALA D 588 3.53 -38.53 -39.64
CA ALA D 588 3.47 -39.90 -39.16
C ALA D 588 2.43 -40.03 -38.06
N GLN D 589 1.90 -41.24 -37.90
CA GLN D 589 0.86 -41.51 -36.91
C GLN D 589 1.48 -41.81 -35.55
N HIS D 590 2.31 -40.87 -35.08
CA HIS D 590 2.95 -40.98 -33.77
C HIS D 590 2.21 -40.05 -32.81
N GLU D 591 1.13 -40.57 -32.23
CA GLU D 591 0.32 -39.77 -31.33
C GLU D 591 1.02 -39.51 -30.00
N PHE D 592 1.87 -40.43 -29.54
CA PHE D 592 2.59 -40.20 -28.30
C PHE D 592 3.57 -39.04 -28.45
N THR D 593 4.29 -38.98 -29.57
CA THR D 593 5.19 -37.86 -29.80
C THR D 593 4.42 -36.55 -29.94
N GLU D 594 3.28 -36.59 -30.65
CA GLU D 594 2.46 -35.39 -30.78
C GLU D 594 1.94 -34.92 -29.42
N PHE D 595 1.51 -35.84 -28.57
CA PHE D 595 1.02 -35.45 -27.26
C PHE D 595 2.12 -34.85 -26.41
N VAL D 596 3.33 -35.42 -26.44
CA VAL D 596 4.45 -34.88 -25.68
C VAL D 596 4.81 -33.49 -26.19
N GLY D 597 4.85 -33.31 -27.51
CA GLY D 597 5.15 -32.02 -28.07
C GLY D 597 4.12 -30.96 -27.72
N ALA D 598 2.84 -31.33 -27.75
CA ALA D 598 1.80 -30.38 -27.38
C ALA D 598 1.79 -30.11 -25.88
N THR D 599 2.07 -31.12 -25.07
CA THR D 599 2.18 -30.90 -23.62
C THR D 599 3.37 -30.00 -23.30
N MET D 600 4.49 -30.19 -23.98
CA MET D 600 5.62 -29.29 -23.82
C MET D 600 5.28 -27.89 -24.33
N PHE D 601 4.55 -27.82 -25.44
CA PHE D 601 4.05 -26.52 -25.91
C PHE D 601 3.05 -25.93 -24.92
N GLY D 602 2.18 -26.77 -24.36
CA GLY D 602 1.21 -26.29 -23.40
C GLY D 602 1.85 -25.82 -22.10
N THR D 603 2.87 -26.54 -21.64
CA THR D 603 3.58 -26.13 -20.44
C THR D 603 4.26 -24.78 -20.62
N TYR D 604 4.86 -24.57 -21.80
CA TYR D 604 5.48 -23.27 -22.08
C TYR D 604 4.45 -22.15 -22.07
N ASN D 605 3.27 -22.41 -22.64
CA ASN D 605 2.23 -21.39 -22.68
C ASN D 605 1.77 -21.02 -21.28
N VAL D 606 1.62 -22.00 -20.39
CA VAL D 606 1.21 -21.73 -19.02
C VAL D 606 2.28 -20.92 -18.30
N ILE D 607 3.55 -21.33 -18.45
CA ILE D 607 4.63 -20.65 -17.75
C ILE D 607 4.79 -19.23 -18.27
N SER D 608 4.79 -19.05 -19.59
CA SER D 608 5.06 -17.74 -20.16
C SER D 608 3.88 -16.79 -19.96
N LEU D 609 2.66 -17.26 -20.18
CA LEU D 609 1.49 -16.39 -20.16
C LEU D 609 0.82 -16.34 -18.79
N VAL D 610 0.44 -17.49 -18.24
CA VAL D 610 -0.26 -17.50 -16.96
C VAL D 610 0.69 -17.11 -15.82
N VAL D 611 1.92 -17.60 -15.86
CA VAL D 611 2.83 -17.44 -14.73
C VAL D 611 3.75 -16.24 -14.93
N LEU D 612 4.57 -16.27 -15.98
CA LEU D 612 5.59 -15.23 -16.16
C LEU D 612 4.95 -13.87 -16.45
N LEU D 613 3.97 -13.82 -17.34
CA LEU D 613 3.35 -12.55 -17.69
C LEU D 613 2.62 -11.95 -16.49
N ASN D 614 1.89 -12.78 -15.74
CA ASN D 614 1.20 -12.28 -14.55
C ASN D 614 2.19 -11.91 -13.45
N MET D 615 3.31 -12.64 -13.35
CA MET D 615 4.34 -12.24 -12.41
C MET D 615 4.96 -10.90 -12.79
N LEU D 616 5.16 -10.67 -14.08
CA LEU D 616 5.72 -9.40 -14.52
C LEU D 616 4.83 -8.23 -14.11
N ILE D 617 3.51 -8.41 -14.17
CA ILE D 617 2.58 -7.36 -13.77
C ILE D 617 2.76 -7.04 -12.28
N ALA D 618 3.00 -8.06 -11.47
CA ALA D 618 3.15 -7.84 -10.03
C ALA D 618 4.33 -6.94 -9.74
N MET D 619 5.42 -7.06 -10.51
CA MET D 619 6.58 -6.22 -10.26
C MET D 619 6.30 -4.76 -10.57
N MET D 620 5.84 -4.46 -11.79
CA MET D 620 5.66 -3.09 -12.22
C MET D 620 4.58 -2.37 -11.42
N ASN D 621 3.57 -3.10 -10.95
CA ASN D 621 2.61 -2.49 -10.04
C ASN D 621 3.26 -2.12 -8.72
N ASN D 622 4.11 -3.01 -8.19
CA ASN D 622 4.87 -2.68 -6.98
C ASN D 622 5.96 -1.66 -7.29
N SER D 623 6.57 -1.76 -8.47
CA SER D 623 7.62 -0.82 -8.84
C SER D 623 7.10 0.60 -8.95
N TYR D 624 5.93 0.78 -9.55
CA TYR D 624 5.34 2.11 -9.65
C TYR D 624 4.99 2.70 -8.30
N GLN D 625 4.53 1.89 -7.35
CA GLN D 625 4.23 2.43 -6.02
C GLN D 625 5.48 3.04 -5.40
N LEU D 626 6.65 2.45 -5.63
CA LEU D 626 7.89 3.06 -5.18
C LEU D 626 8.25 4.28 -6.01
N ILE D 627 8.04 4.20 -7.32
CA ILE D 627 8.39 5.31 -8.20
C ILE D 627 7.36 6.45 -8.15
N ALA D 628 6.11 6.15 -7.79
CA ALA D 628 5.08 7.18 -7.79
C ALA D 628 5.44 8.34 -6.86
N ASP D 629 5.95 8.02 -5.67
CA ASP D 629 6.47 9.07 -4.81
C ASP D 629 7.80 9.57 -5.37
N HIS D 630 8.09 10.84 -5.06
CA HIS D 630 9.27 11.56 -5.59
C HIS D 630 9.42 11.41 -7.10
N ALA D 631 8.30 11.18 -7.79
CA ALA D 631 8.33 11.18 -9.25
C ALA D 631 8.44 12.59 -9.81
N ASP D 632 7.93 13.58 -9.08
CA ASP D 632 8.06 14.97 -9.50
C ASP D 632 9.52 15.41 -9.46
N ILE D 633 10.27 14.97 -8.46
CA ILE D 633 11.69 15.32 -8.37
C ILE D 633 12.46 14.75 -9.54
N GLU D 634 12.18 13.49 -9.90
CA GLU D 634 12.87 12.86 -11.02
C GLU D 634 12.55 13.55 -12.34
N TRP D 635 11.28 13.90 -12.56
CA TRP D 635 10.91 14.60 -13.79
C TRP D 635 11.52 15.99 -13.83
N LYS D 636 11.48 16.72 -12.71
CA LYS D 636 12.04 18.06 -12.69
C LYS D 636 13.54 18.05 -12.92
N PHE D 637 14.24 17.06 -12.39
CA PHE D 637 15.67 16.92 -12.69
C PHE D 637 15.88 16.64 -14.16
N ALA D 638 15.05 15.77 -14.76
CA ALA D 638 15.18 15.46 -16.18
C ALA D 638 14.79 16.66 -17.04
N ARG D 639 13.74 17.39 -16.63
CA ARG D 639 13.35 18.59 -17.36
C ARG D 639 14.41 19.68 -17.27
N THR D 640 15.08 19.79 -16.12
CA THR D 640 16.15 20.76 -15.98
C THR D 640 17.28 20.47 -16.96
N LYS D 641 17.67 19.19 -17.10
CA LYS D 641 18.72 18.83 -18.04
C LYS D 641 18.31 19.16 -19.47
N LEU D 642 17.06 18.93 -19.82
CA LEU D 642 16.56 19.32 -21.14
C LEU D 642 16.60 20.83 -21.31
N TRP D 643 16.26 21.58 -20.25
CA TRP D 643 16.22 23.04 -20.35
C TRP D 643 17.60 23.61 -20.56
N MET D 644 18.58 23.21 -19.74
CA MET D 644 19.92 23.74 -19.87
C MET D 644 20.64 23.28 -21.15
N SER D 645 20.10 22.27 -21.83
CA SER D 645 20.65 21.88 -23.12
C SER D 645 20.42 22.92 -24.20
N TYR D 646 19.49 23.86 -23.98
CA TYR D 646 19.22 24.94 -24.91
C TYR D 646 19.71 26.29 -24.39
N PHE D 647 20.35 26.34 -23.22
CA PHE D 647 20.76 27.62 -22.66
C PHE D 647 21.95 28.19 -23.41
N GLU D 648 22.92 27.36 -23.78
CA GLU D 648 24.13 27.84 -24.43
C GLU D 648 23.90 28.06 -25.92
N GLU D 649 24.92 28.56 -26.59
CA GLU D 649 24.86 28.88 -28.02
C GLU D 649 25.37 27.74 -28.90
N GLY D 650 25.68 26.58 -28.32
CA GLY D 650 26.26 25.50 -29.10
C GLY D 650 25.32 24.95 -30.15
N GLY D 651 24.04 24.82 -29.82
CA GLY D 651 23.08 24.26 -30.75
C GLY D 651 21.94 25.19 -31.08
N THR D 652 22.23 26.49 -31.23
CA THR D 652 21.18 27.45 -31.51
C THR D 652 20.50 27.16 -32.85
N LEU D 653 21.29 26.84 -33.87
CA LEU D 653 20.72 26.53 -35.17
C LEU D 653 20.09 25.14 -35.14
N PRO D 654 18.97 24.93 -35.83
CA PRO D 654 18.35 23.61 -35.85
C PRO D 654 19.12 22.63 -36.74
N THR D 655 18.60 21.40 -36.86
CA THR D 655 19.32 20.37 -37.59
C THR D 655 19.54 20.68 -39.06
N PRO D 656 18.53 21.08 -39.85
CA PRO D 656 18.80 21.29 -41.28
C PRO D 656 19.74 22.44 -41.58
N PHE D 657 19.80 23.45 -40.72
CA PHE D 657 20.59 24.64 -40.97
C PHE D 657 21.87 24.72 -40.15
N ASN D 658 22.20 23.67 -39.39
CA ASN D 658 23.43 23.68 -38.64
C ASN D 658 24.66 23.44 -39.50
N VAL D 659 24.49 22.80 -40.67
CA VAL D 659 25.59 22.55 -41.58
C VAL D 659 25.91 23.75 -42.46
N ILE D 660 25.02 24.74 -42.54
CA ILE D 660 25.25 25.91 -43.35
C ILE D 660 25.74 27.07 -42.48
N ARG D 695 41.66 39.50 -13.49
CA ARG D 695 41.11 38.19 -13.16
C ARG D 695 41.14 37.95 -11.65
N ALA D 696 42.28 38.26 -11.04
CA ALA D 696 42.43 38.03 -9.60
C ALA D 696 41.46 38.88 -8.79
N ALA D 697 41.27 40.14 -9.18
CA ALA D 697 40.35 41.01 -8.46
C ALA D 697 38.91 40.49 -8.57
N ASP D 698 38.50 40.07 -9.78
CA ASP D 698 37.16 39.53 -9.94
C ASP D 698 36.98 38.21 -9.21
N ASN D 699 38.00 37.33 -9.27
CA ASN D 699 37.93 36.08 -8.53
C ASN D 699 37.88 36.32 -7.03
N LEU D 700 38.67 37.28 -6.54
CA LEU D 700 38.62 37.60 -5.12
C LEU D 700 37.27 38.17 -4.72
N ARG D 701 36.69 39.02 -5.57
CA ARG D 701 35.38 39.60 -5.27
C ARG D 701 34.29 38.54 -5.21
N ARG D 702 34.31 37.59 -6.16
CA ARG D 702 33.29 36.54 -6.17
C ARG D 702 33.40 35.65 -4.93
N HIS D 703 34.63 35.33 -4.52
CA HIS D 703 34.81 34.48 -3.34
C HIS D 703 34.27 35.16 -2.09
N HIS D 704 34.54 36.46 -1.92
CA HIS D 704 34.03 37.18 -0.76
C HIS D 704 32.50 37.27 -0.81
N GLN D 705 31.93 37.56 -1.97
CA GLN D 705 30.48 37.68 -2.06
C GLN D 705 29.80 36.33 -1.92
N TYR D 706 30.47 35.25 -2.31
CA TYR D 706 29.92 33.92 -2.09
C TYR D 706 30.02 33.53 -0.62
N GLN D 707 31.16 33.80 0.00
CA GLN D 707 31.32 33.49 1.42
C GLN D 707 30.38 34.32 2.29
N GLU D 708 30.19 35.58 1.91
CA GLU D 708 29.25 36.44 2.65
C GLU D 708 27.88 35.79 2.58
N VAL D 709 27.42 35.51 1.37
CA VAL D 709 26.11 34.90 1.19
C VAL D 709 26.05 33.56 1.92
N MET D 710 27.12 32.77 1.82
CA MET D 710 27.11 31.44 2.42
C MET D 710 27.12 31.53 3.94
N ARG D 711 27.74 32.58 4.50
CA ARG D 711 27.70 32.79 5.94
C ARG D 711 26.27 32.98 6.43
N ASN D 712 25.48 33.76 5.68
CA ASN D 712 24.09 33.97 6.05
C ASN D 712 23.28 32.69 5.96
N LEU D 713 23.49 31.91 4.90
CA LEU D 713 22.73 30.68 4.71
C LEU D 713 23.01 29.68 5.81
N VAL D 714 24.28 29.49 6.17
CA VAL D 714 24.62 28.55 7.22
C VAL D 714 24.07 29.02 8.56
N LYS D 715 24.17 30.32 8.84
CA LYS D 715 23.71 30.85 10.12
C LYS D 715 22.22 30.64 10.30
N ARG D 716 21.43 30.92 9.25
CA ARG D 716 19.98 30.75 9.38
C ARG D 716 19.59 29.28 9.27
N TYR D 717 20.37 28.46 8.57
CA TYR D 717 20.09 27.03 8.53
C TYR D 717 20.26 26.40 9.91
N VAL D 718 21.29 26.81 10.65
CA VAL D 718 21.51 26.28 11.99
C VAL D 718 20.36 26.67 12.90
N ALA D 719 19.95 27.94 12.83
CA ALA D 719 18.87 28.40 13.69
C ALA D 719 17.54 27.78 13.33
N ALA D 720 17.26 27.59 12.04
CA ALA D 720 15.94 27.12 11.61
C ALA D 720 15.85 25.60 11.67
N MET D 721 16.90 24.90 11.24
CA MET D 721 16.82 23.45 11.14
C MET D 721 17.43 22.77 12.37
N ILE D 722 18.68 23.10 12.69
CA ILE D 722 19.35 22.43 13.80
C ILE D 722 18.67 22.75 15.12
N ARG D 723 18.30 24.00 15.35
CA ARG D 723 17.75 24.39 16.64
C ARG D 723 16.28 24.00 16.77
N ASP D 724 15.45 24.44 15.82
CA ASP D 724 14.01 24.25 15.94
C ASP D 724 13.60 22.78 15.91
N ALA D 725 14.24 21.97 15.06
CA ALA D 725 13.90 20.56 15.00
C ALA D 725 14.17 19.86 16.32
N LYS D 726 15.23 20.25 17.03
CA LYS D 726 15.49 19.68 18.35
C LYS D 726 14.40 20.06 19.34
N THR D 727 13.87 21.28 19.24
CA THR D 727 12.79 21.68 20.14
C THR D 727 11.49 20.93 19.85
N GLU D 728 11.28 20.54 18.59
CA GLU D 728 10.08 19.80 18.20
C GLU D 728 10.27 18.29 18.30
N GLU D 729 11.41 17.84 18.83
CA GLU D 729 11.64 16.42 19.02
C GLU D 729 10.70 15.85 20.07
N GLY D 730 10.39 14.57 19.93
CA GLY D 730 9.47 13.92 20.86
C GLY D 730 10.09 13.70 22.23
N LEU D 731 9.23 13.36 23.18
CA LEU D 731 9.64 13.14 24.56
C LEU D 731 9.87 11.64 24.79
N THR D 732 11.01 11.31 25.39
CA THR D 732 11.39 9.94 25.68
C THR D 732 11.39 9.72 27.18
N GLU D 733 11.74 8.49 27.59
CA GLU D 733 11.78 8.17 29.01
C GLU D 733 12.90 8.90 29.73
N GLU D 734 13.96 9.27 29.01
CA GLU D 734 15.05 10.01 29.64
C GLU D 734 14.58 11.36 30.14
N ASN D 735 13.73 12.05 29.37
CA ASN D 735 13.20 13.34 29.80
C ASN D 735 12.36 13.20 31.07
N PHE D 736 11.51 12.17 31.13
CA PHE D 736 10.75 11.92 32.35
C PHE D 736 11.68 11.57 33.50
N LYS D 737 12.68 10.73 33.24
CA LYS D 737 13.66 10.39 34.28
C LYS D 737 14.44 11.63 34.71
N GLU D 738 14.72 12.54 33.77
CA GLU D 738 15.37 13.79 34.11
C GLU D 738 14.50 14.65 35.02
N LEU D 739 13.25 14.85 34.64
CA LEU D 739 12.36 15.73 35.40
C LEU D 739 12.20 15.27 36.83
N LYS D 740 12.24 13.96 37.06
CA LYS D 740 12.18 13.45 38.43
C LYS D 740 13.44 13.82 39.20
N GLN D 741 14.58 13.90 38.52
CA GLN D 741 15.84 14.19 39.20
C GLN D 741 15.87 15.62 39.73
N ASP D 742 15.41 16.58 38.92
CA ASP D 742 15.39 17.97 39.39
C ASP D 742 14.43 18.12 40.58
N ILE D 743 13.29 17.45 40.52
CA ILE D 743 12.40 17.42 41.67
C ILE D 743 13.06 16.72 42.85
N SER D 744 13.75 15.60 42.58
CA SER D 744 14.40 14.85 43.65
C SER D 744 15.60 15.60 44.21
N SER D 745 16.30 16.37 43.38
CA SER D 745 17.39 17.19 43.91
C SER D 745 16.83 18.33 44.76
N PHE D 746 15.72 18.92 44.34
CA PHE D 746 15.05 19.95 45.14
C PHE D 746 14.35 19.32 46.35
N ARG D 747 14.06 18.02 46.27
CA ARG D 747 13.45 17.26 47.34
C ARG D 747 14.26 17.29 48.64
N PHE D 748 15.55 16.95 48.54
CA PHE D 748 16.30 16.60 49.74
C PHE D 748 16.88 17.82 50.44
N GLU D 749 17.42 18.77 49.67
CA GLU D 749 18.07 19.92 50.29
C GLU D 749 17.06 20.83 51.00
N VAL D 750 15.86 20.97 50.46
CA VAL D 750 14.82 21.70 51.17
C VAL D 750 14.51 21.00 52.50
N LEU D 751 14.39 19.68 52.47
CA LEU D 751 14.28 18.93 53.71
C LEU D 751 15.52 19.08 54.57
N GLY D 752 16.71 19.07 53.95
CA GLY D 752 17.93 19.29 54.69
C GLY D 752 18.03 20.69 55.27
N LEU D 753 17.59 21.69 54.50
CA LEU D 753 17.63 23.07 54.97
C LEU D 753 16.62 23.31 56.07
N LEU D 754 15.42 22.76 55.94
CA LEU D 754 14.39 22.97 56.95
C LEU D 754 14.72 22.22 58.24
N ARG D 755 15.15 20.97 58.13
CA ARG D 755 15.53 20.19 59.31
C ARG D 755 17.02 20.28 59.57
#